data_5EXR
#
_entry.id   5EXR
#
_cell.length_a   113.096
_cell.length_b   210.164
_cell.length_c   172.565
_cell.angle_alpha   90.000
_cell.angle_beta   93.560
_cell.angle_gamma   90.000
#
_symmetry.space_group_name_H-M   'P 1 21 1'
#
loop_
_entity.id
_entity.type
_entity.pdbx_description
1 polymer 'DNA primase small subunit'
2 polymer 'DNA primase large subunit'
3 polymer 'DNA polymerase alpha catalytic subunit'
4 polymer 'DNA polymerase alpha subunit B'
5 non-polymer 'ZINC ION'
6 non-polymer 'IRON/SULFUR CLUSTER'
#
loop_
_entity_poly.entity_id
_entity_poly.type
_entity_poly.pdbx_seq_one_letter_code
_entity_poly.pdbx_strand_id
1 'polypeptide(L)'
;METFDPTELPELLKLYYRRLFPYSQYYRWLNYGGVIKNYFQHREFSFTLKDDIYIRYQSFNNQSDLEKEMQKMNPYKIDI
GAVYSHRPNQHNTVKLGAFQAQEKELVFDIDMTDYDDVRRCCSSADICPKCWTLMTMAIRIIDRALKEDFGFKHRLWVYS
GRRGVHCWVCDESVRKLSSAVRSGIVEYLSLVKGGQDVKKKVHLSEKIHPFIRKSINIIKKYFEEYALVNQDILENKESW
DKILALVPETIHDELQQSFQKSHNSLQRWEHLKKVASRYQNNIKNDKYGPWLEWEIMLQYCFPRLDINVSKGINHLLKSP
FSVHPKTGRISVPIDLQKVDQFDPFTVPTISFICRELDAISTNEEEKEENEAESDVKHRTRDYKKTSLAPYVKVFEHFLE
NLDKSRKGELLKKSDLQKDF
;
A,E
2 'polypeptide(L)'
;MEFSGRKWRKLRLAGDQRNASYPHCLQFYLQPPSENISLIEFENLAIDRVKLLKSVENLGVSYVKGTEQYQSKLESELRK
LKFSYRENLEDEYEPRRRDHISHFILRLAYCQSEELRRWFIQQEMDLLRFRFSILPKDKIQDFLKDSQLQFEAISDEEKT
LREQEIVASSPSLSGLKLGFESIYKIPFADALDLFRGRKVYLEDGFAYVPLKDIVAIILNEFRAKLSKALALTARSLPAV
QSDERLQPLLNHLSHSYTGQDYSTQGNVGKISLDQIDLLSTKSFPPCMRQLHKALRENHHLRHGGRMQYGLFLKGIGLTL
EQALQFWKQEFIKGKMDPDKFDKGYSYNIRHSFGKEGKRTDYTPFSCLKIILSNPPSQGDYHGCPFRHSDPELLKQKLQS
YKISPGGISQILDLVKGTHYQVACQKYFEMIHNVDDCGFSLNHPNQFFCESQRILNGGKDIKKEPIQPETPQPKPSVQKT
KDASSALASLNSSLEMDMEGLEDYFSEDS
;
B,F
3 'polypeptide(L)'
;ADEEQVFHFYWLDAYEDQYNQPGVVFLFGKVWIESAETHVSCCVMVKNIERTLYFLPREMKIDLNTGKETGTPISMKDVY
EEFDEKIATKYKIMKFKSKPVEKNYAFEIPDVPEKSEYLEVKYSAEMPQLPQDLKGETFSHVFGTNTSSLELFLMNRKIK
GPCWLEVKSPQLLNQPVSWCKAEAMALKPDLVNVIKDVSPPPLVVMAFSMKTMQNAKNHQNEIIAMAALVHHSFALDKAA
PKPPFQSHFCVVSKPKDCIFPYAFKEVIEKKNVKVEVAATERTLLGFFLAKVHKIDPDIIVGHNIYGFELEVLLQRINVC
KAPHWSKIGRLKRSNMPKLGGRSGFGERNATCGRMICDVEISAKELIRCKSYHLSELVQQILKTERVVIPMENIQNMYSE
SSQLLYLLEHTWKDAKFILQIMCELNVLPLALQITNIAGNIMSRTLMGGRSERNEFLLLHAFYENNYIVPDKQIFRKPQQ
KLGDEDEEIDGDTNKYKKGRKKAAYAGGLVLDPKVGFYDKFILLLDFNSLYPSIIQEFNICFTTVQRVASEAQKVTEDGE
QEQIPELPDPSLEMGILPREIRKLVERRKQVKQLMKQQDLNPDLILQYDIRQKALKLTANSMYGCLGFSYSRFYAKPLAA
LVTYKGREILMHTKEMVQKMNLEVIYGDTDSIMINTNSTNLEEVFKLGNKVKSEVNKLYKLLEIDIDGVFKSLLLLKKKK
YAALVVEPTSDGNYVTKQELKGLDIVRRDWCDLAKDTGNFVIGQILSDQSRDTIVENIQKRLIEIGENVLNGSVPVSQFE
INKALTKDPQDYPDKKSLPHVHVALWINSQGGRKVKAGDTVSYVICQDGSNLTASQRAYAPEQLQKQDNLTIDTQYYLAQ
QIHPVVARICEPIDGIDAVLIATWLGLDPTQFRVHHYHKDEENDALLGGPAQLTDEEKYRDCERFKCPCPTCGTENIYDN
VFDGSGTDMEPSLYRCSNIDCKASPLTFTVQLSNKLIMDIRRFIKKYYDGWLICEEPTCRNRTRHLPLQFSRTGPLCPAC
MKATLQPEYSDKSLYTQLCFYRYIFDAECALEKLTTDHEKDKLKKQFFTPKVLQDYRKLKNTAEQFLSRSGYSEVNLSKL
FAGCAVKS
;
C,G
4 'polypeptide(L)'
;SASAQQLAEELQIFGLDCEEALIEKLVELCVQYGQNEEGMVGELIAFCTSTHKVGLTSEILNSFEHEFLSKRLSKARHST
CKDSGHAGARDIVSIQELIEVEEEEEILLNSYTTPSKGSQKRAISTPETPLTKRSVSTRSPHQLLSPSSFSPSATPSQKY
NSRSNRGEVVTSFGLAQGVSWSGRGGAGNISLKVLGCPEALTGSYKSMFQKLPDIREVLTCKIEELGSELKEHYKIEAFT
PLLAPAQEPVTLLGQIGCDSNGKLNNKSVILEGDREHSSGAQIPVDLSELKEYSLFPGQVVIMEGINTTGRKLVATKLYE
GVPLPFYQPTEEDADFEQSMVLVACGPYTTSDSITYDPLLDLIAVINHDRPDVCILFGPFLDAKHEQVENCLLTSPFEDI
FKQCLRTIIEGTRSSGSHLVFVPSLRDVHHEPVYPQPPFSYSDLSREDKKQVQFVSEPCSLSINGVIFGLTSTDLLFHLG
AEEISSSSGTSDRFSRILKHILTQRSYYPLYPPQEDMAIDYESFYVYAQLPVTPDVLIIPSELRYFVKDVLGCVCVNPGR
LTKGQVGGTFARLYLRRPAADGAERQSPCIAVQVVRI
;
D,H
#
loop_
_chem_comp.id
_chem_comp.type
_chem_comp.name
_chem_comp.formula
SF4 non-polymer 'IRON/SULFUR CLUSTER' 'Fe4 S4'
ZN non-polymer 'ZINC ION' 'Zn 2'
#
# COMPACT_ATOMS: atom_id res chain seq x y z
N MET A 1 -68.88 -36.97 50.76
CA MET A 1 -68.11 -35.84 50.16
C MET A 1 -68.46 -35.67 48.67
N GLU A 2 -68.96 -34.49 48.30
CA GLU A 2 -69.33 -34.25 46.91
C GLU A 2 -68.11 -34.00 46.02
N THR A 3 -68.25 -34.35 44.75
CA THR A 3 -67.21 -34.20 43.75
C THR A 3 -66.57 -32.80 43.72
N PHE A 4 -65.26 -32.75 43.94
CA PHE A 4 -64.55 -31.47 43.93
C PHE A 4 -64.39 -31.00 42.48
N ASP A 5 -64.99 -29.85 42.20
CA ASP A 5 -64.94 -29.25 40.87
C ASP A 5 -63.84 -28.18 40.80
N PRO A 6 -62.68 -28.54 40.21
CA PRO A 6 -61.46 -27.79 39.98
C PRO A 6 -61.53 -26.59 39.03
N THR A 7 -62.74 -26.25 38.61
CA THR A 7 -62.92 -25.09 37.73
C THR A 7 -63.51 -23.98 38.61
N GLU A 8 -63.98 -24.40 39.79
CA GLU A 8 -64.55 -23.48 40.78
C GLU A 8 -63.42 -22.91 41.63
N LEU A 9 -62.29 -23.62 41.66
CA LEU A 9 -61.09 -23.26 42.44
C LEU A 9 -60.70 -21.79 42.44
N PRO A 10 -60.71 -21.12 41.27
CA PRO A 10 -60.34 -19.70 41.22
C PRO A 10 -61.32 -18.78 41.98
N GLU A 11 -62.55 -19.28 42.18
CA GLU A 11 -63.61 -18.57 42.89
C GLU A 11 -63.49 -18.79 44.40
N LEU A 12 -63.39 -20.06 44.77
CA LEU A 12 -63.28 -20.51 46.16
C LEU A 12 -62.02 -20.00 46.88
N LEU A 13 -60.91 -19.94 46.15
CA LEU A 13 -59.60 -19.48 46.64
C LEU A 13 -59.61 -18.09 47.27
N LYS A 14 -60.17 -17.12 46.54
CA LYS A 14 -60.21 -15.75 47.03
C LYS A 14 -61.17 -15.61 48.18
N LEU A 15 -62.15 -16.50 48.26
CA LEU A 15 -63.15 -16.49 49.33
C LEU A 15 -62.58 -17.18 50.59
N TYR A 16 -61.76 -18.20 50.38
CA TYR A 16 -61.10 -18.94 51.47
C TYR A 16 -59.95 -18.11 52.03
N TYR A 17 -59.03 -17.67 51.17
CA TYR A 17 -57.91 -16.85 51.62
C TYR A 17 -58.35 -15.46 52.09
N ARG A 18 -59.66 -15.21 52.00
CA ARG A 18 -60.26 -13.95 52.40
C ARG A 18 -60.85 -14.10 53.79
N ARG A 19 -61.65 -15.14 53.98
CA ARG A 19 -62.31 -15.31 55.26
C ARG A 19 -62.13 -16.60 56.08
N LEU A 20 -61.53 -17.65 55.51
CA LEU A 20 -61.37 -18.89 56.28
C LEU A 20 -59.96 -19.34 56.69
N PHE A 21 -58.91 -18.88 56.00
CA PHE A 21 -57.59 -19.34 56.41
C PHE A 21 -57.20 -18.76 57.77
N PRO A 22 -56.32 -19.48 58.49
CA PRO A 22 -55.81 -19.09 59.82
C PRO A 22 -54.56 -18.19 59.82
N TYR A 23 -54.66 -16.97 59.27
CA TYR A 23 -53.51 -16.05 59.23
C TYR A 23 -52.97 -15.76 60.64
N SER A 24 -53.89 -15.57 61.58
CA SER A 24 -53.54 -15.27 62.97
C SER A 24 -52.61 -16.33 63.55
N GLN A 25 -53.00 -17.59 63.38
CA GLN A 25 -52.26 -18.76 63.86
C GLN A 25 -50.99 -19.08 63.06
N TYR A 26 -50.98 -18.70 61.78
CA TYR A 26 -49.82 -18.97 60.92
C TYR A 26 -48.70 -18.03 61.28
N TYR A 27 -49.04 -16.77 61.55
CA TYR A 27 -48.05 -15.78 61.92
C TYR A 27 -47.51 -16.19 63.27
N ARG A 28 -48.40 -16.16 64.25
CA ARG A 28 -48.06 -16.52 65.61
C ARG A 28 -47.03 -17.68 65.64
N TRP A 29 -47.16 -18.62 64.70
CA TRP A 29 -46.26 -19.81 64.58
C TRP A 29 -44.87 -19.56 64.02
N LEU A 30 -44.82 -19.17 62.76
CA LEU A 30 -43.53 -18.90 62.13
C LEU A 30 -42.85 -17.68 62.73
N ASN A 31 -43.62 -16.92 63.49
CA ASN A 31 -43.16 -15.71 64.20
C ASN A 31 -42.40 -16.14 65.45
N TYR A 32 -42.91 -17.20 66.07
CA TYR A 32 -42.33 -17.76 67.27
C TYR A 32 -42.16 -16.72 68.36
N GLY A 33 -43.17 -15.86 68.49
CA GLY A 33 -43.18 -14.82 69.50
C GLY A 33 -42.14 -13.70 69.43
N GLY A 34 -41.73 -13.31 68.23
CA GLY A 34 -40.75 -12.24 68.11
C GLY A 34 -39.58 -12.32 69.08
N VAL A 35 -39.24 -13.53 69.50
CA VAL A 35 -38.13 -13.76 70.43
C VAL A 35 -36.82 -13.41 69.75
N ILE A 36 -36.84 -13.37 68.41
CA ILE A 36 -35.65 -13.08 67.63
C ILE A 36 -35.83 -12.08 66.47
N LYS A 37 -34.73 -11.37 66.19
CA LYS A 37 -34.64 -10.35 65.16
C LYS A 37 -35.71 -10.36 64.07
N ASN A 38 -35.46 -11.07 62.97
CA ASN A 38 -36.40 -11.12 61.86
C ASN A 38 -36.69 -12.54 61.37
N TYR A 39 -37.00 -13.45 62.30
CA TYR A 39 -37.28 -14.84 61.93
C TYR A 39 -38.50 -15.02 61.00
N PHE A 40 -39.35 -14.01 60.86
CA PHE A 40 -40.47 -14.13 59.93
C PHE A 40 -40.20 -13.20 58.75
N GLN A 41 -39.54 -12.08 59.02
CA GLN A 41 -39.22 -11.12 57.98
C GLN A 41 -38.13 -11.73 57.09
N HIS A 42 -37.43 -12.75 57.62
CA HIS A 42 -36.36 -13.46 56.90
C HIS A 42 -36.80 -14.87 56.45
N ARG A 43 -38.07 -15.20 56.67
CA ARG A 43 -38.59 -16.50 56.26
C ARG A 43 -39.07 -16.46 54.82
N GLU A 44 -38.73 -17.50 54.09
CA GLU A 44 -39.11 -17.60 52.71
C GLU A 44 -40.40 -18.38 52.53
N PHE A 45 -41.18 -18.00 51.54
CA PHE A 45 -42.43 -18.69 51.26
C PHE A 45 -42.52 -18.73 49.74
N SER A 46 -43.07 -19.80 49.18
CA SER A 46 -43.21 -19.94 47.72
C SER A 46 -44.67 -20.08 47.26
N PHE A 47 -45.03 -19.39 46.17
CA PHE A 47 -46.39 -19.47 45.65
C PHE A 47 -46.50 -19.82 44.17
N THR A 48 -47.43 -20.74 43.87
CA THR A 48 -47.71 -21.18 42.50
C THR A 48 -49.03 -20.47 42.19
N LEU A 49 -48.96 -19.46 41.34
CA LEU A 49 -50.11 -18.63 40.99
C LEU A 49 -50.93 -19.07 39.76
N LYS A 50 -51.41 -18.10 38.98
CA LYS A 50 -52.23 -18.39 37.80
C LYS A 50 -51.38 -18.76 36.58
N ASP A 51 -51.92 -19.65 35.74
CA ASP A 51 -51.28 -20.12 34.51
C ASP A 51 -50.17 -21.14 34.81
N ASP A 52 -49.88 -21.31 36.10
CA ASP A 52 -48.83 -22.21 36.62
C ASP A 52 -47.51 -21.45 36.82
N ILE A 53 -47.59 -20.11 36.83
CA ILE A 53 -46.41 -19.26 37.05
C ILE A 53 -45.88 -19.52 38.45
N TYR A 54 -44.58 -19.79 38.54
CA TYR A 54 -43.94 -20.12 39.82
C TYR A 54 -43.00 -19.03 40.37
N ILE A 55 -43.45 -18.31 41.39
CA ILE A 55 -42.60 -17.29 42.01
C ILE A 55 -42.05 -17.92 43.30
N ARG A 56 -40.95 -17.38 43.84
CA ARG A 56 -40.32 -17.99 45.03
C ARG A 56 -39.86 -17.17 46.25
N TYR A 57 -38.78 -16.40 46.11
CA TYR A 57 -38.28 -15.64 47.24
C TYR A 57 -39.19 -14.52 47.76
N GLN A 58 -40.40 -14.89 48.16
CA GLN A 58 -41.35 -13.92 48.70
C GLN A 58 -40.96 -13.70 50.15
N SER A 59 -41.36 -12.56 50.70
CA SER A 59 -41.07 -12.24 52.10
C SER A 59 -41.97 -11.09 52.51
N PHE A 60 -42.18 -10.94 53.82
CA PHE A 60 -43.02 -9.86 54.31
C PHE A 60 -42.61 -9.26 55.66
N ASN A 61 -43.15 -8.05 55.90
CA ASN A 61 -42.92 -7.28 57.12
C ASN A 61 -43.73 -7.79 58.30
N ASN A 62 -45.04 -7.92 58.11
CA ASN A 62 -45.94 -8.38 59.18
C ASN A 62 -47.20 -9.13 58.71
N GLN A 63 -47.98 -9.60 59.70
CA GLN A 63 -49.20 -10.35 59.47
C GLN A 63 -50.08 -9.72 58.40
N SER A 64 -50.06 -8.39 58.37
CA SER A 64 -50.83 -7.60 57.41
C SER A 64 -50.37 -7.79 55.97
N ASP A 65 -49.06 -7.74 55.74
CA ASP A 65 -48.56 -7.93 54.37
C ASP A 65 -49.08 -9.28 53.89
N LEU A 66 -48.85 -10.29 54.71
CA LEU A 66 -49.27 -11.65 54.42
C LEU A 66 -50.67 -11.72 53.82
N GLU A 67 -51.63 -11.05 54.48
CA GLU A 67 -53.02 -11.02 54.01
C GLU A 67 -53.20 -10.33 52.66
N LYS A 68 -52.91 -9.03 52.62
CA LYS A 68 -53.03 -8.23 51.40
C LYS A 68 -52.45 -8.96 50.20
N GLU A 69 -51.20 -9.38 50.31
CA GLU A 69 -50.53 -10.07 49.23
C GLU A 69 -51.05 -11.48 48.98
N MET A 70 -51.71 -12.09 49.96
CA MET A 70 -52.24 -13.44 49.74
C MET A 70 -53.70 -13.39 49.33
N GLN A 71 -54.32 -12.21 49.48
CA GLN A 71 -55.70 -12.01 49.08
C GLN A 71 -55.64 -11.30 47.73
N LYS A 72 -54.43 -10.90 47.35
CA LYS A 72 -54.16 -10.19 46.10
C LYS A 72 -53.42 -11.06 45.07
N MET A 73 -53.05 -12.29 45.48
CA MET A 73 -52.34 -13.23 44.60
C MET A 73 -53.06 -14.60 44.57
N ASN A 74 -53.98 -14.82 45.51
CA ASN A 74 -54.74 -16.08 45.62
C ASN A 74 -54.02 -17.29 45.04
N PRO A 75 -52.86 -17.66 45.61
CA PRO A 75 -52.09 -18.81 45.13
C PRO A 75 -52.83 -20.15 45.14
N TYR A 76 -52.43 -21.02 44.21
CA TYR A 76 -52.99 -22.36 44.08
C TYR A 76 -52.13 -23.25 44.99
N LYS A 77 -50.84 -22.91 45.07
CA LYS A 77 -49.87 -23.62 45.91
C LYS A 77 -49.18 -22.62 46.84
N ILE A 78 -48.75 -23.09 48.02
CA ILE A 78 -48.06 -22.25 48.99
C ILE A 78 -47.08 -23.11 49.79
N ASP A 79 -45.83 -22.64 49.85
CA ASP A 79 -44.78 -23.37 50.55
C ASP A 79 -44.02 -22.52 51.56
N ILE A 80 -43.50 -23.19 52.59
CA ILE A 80 -42.72 -22.50 53.61
C ILE A 80 -41.29 -23.00 53.48
N GLY A 81 -40.38 -22.09 53.22
CA GLY A 81 -38.99 -22.47 53.10
C GLY A 81 -38.33 -22.27 54.46
N ALA A 82 -37.17 -21.63 54.44
CA ALA A 82 -36.42 -21.36 55.66
C ALA A 82 -36.19 -19.88 55.86
N VAL A 83 -35.58 -19.56 56.99
CA VAL A 83 -35.30 -18.18 57.30
C VAL A 83 -33.83 -17.96 56.98
N TYR A 84 -33.56 -16.91 56.21
CA TYR A 84 -32.19 -16.66 55.82
C TYR A 84 -31.60 -15.53 56.65
N SER A 85 -30.40 -15.11 56.27
CA SER A 85 -29.72 -14.03 56.97
C SER A 85 -30.16 -12.62 56.51
N HIS A 86 -30.88 -12.53 55.38
CA HIS A 86 -31.36 -11.25 54.85
C HIS A 86 -32.73 -11.42 54.16
N ARG A 87 -33.57 -10.38 54.24
CA ARG A 87 -34.91 -10.41 53.65
C ARG A 87 -34.94 -11.06 52.25
N PRO A 88 -35.57 -12.24 52.13
CA PRO A 88 -35.70 -13.01 50.88
C PRO A 88 -36.10 -12.14 49.70
N ASN A 89 -37.11 -11.29 49.92
CA ASN A 89 -37.60 -10.38 48.89
C ASN A 89 -36.53 -9.34 48.54
N GLN A 90 -35.37 -9.47 49.18
CA GLN A 90 -34.25 -8.56 48.98
C GLN A 90 -32.90 -9.23 48.70
N HIS A 91 -32.85 -10.32 47.95
CA HIS A 91 -31.56 -10.97 47.66
C HIS A 91 -30.82 -10.33 46.48
N ASN A 92 -31.55 -9.53 45.70
CA ASN A 92 -30.95 -8.81 44.58
C ASN A 92 -30.05 -7.77 45.24
N THR A 93 -30.53 -7.29 46.38
CA THR A 93 -29.87 -6.30 47.22
C THR A 93 -28.48 -6.68 47.68
N VAL A 94 -28.34 -7.92 48.11
CA VAL A 94 -27.06 -8.36 48.63
C VAL A 94 -26.08 -8.97 47.63
N LYS A 95 -24.84 -9.07 48.10
CA LYS A 95 -23.75 -9.65 47.35
C LYS A 95 -24.11 -11.11 47.13
N LEU A 96 -23.51 -11.78 46.16
CA LEU A 96 -23.84 -13.18 45.95
C LEU A 96 -22.90 -14.10 46.75
N GLY A 97 -23.40 -14.60 47.89
CA GLY A 97 -22.63 -15.46 48.76
C GLY A 97 -22.85 -15.15 50.23
N ALA A 98 -23.47 -13.99 50.50
CA ALA A 98 -23.77 -13.59 51.87
C ALA A 98 -25.25 -13.88 52.16
N PHE A 99 -26.01 -14.18 51.11
CA PHE A 99 -27.40 -14.55 51.29
C PHE A 99 -27.41 -16.06 51.33
N GLN A 100 -27.86 -16.61 52.45
CA GLN A 100 -27.89 -18.06 52.63
C GLN A 100 -28.92 -18.54 53.66
N ALA A 101 -29.31 -19.80 53.49
CA ALA A 101 -30.26 -20.42 54.39
C ALA A 101 -29.52 -20.70 55.70
N GLN A 102 -30.10 -20.24 56.80
CA GLN A 102 -29.50 -20.47 58.10
C GLN A 102 -30.35 -21.40 58.98
N GLU A 103 -31.67 -21.23 58.93
CA GLU A 103 -32.56 -22.08 59.74
C GLU A 103 -33.93 -22.40 59.13
N LYS A 104 -34.40 -23.64 59.37
CA LYS A 104 -35.68 -24.14 58.87
C LYS A 104 -36.10 -25.35 59.71
N GLU A 105 -37.41 -25.63 59.76
CA GLU A 105 -37.92 -26.77 60.51
C GLU A 105 -37.32 -28.06 59.97
N LEU A 106 -37.55 -29.15 60.68
CA LEU A 106 -37.06 -30.43 60.21
C LEU A 106 -38.30 -31.16 59.78
N VAL A 107 -38.50 -31.21 58.47
CA VAL A 107 -39.69 -31.84 57.92
C VAL A 107 -39.47 -33.20 57.30
N PHE A 108 -40.45 -34.08 57.54
CA PHE A 108 -40.44 -35.44 57.00
C PHE A 108 -41.68 -35.67 56.15
N ASP A 109 -41.46 -36.11 54.90
CA ASP A 109 -42.53 -36.36 53.93
C ASP A 109 -42.71 -37.85 53.67
N ILE A 110 -43.94 -38.32 53.86
CA ILE A 110 -44.27 -39.71 53.63
C ILE A 110 -45.46 -39.74 52.67
N ASP A 111 -45.21 -40.21 51.46
CA ASP A 111 -46.29 -40.27 50.50
C ASP A 111 -46.71 -41.70 50.20
N MET A 112 -47.76 -41.84 49.38
CA MET A 112 -48.30 -43.15 49.02
C MET A 112 -47.65 -43.78 47.78
N THR A 113 -47.00 -42.97 46.95
CA THR A 113 -46.33 -43.50 45.77
C THR A 113 -45.01 -44.15 46.13
N ASP A 114 -44.75 -44.27 47.43
CA ASP A 114 -43.51 -44.88 47.90
C ASP A 114 -43.70 -46.39 48.21
N TYR A 115 -44.95 -46.82 48.34
CA TYR A 115 -45.27 -48.23 48.61
C TYR A 115 -46.06 -48.81 47.41
N ASP A 116 -45.68 -48.44 46.19
CA ASP A 116 -46.37 -48.90 44.98
C ASP A 116 -46.25 -50.40 44.69
N ASP A 117 -45.51 -51.11 45.54
CA ASP A 117 -45.31 -52.55 45.38
C ASP A 117 -45.76 -53.35 46.60
N VAL A 118 -46.40 -52.68 47.55
CA VAL A 118 -46.88 -53.29 48.80
C VAL A 118 -48.41 -53.27 48.94
N ARG A 119 -49.06 -52.46 48.13
CA ARG A 119 -50.50 -52.33 48.21
C ARG A 119 -51.22 -53.14 47.14
N ARG A 120 -52.33 -53.73 47.52
CA ARG A 120 -53.14 -54.53 46.62
C ARG A 120 -54.59 -54.03 46.57
N CYS A 121 -54.75 -52.73 46.84
CA CYS A 121 -56.07 -52.08 46.85
C CYS A 121 -56.11 -50.79 45.99
N CYS A 122 -55.03 -50.00 46.05
CA CYS A 122 -54.95 -48.74 45.32
C CYS A 122 -53.84 -48.68 44.27
N SER A 123 -53.98 -47.70 43.36
CA SER A 123 -52.99 -47.45 42.33
C SER A 123 -51.99 -46.52 43.02
N SER A 124 -50.82 -46.36 42.42
CA SER A 124 -49.75 -45.53 42.98
C SER A 124 -50.19 -44.20 43.62
N ALA A 125 -50.96 -43.40 42.87
CA ALA A 125 -51.43 -42.07 43.29
C ALA A 125 -52.74 -41.92 44.07
N ASP A 126 -53.39 -43.04 44.39
CA ASP A 126 -54.65 -42.96 45.13
C ASP A 126 -54.61 -43.67 46.48
N ILE A 127 -55.67 -43.49 47.25
CA ILE A 127 -55.79 -44.07 48.57
C ILE A 127 -57.25 -44.34 48.95
N CYS A 128 -57.45 -45.15 49.97
CA CYS A 128 -58.79 -45.44 50.45
C CYS A 128 -58.67 -45.97 51.88
N PRO A 129 -59.80 -46.17 52.55
CA PRO A 129 -59.76 -46.67 53.94
C PRO A 129 -58.86 -47.88 54.13
N LYS A 130 -58.90 -48.79 53.17
CA LYS A 130 -58.18 -50.06 53.22
C LYS A 130 -56.64 -50.10 53.27
N CYS A 131 -55.97 -49.03 52.82
CA CYS A 131 -54.51 -48.98 52.87
C CYS A 131 -53.97 -47.75 53.60
N TRP A 132 -54.88 -46.97 54.18
CA TRP A 132 -54.46 -45.78 54.90
C TRP A 132 -53.80 -46.11 56.22
N THR A 133 -53.85 -47.38 56.61
CA THR A 133 -53.23 -47.84 57.85
C THR A 133 -51.71 -47.57 57.74
N LEU A 134 -51.23 -47.46 56.48
CA LEU A 134 -49.82 -47.22 56.17
C LEU A 134 -49.33 -45.83 56.60
N MET A 135 -50.25 -44.87 56.62
CA MET A 135 -49.91 -43.51 57.04
C MET A 135 -49.97 -43.43 58.58
N THR A 136 -50.84 -44.23 59.18
CA THR A 136 -50.97 -44.26 60.64
C THR A 136 -49.75 -44.95 61.28
N MET A 137 -49.22 -45.97 60.60
CA MET A 137 -48.01 -46.69 61.06
C MET A 137 -46.79 -45.78 60.93
N ALA A 138 -46.69 -45.10 59.80
CA ALA A 138 -45.59 -44.18 59.58
C ALA A 138 -45.64 -43.13 60.69
N ILE A 139 -46.86 -42.70 61.03
CA ILE A 139 -47.12 -41.68 62.07
C ILE A 139 -46.49 -41.97 63.42
N ARG A 140 -46.94 -43.05 64.06
CA ARG A 140 -46.41 -43.44 65.37
C ARG A 140 -45.02 -44.07 65.31
N ILE A 141 -44.54 -44.44 64.13
CA ILE A 141 -43.19 -45.04 63.98
C ILE A 141 -42.14 -43.93 64.15
N ILE A 142 -42.27 -42.86 63.36
CA ILE A 142 -41.33 -41.73 63.40
C ILE A 142 -41.63 -40.70 64.49
N ASP A 143 -42.90 -40.33 64.65
CA ASP A 143 -43.31 -39.38 65.69
C ASP A 143 -42.76 -39.99 66.97
N ARG A 144 -42.97 -41.29 67.09
CA ARG A 144 -42.50 -42.10 68.22
C ARG A 144 -41.04 -41.72 68.48
N ALA A 145 -40.20 -42.00 67.49
CA ALA A 145 -38.77 -41.72 67.53
C ALA A 145 -38.45 -40.27 67.88
N LEU A 146 -38.71 -39.37 66.94
CA LEU A 146 -38.46 -37.93 67.10
C LEU A 146 -38.63 -37.51 68.55
N LYS A 147 -39.60 -38.12 69.21
CA LYS A 147 -39.89 -37.84 70.61
C LYS A 147 -39.06 -38.70 71.56
N GLU A 148 -39.18 -40.01 71.41
CA GLU A 148 -38.46 -40.95 72.27
C GLU A 148 -36.95 -41.02 72.01
N ASP A 149 -36.58 -41.24 70.75
CA ASP A 149 -35.19 -41.35 70.38
C ASP A 149 -34.37 -40.05 70.51
N PHE A 150 -34.89 -38.95 69.97
CA PHE A 150 -34.19 -37.66 69.97
C PHE A 150 -34.66 -36.58 70.95
N GLY A 151 -35.87 -36.72 71.49
CA GLY A 151 -36.36 -35.72 72.42
C GLY A 151 -36.98 -34.51 71.74
N PHE A 152 -37.29 -34.65 70.44
CA PHE A 152 -37.91 -33.55 69.72
C PHE A 152 -39.30 -33.53 70.30
N LYS A 153 -39.74 -32.37 70.77
CA LYS A 153 -41.04 -32.27 71.41
C LYS A 153 -42.26 -31.77 70.62
N HIS A 154 -42.08 -30.75 69.79
CA HIS A 154 -43.20 -30.17 69.07
C HIS A 154 -43.29 -30.61 67.62
N ARG A 155 -43.91 -31.77 67.41
CA ARG A 155 -44.05 -32.36 66.08
C ARG A 155 -45.44 -32.12 65.51
N LEU A 156 -45.51 -31.40 64.39
CA LEU A 156 -46.79 -31.15 63.78
C LEU A 156 -46.92 -31.82 62.42
N TRP A 157 -47.78 -32.83 62.39
CA TRP A 157 -48.09 -33.57 61.20
C TRP A 157 -49.26 -32.88 60.56
N VAL A 158 -49.31 -32.98 59.25
CA VAL A 158 -50.40 -32.37 58.54
C VAL A 158 -50.77 -33.32 57.41
N TYR A 159 -51.94 -33.08 56.84
CA TYR A 159 -52.44 -33.87 55.73
C TYR A 159 -51.87 -33.23 54.48
N SER A 160 -51.19 -34.01 53.65
CA SER A 160 -50.57 -33.50 52.43
C SER A 160 -51.54 -33.12 51.29
N GLY A 161 -52.78 -33.57 51.37
CA GLY A 161 -53.74 -33.23 50.35
C GLY A 161 -54.38 -34.41 49.64
N ARG A 162 -53.65 -35.52 49.48
CA ARG A 162 -54.24 -36.68 48.80
C ARG A 162 -53.72 -38.09 49.15
N ARG A 163 -52.40 -38.26 49.32
CA ARG A 163 -51.86 -39.59 49.60
C ARG A 163 -50.58 -39.65 50.44
N GLY A 164 -50.51 -38.86 51.50
CA GLY A 164 -49.33 -38.88 52.32
C GLY A 164 -49.54 -38.03 53.53
N VAL A 165 -48.47 -37.83 54.30
CA VAL A 165 -48.49 -37.01 55.51
C VAL A 165 -47.11 -36.43 55.81
N HIS A 166 -47.10 -35.16 56.19
CA HIS A 166 -45.87 -34.44 56.48
C HIS A 166 -45.65 -34.17 57.98
N CYS A 167 -44.39 -33.92 58.34
CA CYS A 167 -44.01 -33.66 59.74
C CYS A 167 -43.25 -32.35 59.89
N TRP A 168 -43.62 -31.56 60.89
CA TRP A 168 -42.90 -30.30 61.11
C TRP A 168 -42.22 -30.32 62.49
N VAL A 169 -40.93 -30.68 62.49
CA VAL A 169 -40.12 -30.75 63.70
C VAL A 169 -39.76 -29.32 64.08
N CYS A 170 -40.48 -28.76 65.04
CA CYS A 170 -40.27 -27.37 65.41
C CYS A 170 -39.51 -27.02 66.69
N ASP A 171 -38.81 -27.96 67.33
CA ASP A 171 -38.07 -27.63 68.56
C ASP A 171 -36.99 -26.60 68.20
N GLU A 172 -36.88 -25.54 68.99
CA GLU A 172 -35.91 -24.46 68.73
C GLU A 172 -34.52 -24.93 68.32
N SER A 173 -34.02 -25.94 69.01
CA SER A 173 -32.69 -26.46 68.75
C SER A 173 -32.61 -27.22 67.42
N VAL A 174 -33.77 -27.60 66.90
CA VAL A 174 -33.83 -28.33 65.63
C VAL A 174 -33.79 -27.41 64.41
N ARG A 175 -34.52 -26.30 64.47
CA ARG A 175 -34.54 -25.36 63.34
C ARG A 175 -33.13 -24.97 62.94
N LYS A 176 -32.17 -25.10 63.85
CA LYS A 176 -30.80 -24.72 63.53
C LYS A 176 -29.80 -25.88 63.38
N LEU A 177 -30.31 -27.06 63.08
CA LEU A 177 -29.45 -28.23 62.92
C LEU A 177 -28.74 -28.17 61.57
N SER A 178 -27.52 -28.68 61.54
CA SER A 178 -26.80 -28.69 60.28
C SER A 178 -27.42 -29.75 59.38
N SER A 179 -27.37 -29.52 58.07
CA SER A 179 -27.93 -30.46 57.13
C SER A 179 -27.34 -31.86 57.38
N ALA A 180 -26.02 -31.91 57.62
CA ALA A 180 -25.32 -33.18 57.87
C ALA A 180 -25.98 -34.04 58.94
N VAL A 181 -26.47 -33.40 59.99
CA VAL A 181 -27.11 -34.10 61.08
C VAL A 181 -28.50 -34.52 60.71
N ARG A 182 -29.16 -33.67 59.93
CA ARG A 182 -30.51 -33.95 59.50
C ARG A 182 -30.52 -35.21 58.67
N SER A 183 -29.45 -35.43 57.93
CA SER A 183 -29.34 -36.60 57.08
C SER A 183 -29.14 -37.80 57.99
N GLY A 184 -28.44 -37.58 59.09
CA GLY A 184 -28.18 -38.64 60.05
C GLY A 184 -29.49 -39.14 60.63
N ILE A 185 -30.42 -38.21 60.81
CA ILE A 185 -31.75 -38.48 61.34
C ILE A 185 -32.52 -39.44 60.44
N VAL A 186 -32.67 -39.04 59.20
CA VAL A 186 -33.38 -39.89 58.27
C VAL A 186 -32.69 -41.25 58.17
N GLU A 187 -31.35 -41.25 58.17
CA GLU A 187 -30.51 -42.46 58.07
C GLU A 187 -30.88 -43.47 59.15
N TYR A 188 -31.08 -42.93 60.34
CA TYR A 188 -31.42 -43.67 61.54
C TYR A 188 -32.84 -44.21 61.40
N LEU A 189 -33.74 -43.33 60.96
CA LEU A 189 -35.12 -43.71 60.82
C LEU A 189 -35.46 -44.41 59.50
N SER A 190 -34.46 -44.82 58.72
CA SER A 190 -34.74 -45.50 57.44
C SER A 190 -34.27 -46.97 57.37
N LEU A 191 -35.17 -47.84 56.89
CA LEU A 191 -34.94 -49.29 56.80
C LEU A 191 -35.25 -49.99 55.48
N VAL A 192 -36.07 -49.38 54.64
CA VAL A 192 -36.42 -50.00 53.36
C VAL A 192 -35.37 -49.65 52.30
N LYS A 193 -34.43 -50.54 52.04
CA LYS A 193 -33.37 -50.28 51.06
C LYS A 193 -33.83 -50.62 49.62
N GLY A 194 -34.79 -49.85 49.11
CA GLY A 194 -35.31 -50.08 47.78
C GLY A 194 -34.36 -49.79 46.63
N GLY A 195 -33.60 -50.79 46.21
CA GLY A 195 -32.65 -50.62 45.10
C GLY A 195 -33.36 -50.53 43.77
N GLN A 196 -32.60 -50.59 42.68
CA GLN A 196 -33.18 -50.53 41.34
C GLN A 196 -34.04 -51.77 41.08
N ASP A 197 -35.17 -51.82 41.79
CA ASP A 197 -36.14 -52.92 41.74
C ASP A 197 -35.59 -54.26 42.26
N VAL A 198 -35.29 -54.30 43.57
CA VAL A 198 -34.78 -55.50 44.22
C VAL A 198 -35.93 -56.13 45.01
N LYS A 199 -36.12 -57.44 44.89
CA LYS A 199 -37.21 -58.13 45.59
C LYS A 199 -37.15 -57.97 47.11
N LYS A 200 -36.08 -58.48 47.70
CA LYS A 200 -35.91 -58.37 49.15
C LYS A 200 -35.30 -57.00 49.43
N LYS A 201 -36.04 -56.17 50.12
CA LYS A 201 -35.56 -54.83 50.44
C LYS A 201 -35.44 -54.52 51.96
N VAL A 202 -35.47 -55.55 52.81
CA VAL A 202 -35.32 -55.35 54.26
C VAL A 202 -34.47 -56.45 54.89
N HIS A 203 -33.21 -56.14 55.15
CA HIS A 203 -32.29 -57.11 55.73
C HIS A 203 -31.99 -56.77 57.16
N LEU A 204 -32.15 -57.75 58.04
CA LEU A 204 -31.87 -57.53 59.45
C LEU A 204 -30.70 -58.39 59.87
N SER A 205 -30.05 -58.00 60.96
CA SER A 205 -28.95 -58.77 61.49
C SER A 205 -29.40 -59.26 62.86
N GLU A 206 -28.72 -60.30 63.34
CA GLU A 206 -29.04 -60.93 64.62
C GLU A 206 -29.35 -59.95 65.77
N LYS A 207 -28.59 -58.86 65.88
CA LYS A 207 -28.86 -57.86 66.92
C LYS A 207 -29.78 -56.81 66.31
N ILE A 208 -30.87 -56.50 66.99
CA ILE A 208 -31.81 -55.51 66.47
C ILE A 208 -32.00 -54.35 67.43
N HIS A 209 -31.43 -53.21 67.05
CA HIS A 209 -31.50 -51.99 67.84
C HIS A 209 -32.92 -51.68 68.29
N PRO A 210 -33.05 -50.89 69.37
CA PRO A 210 -34.32 -50.45 69.98
C PRO A 210 -35.37 -49.93 69.02
N PHE A 211 -35.06 -48.85 68.31
CA PHE A 211 -36.05 -48.33 67.39
C PHE A 211 -36.52 -49.48 66.50
N ILE A 212 -35.58 -50.15 65.82
CA ILE A 212 -35.93 -51.27 64.96
C ILE A 212 -36.95 -52.14 65.67
N ARG A 213 -36.60 -52.53 66.91
CA ARG A 213 -37.44 -53.40 67.73
C ARG A 213 -38.70 -52.74 68.29
N LYS A 214 -38.65 -51.44 68.58
CA LYS A 214 -39.84 -50.75 69.06
C LYS A 214 -40.79 -50.60 67.87
N SER A 215 -40.20 -50.28 66.72
CA SER A 215 -40.93 -50.09 65.46
C SER A 215 -41.69 -51.38 65.08
N ILE A 216 -40.99 -52.51 65.13
CA ILE A 216 -41.57 -53.80 64.81
C ILE A 216 -42.72 -54.07 65.79
N ASN A 217 -42.61 -53.48 66.98
CA ASN A 217 -43.61 -53.65 68.01
C ASN A 217 -44.89 -52.89 67.63
N ILE A 218 -44.71 -51.77 66.92
CA ILE A 218 -45.84 -50.99 66.52
C ILE A 218 -46.37 -51.42 65.15
N ILE A 219 -45.59 -52.22 64.43
CA ILE A 219 -46.02 -52.76 63.13
C ILE A 219 -46.78 -54.07 63.41
N LYS A 220 -46.80 -54.47 64.69
CA LYS A 220 -47.49 -55.67 65.12
C LYS A 220 -48.97 -55.41 65.49
N LYS A 221 -49.24 -54.29 66.16
CA LYS A 221 -50.63 -53.97 66.54
C LYS A 221 -51.57 -53.75 65.33
N TYR A 222 -51.00 -53.48 64.17
CA TYR A 222 -51.79 -53.21 62.95
C TYR A 222 -51.70 -54.35 61.92
N PHE A 223 -50.59 -55.08 61.94
CA PHE A 223 -50.28 -56.17 61.01
C PHE A 223 -51.46 -56.92 60.35
N GLU A 224 -52.11 -57.84 61.07
CA GLU A 224 -53.22 -58.62 60.49
C GLU A 224 -54.51 -57.84 60.17
N GLU A 225 -54.74 -56.75 60.90
CA GLU A 225 -55.89 -55.89 60.69
C GLU A 225 -55.80 -55.33 59.25
N TYR A 226 -54.60 -54.90 58.88
CA TYR A 226 -54.32 -54.33 57.55
C TYR A 226 -53.81 -55.30 56.45
N ALA A 227 -52.64 -55.91 56.66
CA ALA A 227 -52.07 -56.81 55.66
C ALA A 227 -52.81 -58.12 55.36
N LEU A 228 -53.41 -58.71 56.39
CA LEU A 228 -54.09 -60.00 56.20
C LEU A 228 -55.61 -60.06 56.06
N VAL A 229 -56.29 -58.93 56.28
CA VAL A 229 -57.74 -58.91 56.13
C VAL A 229 -58.14 -57.74 55.24
N ASN A 230 -57.45 -56.62 55.38
CA ASN A 230 -57.73 -55.43 54.57
C ASN A 230 -57.02 -55.60 53.22
N GLN A 231 -55.80 -56.13 53.27
CA GLN A 231 -55.00 -56.34 52.07
C GLN A 231 -55.03 -57.79 51.59
N ASP A 232 -55.21 -58.72 52.51
CA ASP A 232 -55.22 -60.14 52.16
C ASP A 232 -53.99 -60.40 51.28
N ILE A 233 -52.81 -60.04 51.82
CA ILE A 233 -51.51 -60.16 51.16
C ILE A 233 -51.12 -61.54 50.61
N LEU A 234 -51.87 -62.57 50.97
CA LEU A 234 -51.53 -63.90 50.49
C LEU A 234 -52.78 -64.76 50.25
N GLU A 235 -53.61 -64.32 49.30
CA GLU A 235 -54.82 -65.06 48.97
C GLU A 235 -54.63 -65.76 47.64
N ASN A 236 -53.74 -65.24 46.82
CA ASN A 236 -53.47 -65.84 45.51
C ASN A 236 -52.01 -66.26 45.45
N LYS A 237 -51.63 -67.02 44.41
CA LYS A 237 -50.24 -67.46 44.24
C LYS A 237 -49.49 -66.28 43.69
N GLU A 238 -50.20 -65.50 42.89
CA GLU A 238 -49.67 -64.29 42.31
C GLU A 238 -49.27 -63.41 43.50
N SER A 239 -50.17 -63.33 44.49
CA SER A 239 -49.98 -62.52 45.70
C SER A 239 -48.92 -63.08 46.63
N TRP A 240 -49.03 -64.39 46.91
CA TRP A 240 -48.09 -65.09 47.79
C TRP A 240 -46.73 -65.38 47.12
N ASP A 241 -46.73 -65.47 45.79
CA ASP A 241 -45.52 -65.72 45.03
C ASP A 241 -44.58 -64.56 45.37
N LYS A 242 -45.21 -63.39 45.57
CA LYS A 242 -44.54 -62.13 45.89
C LYS A 242 -43.91 -62.05 47.30
N ILE A 243 -44.52 -62.70 48.29
CA ILE A 243 -43.97 -62.68 49.67
C ILE A 243 -42.93 -63.80 49.88
N LEU A 244 -43.03 -64.85 49.06
CA LEU A 244 -42.11 -65.98 49.09
C LEU A 244 -40.74 -65.48 48.57
N ALA A 245 -40.80 -64.51 47.66
CA ALA A 245 -39.61 -63.93 47.04
C ALA A 245 -38.64 -63.28 48.03
N LEU A 246 -39.00 -63.26 49.30
CA LEU A 246 -38.15 -62.67 50.33
C LEU A 246 -37.51 -63.78 51.16
N VAL A 247 -38.22 -64.89 51.28
CA VAL A 247 -37.78 -66.06 52.05
C VAL A 247 -36.81 -66.91 51.19
N PRO A 248 -35.91 -67.68 51.84
CA PRO A 248 -34.95 -68.54 51.12
C PRO A 248 -35.61 -69.64 50.31
N GLU A 249 -35.31 -69.68 49.02
CA GLU A 249 -35.86 -70.66 48.07
C GLU A 249 -36.21 -72.04 48.62
N THR A 250 -35.40 -72.59 49.53
CA THR A 250 -35.65 -73.92 50.09
C THR A 250 -36.89 -74.04 50.97
N ILE A 251 -37.50 -72.90 51.31
CA ILE A 251 -38.70 -72.84 52.15
C ILE A 251 -40.00 -72.90 51.35
N HIS A 252 -39.98 -72.32 50.16
CA HIS A 252 -41.14 -72.28 49.26
C HIS A 252 -42.03 -73.52 49.20
N ASP A 253 -41.55 -74.55 48.48
CA ASP A 253 -42.28 -75.82 48.29
C ASP A 253 -43.23 -76.20 49.43
N GLU A 254 -42.73 -76.10 50.66
CA GLU A 254 -43.48 -76.45 51.87
C GLU A 254 -44.61 -75.44 52.17
N LEU A 255 -44.31 -74.16 52.05
CA LEU A 255 -45.28 -73.09 52.27
C LEU A 255 -46.29 -73.06 51.14
N GLN A 256 -45.82 -73.35 49.93
CA GLN A 256 -46.67 -73.36 48.75
C GLN A 256 -47.81 -74.37 48.88
N GLN A 257 -47.59 -75.46 49.60
CA GLN A 257 -48.65 -76.44 49.79
C GLN A 257 -49.45 -76.07 51.04
N SER A 258 -48.79 -75.30 51.92
CA SER A 258 -49.38 -74.83 53.19
C SER A 258 -50.51 -73.82 52.97
N PHE A 259 -50.35 -72.97 51.96
CA PHE A 259 -51.35 -71.96 51.67
C PHE A 259 -52.36 -72.49 50.64
N GLN A 260 -51.92 -73.49 49.87
CA GLN A 260 -52.76 -74.13 48.85
C GLN A 260 -53.97 -74.77 49.57
N LYS A 261 -53.68 -75.43 50.67
CA LYS A 261 -54.70 -76.09 51.47
C LYS A 261 -55.40 -75.19 52.50
N SER A 262 -54.90 -73.96 52.65
CA SER A 262 -55.48 -72.98 53.58
C SER A 262 -56.54 -72.20 52.82
N HIS A 263 -57.42 -71.45 53.50
CA HIS A 263 -58.44 -70.72 52.76
C HIS A 263 -58.61 -69.19 52.92
N ASN A 264 -57.64 -68.57 53.59
CA ASN A 264 -57.59 -67.11 53.76
C ASN A 264 -56.17 -66.79 54.24
N SER A 265 -55.68 -65.60 53.94
CA SER A 265 -54.32 -65.23 54.34
C SER A 265 -54.02 -65.37 55.85
N LEU A 266 -54.99 -65.04 56.71
CA LEU A 266 -54.81 -65.13 58.16
C LEU A 266 -54.15 -66.46 58.57
N GLN A 267 -54.63 -67.57 57.99
CA GLN A 267 -54.09 -68.91 58.25
C GLN A 267 -52.78 -69.15 57.50
N ARG A 268 -52.61 -68.43 56.40
CA ARG A 268 -51.42 -68.53 55.58
C ARG A 268 -50.25 -67.81 56.22
N TRP A 269 -50.56 -66.82 57.08
CA TRP A 269 -49.49 -66.12 57.77
C TRP A 269 -49.05 -66.97 58.95
N GLU A 270 -50.00 -67.56 59.66
CA GLU A 270 -49.65 -68.40 60.79
C GLU A 270 -48.76 -69.53 60.26
N HIS A 271 -49.00 -69.94 59.00
CA HIS A 271 -48.22 -71.01 58.36
C HIS A 271 -46.75 -70.66 58.22
N LEU A 272 -46.43 -69.54 57.57
CA LEU A 272 -45.02 -69.17 57.46
C LEU A 272 -44.44 -68.92 58.86
N LYS A 273 -45.28 -68.43 59.78
CA LYS A 273 -44.88 -68.15 61.17
C LYS A 273 -44.19 -69.38 61.74
N LYS A 274 -44.62 -70.53 61.25
CA LYS A 274 -44.12 -71.84 61.65
C LYS A 274 -42.89 -72.22 60.81
N VAL A 275 -43.15 -72.60 59.56
CA VAL A 275 -42.12 -72.99 58.62
C VAL A 275 -40.84 -72.18 58.86
N ALA A 276 -40.95 -70.87 58.67
CA ALA A 276 -39.83 -69.97 58.88
C ALA A 276 -39.33 -70.12 60.30
N SER A 277 -40.24 -70.08 61.26
CA SER A 277 -39.82 -70.24 62.65
C SER A 277 -38.95 -71.49 62.69
N ARG A 278 -39.43 -72.57 62.06
CA ARG A 278 -38.69 -73.84 62.02
C ARG A 278 -37.41 -73.61 61.23
N TYR A 279 -37.50 -72.70 60.28
CA TYR A 279 -36.34 -72.34 59.46
C TYR A 279 -35.28 -71.76 60.39
N GLN A 280 -35.67 -70.72 61.13
CA GLN A 280 -34.80 -70.01 62.07
C GLN A 280 -33.93 -70.92 62.96
N ASN A 281 -34.58 -71.78 63.74
CA ASN A 281 -33.93 -72.71 64.69
C ASN A 281 -32.73 -73.57 64.22
N ASN A 282 -32.92 -74.35 63.16
CA ASN A 282 -31.85 -75.21 62.64
C ASN A 282 -30.76 -74.37 61.94
N ILE A 283 -31.15 -73.30 61.24
CA ILE A 283 -30.20 -72.43 60.54
C ILE A 283 -29.44 -71.51 61.51
N GLY A 289 -31.84 -66.17 63.61
CA GLY A 289 -31.33 -66.13 62.26
C GLY A 289 -31.66 -64.83 61.54
N PRO A 290 -32.15 -64.90 60.29
CA PRO A 290 -32.49 -63.70 59.52
C PRO A 290 -33.74 -62.97 60.03
N TRP A 291 -34.54 -63.62 60.89
CA TRP A 291 -35.75 -63.00 61.42
C TRP A 291 -36.75 -62.83 60.30
N LEU A 292 -36.92 -63.87 59.49
CA LEU A 292 -37.83 -63.82 58.34
C LEU A 292 -39.21 -63.28 58.60
N GLU A 293 -39.72 -63.48 59.81
CA GLU A 293 -41.06 -63.03 60.18
C GLU A 293 -41.18 -61.51 60.19
N TRP A 294 -40.15 -60.84 60.69
CA TRP A 294 -40.15 -59.39 60.79
C TRP A 294 -39.67 -58.62 59.56
N GLU A 295 -38.74 -59.19 58.79
CA GLU A 295 -38.21 -58.55 57.58
C GLU A 295 -39.31 -58.26 56.54
N ILE A 296 -40.30 -59.14 56.51
CA ILE A 296 -41.43 -59.02 55.58
C ILE A 296 -42.47 -58.01 56.10
N MET A 297 -42.70 -57.99 57.42
CA MET A 297 -43.64 -57.05 58.05
C MET A 297 -43.07 -55.64 57.85
N LEU A 298 -41.74 -55.60 57.73
CA LEU A 298 -40.98 -54.38 57.52
C LEU A 298 -41.17 -53.91 56.10
N GLN A 299 -40.62 -54.66 55.14
CA GLN A 299 -40.73 -54.29 53.72
C GLN A 299 -42.16 -54.00 53.28
N TYR A 300 -43.14 -54.19 54.17
CA TYR A 300 -44.56 -53.97 53.87
C TYR A 300 -45.25 -52.91 54.77
N CYS A 301 -44.73 -52.73 55.98
CA CYS A 301 -45.36 -51.79 56.92
C CYS A 301 -44.53 -50.57 57.37
N PHE A 302 -43.21 -50.63 57.20
CA PHE A 302 -42.32 -49.55 57.61
C PHE A 302 -42.19 -48.35 56.64
N PRO A 303 -42.39 -47.13 57.14
CA PRO A 303 -42.30 -45.93 56.31
C PRO A 303 -41.06 -45.83 55.40
N ARG A 304 -41.23 -45.15 54.26
CA ARG A 304 -40.17 -44.90 53.26
C ARG A 304 -40.09 -43.39 53.00
N LEU A 305 -39.09 -42.73 53.58
CA LEU A 305 -38.95 -41.30 53.42
C LEU A 305 -38.11 -40.84 52.24
N ASP A 306 -38.24 -39.55 51.95
CA ASP A 306 -37.51 -38.92 50.87
C ASP A 306 -36.39 -38.11 51.51
N ILE A 307 -35.15 -38.59 51.35
CA ILE A 307 -33.96 -37.96 51.89
C ILE A 307 -33.80 -36.48 51.49
N ASN A 308 -33.97 -36.18 50.21
CA ASN A 308 -33.87 -34.80 49.70
C ASN A 308 -34.77 -33.82 50.47
N VAL A 309 -35.88 -34.31 51.02
CA VAL A 309 -36.84 -33.46 51.74
C VAL A 309 -36.42 -32.92 53.11
N SER A 310 -35.90 -33.80 53.94
CA SER A 310 -35.51 -33.40 55.27
C SER A 310 -34.07 -32.94 55.31
N LYS A 311 -33.29 -33.47 54.37
CA LYS A 311 -31.88 -33.16 54.26
C LYS A 311 -31.67 -31.67 54.04
N GLY A 312 -32.32 -31.15 53.00
CA GLY A 312 -32.20 -29.74 52.67
C GLY A 312 -32.74 -28.78 53.73
N ILE A 313 -31.87 -27.91 54.21
CA ILE A 313 -32.26 -26.95 55.22
C ILE A 313 -32.92 -25.76 54.54
N ASN A 314 -33.07 -25.85 53.22
CA ASN A 314 -33.65 -24.77 52.41
C ASN A 314 -34.75 -25.29 51.51
N HIS A 315 -35.26 -26.49 51.78
CA HIS A 315 -36.28 -27.04 50.91
C HIS A 315 -37.72 -26.57 51.14
N LEU A 316 -38.32 -26.11 50.06
CA LEU A 316 -39.69 -25.62 50.03
C LEU A 316 -40.65 -26.79 50.17
N LEU A 317 -41.42 -26.82 51.26
CA LEU A 317 -42.38 -27.90 51.41
C LEU A 317 -43.80 -27.32 51.59
N LYS A 318 -44.81 -28.03 51.09
CA LYS A 318 -46.20 -27.59 51.16
C LYS A 318 -46.61 -26.96 52.51
N SER A 319 -47.15 -25.75 52.45
CA SER A 319 -47.57 -25.03 53.65
C SER A 319 -48.86 -25.56 54.28
N PRO A 320 -48.86 -25.73 55.61
CA PRO A 320 -50.06 -26.23 56.28
C PRO A 320 -51.31 -25.39 55.98
N PHE A 321 -52.46 -26.07 55.98
CA PHE A 321 -53.76 -25.46 55.71
C PHE A 321 -53.91 -24.84 54.32
N SER A 322 -53.11 -25.34 53.40
CA SER A 322 -53.17 -24.89 52.03
C SER A 322 -54.32 -25.68 51.39
N VAL A 323 -54.51 -25.53 50.08
CA VAL A 323 -55.57 -26.24 49.40
C VAL A 323 -54.99 -27.08 48.27
N HIS A 324 -55.45 -28.32 48.15
CA HIS A 324 -54.96 -29.19 47.08
C HIS A 324 -55.85 -28.99 45.84
N PRO A 325 -55.25 -28.57 44.70
CA PRO A 325 -55.94 -28.33 43.41
C PRO A 325 -56.75 -29.49 42.84
N LYS A 326 -56.25 -30.72 43.02
CA LYS A 326 -56.90 -31.94 42.51
C LYS A 326 -58.12 -32.39 43.35
N THR A 327 -57.87 -32.78 44.59
CA THR A 327 -58.95 -33.23 45.47
C THR A 327 -59.65 -32.08 46.23
N GLY A 328 -58.97 -30.94 46.35
CA GLY A 328 -59.55 -29.80 47.04
C GLY A 328 -59.35 -29.82 48.54
N ARG A 329 -59.23 -31.02 49.11
CA ARG A 329 -59.06 -31.19 50.55
C ARG A 329 -58.09 -30.19 51.16
N ILE A 330 -58.38 -29.83 52.41
CA ILE A 330 -57.57 -28.89 53.18
C ILE A 330 -56.40 -29.70 53.77
N SER A 331 -55.18 -29.17 53.65
CA SER A 331 -54.01 -29.85 54.18
C SER A 331 -54.01 -29.63 55.69
N VAL A 332 -54.75 -30.50 56.38
CA VAL A 332 -54.95 -30.41 57.83
C VAL A 332 -53.93 -31.01 58.79
N PRO A 333 -53.62 -30.28 59.87
CA PRO A 333 -52.65 -30.79 60.85
C PRO A 333 -53.25 -32.04 61.48
N ILE A 334 -52.38 -32.94 61.97
CA ILE A 334 -52.82 -34.19 62.60
C ILE A 334 -53.01 -34.06 64.13
N ASP A 335 -53.95 -34.86 64.64
CA ASP A 335 -54.30 -34.93 66.07
C ASP A 335 -53.75 -36.25 66.66
N LEU A 336 -52.48 -36.26 67.07
CA LEU A 336 -51.81 -37.48 67.59
C LEU A 336 -52.42 -38.19 68.80
N GLN A 337 -53.45 -37.61 69.40
CA GLN A 337 -54.15 -38.23 70.53
C GLN A 337 -55.13 -39.23 69.94
N LYS A 338 -55.35 -39.09 68.63
CA LYS A 338 -56.26 -39.95 67.87
C LYS A 338 -55.73 -40.13 66.44
N VAL A 339 -54.60 -40.84 66.34
CA VAL A 339 -53.92 -41.13 65.07
C VAL A 339 -54.72 -42.10 64.24
N ASP A 340 -55.01 -43.23 64.90
CA ASP A 340 -55.74 -44.36 64.34
C ASP A 340 -57.22 -44.05 64.01
N GLN A 341 -57.65 -42.83 64.32
CA GLN A 341 -59.02 -42.41 64.05
C GLN A 341 -59.01 -41.30 62.99
N PHE A 342 -57.81 -40.94 62.53
CA PHE A 342 -57.65 -39.90 61.53
C PHE A 342 -58.28 -40.33 60.22
N ASP A 343 -59.19 -39.49 59.71
CA ASP A 343 -59.90 -39.77 58.46
C ASP A 343 -59.57 -38.78 57.34
N PRO A 344 -58.92 -39.26 56.25
CA PRO A 344 -58.53 -38.46 55.08
C PRO A 344 -59.77 -38.14 54.24
N PHE A 345 -60.72 -39.07 54.32
CA PHE A 345 -61.99 -39.06 53.60
C PHE A 345 -63.03 -38.04 54.15
N THR A 346 -62.90 -37.68 55.43
CA THR A 346 -63.79 -36.71 56.08
C THR A 346 -63.16 -35.30 56.14
N VAL A 347 -61.88 -35.20 55.79
CA VAL A 347 -61.16 -33.92 55.81
C VAL A 347 -61.89 -32.89 54.96
N PRO A 348 -62.18 -31.71 55.55
CA PRO A 348 -62.88 -30.59 54.89
C PRO A 348 -62.41 -30.15 53.49
N THR A 349 -63.36 -30.09 52.56
CA THR A 349 -63.05 -29.65 51.20
C THR A 349 -63.12 -28.13 51.22
N ILE A 350 -62.23 -27.46 50.50
CA ILE A 350 -62.27 -26.00 50.45
C ILE A 350 -63.61 -25.57 49.83
N SER A 351 -64.13 -26.40 48.91
CA SER A 351 -65.42 -26.14 48.27
C SER A 351 -66.47 -26.28 49.36
N PHE A 352 -66.37 -27.40 50.08
CA PHE A 352 -67.30 -27.69 51.14
C PHE A 352 -67.30 -26.64 52.27
N ILE A 353 -66.11 -26.15 52.64
CA ILE A 353 -65.96 -25.15 53.70
C ILE A 353 -66.40 -23.75 53.26
N CYS A 354 -66.33 -23.51 51.96
CA CYS A 354 -66.73 -22.22 51.37
C CYS A 354 -68.26 -22.24 51.17
N ARG A 355 -68.85 -23.42 51.27
CA ARG A 355 -70.30 -23.58 51.13
C ARG A 355 -70.94 -23.36 52.51
N GLU A 356 -70.23 -23.79 53.55
CA GLU A 356 -70.67 -23.69 54.94
C GLU A 356 -70.62 -22.27 55.51
N LEU A 357 -69.91 -21.37 54.81
CA LEU A 357 -69.82 -19.97 55.23
C LEU A 357 -70.83 -19.14 54.43
N ASP A 358 -71.29 -19.70 53.30
CA ASP A 358 -72.27 -19.05 52.44
C ASP A 358 -73.67 -19.42 52.91
N ALA A 359 -73.76 -20.54 53.63
CA ALA A 359 -75.01 -21.02 54.21
C ALA A 359 -75.08 -20.45 55.63
N ILE A 360 -74.54 -19.23 55.76
CA ILE A 360 -74.49 -18.48 57.02
C ILE A 360 -74.96 -17.04 56.78
N ARG A 379 -62.44 -9.53 64.82
CA ARG A 379 -63.39 -10.21 65.69
C ARG A 379 -63.77 -11.58 65.10
N THR A 380 -63.46 -11.76 63.80
CA THR A 380 -63.77 -12.98 63.04
C THR A 380 -63.29 -14.35 63.53
N ARG A 381 -64.24 -15.29 63.55
CA ARG A 381 -64.02 -16.66 63.96
C ARG A 381 -65.00 -17.56 63.16
N ASP A 382 -65.28 -17.20 61.91
CA ASP A 382 -66.21 -18.00 61.11
C ASP A 382 -65.57 -19.31 60.64
N TYR A 383 -64.28 -19.49 60.97
CA TYR A 383 -63.57 -20.72 60.62
C TYR A 383 -64.21 -21.74 61.56
N LYS A 384 -64.69 -21.20 62.68
CA LYS A 384 -65.37 -21.97 63.72
C LYS A 384 -66.69 -22.46 63.15
N LYS A 385 -67.34 -21.58 62.37
CA LYS A 385 -68.64 -21.89 61.77
C LYS A 385 -68.55 -22.90 60.63
N THR A 386 -67.32 -23.29 60.28
CA THR A 386 -67.06 -24.27 59.23
C THR A 386 -66.50 -25.53 59.91
N SER A 387 -66.44 -26.65 59.18
CA SER A 387 -65.89 -27.88 59.76
C SER A 387 -64.37 -27.84 59.74
N LEU A 388 -63.85 -26.68 59.36
CA LEU A 388 -62.41 -26.46 59.30
C LEU A 388 -61.96 -26.32 60.75
N ALA A 389 -62.84 -25.73 61.57
CA ALA A 389 -62.62 -25.45 62.99
C ALA A 389 -61.91 -26.51 63.85
N PRO A 390 -62.32 -27.79 63.72
CA PRO A 390 -61.68 -28.87 64.52
C PRO A 390 -60.18 -29.05 64.30
N TYR A 391 -59.71 -28.77 63.09
CA TYR A 391 -58.30 -28.92 62.75
C TYR A 391 -57.50 -27.66 63.16
N VAL A 392 -58.21 -26.55 63.33
CA VAL A 392 -57.61 -25.29 63.73
C VAL A 392 -57.31 -25.30 65.22
N LYS A 393 -57.98 -26.16 65.97
CA LYS A 393 -57.71 -26.21 67.39
C LYS A 393 -56.45 -27.03 67.66
N VAL A 394 -56.25 -28.13 66.92
CA VAL A 394 -55.06 -28.98 67.08
C VAL A 394 -53.81 -28.14 66.80
N PHE A 395 -53.98 -27.16 65.90
CA PHE A 395 -52.92 -26.24 65.50
C PHE A 395 -52.64 -25.28 66.68
N GLU A 396 -53.69 -24.93 67.43
CA GLU A 396 -53.63 -24.02 68.60
C GLU A 396 -52.98 -24.66 69.83
N HIS A 397 -53.27 -25.93 70.02
CA HIS A 397 -52.70 -26.67 71.14
C HIS A 397 -51.21 -26.72 70.86
N PHE A 398 -50.88 -26.73 69.57
CA PHE A 398 -49.50 -26.77 69.13
C PHE A 398 -48.84 -25.44 69.49
N LEU A 399 -49.51 -24.34 69.14
CA LEU A 399 -48.99 -23.02 69.43
C LEU A 399 -48.91 -22.81 70.92
N GLU A 400 -49.75 -23.51 71.66
CA GLU A 400 -49.76 -23.37 73.11
C GLU A 400 -48.62 -24.11 73.77
N ASN A 401 -48.29 -25.29 73.24
CA ASN A 401 -47.20 -26.14 73.76
C ASN A 401 -45.87 -25.46 73.46
N LEU A 402 -45.88 -24.61 72.45
CA LEU A 402 -44.68 -23.89 72.05
C LEU A 402 -44.55 -22.67 72.97
N ASP A 403 -45.68 -22.01 73.23
CA ASP A 403 -45.69 -20.85 74.12
C ASP A 403 -45.00 -21.30 75.37
N LYS A 404 -45.36 -22.52 75.78
CA LYS A 404 -44.80 -23.17 76.96
C LYS A 404 -43.28 -23.12 76.90
N SER A 405 -42.73 -23.79 75.90
CA SER A 405 -41.30 -23.84 75.72
C SER A 405 -40.64 -22.48 75.84
N ARG A 406 -41.09 -21.52 75.05
CA ARG A 406 -40.52 -20.17 75.09
C ARG A 406 -40.57 -19.71 76.54
N LYS A 407 -41.78 -19.66 77.08
CA LYS A 407 -42.01 -19.28 78.46
C LYS A 407 -41.07 -20.09 79.36
N GLY A 408 -41.33 -21.40 79.44
CA GLY A 408 -40.52 -22.27 80.25
C GLY A 408 -39.06 -22.00 80.07
N GLU A 409 -38.52 -22.53 78.98
CA GLU A 409 -37.10 -22.41 78.66
C GLU A 409 -36.45 -21.02 78.82
N LEU A 410 -37.15 -19.97 78.41
CA LEU A 410 -36.57 -18.64 78.55
C LEU A 410 -36.74 -18.01 79.93
N LEU A 411 -37.97 -17.59 80.24
CA LEU A 411 -38.28 -16.95 81.53
C LEU A 411 -37.83 -17.72 82.76
N LYS A 412 -37.13 -18.84 82.54
CA LYS A 412 -36.60 -19.65 83.63
C LYS A 412 -35.09 -19.87 83.44
N TYR B 22 1.71 -37.56 78.80
CA TYR B 22 1.65 -38.67 79.81
C TYR B 22 0.59 -38.35 80.88
N PRO B 23 0.75 -37.25 81.64
CA PRO B 23 -0.22 -36.87 82.68
C PRO B 23 -1.31 -35.93 82.11
N HIS B 24 -1.55 -34.79 82.75
CA HIS B 24 -2.52 -33.83 82.21
C HIS B 24 -1.76 -33.26 81.02
N CYS B 25 -1.04 -34.17 80.37
CA CYS B 25 -0.19 -33.94 79.21
C CYS B 25 -0.93 -34.19 77.89
N LEU B 26 -2.19 -34.59 77.98
CA LEU B 26 -2.96 -34.76 76.75
C LEU B 26 -3.59 -33.38 76.60
N GLN B 27 -3.30 -32.69 75.49
CA GLN B 27 -3.83 -31.35 75.29
C GLN B 27 -4.17 -31.02 73.83
N PHE B 28 -5.35 -30.43 73.63
CA PHE B 28 -5.80 -30.00 72.31
C PHE B 28 -5.03 -28.72 72.00
N TYR B 29 -4.00 -28.83 71.18
CA TYR B 29 -3.24 -27.64 70.85
C TYR B 29 -4.18 -26.58 70.28
N LEU B 30 -4.90 -25.93 71.19
CA LEU B 30 -5.85 -24.87 70.89
C LEU B 30 -5.41 -23.65 71.72
N GLN B 31 -5.72 -22.43 71.27
CA GLN B 31 -5.32 -21.22 71.99
C GLN B 31 -3.76 -21.13 72.06
N PRO B 32 -3.16 -20.22 71.27
CA PRO B 32 -1.75 -19.87 71.07
C PRO B 32 -0.95 -19.39 72.24
N PRO B 33 0.30 -19.83 72.33
CA PRO B 33 1.21 -19.46 73.42
C PRO B 33 1.51 -17.96 73.34
N SER B 34 1.35 -17.25 74.46
CA SER B 34 1.61 -15.80 74.49
C SER B 34 2.97 -15.47 75.09
N GLU B 35 3.68 -16.49 75.56
CA GLU B 35 5.00 -16.32 76.17
C GLU B 35 5.96 -15.64 75.21
N ASN B 36 7.20 -16.09 75.25
CA ASN B 36 8.28 -15.62 74.40
C ASN B 36 9.52 -16.39 74.80
N ILE B 37 10.40 -16.62 73.85
CA ILE B 37 11.57 -17.42 74.14
C ILE B 37 12.83 -16.94 73.50
N SER B 38 13.93 -17.62 73.81
CA SER B 38 15.22 -17.28 73.23
C SER B 38 15.26 -18.00 71.91
N LEU B 39 15.88 -17.37 70.92
CA LEU B 39 16.03 -17.99 69.62
C LEU B 39 16.73 -19.32 69.83
N ILE B 40 17.17 -19.55 71.06
CA ILE B 40 17.85 -20.78 71.39
C ILE B 40 16.81 -21.81 71.81
N GLU B 41 15.73 -21.36 72.45
CA GLU B 41 14.69 -22.30 72.85
C GLU B 41 13.73 -22.45 71.69
N PHE B 42 13.47 -21.34 71.02
CA PHE B 42 12.59 -21.33 69.86
C PHE B 42 13.08 -22.32 68.82
N GLU B 43 14.40 -22.33 68.61
CA GLU B 43 15.05 -23.23 67.64
C GLU B 43 15.17 -24.65 68.18
N ASN B 44 15.42 -24.78 69.48
CA ASN B 44 15.52 -26.12 70.00
C ASN B 44 14.18 -26.80 70.17
N LEU B 45 13.12 -26.06 70.48
CA LEU B 45 11.79 -26.65 70.60
C LEU B 45 11.37 -27.30 69.28
N ALA B 46 11.72 -26.66 68.17
CA ALA B 46 11.35 -27.20 66.87
C ALA B 46 12.18 -28.40 66.48
N ILE B 47 13.51 -28.26 66.44
CA ILE B 47 14.33 -29.39 66.07
C ILE B 47 13.87 -30.59 66.87
N ASP B 48 13.77 -30.40 68.17
CA ASP B 48 13.33 -31.49 69.02
C ASP B 48 11.89 -31.90 68.64
N ARG B 49 10.92 -31.01 68.82
CA ARG B 49 9.53 -31.33 68.53
C ARG B 49 9.37 -32.10 67.24
N VAL B 50 10.34 -31.95 66.35
CA VAL B 50 10.31 -32.67 65.09
C VAL B 50 10.87 -34.07 65.35
N LYS B 51 12.08 -34.13 65.91
CA LYS B 51 12.72 -35.41 66.20
C LYS B 51 11.69 -36.39 66.74
N LEU B 52 10.78 -35.88 67.55
CA LEU B 52 9.75 -36.73 68.11
C LEU B 52 8.85 -37.15 66.97
N LEU B 53 8.19 -36.15 66.39
CA LEU B 53 7.28 -36.41 65.32
C LEU B 53 7.90 -37.22 64.21
N LYS B 54 9.23 -37.20 64.10
CA LYS B 54 9.87 -38.00 63.06
C LYS B 54 10.16 -39.41 63.58
N SER B 55 9.89 -39.64 64.87
CA SER B 55 10.10 -40.96 65.46
C SER B 55 8.76 -41.68 65.55
N VAL B 56 7.68 -40.88 65.58
CA VAL B 56 6.31 -41.38 65.60
C VAL B 56 6.10 -42.00 64.22
N GLU B 57 6.82 -41.42 63.24
CA GLU B 57 6.79 -41.82 61.83
C GLU B 57 7.45 -43.15 61.59
N ASN B 58 8.62 -43.33 62.19
CA ASN B 58 9.36 -44.56 62.04
C ASN B 58 8.63 -45.75 62.70
N LEU B 59 8.40 -45.62 63.99
CA LEU B 59 7.73 -46.68 64.71
C LEU B 59 6.44 -47.13 63.97
N GLY B 60 5.67 -46.19 63.43
CA GLY B 60 4.47 -46.59 62.72
C GLY B 60 4.77 -47.30 61.42
N VAL B 61 6.03 -47.24 61.02
CA VAL B 61 6.44 -47.89 59.80
C VAL B 61 7.05 -49.27 60.05
N SER B 62 7.85 -49.39 61.10
CA SER B 62 8.46 -50.69 61.37
C SER B 62 7.68 -51.59 62.32
N TYR B 63 6.70 -51.05 63.05
CA TYR B 63 5.89 -51.85 63.99
C TYR B 63 4.39 -51.65 63.74
N VAL B 64 3.57 -51.80 64.78
CA VAL B 64 2.13 -51.61 64.62
C VAL B 64 1.67 -50.76 65.78
N LYS B 65 0.49 -50.15 65.66
CA LYS B 65 -0.05 -49.28 66.71
C LYS B 65 -0.48 -49.92 68.04
N GLY B 66 -0.36 -51.25 68.14
CA GLY B 66 -0.75 -51.93 69.37
C GLY B 66 0.33 -52.75 70.04
N THR B 67 1.60 -52.54 69.68
CA THR B 67 2.70 -53.31 70.26
C THR B 67 3.49 -52.57 71.37
N GLU B 68 4.04 -53.33 72.29
CA GLU B 68 4.82 -52.79 73.40
C GLU B 68 6.04 -52.02 72.92
N GLN B 69 6.79 -52.64 72.01
CA GLN B 69 7.98 -52.03 71.44
C GLN B 69 7.60 -50.62 71.04
N TYR B 70 6.47 -50.53 70.35
CA TYR B 70 5.93 -49.26 69.89
C TYR B 70 5.65 -48.40 71.09
N GLN B 71 4.64 -48.77 71.87
CA GLN B 71 4.28 -48.02 73.05
C GLN B 71 5.55 -47.65 73.83
N SER B 72 6.40 -48.65 74.08
CA SER B 72 7.66 -48.45 74.80
C SER B 72 8.57 -47.36 74.21
N LYS B 73 9.31 -47.72 73.16
CA LYS B 73 10.21 -46.77 72.52
C LYS B 73 9.54 -45.40 72.35
N LEU B 74 8.27 -45.41 71.96
CA LEU B 74 7.51 -44.17 71.74
C LEU B 74 7.52 -43.25 72.94
N GLU B 75 7.17 -43.81 74.09
CA GLU B 75 7.16 -43.04 75.32
C GLU B 75 8.62 -42.86 75.74
N SER B 76 9.47 -43.74 75.24
CA SER B 76 10.91 -43.68 75.55
C SER B 76 11.45 -42.36 74.99
N GLU B 77 11.16 -42.07 73.71
CA GLU B 77 11.63 -40.83 73.12
C GLU B 77 10.82 -39.70 73.77
N LEU B 78 9.49 -39.84 73.78
CA LEU B 78 8.62 -38.85 74.41
C LEU B 78 9.37 -38.41 75.66
N ARG B 79 10.02 -39.39 76.29
CA ARG B 79 10.84 -39.20 77.48
C ARG B 79 12.12 -38.45 77.11
N LYS B 80 13.05 -39.13 76.45
CA LYS B 80 14.33 -38.53 76.11
C LYS B 80 14.28 -37.11 75.54
N LEU B 81 13.21 -36.78 74.81
CA LEU B 81 13.10 -35.43 74.25
C LEU B 81 12.46 -34.51 75.25
N LYS B 82 12.17 -35.07 76.40
CA LYS B 82 11.60 -34.29 77.47
C LYS B 82 10.24 -33.76 77.11
N PHE B 83 9.26 -34.64 76.91
CA PHE B 83 7.91 -34.19 76.60
C PHE B 83 6.78 -34.84 77.39
N SER B 84 7.10 -35.29 78.60
CA SER B 84 6.16 -35.92 79.54
C SER B 84 6.94 -36.46 80.76
N TYR B 85 6.91 -35.73 81.88
CA TYR B 85 7.67 -36.13 83.07
C TYR B 85 7.35 -35.44 84.41
N ARG B 86 8.37 -34.74 84.94
CA ARG B 86 8.43 -33.99 86.23
C ARG B 86 7.51 -32.74 86.39
N GLU B 87 7.00 -32.52 87.60
CA GLU B 87 6.09 -31.41 87.90
C GLU B 87 6.71 -30.11 88.41
N ASN B 88 5.85 -29.22 88.90
CA ASN B 88 6.24 -27.91 89.48
C ASN B 88 5.06 -27.03 89.90
N LEU B 89 5.37 -25.92 90.58
CA LEU B 89 4.39 -24.97 91.08
C LEU B 89 3.43 -24.35 90.05
N GLU B 90 2.20 -24.89 90.02
CA GLU B 90 1.08 -24.47 89.16
C GLU B 90 1.29 -23.97 87.71
N ASP B 91 2.08 -22.92 87.53
CA ASP B 91 2.36 -22.31 86.21
C ASP B 91 3.32 -23.11 85.27
N GLU B 92 4.60 -23.07 85.61
CA GLU B 92 5.71 -23.71 84.87
C GLU B 92 5.85 -25.24 84.96
N TYR B 93 5.12 -25.99 84.13
CA TYR B 93 5.20 -27.46 84.12
C TYR B 93 6.07 -27.93 82.96
N GLU B 94 7.38 -27.97 83.19
CA GLU B 94 8.36 -28.38 82.20
C GLU B 94 7.82 -29.07 80.94
N PRO B 95 7.67 -30.40 80.92
CA PRO B 95 7.16 -30.94 79.67
C PRO B 95 5.86 -30.32 79.11
N ARG B 96 4.89 -29.98 79.97
CA ARG B 96 3.64 -29.38 79.49
C ARG B 96 4.01 -28.32 78.48
N ARG B 97 4.80 -27.36 78.94
CA ARG B 97 5.29 -26.26 78.13
C ARG B 97 5.97 -26.78 76.84
N ARG B 98 7.07 -27.51 76.94
CA ARG B 98 7.74 -28.00 75.74
C ARG B 98 6.70 -28.34 74.66
N ASP B 99 5.93 -29.38 74.89
CA ASP B 99 4.91 -29.79 73.92
C ASP B 99 3.96 -28.70 73.43
N HIS B 100 3.55 -27.75 74.27
CA HIS B 100 2.62 -26.75 73.79
C HIS B 100 3.22 -25.89 72.72
N ILE B 101 4.31 -25.22 73.06
CA ILE B 101 5.00 -24.36 72.09
C ILE B 101 5.37 -25.22 70.90
N SER B 102 6.40 -26.05 71.08
CA SER B 102 6.89 -26.93 70.03
C SER B 102 5.85 -27.18 68.94
N HIS B 103 4.69 -27.70 69.34
CA HIS B 103 3.63 -27.96 68.37
C HIS B 103 3.32 -26.72 67.57
N PHE B 104 2.79 -25.69 68.21
CA PHE B 104 2.48 -24.49 67.47
C PHE B 104 3.61 -23.98 66.58
N ILE B 105 4.80 -23.84 67.14
CA ILE B 105 5.93 -23.38 66.35
C ILE B 105 6.03 -24.25 65.10
N LEU B 106 6.05 -25.57 65.30
CA LEU B 106 6.12 -26.46 64.15
C LEU B 106 4.79 -26.51 63.39
N ARG B 107 4.07 -25.40 63.41
CA ARG B 107 2.83 -25.33 62.66
C ARG B 107 3.22 -24.44 61.51
N LEU B 108 4.19 -23.57 61.80
CA LEU B 108 4.71 -22.68 60.78
C LEU B 108 5.23 -23.56 59.66
N ALA B 109 6.33 -24.25 59.96
CA ALA B 109 6.98 -25.10 58.98
C ALA B 109 6.03 -26.00 58.20
N TYR B 110 5.22 -26.81 58.88
CA TYR B 110 4.33 -27.76 58.21
C TYR B 110 2.99 -27.26 57.65
N CYS B 111 2.84 -25.96 57.54
CA CYS B 111 1.60 -25.35 57.03
C CYS B 111 1.52 -25.21 55.50
N GLN B 112 2.70 -25.06 54.87
CA GLN B 112 2.86 -24.86 53.42
C GLN B 112 2.37 -26.00 52.51
N SER B 113 3.30 -26.84 52.06
CA SER B 113 2.98 -27.96 51.16
C SER B 113 1.77 -28.71 51.67
N GLU B 114 0.80 -28.98 50.82
CA GLU B 114 -0.35 -29.75 51.28
C GLU B 114 0.12 -31.18 51.55
N GLU B 115 1.39 -31.44 51.25
CA GLU B 115 1.99 -32.75 51.47
C GLU B 115 2.69 -32.80 52.82
N LEU B 116 2.88 -31.63 53.41
CA LEU B 116 3.47 -31.56 54.73
C LEU B 116 2.27 -31.46 55.67
N ARG B 117 1.32 -30.59 55.33
CA ARG B 117 0.12 -30.44 56.15
C ARG B 117 -0.45 -31.82 56.46
N ARG B 118 -0.50 -32.67 55.45
CA ARG B 118 -1.02 -34.00 55.68
C ARG B 118 -0.05 -34.73 56.59
N TRP B 119 1.20 -34.85 56.20
CA TRP B 119 2.15 -35.55 57.03
C TRP B 119 2.17 -35.09 58.48
N PHE B 120 2.10 -33.78 58.69
CA PHE B 120 2.08 -33.22 60.04
C PHE B 120 0.84 -33.85 60.69
N ILE B 121 -0.35 -33.34 60.39
CA ILE B 121 -1.58 -33.88 60.91
C ILE B 121 -1.49 -35.39 61.17
N GLN B 122 -0.89 -36.09 60.22
CA GLN B 122 -0.73 -37.53 60.28
C GLN B 122 0.06 -37.96 61.47
N GLN B 123 1.19 -37.32 61.70
CA GLN B 123 2.00 -37.72 62.82
C GLN B 123 1.66 -37.03 64.15
N GLU B 124 0.88 -35.96 64.11
CA GLU B 124 0.52 -35.24 65.34
C GLU B 124 -0.80 -35.77 65.83
N MET B 125 -1.32 -36.73 65.09
CA MET B 125 -2.56 -37.37 65.44
C MET B 125 -2.25 -38.80 65.83
N ASP B 126 -1.11 -39.29 65.38
CA ASP B 126 -0.66 -40.64 65.73
C ASP B 126 -0.18 -40.44 67.16
N LEU B 127 0.14 -39.18 67.50
CA LEU B 127 0.62 -38.82 68.83
C LEU B 127 -0.47 -38.66 69.88
N LEU B 128 -1.54 -37.93 69.57
CA LEU B 128 -2.61 -37.81 70.52
C LEU B 128 -3.12 -39.24 70.80
N ARG B 129 -3.12 -40.09 69.77
CA ARG B 129 -3.56 -41.48 69.91
C ARG B 129 -2.74 -42.22 71.00
N PHE B 130 -1.42 -42.09 70.98
CA PHE B 130 -0.55 -42.75 71.96
C PHE B 130 -0.75 -42.20 73.35
N ARG B 131 -0.88 -40.88 73.47
CA ARG B 131 -1.09 -40.25 74.77
C ARG B 131 -2.48 -40.61 75.28
N PHE B 132 -3.24 -41.38 74.52
CA PHE B 132 -4.55 -41.77 74.99
C PHE B 132 -4.50 -43.26 75.32
N SER B 133 -3.67 -43.98 74.57
CA SER B 133 -3.47 -45.43 74.73
C SER B 133 -2.72 -45.72 76.02
N ILE B 134 -2.20 -44.68 76.66
CA ILE B 134 -1.48 -44.86 77.91
C ILE B 134 -2.34 -44.62 79.16
N LEU B 135 -3.34 -43.74 79.08
CA LEU B 135 -4.22 -43.48 80.23
C LEU B 135 -5.31 -44.54 80.44
N PRO B 136 -5.59 -44.89 81.72
CA PRO B 136 -6.60 -45.88 82.05
C PRO B 136 -8.01 -45.33 81.83
N LYS B 137 -8.96 -46.22 81.57
CA LYS B 137 -10.35 -45.82 81.33
C LYS B 137 -10.83 -44.72 82.29
N ASP B 138 -10.03 -44.42 83.30
CA ASP B 138 -10.38 -43.42 84.31
C ASP B 138 -9.86 -42.01 84.13
N LYS B 139 -8.55 -41.88 83.93
CA LYS B 139 -7.93 -40.57 83.77
C LYS B 139 -8.38 -39.86 82.48
N ILE B 140 -8.68 -40.66 81.48
CA ILE B 140 -9.13 -40.14 80.21
C ILE B 140 -10.52 -39.52 80.40
N GLN B 141 -11.27 -40.01 81.37
CA GLN B 141 -12.62 -39.52 81.67
C GLN B 141 -12.58 -38.08 82.18
N ASP B 142 -11.77 -37.85 83.21
CA ASP B 142 -11.63 -36.54 83.81
C ASP B 142 -11.24 -35.52 82.78
N PHE B 143 -10.29 -35.89 81.95
CA PHE B 143 -9.79 -35.02 80.90
C PHE B 143 -10.90 -34.52 79.96
N LEU B 144 -11.93 -35.34 79.74
CA LEU B 144 -13.05 -34.96 78.87
C LEU B 144 -14.00 -33.99 79.57
N LYS B 145 -14.52 -34.41 80.72
CA LYS B 145 -15.43 -33.57 81.49
C LYS B 145 -14.90 -32.15 81.40
N ASP B 146 -13.63 -32.02 81.79
CA ASP B 146 -12.93 -30.74 81.81
C ASP B 146 -12.67 -30.11 80.45
N SER B 147 -11.98 -30.86 79.60
CA SER B 147 -11.58 -30.42 78.26
C SER B 147 -12.43 -29.36 77.56
N GLN B 148 -12.96 -29.72 76.40
CA GLN B 148 -13.78 -28.79 75.63
C GLN B 148 -14.84 -28.13 76.51
N LEU B 149 -15.82 -28.92 76.96
CA LEU B 149 -16.86 -28.36 77.82
C LEU B 149 -17.94 -29.32 78.34
N GLN B 150 -18.68 -29.97 77.45
CA GLN B 150 -19.77 -30.83 77.92
C GLN B 150 -19.82 -32.31 77.52
N PHE B 151 -19.76 -33.16 78.55
CA PHE B 151 -19.79 -34.61 78.47
C PHE B 151 -20.18 -35.09 79.90
N GLU B 152 -20.89 -36.21 80.00
CA GLU B 152 -21.29 -36.75 81.32
C GLU B 152 -21.23 -38.26 81.40
N ALA B 153 -20.94 -38.75 82.60
CA ALA B 153 -20.88 -40.18 82.83
C ALA B 153 -22.17 -40.58 83.56
N ILE B 154 -22.56 -41.85 83.44
CA ILE B 154 -23.78 -42.32 84.10
C ILE B 154 -23.46 -43.35 85.19
N SER B 155 -24.17 -43.23 86.31
CA SER B 155 -23.97 -44.14 87.43
C SER B 155 -24.31 -45.57 87.03
N ASP B 156 -23.93 -46.53 87.85
CA ASP B 156 -24.22 -47.92 87.55
C ASP B 156 -25.72 -48.19 87.59
N GLU B 157 -26.48 -47.21 88.08
CA GLU B 157 -27.94 -47.31 88.16
C GLU B 157 -28.51 -47.18 86.75
N GLU B 158 -28.32 -46.02 86.14
CA GLU B 158 -28.79 -45.78 84.78
C GLU B 158 -28.02 -46.73 83.87
N LYS B 159 -26.76 -47.01 84.23
CA LYS B 159 -25.86 -47.89 83.46
C LYS B 159 -26.42 -49.28 83.19
N THR B 160 -26.79 -49.99 84.24
CA THR B 160 -27.32 -51.33 84.09
C THR B 160 -28.82 -51.32 83.71
N LEU B 161 -29.53 -50.30 84.17
CA LEU B 161 -30.96 -50.13 83.89
C LEU B 161 -31.18 -50.18 82.38
N ARG B 162 -30.30 -49.49 81.66
CA ARG B 162 -30.36 -49.39 80.23
C ARG B 162 -29.29 -50.26 79.58
N GLU B 163 -28.61 -51.08 80.39
CA GLU B 163 -27.54 -51.93 79.89
C GLU B 163 -27.88 -52.73 78.63
N GLN B 164 -28.89 -53.60 78.72
CA GLN B 164 -29.28 -54.43 77.58
C GLN B 164 -29.52 -53.62 76.29
N GLU B 165 -30.21 -52.49 76.41
CA GLU B 165 -30.52 -51.63 75.26
C GLU B 165 -29.27 -51.01 74.61
N ILE B 166 -28.23 -50.81 75.43
CA ILE B 166 -26.95 -50.25 74.99
C ILE B 166 -26.19 -51.29 74.17
N VAL B 167 -26.29 -52.55 74.58
CA VAL B 167 -25.60 -53.64 73.90
C VAL B 167 -26.33 -54.05 72.62
N ALA B 168 -27.61 -53.68 72.53
CA ALA B 168 -28.40 -53.99 71.34
C ALA B 168 -28.09 -52.98 70.24
N SER B 169 -27.84 -51.74 70.64
CA SER B 169 -27.54 -50.68 69.72
C SER B 169 -26.08 -50.72 69.27
N SER B 170 -25.23 -51.37 70.04
CA SER B 170 -23.80 -51.47 69.71
C SER B 170 -23.50 -52.33 68.49
N PRO B 171 -22.25 -52.28 68.00
CA PRO B 171 -21.83 -53.06 66.82
C PRO B 171 -22.06 -54.55 66.92
N SER B 172 -21.26 -55.29 66.15
CA SER B 172 -21.32 -56.74 66.15
C SER B 172 -20.74 -57.18 67.49
N LEU B 173 -20.57 -56.20 68.38
CA LEU B 173 -20.05 -56.39 69.73
C LEU B 173 -20.51 -57.73 70.31
N SER B 174 -19.61 -58.71 70.25
CA SER B 174 -19.88 -60.06 70.75
C SER B 174 -20.43 -60.08 72.17
N GLY B 175 -21.09 -61.19 72.51
CA GLY B 175 -21.64 -61.35 73.84
C GLY B 175 -22.62 -60.28 74.30
N LEU B 176 -23.12 -60.47 75.53
CA LEU B 176 -24.07 -59.57 76.19
C LEU B 176 -23.32 -58.78 77.26
N LYS B 177 -22.00 -58.91 77.22
CA LYS B 177 -21.11 -58.25 78.17
C LYS B 177 -20.93 -56.74 77.99
N LEU B 178 -21.57 -55.98 78.88
CA LEU B 178 -21.46 -54.52 78.88
C LEU B 178 -20.42 -54.23 79.96
N GLY B 179 -19.21 -54.77 79.74
CA GLY B 179 -18.10 -54.66 80.66
C GLY B 179 -18.05 -53.52 81.66
N PHE B 180 -16.95 -53.44 82.39
CA PHE B 180 -16.77 -52.38 83.38
C PHE B 180 -16.52 -51.10 82.59
N GLU B 181 -16.04 -51.31 81.37
CA GLU B 181 -15.74 -50.23 80.45
C GLU B 181 -16.78 -49.13 80.59
N SER B 182 -16.37 -48.03 81.19
CA SER B 182 -17.23 -46.88 81.41
C SER B 182 -18.04 -46.47 80.17
N ILE B 183 -19.23 -45.91 80.39
CA ILE B 183 -20.09 -45.47 79.31
C ILE B 183 -20.47 -44.00 79.45
N TYR B 184 -20.42 -43.27 78.34
CA TYR B 184 -20.73 -41.83 78.36
C TYR B 184 -22.02 -41.43 77.65
N LYS B 185 -22.54 -40.27 78.04
CA LYS B 185 -23.78 -39.71 77.51
C LYS B 185 -23.46 -38.41 76.76
N ILE B 186 -23.60 -38.42 75.44
CA ILE B 186 -23.30 -37.21 74.67
C ILE B 186 -24.48 -36.74 73.82
N PRO B 187 -24.46 -35.46 73.40
CA PRO B 187 -25.54 -34.89 72.58
C PRO B 187 -25.62 -35.67 71.28
N PHE B 188 -26.80 -36.18 70.94
CA PHE B 188 -26.95 -36.97 69.73
C PHE B 188 -26.25 -36.36 68.55
N ALA B 189 -26.27 -35.04 68.49
CA ALA B 189 -25.64 -34.32 67.41
C ALA B 189 -24.13 -34.54 67.28
N ASP B 190 -23.43 -34.67 68.39
CA ASP B 190 -21.97 -34.87 68.35
C ASP B 190 -21.59 -36.31 67.94
N ALA B 191 -22.55 -37.21 68.03
CA ALA B 191 -22.31 -38.59 67.66
C ALA B 191 -22.96 -38.94 66.32
N LEU B 192 -23.21 -37.92 65.50
CA LEU B 192 -23.82 -38.11 64.18
C LEU B 192 -23.16 -39.30 63.51
N ASP B 193 -21.84 -39.21 63.40
CA ASP B 193 -21.02 -40.22 62.77
C ASP B 193 -21.37 -41.64 63.19
N LEU B 194 -22.01 -41.79 64.34
CA LEU B 194 -22.36 -43.13 64.81
C LEU B 194 -23.86 -43.45 64.89
N PHE B 195 -24.72 -42.46 65.13
CA PHE B 195 -26.14 -42.79 65.22
C PHE B 195 -26.76 -42.91 63.84
N ARG B 196 -26.11 -42.29 62.85
CA ARG B 196 -26.57 -42.33 61.46
C ARG B 196 -26.56 -43.77 60.95
N GLY B 197 -25.66 -44.58 61.52
CA GLY B 197 -25.56 -45.97 61.14
C GLY B 197 -26.22 -46.87 62.18
N ARG B 198 -26.87 -46.23 63.16
CA ARG B 198 -27.58 -46.92 64.24
C ARG B 198 -26.55 -47.75 65.00
N LYS B 199 -25.51 -47.09 65.49
CA LYS B 199 -24.42 -47.78 66.19
C LYS B 199 -24.26 -47.39 67.66
N VAL B 200 -25.33 -46.84 68.24
CA VAL B 200 -25.34 -46.44 69.64
C VAL B 200 -26.77 -46.23 70.10
N TYR B 201 -26.98 -46.29 71.41
CA TYR B 201 -28.31 -46.10 71.96
C TYR B 201 -28.63 -44.61 72.13
N LEU B 202 -29.82 -44.21 71.65
CA LEU B 202 -30.30 -42.82 71.70
C LEU B 202 -31.53 -42.71 72.59
N GLU B 203 -31.60 -41.65 73.39
CA GLU B 203 -32.74 -41.48 74.29
C GLU B 203 -32.93 -39.99 74.57
N ASP B 204 -34.15 -39.52 74.31
CA ASP B 204 -34.52 -38.11 74.49
C ASP B 204 -33.41 -37.14 74.09
N GLY B 205 -32.78 -37.46 72.97
CA GLY B 205 -31.72 -36.63 72.44
C GLY B 205 -30.35 -36.86 73.03
N PHE B 206 -30.00 -38.11 73.30
CA PHE B 206 -28.69 -38.42 73.86
C PHE B 206 -28.18 -39.76 73.38
N ALA B 207 -26.89 -39.84 73.16
CA ALA B 207 -26.27 -41.07 72.69
C ALA B 207 -25.40 -41.62 73.78
N TYR B 208 -25.29 -42.95 73.79
CA TYR B 208 -24.48 -43.64 74.79
C TYR B 208 -23.43 -44.47 74.06
N VAL B 209 -22.18 -44.11 74.26
CA VAL B 209 -21.06 -44.78 73.61
C VAL B 209 -19.94 -45.05 74.60
N PRO B 210 -19.04 -45.99 74.26
CA PRO B 210 -17.92 -46.36 75.13
C PRO B 210 -16.72 -45.47 74.91
N LEU B 211 -15.55 -46.04 75.18
CA LEU B 211 -14.27 -45.35 75.02
C LEU B 211 -13.77 -45.43 73.58
N LYS B 212 -13.57 -46.65 73.08
CA LYS B 212 -13.08 -46.85 71.71
C LYS B 212 -13.62 -45.79 70.78
N ASP B 213 -14.92 -45.86 70.55
CA ASP B 213 -15.64 -44.94 69.66
C ASP B 213 -15.56 -43.47 70.10
N ILE B 214 -15.67 -43.21 71.41
CA ILE B 214 -15.57 -41.82 71.90
C ILE B 214 -14.24 -41.23 71.44
N VAL B 215 -13.17 -42.01 71.62
CA VAL B 215 -11.83 -41.62 71.24
C VAL B 215 -11.74 -41.30 69.73
N ALA B 216 -12.10 -42.27 68.91
CA ALA B 216 -12.05 -42.08 67.47
C ALA B 216 -12.75 -40.77 67.08
N ILE B 217 -13.84 -40.42 67.78
CA ILE B 217 -14.55 -39.18 67.47
C ILE B 217 -13.65 -37.99 67.83
N ILE B 218 -12.92 -38.13 68.94
CA ILE B 218 -11.97 -37.11 69.38
C ILE B 218 -10.96 -36.89 68.26
N LEU B 219 -10.24 -37.98 67.94
CA LEU B 219 -9.22 -38.00 66.90
C LEU B 219 -9.78 -37.39 65.61
N ASN B 220 -11.03 -37.75 65.29
CA ASN B 220 -11.78 -37.30 64.11
C ASN B 220 -11.92 -35.76 64.11
N GLU B 221 -12.56 -35.21 65.14
CA GLU B 221 -12.75 -33.77 65.24
C GLU B 221 -11.39 -33.09 65.40
N PHE B 222 -10.40 -33.84 65.89
CA PHE B 222 -9.05 -33.31 66.09
C PHE B 222 -8.35 -33.05 64.75
N ARG B 223 -8.51 -33.97 63.80
CA ARG B 223 -7.89 -33.82 62.50
C ARG B 223 -8.51 -32.62 61.82
N ALA B 224 -9.84 -32.65 61.69
CA ALA B 224 -10.60 -31.57 61.06
C ALA B 224 -10.29 -30.17 61.61
N LYS B 225 -10.10 -30.07 62.93
CA LYS B 225 -9.76 -28.78 63.48
C LYS B 225 -8.31 -28.48 63.12
N LEU B 226 -7.41 -29.45 63.34
CA LEU B 226 -6.00 -29.23 63.01
C LEU B 226 -5.82 -28.77 61.58
N SER B 227 -6.39 -29.51 60.64
CA SER B 227 -6.28 -29.12 59.25
C SER B 227 -6.73 -27.67 59.14
N LYS B 228 -7.95 -27.39 59.61
CA LYS B 228 -8.53 -26.05 59.60
C LYS B 228 -7.49 -24.99 59.96
N ALA B 229 -6.74 -25.24 61.03
CA ALA B 229 -5.70 -24.33 61.49
C ALA B 229 -4.52 -24.24 60.56
N LEU B 230 -3.95 -25.39 60.19
CA LEU B 230 -2.80 -25.35 59.31
C LEU B 230 -3.15 -24.49 58.11
N ALA B 231 -4.45 -24.30 57.91
CA ALA B 231 -4.95 -23.48 56.83
C ALA B 231 -4.77 -22.01 57.20
N LEU B 232 -5.26 -21.65 58.37
CA LEU B 232 -5.15 -20.27 58.78
C LEU B 232 -3.75 -19.93 59.24
N THR B 233 -2.82 -20.87 59.13
CA THR B 233 -1.43 -20.60 59.52
C THR B 233 -0.73 -20.07 58.29
N ALA B 234 -1.04 -20.66 57.16
CA ALA B 234 -0.44 -20.23 55.92
C ALA B 234 -0.89 -18.80 55.60
N ARG B 235 -2.20 -18.62 55.44
CA ARG B 235 -2.79 -17.32 55.14
C ARG B 235 -2.02 -16.17 55.74
N SER B 236 -1.62 -16.31 56.99
CA SER B 236 -0.91 -15.23 57.64
C SER B 236 0.57 -15.53 57.77
N LEU B 237 1.09 -16.30 56.83
CA LEU B 237 2.50 -16.59 56.91
C LEU B 237 3.33 -15.44 56.34
N PRO B 238 2.85 -14.78 55.27
CA PRO B 238 3.59 -13.68 54.65
C PRO B 238 4.13 -12.60 55.60
N ALA B 239 3.55 -12.54 56.80
CA ALA B 239 3.97 -11.54 57.77
C ALA B 239 5.17 -11.95 58.63
N VAL B 240 5.96 -12.92 58.17
CA VAL B 240 7.12 -13.36 58.94
C VAL B 240 8.26 -13.90 58.09
N GLN B 241 7.90 -14.49 56.95
CA GLN B 241 8.89 -15.04 56.03
C GLN B 241 9.98 -13.98 55.88
N SER B 242 9.59 -12.74 56.18
CA SER B 242 10.47 -11.57 56.13
C SER B 242 11.63 -11.67 57.13
N ASP B 243 11.34 -12.24 58.31
CA ASP B 243 12.32 -12.43 59.39
C ASP B 243 13.49 -13.33 59.02
N GLU B 244 14.72 -12.91 59.32
CA GLU B 244 15.93 -13.68 58.97
C GLU B 244 16.21 -14.93 59.80
N ARG B 245 15.80 -14.89 61.06
CA ARG B 245 16.03 -15.98 61.99
C ARG B 245 15.20 -17.23 61.72
N LEU B 246 14.08 -17.05 61.00
CA LEU B 246 13.16 -18.15 60.71
C LEU B 246 13.27 -18.77 59.30
N GLN B 247 14.37 -18.51 58.59
CA GLN B 247 14.49 -19.09 57.28
C GLN B 247 14.90 -20.53 57.51
N PRO B 248 15.87 -20.76 58.40
CA PRO B 248 16.29 -22.14 58.66
C PRO B 248 15.19 -23.11 59.13
N LEU B 249 14.03 -22.58 59.50
CA LEU B 249 12.91 -23.41 59.95
C LEU B 249 11.92 -23.61 58.82
N LEU B 250 11.46 -22.51 58.26
CA LEU B 250 10.53 -22.54 57.15
C LEU B 250 11.10 -23.42 56.04
N ASN B 251 12.27 -23.04 55.58
CA ASN B 251 12.94 -23.71 54.49
C ASN B 251 13.72 -24.96 54.77
N HIS B 252 14.47 -25.01 55.86
CA HIS B 252 15.28 -26.20 56.08
C HIS B 252 15.11 -27.12 57.30
N LEU B 253 13.94 -27.75 57.45
CA LEU B 253 13.72 -28.71 58.53
C LEU B 253 13.54 -30.07 57.87
N SER B 254 14.57 -30.45 57.12
CA SER B 254 14.62 -31.68 56.35
C SER B 254 15.36 -31.57 54.98
N HIS B 255 16.22 -30.54 54.81
CA HIS B 255 17.01 -30.27 53.56
C HIS B 255 18.28 -31.17 53.49
N SER B 256 19.45 -30.61 53.69
CA SER B 256 20.68 -31.40 53.68
C SER B 256 20.90 -31.62 55.17
N TYR B 257 20.46 -30.63 55.94
CA TYR B 257 20.58 -30.70 57.38
C TYR B 257 19.51 -31.57 58.06
N THR B 258 20.03 -32.67 58.58
CA THR B 258 19.32 -33.75 59.28
C THR B 258 18.46 -33.42 60.49
N GLY B 259 17.54 -34.34 60.81
CA GLY B 259 16.66 -34.19 61.95
C GLY B 259 17.45 -33.67 63.12
N GLN B 260 18.76 -33.92 63.07
CA GLN B 260 19.71 -33.50 64.09
C GLN B 260 20.84 -34.49 63.95
N ASP B 261 21.63 -34.30 62.91
CA ASP B 261 22.73 -35.19 62.63
C ASP B 261 23.64 -35.28 63.83
N TYR B 262 24.63 -36.15 63.71
CA TYR B 262 25.62 -36.35 64.75
C TYR B 262 26.98 -36.23 64.07
N SER B 263 27.49 -37.38 63.66
CA SER B 263 28.80 -37.49 63.02
C SER B 263 29.16 -36.27 62.21
N THR B 264 30.05 -35.46 62.77
CA THR B 264 30.53 -34.27 62.10
C THR B 264 32.03 -34.52 61.98
N GLN B 265 32.86 -33.54 62.29
CA GLN B 265 34.30 -33.78 62.16
C GLN B 265 35.02 -34.10 63.48
N GLY B 266 36.33 -34.11 63.40
CA GLY B 266 37.16 -34.41 64.56
C GLY B 266 37.07 -35.89 64.84
N ASN B 267 36.44 -36.22 65.97
CA ASN B 267 36.26 -37.60 66.43
C ASN B 267 37.48 -38.50 66.28
N VAL B 268 37.44 -39.67 66.92
CA VAL B 268 38.56 -40.58 66.87
C VAL B 268 38.27 -41.96 66.29
N GLY B 269 39.35 -42.71 66.04
CA GLY B 269 39.27 -44.05 65.49
C GLY B 269 40.62 -44.43 64.91
N LYS B 270 40.88 -45.71 64.74
CA LYS B 270 42.16 -46.15 64.20
C LYS B 270 41.94 -47.21 63.13
N ILE B 271 42.03 -46.79 61.86
CA ILE B 271 41.84 -47.71 60.72
C ILE B 271 43.11 -48.05 59.97
N SER B 272 43.38 -49.33 59.82
CA SER B 272 44.53 -49.74 59.04
C SER B 272 43.97 -49.65 57.61
N LEU B 273 44.80 -49.82 56.59
CA LEU B 273 44.28 -49.68 55.23
C LEU B 273 43.76 -50.93 54.56
N ASP B 274 44.55 -51.99 54.60
CA ASP B 274 44.18 -53.25 53.95
C ASP B 274 42.95 -53.91 54.55
N GLN B 275 42.24 -53.18 55.42
CA GLN B 275 41.07 -53.74 56.05
C GLN B 275 39.78 -53.19 55.47
N ILE B 276 39.87 -51.97 54.95
CA ILE B 276 38.69 -51.34 54.37
C ILE B 276 37.90 -52.34 53.55
N ASP B 277 38.58 -53.03 52.63
CA ASP B 277 37.93 -54.04 51.79
C ASP B 277 36.94 -54.88 52.61
N LEU B 278 37.44 -55.50 53.67
CA LEU B 278 36.66 -56.35 54.57
C LEU B 278 35.46 -55.58 55.12
N LEU B 279 35.76 -54.43 55.70
CA LEU B 279 34.75 -53.56 56.29
C LEU B 279 33.69 -53.21 55.26
N SER B 280 34.08 -53.26 54.00
CA SER B 280 33.16 -52.94 52.91
C SER B 280 31.98 -53.89 52.91
N THR B 281 32.24 -55.13 53.26
CA THR B 281 31.21 -56.16 53.27
C THR B 281 30.34 -56.09 54.52
N LYS B 282 31.02 -55.90 55.64
CA LYS B 282 30.36 -55.89 56.92
C LYS B 282 30.13 -54.56 57.62
N SER B 283 30.71 -53.48 57.12
CA SER B 283 30.55 -52.20 57.81
C SER B 283 29.83 -51.02 57.10
N PHE B 284 30.39 -50.53 55.99
CA PHE B 284 29.78 -49.41 55.28
C PHE B 284 28.39 -49.85 54.90
N PRO B 285 27.52 -48.89 54.59
CA PRO B 285 26.15 -49.21 54.20
C PRO B 285 26.12 -49.40 52.68
N PRO B 286 24.91 -49.57 52.10
CA PRO B 286 24.80 -49.75 50.65
C PRO B 286 25.57 -48.71 49.83
N CYS B 287 25.20 -47.45 50.06
CA CYS B 287 25.79 -46.32 49.39
C CYS B 287 27.27 -46.48 49.23
N MET B 288 28.04 -46.31 50.30
CA MET B 288 29.49 -46.45 50.19
C MET B 288 29.96 -47.80 49.63
N ARG B 289 29.25 -48.89 49.93
CA ARG B 289 29.67 -50.19 49.41
C ARG B 289 29.84 -50.09 47.91
N GLN B 290 28.88 -49.45 47.27
CA GLN B 290 28.90 -49.26 45.83
C GLN B 290 30.13 -48.50 45.40
N LEU B 291 30.40 -47.40 46.08
CA LEU B 291 31.52 -46.54 45.74
C LEU B 291 32.88 -47.19 45.85
N HIS B 292 33.16 -47.88 46.95
CA HIS B 292 34.46 -48.52 47.04
C HIS B 292 34.63 -49.38 45.79
N LYS B 293 33.73 -50.34 45.59
CA LYS B 293 33.83 -51.23 44.42
C LYS B 293 34.14 -50.40 43.20
N ALA B 294 33.42 -49.31 43.02
CA ALA B 294 33.65 -48.44 41.88
C ALA B 294 35.13 -48.08 41.85
N LEU B 295 35.57 -47.34 42.87
CA LEU B 295 36.96 -46.91 42.94
C LEU B 295 37.99 -48.04 42.86
N ARG B 296 37.60 -49.25 43.22
CA ARG B 296 38.55 -50.35 43.14
C ARG B 296 38.51 -50.96 41.75
N GLU B 297 37.31 -51.14 41.22
CA GLU B 297 37.15 -51.72 39.88
C GLU B 297 37.66 -50.79 38.80
N ASN B 298 37.07 -49.59 38.78
CA ASN B 298 37.37 -48.61 37.76
C ASN B 298 38.60 -47.70 37.99
N HIS B 299 39.25 -47.81 39.14
CA HIS B 299 40.46 -47.00 39.42
C HIS B 299 40.22 -45.48 39.30
N HIS B 300 39.04 -45.00 39.72
CA HIS B 300 38.72 -43.59 39.59
C HIS B 300 37.26 -43.42 39.99
N LEU B 301 36.80 -42.18 40.16
CA LEU B 301 35.42 -41.92 40.54
C LEU B 301 35.03 -40.52 40.12
N ARG B 302 33.80 -40.35 39.64
CA ARG B 302 33.33 -39.03 39.20
C ARG B 302 33.42 -37.97 40.32
N HIS B 303 33.16 -36.72 39.95
CA HIS B 303 33.19 -35.63 40.93
C HIS B 303 32.27 -36.00 42.07
N GLY B 304 30.97 -36.02 41.79
CA GLY B 304 29.99 -36.37 42.81
C GLY B 304 30.46 -37.43 43.78
N GLY B 305 31.19 -38.43 43.29
CA GLY B 305 31.67 -39.51 44.13
C GLY B 305 32.88 -39.25 45.00
N ARG B 306 33.94 -38.67 44.45
CA ARG B 306 35.15 -38.43 45.22
C ARG B 306 34.81 -37.68 46.51
N MET B 307 33.62 -37.09 46.56
CA MET B 307 33.16 -36.33 47.74
C MET B 307 32.30 -37.14 48.75
N GLN B 308 31.27 -37.81 48.27
CA GLN B 308 30.43 -38.59 49.16
C GLN B 308 31.37 -39.46 49.97
N TYR B 309 31.97 -40.45 49.29
CA TYR B 309 32.90 -41.36 49.95
C TYR B 309 34.10 -40.59 50.53
N GLY B 310 34.79 -39.80 49.72
CA GLY B 310 35.92 -39.04 50.21
C GLY B 310 35.72 -38.58 51.66
N LEU B 311 34.71 -37.75 51.90
CA LEU B 311 34.40 -37.26 53.25
C LEU B 311 34.26 -38.43 54.18
N PHE B 312 33.09 -39.05 54.08
CA PHE B 312 32.76 -40.23 54.86
C PHE B 312 34.02 -40.96 55.36
N LEU B 313 35.06 -41.02 54.54
CA LEU B 313 36.29 -41.70 54.93
C LEU B 313 37.02 -40.98 56.05
N LYS B 314 36.99 -39.65 56.05
CA LYS B 314 37.65 -38.90 57.11
C LYS B 314 36.82 -39.09 58.38
N GLY B 315 35.50 -39.08 58.19
CA GLY B 315 34.57 -39.24 59.29
C GLY B 315 34.74 -40.56 60.00
N ILE B 316 35.09 -41.60 59.26
CA ILE B 316 35.29 -42.86 59.91
C ILE B 316 36.65 -42.69 60.58
N GLY B 317 37.34 -41.61 60.25
CA GLY B 317 38.62 -41.36 60.89
C GLY B 317 39.89 -41.39 60.05
N LEU B 318 39.77 -41.35 58.75
CA LEU B 318 40.98 -41.37 57.95
C LEU B 318 41.88 -40.22 58.38
N THR B 319 43.14 -40.34 58.00
CA THR B 319 44.15 -39.34 58.31
C THR B 319 44.51 -38.59 57.03
N LEU B 320 44.97 -37.36 57.15
CA LEU B 320 45.34 -36.60 55.98
C LEU B 320 46.24 -37.47 55.14
N GLU B 321 47.35 -37.89 55.74
CA GLU B 321 48.33 -38.74 55.07
C GLU B 321 47.66 -39.88 54.32
N GLN B 322 46.90 -40.68 55.07
CA GLN B 322 46.22 -41.83 54.50
C GLN B 322 45.32 -41.48 53.32
N ALA B 323 44.42 -40.50 53.50
CA ALA B 323 43.51 -40.12 52.42
C ALA B 323 44.27 -40.02 51.10
N LEU B 324 45.29 -39.16 51.07
CA LEU B 324 46.11 -38.98 49.86
C LEU B 324 46.57 -40.35 49.42
N GLN B 325 47.21 -41.04 50.36
CA GLN B 325 47.70 -42.38 50.10
C GLN B 325 46.60 -43.15 49.37
N PHE B 326 45.48 -43.32 50.06
CA PHE B 326 44.34 -44.06 49.52
C PHE B 326 44.11 -43.79 48.06
N TRP B 327 43.61 -42.60 47.79
CA TRP B 327 43.30 -42.20 46.42
C TRP B 327 44.49 -42.26 45.48
N LYS B 328 45.57 -41.55 45.82
CA LYS B 328 46.77 -41.54 44.99
C LYS B 328 47.02 -42.93 44.41
N GLN B 329 47.46 -43.85 45.26
CA GLN B 329 47.75 -45.20 44.82
C GLN B 329 46.54 -45.86 44.16
N GLU B 330 45.35 -45.35 44.44
CA GLU B 330 44.14 -45.90 43.84
C GLU B 330 43.81 -45.17 42.55
N PHE B 331 44.63 -44.18 42.22
CA PHE B 331 44.44 -43.41 40.99
C PHE B 331 45.59 -43.74 40.03
N ILE B 332 46.67 -44.30 40.59
CA ILE B 332 47.85 -44.68 39.82
C ILE B 332 47.68 -46.07 39.18
N LYS B 333 46.73 -46.84 39.71
CA LYS B 333 46.41 -48.16 39.15
C LYS B 333 45.54 -47.84 37.93
N GLY B 334 45.06 -46.59 37.89
CA GLY B 334 44.25 -46.10 36.79
C GLY B 334 45.17 -45.52 35.74
N LYS B 335 46.45 -45.83 35.93
CA LYS B 335 47.55 -45.42 35.05
C LYS B 335 47.65 -43.91 34.79
N MET B 336 47.52 -43.11 35.86
CA MET B 336 47.64 -41.65 35.71
C MET B 336 49.09 -41.20 35.95
N ASP B 337 49.30 -39.89 35.84
CA ASP B 337 50.61 -39.28 36.06
C ASP B 337 50.72 -38.99 37.55
N PRO B 338 51.66 -39.64 38.25
CA PRO B 338 51.82 -39.41 39.69
C PRO B 338 51.86 -37.91 40.01
N ASP B 339 52.44 -37.16 39.09
CA ASP B 339 52.54 -35.73 39.28
C ASP B 339 51.24 -35.02 38.99
N LYS B 340 50.44 -35.57 38.08
CA LYS B 340 49.17 -34.93 37.75
C LYS B 340 48.15 -35.01 38.90
N PHE B 341 48.29 -36.03 39.75
CA PHE B 341 47.40 -36.19 40.90
C PHE B 341 47.58 -34.94 41.74
N ASP B 342 48.79 -34.79 42.29
CA ASP B 342 49.11 -33.64 43.10
C ASP B 342 48.54 -32.41 42.43
N LYS B 343 49.02 -32.11 41.24
CA LYS B 343 48.57 -30.94 40.52
C LYS B 343 47.04 -30.82 40.39
N GLY B 344 46.33 -31.94 40.36
CA GLY B 344 44.90 -31.86 40.22
C GLY B 344 44.02 -32.34 41.36
N TYR B 345 44.46 -33.33 42.11
CA TYR B 345 43.65 -33.87 43.22
C TYR B 345 44.17 -33.54 44.61
N SER B 346 45.49 -33.56 44.77
CA SER B 346 46.11 -33.26 46.05
C SER B 346 45.42 -32.03 46.62
N TYR B 347 45.36 -30.97 45.84
CA TYR B 347 44.73 -29.73 46.28
C TYR B 347 43.42 -29.95 47.00
N ASN B 348 42.40 -30.38 46.28
CA ASN B 348 41.11 -30.58 46.88
C ASN B 348 41.19 -31.44 48.15
N ILE B 349 41.85 -32.59 48.07
CA ILE B 349 41.96 -33.49 49.22
C ILE B 349 42.58 -32.87 50.48
N ARG B 350 43.55 -31.95 50.32
CA ARG B 350 44.19 -31.30 51.47
C ARG B 350 43.20 -30.35 52.13
N HIS B 351 42.40 -29.69 51.29
CA HIS B 351 41.39 -28.76 51.76
C HIS B 351 40.42 -29.54 52.67
N SER B 352 39.68 -30.47 52.05
CA SER B 352 38.73 -31.32 52.75
C SER B 352 38.96 -31.40 54.26
N PHE B 353 40.02 -32.14 54.64
CA PHE B 353 40.39 -32.31 56.04
C PHE B 353 40.42 -30.96 56.74
N GLY B 354 41.48 -30.21 56.42
CA GLY B 354 41.76 -28.92 57.01
C GLY B 354 40.74 -27.86 57.33
N LYS B 355 41.13 -26.64 56.95
CA LYS B 355 40.42 -25.38 57.18
C LYS B 355 39.01 -25.02 56.69
N GLU B 356 38.78 -23.71 56.70
CA GLU B 356 37.53 -23.07 56.33
C GLU B 356 36.97 -23.37 54.95
N GLY B 357 35.87 -22.69 54.63
CA GLY B 357 35.19 -22.85 53.36
C GLY B 357 34.36 -24.10 53.44
N LYS B 358 33.95 -24.40 54.66
CA LYS B 358 33.21 -25.60 55.01
C LYS B 358 31.68 -25.58 54.83
N ARG B 359 31.08 -26.73 55.12
CA ARG B 359 29.65 -26.97 55.05
C ARG B 359 29.36 -27.83 53.85
N THR B 360 30.40 -28.20 53.14
CA THR B 360 30.26 -29.05 51.96
C THR B 360 31.63 -29.51 51.53
N ASP B 361 32.58 -29.46 52.45
CA ASP B 361 33.94 -29.87 52.15
C ASP B 361 34.54 -30.54 53.37
N TYR B 362 33.73 -30.64 54.42
CA TYR B 362 34.20 -31.24 55.64
C TYR B 362 33.04 -31.90 56.33
N THR B 363 31.82 -31.58 55.91
CA THR B 363 30.58 -32.11 56.49
C THR B 363 30.13 -33.47 55.96
N PRO B 364 30.85 -34.58 56.28
CA PRO B 364 30.38 -35.86 55.75
C PRO B 364 28.88 -35.92 55.59
N PHE B 365 28.54 -36.16 54.35
CA PHE B 365 27.18 -36.21 53.90
C PHE B 365 26.24 -36.87 54.87
N SER B 366 25.11 -36.22 55.06
CA SER B 366 24.09 -36.75 55.90
C SER B 366 23.36 -37.68 54.95
N CYS B 367 22.48 -38.51 55.48
CA CYS B 367 21.73 -39.38 54.62
C CYS B 367 20.68 -38.53 53.94
N LEU B 368 19.86 -37.84 54.71
CA LEU B 368 18.85 -37.06 54.06
C LEU B 368 19.49 -36.27 52.94
N LYS B 369 20.77 -35.99 53.08
CA LYS B 369 21.50 -35.29 52.02
C LYS B 369 21.54 -36.22 50.81
N ILE B 370 22.47 -37.18 50.85
CA ILE B 370 22.65 -38.12 49.75
C ILE B 370 21.36 -38.54 49.09
N ILE B 371 20.25 -38.29 49.75
CA ILE B 371 18.98 -38.67 49.18
C ILE B 371 18.29 -37.59 48.41
N LEU B 372 18.45 -36.33 48.78
CA LEU B 372 17.73 -35.29 48.06
C LEU B 372 18.48 -34.31 47.13
N SER B 373 19.81 -34.39 47.10
CA SER B 373 20.63 -33.53 46.25
C SER B 373 21.49 -34.38 45.34
N ASN B 374 22.03 -33.78 44.28
CA ASN B 374 22.90 -34.48 43.36
C ASN B 374 22.54 -35.91 42.91
N PRO B 375 21.31 -36.13 42.43
CA PRO B 375 21.07 -37.52 42.03
C PRO B 375 22.19 -37.97 41.09
N PRO B 376 22.25 -39.25 40.77
CA PRO B 376 23.34 -39.64 39.87
C PRO B 376 22.89 -39.96 38.43
N SER B 377 23.84 -39.80 37.51
CA SER B 377 23.62 -40.05 36.08
C SER B 377 24.45 -41.24 35.65
N GLN B 378 24.34 -41.63 34.38
CA GLN B 378 25.14 -42.75 33.86
C GLN B 378 26.61 -42.39 34.05
N GLY B 379 27.33 -43.24 34.77
CA GLY B 379 28.74 -42.99 35.06
C GLY B 379 28.99 -42.73 36.54
N ASP B 380 27.94 -42.28 37.23
CA ASP B 380 27.98 -41.98 38.66
C ASP B 380 27.51 -43.15 39.51
N TYR B 381 28.23 -43.39 40.60
CA TYR B 381 27.87 -44.47 41.50
C TYR B 381 27.62 -43.96 42.92
N HIS B 382 27.38 -42.65 43.04
CA HIS B 382 27.11 -42.04 44.33
C HIS B 382 25.60 -42.01 44.60
N GLY B 383 25.18 -41.30 45.64
CA GLY B 383 23.77 -41.22 45.95
C GLY B 383 23.34 -42.43 46.74
N CYS B 384 22.06 -42.50 47.10
CA CYS B 384 21.54 -43.63 47.86
C CYS B 384 20.94 -44.67 46.97
N PRO B 385 21.36 -45.92 47.15
CA PRO B 385 20.81 -46.99 46.32
C PRO B 385 19.30 -47.08 46.56
N PHE B 386 18.92 -47.47 47.78
CA PHE B 386 17.52 -47.63 48.14
C PHE B 386 16.64 -46.60 47.52
N ARG B 387 17.21 -45.44 47.21
CA ARG B 387 16.42 -44.38 46.61
C ARG B 387 16.59 -44.33 45.12
N HIS B 388 17.82 -44.09 44.72
CA HIS B 388 18.22 -43.92 43.32
C HIS B 388 18.31 -45.13 42.35
N SER B 389 18.71 -46.29 42.83
CA SER B 389 18.78 -47.46 41.94
C SER B 389 17.35 -47.94 41.67
N ASP B 390 17.11 -48.43 40.47
CA ASP B 390 15.77 -48.90 40.12
C ASP B 390 15.43 -50.27 40.72
N PRO B 391 14.17 -50.47 41.04
CA PRO B 391 13.70 -51.73 41.63
C PRO B 391 14.50 -52.99 41.25
N GLU B 392 14.34 -53.46 40.00
CA GLU B 392 15.03 -54.66 39.53
C GLU B 392 16.53 -54.63 39.80
N LEU B 393 17.21 -53.61 39.29
CA LEU B 393 18.64 -53.56 39.50
C LEU B 393 18.91 -53.71 40.99
N LEU B 394 18.20 -52.94 41.81
CA LEU B 394 18.42 -53.02 43.24
C LEU B 394 18.27 -54.46 43.65
N LYS B 395 17.18 -55.07 43.20
CA LYS B 395 16.90 -56.47 43.49
C LYS B 395 18.16 -57.30 43.19
N GLN B 396 18.71 -57.09 42.00
CA GLN B 396 19.91 -57.80 41.55
C GLN B 396 21.10 -57.49 42.44
N LYS B 397 21.18 -56.25 42.91
CA LYS B 397 22.25 -55.84 43.80
C LYS B 397 22.17 -56.54 45.14
N LEU B 398 21.04 -56.35 45.81
CA LEU B 398 20.77 -56.94 47.14
C LEU B 398 20.96 -58.45 47.24
N GLN B 399 20.74 -59.14 46.12
CA GLN B 399 20.90 -60.57 46.15
C GLN B 399 22.39 -60.93 46.25
N SER B 400 23.25 -60.09 45.68
CA SER B 400 24.70 -60.31 45.73
C SER B 400 25.20 -60.18 47.16
N TYR B 401 24.49 -59.39 47.95
CA TYR B 401 24.81 -59.16 49.35
C TYR B 401 24.31 -60.33 50.16
N LYS B 402 23.55 -61.20 49.50
CA LYS B 402 22.98 -62.38 50.11
C LYS B 402 21.96 -62.05 51.19
N ILE B 403 20.88 -61.42 50.77
CA ILE B 403 19.80 -61.04 51.69
C ILE B 403 18.57 -61.87 51.41
N SER B 404 18.16 -62.67 52.38
CA SER B 404 16.97 -63.51 52.24
C SER B 404 15.96 -62.95 51.23
N PRO B 405 15.63 -63.75 50.22
CA PRO B 405 14.68 -63.35 49.17
C PRO B 405 13.34 -62.86 49.75
N GLY B 406 13.03 -63.32 50.95
CA GLY B 406 11.81 -62.88 51.60
C GLY B 406 12.21 -61.58 52.25
N GLY B 407 13.46 -61.52 52.68
CA GLY B 407 13.98 -60.32 53.31
C GLY B 407 13.96 -59.23 52.28
N ILE B 408 14.58 -59.50 51.15
CA ILE B 408 14.59 -58.50 50.12
C ILE B 408 13.14 -58.06 49.90
N SER B 409 12.20 -58.97 50.09
CA SER B 409 10.78 -58.65 49.91
C SER B 409 10.31 -57.51 50.80
N GLN B 410 10.89 -57.39 51.99
CA GLN B 410 10.52 -56.33 52.92
C GLN B 410 11.12 -55.02 52.43
N ILE B 411 12.44 -54.98 52.37
CA ILE B 411 13.16 -53.81 51.91
C ILE B 411 12.46 -53.04 50.79
N LEU B 412 12.26 -53.71 49.67
CA LEU B 412 11.61 -53.05 48.56
C LEU B 412 10.22 -52.57 48.93
N ASP B 413 9.51 -53.28 49.82
CA ASP B 413 8.15 -52.87 50.25
C ASP B 413 8.30 -51.45 50.83
N LEU B 414 9.43 -51.27 51.48
CA LEU B 414 9.76 -50.01 52.11
C LEU B 414 10.08 -49.02 51.01
N VAL B 415 11.13 -49.33 50.25
CA VAL B 415 11.52 -48.44 49.17
C VAL B 415 10.28 -47.94 48.43
N LYS B 416 9.24 -48.75 48.37
CA LYS B 416 8.03 -48.31 47.68
C LYS B 416 7.30 -47.29 48.52
N GLY B 417 7.53 -47.32 49.82
CA GLY B 417 6.90 -46.34 50.69
C GLY B 417 7.70 -45.03 50.72
N THR B 418 8.97 -45.12 50.36
CA THR B 418 9.92 -43.99 50.31
C THR B 418 10.75 -43.86 51.61
N HIS B 419 10.56 -44.82 52.52
CA HIS B 419 11.24 -44.81 53.80
C HIS B 419 12.62 -45.34 53.61
N TYR B 420 13.29 -44.77 52.64
CA TYR B 420 14.63 -45.17 52.22
C TYR B 420 15.69 -45.64 53.22
N GLN B 421 16.07 -44.83 54.18
CA GLN B 421 17.06 -45.31 55.13
C GLN B 421 16.48 -46.46 56.03
N VAL B 422 15.18 -46.39 56.36
CA VAL B 422 14.53 -47.42 57.16
C VAL B 422 14.95 -48.76 56.59
N ALA B 423 14.97 -48.80 55.27
CA ALA B 423 15.34 -49.99 54.53
C ALA B 423 16.78 -50.28 54.87
N CYS B 424 17.61 -49.25 54.78
CA CYS B 424 19.00 -49.43 55.11
C CYS B 424 19.04 -50.10 56.47
N GLN B 425 18.15 -49.64 57.35
CA GLN B 425 18.06 -50.21 58.68
C GLN B 425 17.82 -51.70 58.51
N LYS B 426 16.69 -52.03 57.92
CA LYS B 426 16.34 -53.41 57.69
C LYS B 426 17.54 -54.18 57.15
N TYR B 427 18.39 -53.51 56.40
CA TYR B 427 19.57 -54.18 55.88
C TYR B 427 20.64 -54.33 56.96
N PHE B 428 20.75 -53.33 57.81
CA PHE B 428 21.73 -53.37 58.90
C PHE B 428 21.53 -54.63 59.70
N GLU B 429 20.29 -54.77 60.15
CA GLU B 429 19.88 -55.90 60.95
C GLU B 429 20.28 -57.22 60.33
N MET B 430 19.87 -57.43 59.10
CA MET B 430 20.16 -58.70 58.46
C MET B 430 21.65 -59.03 58.27
N ILE B 431 22.46 -58.08 57.78
CA ILE B 431 23.88 -58.35 57.57
C ILE B 431 24.58 -58.57 58.90
N HIS B 432 23.96 -58.01 59.95
CA HIS B 432 24.48 -58.08 61.31
C HIS B 432 23.81 -59.11 62.21
N ASN B 433 22.68 -59.64 61.77
CA ASN B 433 21.96 -60.65 62.55
C ASN B 433 21.43 -60.12 63.91
N VAL B 434 20.21 -59.58 63.92
CA VAL B 434 19.54 -59.08 65.13
C VAL B 434 18.09 -58.77 64.78
N ASP B 435 17.25 -58.53 65.78
CA ASP B 435 15.86 -58.24 65.49
C ASP B 435 15.62 -56.76 65.46
N ASP B 436 16.49 -56.04 66.15
CA ASP B 436 16.41 -54.57 66.17
C ASP B 436 17.80 -53.99 66.36
N CYS B 437 18.22 -53.18 65.39
CA CYS B 437 19.53 -52.53 65.40
C CYS B 437 19.74 -51.76 66.68
N GLY B 438 18.66 -51.12 67.12
CA GLY B 438 18.73 -50.35 68.34
C GLY B 438 19.05 -48.87 68.15
N PHE B 439 18.39 -48.24 67.18
CA PHE B 439 18.57 -46.81 66.89
C PHE B 439 17.97 -46.44 65.53
N SER B 440 17.65 -45.18 65.34
CA SER B 440 17.08 -44.78 64.07
C SER B 440 18.16 -44.13 63.24
N LEU B 441 18.53 -44.78 62.13
CA LEU B 441 19.59 -44.29 61.27
C LEU B 441 19.25 -43.02 60.53
N ASN B 442 20.29 -42.27 60.23
CA ASN B 442 20.15 -41.03 59.49
C ASN B 442 21.52 -40.49 59.03
N HIS B 443 22.50 -41.37 58.88
CA HIS B 443 23.80 -40.96 58.37
C HIS B 443 24.82 -42.05 58.23
N PRO B 444 25.40 -42.22 57.03
CA PRO B 444 26.40 -43.27 56.81
C PRO B 444 27.39 -43.55 57.93
N ASN B 445 28.31 -42.65 58.25
CA ASN B 445 29.26 -42.97 59.33
C ASN B 445 28.61 -43.63 60.54
N GLN B 446 27.51 -43.04 61.00
CA GLN B 446 26.77 -43.58 62.13
C GLN B 446 26.58 -45.06 61.82
N PHE B 447 25.93 -45.35 60.71
CA PHE B 447 25.72 -46.73 60.32
C PHE B 447 27.07 -47.39 60.26
N PHE B 448 28.13 -46.63 60.14
CA PHE B 448 29.43 -47.26 60.11
C PHE B 448 29.76 -47.73 61.50
N CYS B 449 29.68 -46.81 62.45
CA CYS B 449 30.00 -47.09 63.87
C CYS B 449 29.18 -48.22 64.54
N GLU B 450 27.85 -48.14 64.46
CA GLU B 450 27.02 -49.17 65.05
C GLU B 450 27.56 -50.51 64.61
N SER B 451 27.89 -50.59 63.34
CA SER B 451 28.44 -51.80 62.71
C SER B 451 29.79 -52.12 63.37
N GLN B 452 30.35 -51.15 64.08
CA GLN B 452 31.61 -51.36 64.77
C GLN B 452 31.40 -51.71 66.24
N ARG B 453 30.40 -51.08 66.85
CA ARG B 453 30.07 -51.36 68.25
C ARG B 453 29.79 -52.85 68.28
N ILE B 454 29.05 -53.28 67.27
CA ILE B 454 28.70 -54.66 67.13
C ILE B 454 29.95 -55.47 66.73
N LEU B 455 30.92 -54.81 66.11
CA LEU B 455 32.20 -55.43 65.71
C LEU B 455 32.15 -56.49 64.61
N GLU C 4 -31.52 13.35 6.17
CA GLU C 4 -31.36 14.79 5.77
C GLU C 4 -30.02 15.08 5.09
N GLN C 5 -28.93 14.84 5.82
CA GLN C 5 -27.58 15.08 5.32
C GLN C 5 -26.64 14.40 6.32
N VAL C 6 -25.51 13.89 5.84
CA VAL C 6 -24.60 13.20 6.75
C VAL C 6 -23.30 12.76 6.09
N PHE C 7 -22.24 12.66 6.89
CA PHE C 7 -20.95 12.26 6.36
C PHE C 7 -20.20 11.26 7.26
N HIS C 8 -19.38 10.42 6.64
CA HIS C 8 -18.59 9.38 7.34
C HIS C 8 -17.15 9.81 7.59
N PHE C 9 -16.49 9.21 8.59
CA PHE C 9 -15.09 9.53 8.88
C PHE C 9 -14.50 8.69 9.99
N TYR C 10 -13.34 8.10 9.71
CA TYR C 10 -12.64 7.23 10.62
C TYR C 10 -11.80 8.08 11.53
N TRP C 11 -12.04 8.03 12.84
CA TRP C 11 -11.27 8.86 13.76
C TRP C 11 -9.95 8.25 14.26
N LEU C 12 -9.34 8.86 15.26
CA LEU C 12 -8.05 8.39 15.79
C LEU C 12 -7.77 8.78 17.24
N ASP C 13 -7.78 10.08 17.48
CA ASP C 13 -7.53 10.65 18.79
C ASP C 13 -8.74 11.56 19.15
N ALA C 14 -8.65 12.28 20.26
CA ALA C 14 -9.73 13.16 20.66
C ALA C 14 -9.22 14.07 21.76
N TYR C 15 -10.12 14.88 22.31
CA TYR C 15 -9.71 15.81 23.33
C TYR C 15 -10.91 16.59 23.89
N GLU C 16 -10.84 16.86 25.18
CA GLU C 16 -11.87 17.61 25.83
C GLU C 16 -11.25 18.68 26.70
N ASP C 17 -11.84 19.85 26.64
CA ASP C 17 -11.41 21.01 27.40
C ASP C 17 -12.52 21.21 28.47
N GLN C 18 -12.36 20.57 29.63
CA GLN C 18 -13.34 20.68 30.71
C GLN C 18 -13.37 22.13 31.19
N TYR C 19 -12.20 22.58 31.65
CA TYR C 19 -11.97 23.93 32.14
C TYR C 19 -12.68 24.94 31.21
N ASN C 20 -12.15 25.10 30.01
CA ASN C 20 -12.68 26.04 29.01
C ASN C 20 -14.00 25.63 28.31
N GLN C 21 -14.01 24.48 27.63
CA GLN C 21 -15.20 24.04 26.92
C GLN C 21 -15.77 22.68 27.34
N PRO C 22 -16.49 22.69 28.46
CA PRO C 22 -17.09 21.46 28.98
C PRO C 22 -18.27 21.05 28.11
N GLY C 23 -18.66 19.78 28.21
CA GLY C 23 -19.78 19.30 27.42
C GLY C 23 -19.46 19.32 25.95
N VAL C 24 -18.17 19.27 25.65
CA VAL C 24 -17.73 19.25 24.26
C VAL C 24 -16.40 18.53 24.10
N VAL C 25 -16.36 17.64 23.12
CA VAL C 25 -15.14 16.91 22.85
C VAL C 25 -14.86 16.93 21.38
N PHE C 26 -13.58 16.97 21.07
CA PHE C 26 -13.14 17.02 19.71
C PHE C 26 -12.65 15.65 19.21
N LEU C 27 -13.17 15.22 18.06
CA LEU C 27 -12.79 13.94 17.45
C LEU C 27 -11.99 14.20 16.19
N PHE C 28 -10.69 13.89 16.23
CA PHE C 28 -9.84 14.07 15.06
C PHE C 28 -9.81 12.79 14.26
N GLY C 29 -9.50 12.89 12.98
CA GLY C 29 -9.47 11.67 12.20
C GLY C 29 -9.13 11.84 10.74
N LYS C 30 -10.00 11.32 9.90
CA LYS C 30 -9.77 11.40 8.50
C LYS C 30 -11.06 11.17 7.73
N VAL C 31 -11.19 11.94 6.65
CA VAL C 31 -12.33 11.89 5.75
C VAL C 31 -11.81 11.73 4.32
N TRP C 32 -12.64 11.15 3.46
CA TRP C 32 -12.24 10.94 2.09
C TRP C 32 -12.92 11.93 1.18
N ILE C 33 -12.18 12.43 0.20
CA ILE C 33 -12.74 13.39 -0.75
C ILE C 33 -12.42 13.10 -2.22
N GLU C 34 -13.46 12.69 -2.95
CA GLU C 34 -13.34 12.37 -4.38
C GLU C 34 -12.49 13.45 -5.05
N SER C 35 -12.91 14.70 -4.89
CA SER C 35 -12.23 15.83 -5.48
C SER C 35 -10.70 15.77 -5.41
N ALA C 36 -10.16 15.05 -4.44
CA ALA C 36 -8.72 15.00 -4.32
C ALA C 36 -8.05 13.64 -4.47
N GLU C 37 -8.85 12.57 -4.55
CA GLU C 37 -8.31 11.21 -4.68
C GLU C 37 -7.27 10.78 -3.62
N THR C 38 -7.49 11.25 -2.37
CA THR C 38 -6.69 10.96 -1.15
C THR C 38 -7.45 11.55 0.05
N HIS C 39 -7.32 10.97 1.26
CA HIS C 39 -8.05 11.50 2.41
C HIS C 39 -7.31 12.67 3.09
N VAL C 40 -8.06 13.48 3.84
CA VAL C 40 -7.47 14.62 4.56
C VAL C 40 -7.80 14.58 6.03
N SER C 41 -6.98 15.27 6.82
CA SER C 41 -7.22 15.36 8.23
C SER C 41 -8.67 15.80 8.34
N CYS C 42 -9.25 15.71 9.53
CA CYS C 42 -10.65 16.06 9.63
C CYS C 42 -11.13 16.14 11.05
N CYS C 43 -11.57 17.31 11.48
CA CYS C 43 -12.07 17.40 12.84
C CYS C 43 -13.55 17.61 12.96
N VAL C 44 -14.15 16.93 13.94
CA VAL C 44 -15.57 17.07 14.20
C VAL C 44 -15.78 17.42 15.65
N MET C 45 -16.65 18.38 15.88
CA MET C 45 -16.93 18.79 17.24
C MET C 45 -18.25 18.20 17.71
N VAL C 46 -18.25 17.77 18.98
CA VAL C 46 -19.41 17.17 19.63
C VAL C 46 -19.81 18.03 20.81
N LYS C 47 -20.97 18.66 20.71
CA LYS C 47 -21.44 19.52 21.78
C LYS C 47 -22.65 18.91 22.44
N ASN C 48 -22.97 19.44 23.62
CA ASN C 48 -24.10 18.99 24.41
C ASN C 48 -23.98 17.54 24.88
N ILE C 49 -22.98 17.30 25.72
CA ILE C 49 -22.73 15.98 26.28
C ILE C 49 -23.06 16.10 27.76
N GLU C 50 -24.34 15.89 28.07
CA GLU C 50 -24.86 16.01 29.44
C GLU C 50 -24.22 15.15 30.51
N ARG C 51 -23.88 15.77 31.64
CA ARG C 51 -23.32 15.04 32.78
C ARG C 51 -24.49 14.14 33.18
N THR C 52 -24.22 12.88 33.52
CA THR C 52 -25.28 12.01 33.95
C THR C 52 -24.92 11.59 35.35
N LEU C 53 -25.89 11.72 36.26
CA LEU C 53 -25.69 11.36 37.67
C LEU C 53 -26.71 10.38 38.21
N TYR C 54 -26.29 9.64 39.24
CA TYR C 54 -27.10 8.61 39.90
C TYR C 54 -27.23 8.81 41.41
N PHE C 55 -28.46 8.98 41.88
CA PHE C 55 -28.68 9.14 43.30
C PHE C 55 -29.22 7.86 43.95
N LEU C 56 -28.57 7.48 45.04
CA LEU C 56 -28.87 6.27 45.83
C LEU C 56 -29.93 6.56 46.90
N PRO C 57 -31.22 6.28 46.60
CA PRO C 57 -32.27 6.54 47.59
C PRO C 57 -32.01 5.78 48.86
N ARG C 58 -32.40 6.36 49.99
CA ARG C 58 -32.24 5.69 51.29
C ARG C 58 -33.50 4.83 51.56
N GLU C 59 -33.43 3.95 52.54
CA GLU C 59 -34.57 3.10 52.85
C GLU C 59 -35.53 3.83 53.76
N MET C 60 -34.99 4.83 54.46
CA MET C 60 -35.78 5.66 55.37
C MET C 60 -35.25 7.10 55.38
N LYS C 61 -36.16 8.06 55.32
CA LYS C 61 -35.80 9.48 55.34
C LYS C 61 -35.08 9.77 56.66
N ILE C 62 -33.96 10.48 56.59
CA ILE C 62 -33.19 10.79 57.79
C ILE C 62 -32.92 12.29 57.99
N ASP C 63 -32.93 12.71 59.25
CA ASP C 63 -32.64 14.10 59.57
C ASP C 63 -31.12 14.15 59.69
N LEU C 64 -30.45 14.36 58.54
CA LEU C 64 -28.99 14.40 58.46
C LEU C 64 -28.27 15.19 59.55
N ASN C 65 -28.95 16.18 60.13
CA ASN C 65 -28.37 17.00 61.19
C ASN C 65 -28.01 16.16 62.42
N THR C 66 -29.02 15.57 63.05
CA THR C 66 -28.81 14.72 64.21
C THR C 66 -28.31 13.36 63.73
N GLY C 67 -29.03 12.80 62.76
CA GLY C 67 -28.66 11.51 62.21
C GLY C 67 -29.66 10.39 62.36
N LYS C 68 -30.95 10.71 62.45
CA LYS C 68 -31.95 9.65 62.58
C LYS C 68 -33.27 9.81 61.82
N GLU C 69 -33.86 8.66 61.53
CA GLU C 69 -35.11 8.52 60.81
C GLU C 69 -36.23 9.41 61.28
N THR C 70 -37.27 9.48 60.45
CA THR C 70 -38.45 10.29 60.74
C THR C 70 -39.69 9.42 60.61
N GLY C 71 -39.50 8.11 60.48
CA GLY C 71 -40.62 7.19 60.37
C GLY C 71 -41.29 7.12 59.01
N THR C 72 -40.79 7.92 58.07
CA THR C 72 -41.33 7.97 56.72
C THR C 72 -40.44 7.24 55.70
N PRO C 73 -40.94 6.12 55.12
CA PRO C 73 -40.20 5.33 54.12
C PRO C 73 -39.89 6.17 52.89
N ILE C 74 -38.83 5.82 52.17
CA ILE C 74 -38.46 6.59 50.99
C ILE C 74 -38.96 6.04 49.67
N SER C 75 -39.27 6.96 48.77
CA SER C 75 -39.73 6.64 47.42
C SER C 75 -38.90 7.54 46.50
N MET C 76 -38.98 7.31 45.20
CA MET C 76 -38.20 8.13 44.27
C MET C 76 -38.67 9.58 44.31
N LYS C 77 -39.99 9.81 44.32
CA LYS C 77 -40.55 11.16 44.34
C LYS C 77 -39.94 11.94 45.51
N ASP C 78 -39.58 11.21 46.55
CA ASP C 78 -38.98 11.79 47.73
C ASP C 78 -37.63 12.40 47.33
N VAL C 79 -36.75 11.57 46.80
CA VAL C 79 -35.43 12.01 46.37
C VAL C 79 -35.52 13.15 45.37
N TYR C 80 -36.33 12.94 44.33
CA TYR C 80 -36.51 13.93 43.28
C TYR C 80 -36.63 15.31 43.90
N GLU C 81 -37.68 15.50 44.68
CA GLU C 81 -37.98 16.78 45.31
C GLU C 81 -36.90 17.30 46.26
N GLU C 82 -35.96 16.44 46.63
CA GLU C 82 -34.89 16.87 47.51
C GLU C 82 -33.81 17.56 46.67
N PHE C 83 -33.68 17.06 45.45
CA PHE C 83 -32.71 17.61 44.52
C PHE C 83 -33.32 18.85 43.90
N ASP C 84 -34.49 18.66 43.31
CA ASP C 84 -35.27 19.71 42.68
C ASP C 84 -35.31 20.97 43.54
N GLU C 85 -35.58 20.80 44.83
CA GLU C 85 -35.72 21.93 45.74
C GLU C 85 -34.56 22.30 46.69
N LYS C 86 -33.82 21.32 47.20
CA LYS C 86 -32.73 21.61 48.15
C LYS C 86 -31.30 21.49 47.64
N ILE C 87 -31.07 20.66 46.63
CA ILE C 87 -29.71 20.51 46.12
C ILE C 87 -29.54 21.32 44.84
N ALA C 88 -30.55 21.29 43.97
CA ALA C 88 -30.51 22.02 42.70
C ALA C 88 -30.18 23.50 42.89
N THR C 89 -31.01 24.20 43.64
CA THR C 89 -30.80 25.61 43.88
C THR C 89 -29.44 25.89 44.52
N LYS C 90 -29.19 25.30 45.69
CA LYS C 90 -27.91 25.51 46.39
C LYS C 90 -26.69 25.45 45.48
N TYR C 91 -26.77 24.65 44.42
CA TYR C 91 -25.65 24.50 43.50
C TYR C 91 -25.83 25.05 42.10
N LYS C 92 -26.86 25.87 41.90
CA LYS C 92 -27.13 26.51 40.61
C LYS C 92 -27.41 25.56 39.44
N ILE C 93 -28.61 24.99 39.44
CA ILE C 93 -29.05 24.09 38.38
C ILE C 93 -30.49 24.46 38.02
N MET C 94 -30.64 25.07 36.87
CA MET C 94 -31.93 25.54 36.40
C MET C 94 -32.79 24.48 35.74
N LYS C 95 -32.27 23.84 34.70
CA LYS C 95 -33.03 22.79 34.04
C LYS C 95 -32.24 21.47 34.11
N PHE C 96 -32.95 20.37 33.94
CA PHE C 96 -32.33 19.05 34.04
C PHE C 96 -33.30 17.93 33.61
N LYS C 97 -32.78 16.71 33.60
CA LYS C 97 -33.55 15.52 33.26
C LYS C 97 -33.45 14.50 34.39
N SER C 98 -34.59 14.02 34.89
CA SER C 98 -34.59 13.04 35.97
C SER C 98 -35.44 11.84 35.57
N LYS C 99 -34.88 10.65 35.70
CA LYS C 99 -35.60 9.43 35.35
C LYS C 99 -35.27 8.29 36.30
N PRO C 100 -36.30 7.61 36.82
CA PRO C 100 -36.01 6.51 37.74
C PRO C 100 -35.58 5.28 36.92
N VAL C 101 -34.49 4.63 37.33
CA VAL C 101 -33.99 3.45 36.62
C VAL C 101 -33.27 2.42 37.48
N GLU C 102 -33.31 1.17 37.00
CA GLU C 102 -32.70 0.04 37.66
C GLU C 102 -31.23 -0.06 37.27
N LYS C 103 -30.37 -0.17 38.28
CA LYS C 103 -28.92 -0.24 38.04
C LYS C 103 -28.16 -1.12 39.01
N ASN C 104 -27.41 -2.07 38.45
CA ASN C 104 -26.58 -2.99 39.24
C ASN C 104 -25.42 -2.19 39.85
N TYR C 105 -24.56 -2.89 40.59
CA TYR C 105 -23.38 -2.29 41.20
C TYR C 105 -22.61 -3.38 41.90
N ALA C 106 -21.28 -3.29 41.93
CA ALA C 106 -20.52 -4.33 42.61
C ALA C 106 -19.08 -3.99 42.88
N PHE C 107 -18.81 -2.79 43.38
CA PHE C 107 -17.43 -2.42 43.62
C PHE C 107 -16.90 -2.17 45.05
N GLU C 108 -16.20 -1.07 45.30
CA GLU C 108 -15.61 -0.89 46.64
C GLU C 108 -16.22 0.09 47.64
N ILE C 109 -17.52 0.33 47.54
CA ILE C 109 -18.16 1.25 48.47
C ILE C 109 -19.08 0.50 49.43
N PRO C 110 -18.72 0.48 50.72
CA PRO C 110 -19.53 -0.22 51.71
C PRO C 110 -20.97 0.27 51.80
N ASP C 111 -21.87 -0.68 52.07
CA ASP C 111 -23.28 -0.39 52.23
C ASP C 111 -23.96 0.10 50.94
N VAL C 112 -23.73 -0.62 49.85
CA VAL C 112 -24.32 -0.29 48.56
C VAL C 112 -24.85 -1.55 47.81
N PRO C 113 -26.19 -1.66 47.67
CA PRO C 113 -26.89 -2.77 47.02
C PRO C 113 -26.44 -3.11 45.60
N GLU C 114 -26.16 -4.38 45.35
CA GLU C 114 -25.72 -4.80 44.02
C GLU C 114 -26.75 -4.42 42.94
N LYS C 115 -27.98 -4.12 43.37
CA LYS C 115 -29.03 -3.70 42.45
C LYS C 115 -30.03 -2.83 43.22
N SER C 116 -30.56 -1.79 42.58
CA SER C 116 -31.52 -0.89 43.24
C SER C 116 -31.96 0.25 42.32
N GLU C 117 -33.14 0.81 42.59
CA GLU C 117 -33.62 1.92 41.77
C GLU C 117 -32.85 3.17 42.19
N TYR C 118 -32.44 3.95 41.20
CA TYR C 118 -31.70 5.17 41.48
C TYR C 118 -32.38 6.34 40.81
N LEU C 119 -31.86 7.54 41.08
CA LEU C 119 -32.37 8.77 40.50
C LEU C 119 -31.40 9.22 39.43
N GLU C 120 -31.72 8.91 38.17
CA GLU C 120 -30.89 9.28 37.04
C GLU C 120 -31.08 10.76 36.71
N VAL C 121 -30.09 11.56 37.06
CA VAL C 121 -30.18 12.98 36.79
C VAL C 121 -29.15 13.39 35.74
N LYS C 122 -29.60 14.13 34.74
CA LYS C 122 -28.75 14.63 33.66
C LYS C 122 -28.90 16.15 33.49
N TYR C 123 -27.78 16.86 33.44
CA TYR C 123 -27.81 18.31 33.29
C TYR C 123 -26.59 18.83 32.51
N SER C 124 -26.72 20.00 31.89
CA SER C 124 -25.65 20.63 31.08
C SER C 124 -24.26 20.67 31.73
N ALA C 125 -23.25 20.33 30.94
CA ALA C 125 -21.87 20.31 31.40
C ALA C 125 -21.44 21.67 31.94
N GLU C 126 -22.10 22.71 31.45
CA GLU C 126 -21.81 24.06 31.90
C GLU C 126 -22.15 24.23 33.38
N MET C 127 -23.39 23.91 33.73
CA MET C 127 -23.84 24.05 35.11
C MET C 127 -22.88 23.39 36.10
N PRO C 128 -22.71 24.00 37.29
CA PRO C 128 -21.82 23.52 38.36
C PRO C 128 -21.78 22.00 38.53
N GLN C 129 -20.69 21.52 39.12
CA GLN C 129 -20.49 20.10 39.34
C GLN C 129 -20.67 19.74 40.81
N LEU C 130 -21.58 18.79 41.08
CA LEU C 130 -21.86 18.37 42.46
C LEU C 130 -20.66 17.76 43.17
N PRO C 131 -20.52 18.05 44.46
CA PRO C 131 -19.39 17.50 45.21
C PRO C 131 -19.42 15.96 45.19
N GLN C 132 -18.26 15.34 45.38
CA GLN C 132 -18.18 13.90 45.36
C GLN C 132 -18.91 13.18 46.49
N ASP C 133 -18.71 13.63 47.73
CA ASP C 133 -19.36 12.98 48.88
C ASP C 133 -20.70 13.60 49.24
N LEU C 134 -21.36 14.22 48.27
CA LEU C 134 -22.66 14.83 48.50
C LEU C 134 -23.65 13.82 49.04
N LYS C 135 -24.27 14.14 50.17
CA LYS C 135 -25.25 13.28 50.82
C LYS C 135 -26.44 14.11 51.29
N GLY C 136 -27.57 13.45 51.58
CA GLY C 136 -28.73 14.20 52.02
C GLY C 136 -29.85 13.44 52.68
N GLU C 137 -31.04 14.04 52.63
CA GLU C 137 -32.26 13.50 53.22
C GLU C 137 -32.82 12.26 52.50
N THR C 138 -32.76 12.24 51.17
CA THR C 138 -33.32 11.11 50.42
C THR C 138 -32.31 10.18 49.73
N PHE C 139 -31.04 10.53 49.78
CA PHE C 139 -30.02 9.72 49.12
C PHE C 139 -28.78 9.48 49.97
N SER C 140 -28.34 8.24 49.99
CA SER C 140 -27.16 7.83 50.75
C SER C 140 -25.88 8.07 49.98
N HIS C 141 -25.99 8.12 48.66
CA HIS C 141 -24.84 8.36 47.82
C HIS C 141 -25.28 8.75 46.43
N VAL C 142 -24.40 9.42 45.70
CA VAL C 142 -24.69 9.85 44.35
C VAL C 142 -23.46 9.57 43.44
N PHE C 143 -23.72 8.94 42.30
CA PHE C 143 -22.69 8.55 41.32
C PHE C 143 -22.74 9.31 40.00
N GLY C 144 -21.58 9.57 39.39
CA GLY C 144 -21.57 10.26 38.10
C GLY C 144 -21.10 11.70 38.09
N THR C 145 -20.78 12.17 39.29
CA THR C 145 -20.33 13.52 39.47
C THR C 145 -19.22 13.93 38.52
N ASN C 146 -18.01 13.46 38.79
CA ASN C 146 -16.83 13.83 38.02
C ASN C 146 -16.44 12.94 36.85
N THR C 147 -17.40 12.32 36.20
CA THR C 147 -17.06 11.49 35.05
C THR C 147 -16.92 12.41 33.83
N SER C 148 -15.79 12.31 33.13
CA SER C 148 -15.54 13.15 31.96
C SER C 148 -16.49 12.90 30.77
N SER C 149 -16.74 13.96 29.99
CA SER C 149 -17.60 13.87 28.83
C SER C 149 -17.00 12.89 27.82
N LEU C 150 -15.67 12.82 27.78
CA LEU C 150 -14.99 11.94 26.86
C LEU C 150 -15.49 10.54 27.04
N GLU C 151 -15.39 10.05 28.27
CA GLU C 151 -15.84 8.70 28.62
C GLU C 151 -17.34 8.52 28.44
N LEU C 152 -18.11 9.50 28.90
CA LEU C 152 -19.57 9.44 28.76
C LEU C 152 -19.89 9.21 27.29
N PHE C 153 -19.21 9.94 26.41
CA PHE C 153 -19.42 9.80 24.98
C PHE C 153 -19.02 8.39 24.59
N LEU C 154 -17.71 8.16 24.50
CA LEU C 154 -17.18 6.85 24.14
C LEU C 154 -18.12 5.70 24.44
N MET C 155 -18.66 5.68 25.66
CA MET C 155 -19.57 4.62 26.09
C MET C 155 -20.96 4.73 25.47
N ASN C 156 -21.68 5.80 25.79
CA ASN C 156 -23.02 6.01 25.26
C ASN C 156 -23.20 5.49 23.84
N ARG C 157 -22.25 5.83 22.97
CA ARG C 157 -22.32 5.42 21.57
C ARG C 157 -21.59 4.10 21.23
N LYS C 158 -20.87 3.54 22.19
CA LYS C 158 -20.17 2.28 21.98
C LYS C 158 -18.96 2.35 21.05
N ILE C 159 -18.29 3.49 21.02
CA ILE C 159 -17.10 3.61 20.18
C ILE C 159 -15.99 2.75 20.75
N LYS C 160 -15.55 1.77 19.98
CA LYS C 160 -14.50 0.91 20.45
C LYS C 160 -13.18 1.28 19.78
N GLY C 161 -12.80 2.53 19.97
CA GLY C 161 -11.55 3.00 19.39
C GLY C 161 -11.62 3.27 17.90
N PRO C 162 -10.45 3.52 17.28
CA PRO C 162 -10.40 3.78 15.85
C PRO C 162 -11.54 3.09 15.08
N CYS C 163 -12.12 3.78 14.11
CA CYS C 163 -13.20 3.22 13.33
C CYS C 163 -13.88 4.28 12.47
N TRP C 164 -14.99 3.89 11.86
CA TRP C 164 -15.75 4.83 11.04
C TRP C 164 -16.97 5.23 11.84
N LEU C 165 -17.30 6.52 11.73
CA LEU C 165 -18.41 7.09 12.45
C LEU C 165 -19.24 7.98 11.57
N GLU C 166 -20.54 7.72 11.56
CA GLU C 166 -21.45 8.51 10.78
C GLU C 166 -21.92 9.66 11.66
N VAL C 167 -21.87 10.86 11.09
CA VAL C 167 -22.29 12.05 11.83
C VAL C 167 -23.47 12.66 11.05
N LYS C 168 -24.65 12.58 11.64
CA LYS C 168 -25.89 13.10 11.02
C LYS C 168 -26.24 14.54 11.34
N SER C 169 -26.80 15.26 10.38
CA SER C 169 -27.17 16.66 10.57
C SER C 169 -25.97 17.49 10.98
N PRO C 170 -24.84 17.31 10.29
CA PRO C 170 -23.64 18.09 10.64
C PRO C 170 -23.93 19.57 10.54
N GLN C 171 -23.22 20.37 11.33
CA GLN C 171 -23.40 21.81 11.30
C GLN C 171 -22.09 22.47 10.91
N LEU C 172 -22.18 23.74 10.53
CA LEU C 172 -21.01 24.49 10.11
C LEU C 172 -20.57 25.50 11.16
N LEU C 173 -19.28 25.48 11.43
CA LEU C 173 -18.69 26.38 12.40
C LEU C 173 -18.47 27.76 11.79
N ASN C 174 -19.06 28.78 12.40
CA ASN C 174 -18.88 30.13 11.91
C ASN C 174 -17.42 30.26 11.53
N GLN C 175 -16.54 29.85 12.43
CA GLN C 175 -15.12 29.89 12.14
C GLN C 175 -14.40 28.68 12.66
N PRO C 176 -13.48 28.17 11.85
CA PRO C 176 -12.64 27.00 12.10
C PRO C 176 -12.02 27.02 13.48
N VAL C 177 -11.78 25.82 14.03
CA VAL C 177 -11.21 25.65 15.37
C VAL C 177 -10.01 24.73 15.33
N SER C 178 -9.71 24.22 14.15
CA SER C 178 -8.63 23.27 14.00
C SER C 178 -7.88 23.35 12.68
N TRP C 179 -6.58 23.16 12.75
CA TRP C 179 -5.73 23.18 11.56
C TRP C 179 -6.01 21.98 10.64
N CYS C 180 -7.14 21.31 10.82
CA CYS C 180 -7.45 20.19 9.95
C CYS C 180 -8.18 20.69 8.71
N LYS C 181 -7.89 20.08 7.55
CA LYS C 181 -8.49 20.47 6.28
C LYS C 181 -10.02 20.37 6.17
N ALA C 182 -10.67 19.84 7.20
CA ALA C 182 -12.12 19.74 7.16
C ALA C 182 -12.68 19.72 8.59
N GLU C 183 -13.75 20.48 8.79
CA GLU C 183 -14.37 20.55 10.10
C GLU C 183 -15.88 20.41 10.02
N ALA C 184 -16.49 19.95 11.10
CA ALA C 184 -17.94 19.77 11.16
C ALA C 184 -18.32 19.55 12.61
N MET C 185 -19.53 19.92 12.97
CA MET C 185 -19.99 19.78 14.37
C MET C 185 -21.35 19.10 14.51
N ALA C 186 -21.57 18.43 15.62
CA ALA C 186 -22.82 17.74 15.91
C ALA C 186 -23.45 18.27 17.19
N LEU C 187 -24.65 18.82 17.10
CA LEU C 187 -25.31 19.37 18.29
C LEU C 187 -25.45 18.39 19.45
N LYS C 188 -25.98 17.19 19.19
CA LYS C 188 -26.16 16.19 20.24
C LYS C 188 -25.42 14.87 19.91
N PRO C 189 -24.64 14.34 20.87
CA PRO C 189 -23.85 13.11 20.70
C PRO C 189 -24.54 11.91 20.04
N ASP C 190 -25.82 11.70 20.33
CA ASP C 190 -26.56 10.59 19.73
C ASP C 190 -26.51 10.71 18.19
N LEU C 191 -26.00 11.85 17.72
CA LEU C 191 -25.91 12.12 16.30
C LEU C 191 -24.67 11.50 15.72
N VAL C 192 -23.86 10.88 16.57
CA VAL C 192 -22.65 10.22 16.10
C VAL C 192 -22.85 8.76 16.41
N ASN C 193 -22.57 7.92 15.42
CA ASN C 193 -22.74 6.50 15.61
C ASN C 193 -21.53 5.87 14.94
N VAL C 194 -21.53 4.55 14.77
CA VAL C 194 -20.41 3.89 14.10
C VAL C 194 -20.93 3.03 12.98
N ILE C 195 -20.11 2.91 11.94
CA ILE C 195 -20.41 2.10 10.78
C ILE C 195 -19.13 1.31 10.55
N LYS C 196 -19.18 0.04 10.89
CA LYS C 196 -18.00 -0.82 10.79
C LYS C 196 -17.71 -1.38 9.41
N ASP C 197 -18.61 -1.16 8.46
CA ASP C 197 -18.45 -1.71 7.12
C ASP C 197 -17.78 -0.91 6.00
N VAL C 198 -16.53 -0.53 6.19
CA VAL C 198 -15.77 0.20 5.18
C VAL C 198 -14.29 0.15 5.52
N SER C 199 -13.44 0.16 4.51
CA SER C 199 -12.00 0.07 4.72
C SER C 199 -11.34 1.12 5.60
N PRO C 200 -10.19 0.77 6.17
CA PRO C 200 -9.35 1.59 7.04
C PRO C 200 -8.41 2.43 6.20
N PRO C 201 -8.53 3.74 6.29
CA PRO C 201 -7.69 4.65 5.52
C PRO C 201 -6.28 4.71 6.07
N PRO C 202 -5.26 4.31 5.28
CA PRO C 202 -3.86 4.34 5.74
C PRO C 202 -3.54 5.65 6.44
N LEU C 203 -2.46 5.69 7.19
CA LEU C 203 -2.18 6.89 7.93
C LEU C 203 -0.95 7.69 7.54
N VAL C 204 -0.96 8.95 7.95
CA VAL C 204 0.10 9.91 7.66
C VAL C 204 1.16 9.96 8.74
N VAL C 205 2.32 9.41 8.42
CA VAL C 205 3.39 9.33 9.37
C VAL C 205 4.54 10.31 9.27
N MET C 206 5.20 10.47 10.40
CA MET C 206 6.39 11.30 10.51
C MET C 206 7.25 10.88 11.68
N ALA C 207 8.53 10.63 11.38
CA ALA C 207 9.51 10.27 12.38
C ALA C 207 10.39 11.50 12.45
N PHE C 208 11.08 11.74 13.55
CA PHE C 208 11.93 12.90 13.58
C PHE C 208 12.97 13.00 14.65
N SER C 209 14.19 12.85 14.22
CA SER C 209 15.32 12.91 15.12
C SER C 209 15.61 14.37 15.22
N MET C 210 16.07 14.84 16.38
CA MET C 210 16.42 16.25 16.54
C MET C 210 17.73 16.39 17.29
N LYS C 211 18.43 17.48 17.05
CA LYS C 211 19.68 17.71 17.70
C LYS C 211 19.62 18.98 18.54
N THR C 212 20.32 18.99 19.68
CA THR C 212 20.34 20.17 20.54
C THR C 212 21.74 20.44 21.10
N MET C 213 21.87 21.57 21.80
CA MET C 213 23.14 21.94 22.38
C MET C 213 22.89 22.81 23.61
N GLN C 214 23.62 22.55 24.69
CA GLN C 214 23.49 23.33 25.93
C GLN C 214 24.20 24.66 25.68
N ASN C 215 23.69 25.72 26.30
CA ASN C 215 24.29 27.03 26.10
C ASN C 215 25.57 27.32 26.89
N ALA C 216 26.51 27.97 26.20
CA ALA C 216 27.79 28.36 26.77
C ALA C 216 27.44 29.11 28.03
N LYS C 217 26.77 30.24 27.84
CA LYS C 217 26.34 31.10 28.93
C LYS C 217 25.59 30.28 29.97
N ASN C 218 24.26 30.31 29.95
CA ASN C 218 23.55 29.57 30.96
C ASN C 218 22.35 28.69 30.69
N HIS C 219 22.42 27.48 31.27
CA HIS C 219 21.34 26.48 31.28
C HIS C 219 20.61 25.89 30.09
N GLN C 220 20.28 26.69 29.09
CA GLN C 220 19.48 26.20 27.97
C GLN C 220 20.07 25.19 26.98
N ASN C 221 19.16 24.41 26.42
CA ASN C 221 19.51 23.40 25.42
C ASN C 221 18.82 23.77 24.10
N GLU C 222 19.57 24.49 23.26
CA GLU C 222 19.11 24.98 21.95
C GLU C 222 18.81 23.90 20.93
N ILE C 223 17.95 24.23 19.97
CA ILE C 223 17.57 23.30 18.94
C ILE C 223 18.30 23.65 17.68
N ILE C 224 19.39 22.99 17.40
CA ILE C 224 20.11 23.34 16.19
C ILE C 224 19.92 22.42 15.01
N ALA C 225 18.70 21.91 14.84
CA ALA C 225 18.39 21.02 13.71
C ALA C 225 17.22 20.06 13.94
N MET C 226 16.69 19.53 12.86
CA MET C 226 15.60 18.57 12.94
C MET C 226 15.69 17.92 11.59
N ALA C 227 15.14 16.72 11.46
CA ALA C 227 15.18 16.07 10.17
C ALA C 227 14.05 15.12 10.21
N ALA C 228 12.87 15.49 9.71
CA ALA C 228 11.74 14.55 9.72
C ALA C 228 11.85 13.53 8.57
N LEU C 229 10.99 12.50 8.58
CA LEU C 229 10.92 11.51 7.52
C LEU C 229 9.44 11.40 7.42
N VAL C 230 8.93 11.00 6.27
CA VAL C 230 7.48 10.92 6.15
C VAL C 230 6.96 9.88 5.19
N HIS C 231 5.68 9.60 5.35
CA HIS C 231 5.00 8.65 4.53
C HIS C 231 3.51 9.02 4.64
N HIS C 232 2.96 9.42 3.51
CA HIS C 232 1.58 9.84 3.43
C HIS C 232 0.63 8.63 3.28
N SER C 233 1.17 7.43 3.30
CA SER C 233 0.31 6.29 3.19
C SER C 233 0.86 5.16 3.98
N PHE C 234 0.52 5.11 5.27
CA PHE C 234 0.98 4.02 6.12
C PHE C 234 -0.17 3.11 6.36
N ALA C 235 -0.01 1.85 5.94
CA ALA C 235 -1.07 0.88 6.10
C ALA C 235 -1.07 0.29 7.49
N LEU C 236 -2.10 0.63 8.25
CA LEU C 236 -2.26 0.13 9.60
C LEU C 236 -2.36 -1.39 9.50
N ASP C 237 -3.29 -1.83 8.66
CA ASP C 237 -3.55 -3.24 8.50
C ASP C 237 -2.75 -3.99 7.45
N LYS C 238 -1.54 -3.55 7.16
CA LYS C 238 -0.73 -4.28 6.20
C LYS C 238 0.70 -4.05 6.57
N ALA C 239 1.54 -5.00 6.17
CA ALA C 239 2.96 -4.91 6.46
C ALA C 239 3.43 -3.52 6.18
N ALA C 240 4.48 -3.14 6.87
CA ALA C 240 5.04 -1.82 6.73
C ALA C 240 5.64 -1.64 5.35
N PRO C 241 5.53 -0.43 4.80
CA PRO C 241 6.02 0.01 3.50
C PRO C 241 7.53 -0.08 3.39
N LYS C 242 8.03 -0.32 2.17
CA LYS C 242 9.47 -0.44 1.91
C LYS C 242 9.93 0.35 0.69
N PRO C 243 10.76 1.39 0.91
CA PRO C 243 11.14 1.71 2.28
C PRO C 243 9.98 2.43 2.99
N PRO C 244 10.17 2.71 4.28
CA PRO C 244 9.27 3.38 5.23
C PRO C 244 8.77 4.78 4.94
N PHE C 245 9.37 5.46 3.98
CA PHE C 245 9.02 6.85 3.72
C PHE C 245 9.22 7.20 2.26
N GLN C 246 8.45 8.16 1.79
CA GLN C 246 8.59 8.61 0.42
C GLN C 246 9.31 9.95 0.51
N SER C 247 8.65 10.92 1.14
CA SER C 247 9.16 12.29 1.31
C SER C 247 9.99 12.48 2.59
N HIS C 248 10.85 13.48 2.61
CA HIS C 248 11.63 13.73 3.80
C HIS C 248 12.30 15.10 3.75
N PHE C 249 13.07 15.43 4.78
CA PHE C 249 13.76 16.72 4.85
C PHE C 249 14.59 16.95 6.13
N CYS C 250 15.21 18.12 6.26
CA CYS C 250 16.05 18.41 7.40
C CYS C 250 16.33 19.91 7.55
N VAL C 251 16.03 20.52 8.70
CA VAL C 251 16.34 21.95 8.90
C VAL C 251 17.36 22.17 9.99
N VAL C 252 18.50 22.74 9.59
CA VAL C 252 19.61 23.06 10.49
C VAL C 252 19.72 24.57 10.66
N SER C 253 20.11 25.01 11.86
CA SER C 253 20.25 26.44 12.15
C SER C 253 21.68 26.68 12.63
N LYS C 254 21.82 27.61 13.55
CA LYS C 254 23.10 27.93 14.12
C LYS C 254 22.85 28.52 15.51
N PRO C 255 23.87 28.47 16.37
CA PRO C 255 23.80 29.00 17.74
C PRO C 255 23.61 30.50 17.76
N LYS C 256 24.69 31.19 18.12
CA LYS C 256 24.73 32.65 18.21
C LYS C 256 26.18 33.10 18.08
N ASP C 257 27.07 32.27 18.64
CA ASP C 257 28.50 32.55 18.63
C ASP C 257 29.14 31.89 17.41
N CYS C 258 28.35 31.08 16.73
CA CYS C 258 28.85 30.40 15.54
C CYS C 258 28.24 31.01 14.28
N ILE C 259 28.89 30.71 13.16
CA ILE C 259 28.46 31.20 11.85
C ILE C 259 28.61 30.00 10.92
N PHE C 260 27.62 29.72 10.09
CA PHE C 260 27.72 28.58 9.19
C PHE C 260 29.03 28.70 8.46
N PRO C 261 29.68 27.58 8.13
CA PRO C 261 30.96 27.64 7.43
C PRO C 261 30.69 28.29 6.07
N TYR C 262 31.74 28.85 5.44
CA TYR C 262 31.54 29.49 4.14
C TYR C 262 31.23 28.52 3.03
N ALA C 263 30.35 28.95 2.14
CA ALA C 263 29.98 28.17 0.97
C ALA C 263 29.01 27.06 1.28
N PHE C 264 28.61 26.96 2.54
CA PHE C 264 27.72 25.86 2.85
C PHE C 264 26.54 25.80 1.91
N LYS C 265 25.67 26.81 1.94
CA LYS C 265 24.52 26.75 1.07
C LYS C 265 24.94 26.20 -0.27
N GLU C 266 25.96 26.80 -0.88
CA GLU C 266 26.41 26.31 -2.17
C GLU C 266 26.91 24.86 -2.14
N VAL C 267 27.85 24.56 -1.24
CA VAL C 267 28.39 23.20 -1.16
C VAL C 267 27.23 22.22 -0.97
N ILE C 268 26.12 22.74 -0.46
CA ILE C 268 24.93 21.92 -0.26
C ILE C 268 24.34 21.68 -1.63
N GLU C 269 23.96 22.78 -2.26
CA GLU C 269 23.33 22.74 -3.55
C GLU C 269 24.04 21.83 -4.56
N LYS C 270 25.32 21.52 -4.32
CA LYS C 270 26.09 20.66 -5.23
C LYS C 270 25.81 19.17 -5.03
N LYS C 271 25.60 18.76 -3.80
CA LYS C 271 25.31 17.36 -3.53
C LYS C 271 23.81 17.05 -3.38
N ASN C 272 22.98 17.92 -3.96
CA ASN C 272 21.52 17.77 -3.97
C ASN C 272 21.04 17.11 -2.68
N VAL C 273 20.72 17.93 -1.68
CA VAL C 273 20.24 17.44 -0.39
C VAL C 273 19.17 18.39 0.16
N LYS C 274 17.96 17.89 0.32
CA LYS C 274 16.86 18.73 0.76
C LYS C 274 17.05 19.44 2.10
N VAL C 275 18.29 19.87 2.38
CA VAL C 275 18.62 20.55 3.65
C VAL C 275 18.42 22.07 3.76
N GLU C 276 17.18 22.45 4.03
CA GLU C 276 16.78 23.86 4.19
C GLU C 276 17.54 24.51 5.34
N VAL C 277 18.37 25.51 5.07
CA VAL C 277 19.13 26.12 6.15
C VAL C 277 18.55 27.45 6.68
N ALA C 278 18.16 27.46 7.95
CA ALA C 278 17.60 28.64 8.62
C ALA C 278 18.70 29.40 9.32
N ALA C 279 18.42 30.66 9.66
CA ALA C 279 19.43 31.50 10.33
C ALA C 279 19.25 31.59 11.86
N THR C 280 17.99 31.70 12.27
CA THR C 280 17.65 31.81 13.69
C THR C 280 16.91 30.55 14.12
N GLU C 281 17.21 30.08 15.33
CA GLU C 281 16.52 28.92 15.85
C GLU C 281 15.01 29.18 15.61
N ARG C 282 14.60 30.42 15.86
CA ARG C 282 13.21 30.86 15.67
C ARG C 282 12.74 30.59 14.25
N THR C 283 13.68 30.58 13.31
CA THR C 283 13.39 30.31 11.91
C THR C 283 13.09 28.82 11.83
N LEU C 284 14.13 28.03 12.07
CA LEU C 284 14.05 26.59 12.05
C LEU C 284 12.78 26.08 12.70
N LEU C 285 12.49 26.59 13.88
CA LEU C 285 11.29 26.23 14.65
C LEU C 285 10.02 26.50 13.87
N GLY C 286 9.88 27.72 13.36
CA GLY C 286 8.69 28.03 12.61
C GLY C 286 8.55 27.09 11.42
N PHE C 287 9.69 26.81 10.79
CA PHE C 287 9.81 25.93 9.62
C PHE C 287 9.14 24.60 9.89
N PHE C 288 9.65 23.97 10.94
CA PHE C 288 9.12 22.70 11.41
C PHE C 288 7.63 22.99 11.53
N LEU C 289 7.23 23.76 12.55
CA LEU C 289 5.83 24.10 12.78
C LEU C 289 5.08 24.26 11.47
N ALA C 290 5.78 24.74 10.45
CA ALA C 290 5.17 24.92 9.14
C ALA C 290 4.95 23.54 8.49
N LYS C 291 6.06 22.87 8.15
CA LYS C 291 6.03 21.55 7.51
C LYS C 291 4.91 20.73 8.13
N VAL C 292 4.94 20.66 9.46
CA VAL C 292 3.95 19.92 10.21
C VAL C 292 2.57 20.32 9.71
N HIS C 293 2.22 21.60 9.79
CA HIS C 293 0.87 21.93 9.37
C HIS C 293 0.37 21.35 8.06
N LYS C 294 1.19 21.38 7.02
CA LYS C 294 0.76 20.86 5.71
C LYS C 294 1.01 19.36 5.55
N ILE C 295 2.10 18.84 6.12
CA ILE C 295 2.35 17.41 6.04
C ILE C 295 1.15 16.89 6.81
N ASP C 296 0.83 17.57 7.91
CA ASP C 296 -0.34 17.23 8.69
C ASP C 296 -0.28 15.79 9.16
N PRO C 297 0.74 15.39 9.96
CA PRO C 297 0.71 13.97 10.35
C PRO C 297 -0.42 13.61 11.31
N ASP C 298 -0.67 12.31 11.46
CA ASP C 298 -1.70 11.84 12.39
C ASP C 298 -0.97 11.23 13.57
N ILE C 299 0.18 10.63 13.26
CA ILE C 299 1.04 10.00 14.24
C ILE C 299 2.48 10.52 14.13
N ILE C 300 3.15 10.69 15.27
CA ILE C 300 4.52 11.19 15.34
C ILE C 300 5.50 10.24 16.01
N VAL C 301 6.40 9.65 15.27
CA VAL C 301 7.31 8.74 15.94
C VAL C 301 8.71 9.22 16.22
N GLY C 302 9.04 9.32 17.49
CA GLY C 302 10.38 9.76 17.81
C GLY C 302 10.92 8.87 18.90
N HIS C 303 12.04 9.28 19.51
CA HIS C 303 12.67 8.53 20.59
C HIS C 303 12.77 9.42 21.78
N ASN C 304 12.55 8.86 22.96
CA ASN C 304 12.67 9.68 24.14
C ASN C 304 11.80 10.90 23.94
N ILE C 305 10.74 10.74 23.14
CA ILE C 305 9.81 11.83 22.86
C ILE C 305 9.13 12.45 24.07
N TYR C 306 8.48 11.61 24.86
CA TYR C 306 7.76 12.06 26.03
C TYR C 306 8.67 12.40 27.19
N GLY C 307 9.90 11.91 27.13
CA GLY C 307 10.83 12.20 28.22
C GLY C 307 12.04 13.07 27.93
N PHE C 308 11.89 14.18 27.21
CA PHE C 308 13.04 15.01 26.90
C PHE C 308 12.67 15.91 25.75
N GLU C 309 12.78 15.39 24.52
CA GLU C 309 12.48 16.15 23.32
C GLU C 309 11.14 16.89 23.30
N LEU C 310 10.01 16.17 23.31
CA LEU C 310 8.73 16.83 23.26
C LEU C 310 8.69 18.07 24.10
N GLU C 311 9.35 18.08 25.23
CA GLU C 311 9.32 19.30 26.00
C GLU C 311 10.27 20.34 25.38
N VAL C 312 11.57 20.04 25.35
CA VAL C 312 12.58 20.94 24.80
C VAL C 312 11.87 21.84 23.82
N LEU C 313 11.55 21.24 22.69
CA LEU C 313 10.84 21.89 21.60
C LEU C 313 9.78 22.85 22.14
N LEU C 314 8.69 22.35 22.71
CA LEU C 314 7.64 23.23 23.22
C LEU C 314 8.16 24.41 24.04
N GLN C 315 9.41 24.35 24.49
CA GLN C 315 9.98 25.47 25.24
C GLN C 315 10.86 26.32 24.32
N ARG C 316 11.75 25.69 23.56
CA ARG C 316 12.61 26.44 22.64
C ARG C 316 11.72 27.24 21.70
N ILE C 317 10.46 26.84 21.63
CA ILE C 317 9.46 27.51 20.81
C ILE C 317 8.87 28.69 21.58
N ASN C 318 8.34 28.48 22.78
CA ASN C 318 7.77 29.61 23.48
C ASN C 318 8.88 30.58 23.85
N VAL C 319 10.11 30.09 23.91
CA VAL C 319 11.27 30.94 24.22
C VAL C 319 11.45 31.99 23.13
N CYS C 320 11.55 31.54 21.89
CA CYS C 320 11.74 32.44 20.76
C CYS C 320 10.41 32.89 20.17
N LYS C 321 9.34 32.63 20.92
CA LYS C 321 8.00 33.00 20.49
C LYS C 321 7.76 32.71 19.02
N ALA C 322 8.05 31.49 18.57
CA ALA C 322 7.81 31.12 17.17
C ALA C 322 6.32 31.26 16.83
N PRO C 323 6.01 31.44 15.55
CA PRO C 323 4.66 31.60 15.01
C PRO C 323 3.73 30.40 14.94
N HIS C 324 2.75 30.39 15.84
CA HIS C 324 1.74 29.34 15.89
C HIS C 324 2.08 27.92 16.41
N TRP C 325 2.74 27.85 17.54
CA TRP C 325 3.08 26.58 18.21
C TRP C 325 1.94 25.60 17.90
N SER C 326 0.71 26.08 18.13
CA SER C 326 -0.56 25.34 17.96
C SER C 326 -0.59 24.42 16.76
N LYS C 327 0.24 24.76 15.78
CA LYS C 327 0.34 23.96 14.59
C LYS C 327 0.78 22.57 15.02
N ILE C 328 1.75 22.47 15.94
CA ILE C 328 2.21 21.14 16.37
C ILE C 328 0.97 20.36 16.71
N GLY C 329 -0.11 21.09 16.98
CA GLY C 329 -1.37 20.46 17.28
C GLY C 329 -2.23 20.28 16.04
N ARG C 330 -3.54 20.37 16.22
CA ARG C 330 -4.51 20.21 15.16
C ARG C 330 -5.78 20.86 15.66
N LEU C 331 -5.63 21.58 16.76
CA LEU C 331 -6.73 22.28 17.36
C LEU C 331 -6.10 23.64 17.61
N LYS C 332 -6.63 24.67 16.96
CA LYS C 332 -6.06 25.98 17.15
C LYS C 332 -6.25 26.40 18.59
N ARG C 333 -5.16 26.83 19.21
CA ARG C 333 -5.17 27.27 20.61
C ARG C 333 -4.26 28.47 20.86
N SER C 334 -4.65 29.30 21.82
CA SER C 334 -3.92 30.51 22.17
C SER C 334 -2.73 30.35 23.12
N ASN C 335 -3.01 29.88 24.33
CA ASN C 335 -1.98 29.73 25.34
C ASN C 335 -1.54 28.30 25.61
N MET C 336 -0.21 28.12 25.71
CA MET C 336 0.37 26.80 25.93
C MET C 336 0.70 26.42 27.38
N PRO C 337 0.19 25.26 27.84
CA PRO C 337 0.45 24.79 29.22
C PRO C 337 1.84 24.12 29.34
N LYS C 338 2.41 24.16 30.54
CA LYS C 338 3.73 23.56 30.77
C LYS C 338 3.63 22.24 31.50
N GLY C 346 0.47 18.96 30.78
CA GLY C 346 0.64 19.97 29.75
C GLY C 346 1.26 19.41 28.49
N GLU C 347 1.82 18.20 28.58
CA GLU C 347 2.47 17.57 27.43
C GLU C 347 1.51 16.82 26.48
N ARG C 348 0.88 15.75 26.96
CA ARG C 348 -0.07 14.99 26.15
C ARG C 348 -1.09 15.89 25.47
N ASN C 349 -1.44 16.99 26.10
CA ASN C 349 -2.44 17.90 25.55
C ASN C 349 -1.88 18.78 24.43
N ALA C 350 -0.56 18.96 24.41
CA ALA C 350 0.12 19.78 23.41
C ALA C 350 -0.23 19.40 21.99
N THR C 351 0.03 18.13 21.64
CA THR C 351 -0.21 17.62 20.28
C THR C 351 -1.58 16.96 20.08
N CYS C 352 -2.60 17.48 20.72
CA CYS C 352 -3.97 16.93 20.62
C CYS C 352 -4.48 16.81 19.19
N GLY C 353 -4.91 15.60 18.81
CA GLY C 353 -5.40 15.39 17.46
C GLY C 353 -4.33 14.68 16.68
N ARG C 354 -3.16 14.58 17.30
CA ARG C 354 -2.01 13.92 16.71
C ARG C 354 -1.48 12.95 17.73
N MET C 355 -1.36 11.71 17.31
CA MET C 355 -0.88 10.68 18.19
C MET C 355 0.66 10.65 18.16
N ILE C 356 1.24 10.34 19.30
CA ILE C 356 2.67 10.35 19.44
C ILE C 356 3.23 9.00 19.81
N CYS C 357 3.97 8.41 18.90
CA CYS C 357 4.55 7.11 19.20
C CYS C 357 5.90 7.36 19.79
N ASP C 358 6.10 6.77 20.96
CA ASP C 358 7.36 6.90 21.61
C ASP C 358 7.92 5.53 21.48
N VAL C 359 8.97 5.40 20.67
CA VAL C 359 9.58 4.11 20.50
C VAL C 359 10.24 3.63 21.77
N GLU C 360 10.88 4.54 22.51
CA GLU C 360 11.48 4.08 23.76
C GLU C 360 10.40 3.25 24.51
N ILE C 361 9.30 3.91 24.91
CA ILE C 361 8.19 3.28 25.63
C ILE C 361 7.68 1.98 25.04
N SER C 362 7.27 2.06 23.79
CA SER C 362 6.73 0.89 23.18
C SER C 362 7.79 -0.18 23.02
N ALA C 363 9.06 0.22 23.01
CA ALA C 363 10.12 -0.77 22.87
C ALA C 363 10.23 -1.64 24.11
N LYS C 364 10.25 -1.01 25.27
CA LYS C 364 10.33 -1.76 26.51
C LYS C 364 9.11 -2.65 26.61
N GLU C 365 7.93 -2.05 26.54
CA GLU C 365 6.68 -2.79 26.64
C GLU C 365 6.64 -3.96 25.64
N LEU C 366 7.57 -3.95 24.68
CA LEU C 366 7.60 -5.00 23.66
C LEU C 366 8.86 -5.82 23.55
N ILE C 367 9.91 -5.47 24.27
CA ILE C 367 11.10 -6.29 24.17
C ILE C 367 12.11 -6.09 25.29
N ARG C 368 12.81 -7.17 25.64
CA ARG C 368 13.81 -7.16 26.70
C ARG C 368 15.19 -6.77 26.20
N CYS C 369 15.81 -5.81 26.84
CA CYS C 369 17.14 -5.35 26.42
C CYS C 369 17.92 -4.80 27.60
N LYS C 370 19.22 -4.62 27.41
CA LYS C 370 20.05 -4.10 28.49
C LYS C 370 19.71 -2.64 28.78
N SER C 371 19.39 -1.89 27.73
CA SER C 371 19.03 -0.48 27.89
C SER C 371 18.03 -0.04 26.84
N TYR C 372 17.48 1.16 27.02
CA TYR C 372 16.52 1.67 26.07
C TYR C 372 16.86 3.06 25.56
N HIS C 373 18.16 3.24 25.33
CA HIS C 373 18.74 4.45 24.75
C HIS C 373 18.73 4.15 23.26
N LEU C 374 18.38 5.13 22.46
CA LEU C 374 18.33 4.85 21.05
C LEU C 374 19.45 3.91 20.63
N SER C 375 20.67 4.20 21.08
CA SER C 375 21.82 3.38 20.70
C SER C 375 21.62 1.87 20.79
N GLU C 376 21.24 1.37 21.95
CA GLU C 376 21.06 -0.07 22.07
C GLU C 376 19.91 -0.48 21.16
N LEU C 377 18.76 0.17 21.31
CA LEU C 377 17.58 -0.12 20.51
C LEU C 377 17.97 -0.51 19.11
N VAL C 378 18.98 0.15 18.57
CA VAL C 378 19.45 -0.13 17.22
C VAL C 378 20.39 -1.33 17.07
N GLN C 379 21.26 -1.56 18.03
CA GLN C 379 22.17 -2.69 17.93
C GLN C 379 21.37 -3.97 18.10
N GLN C 380 20.29 -3.87 18.85
CA GLN C 380 19.46 -5.04 19.09
C GLN C 380 18.36 -5.15 18.06
N ILE C 381 17.40 -4.26 18.08
CA ILE C 381 16.31 -4.37 17.13
C ILE C 381 16.73 -4.25 15.67
N LEU C 382 17.61 -3.30 15.36
CA LEU C 382 18.00 -3.13 13.97
C LEU C 382 19.29 -3.80 13.52
N LYS C 383 19.98 -4.42 14.45
CA LYS C 383 21.21 -5.13 14.12
C LYS C 383 22.20 -4.30 13.31
N THR C 384 22.55 -3.11 13.83
CA THR C 384 23.49 -2.23 13.15
C THR C 384 24.08 -1.21 14.10
N GLU C 385 25.36 -0.91 13.89
CA GLU C 385 26.09 0.07 14.70
C GLU C 385 25.44 1.44 14.51
N ARG C 386 25.63 2.34 15.47
CA ARG C 386 25.07 3.68 15.35
C ARG C 386 25.90 4.63 16.19
N VAL C 387 26.93 5.19 15.60
CA VAL C 387 27.80 6.10 16.35
C VAL C 387 26.97 7.24 16.94
N VAL C 388 27.58 8.00 17.84
CA VAL C 388 26.88 9.11 18.42
C VAL C 388 27.78 10.32 18.44
N ILE C 389 27.17 11.46 18.66
CA ILE C 389 27.89 12.71 18.70
C ILE C 389 27.57 13.50 19.95
N PRO C 390 28.57 13.62 20.84
CA PRO C 390 28.56 14.32 22.13
C PRO C 390 28.37 15.82 21.95
N MET C 391 27.56 16.43 22.80
CA MET C 391 27.32 17.86 22.72
C MET C 391 28.66 18.60 22.74
N GLU C 392 29.72 17.90 23.11
CA GLU C 392 31.07 18.48 23.19
C GLU C 392 31.65 18.86 21.83
N ASN C 393 31.64 17.89 20.92
CA ASN C 393 32.17 18.07 19.57
C ASN C 393 31.29 18.86 18.60
N ILE C 394 30.04 19.12 18.97
CA ILE C 394 29.15 19.85 18.07
C ILE C 394 29.71 21.11 17.47
N GLN C 395 29.84 22.14 18.27
CA GLN C 395 30.35 23.41 17.78
C GLN C 395 31.49 23.33 16.78
N ASN C 396 32.53 22.60 17.14
CA ASN C 396 33.71 22.43 16.33
C ASN C 396 33.50 21.88 14.94
N MET C 397 32.29 21.39 14.64
CA MET C 397 31.95 20.80 13.33
C MET C 397 31.19 21.78 12.45
N TYR C 398 30.90 22.93 13.01
CA TYR C 398 30.20 23.99 12.33
C TYR C 398 31.31 24.82 11.66
N SER C 399 32.54 24.40 11.89
CA SER C 399 33.73 25.08 11.39
C SER C 399 34.16 24.70 10.01
N GLU C 400 33.43 23.82 9.37
CA GLU C 400 33.85 23.38 8.08
C GLU C 400 32.61 22.70 7.47
N SER C 401 32.34 22.92 6.19
CA SER C 401 31.17 22.32 5.55
C SER C 401 31.03 20.82 5.80
N SER C 402 32.02 20.08 5.32
CA SER C 402 32.05 18.63 5.46
C SER C 402 31.40 18.19 6.76
N GLN C 403 32.05 18.54 7.86
CA GLN C 403 31.57 18.18 9.18
C GLN C 403 30.13 18.58 9.39
N LEU C 404 29.78 19.82 9.10
CA LEU C 404 28.40 20.19 9.34
C LEU C 404 27.46 19.20 8.67
N LEU C 405 27.84 18.78 7.47
CA LEU C 405 27.01 17.85 6.73
C LEU C 405 27.05 16.44 7.34
N TYR C 406 27.97 16.21 8.27
CA TYR C 406 28.06 14.89 8.91
C TYR C 406 27.03 14.94 9.99
N LEU C 407 27.05 16.05 10.72
CA LEU C 407 26.14 16.25 11.81
C LEU C 407 24.75 16.13 11.22
N LEU C 408 24.49 16.87 10.19
CA LEU C 408 23.19 16.74 9.61
C LEU C 408 23.01 15.25 9.29
N GLU C 409 23.88 14.73 8.42
CA GLU C 409 23.82 13.31 8.04
C GLU C 409 23.26 12.44 9.14
N HIS C 410 24.08 12.27 10.16
CA HIS C 410 23.70 11.45 11.28
C HIS C 410 22.30 11.76 11.77
N THR C 411 22.03 13.03 12.11
CA THR C 411 20.72 13.45 12.60
C THR C 411 19.59 12.71 11.93
N TRP C 412 19.58 12.81 10.62
CA TRP C 412 18.57 12.14 9.84
C TRP C 412 18.60 10.68 10.29
N LYS C 413 19.49 9.90 9.67
CA LYS C 413 19.66 8.46 9.97
C LYS C 413 18.86 8.07 11.21
N ASP C 414 19.16 8.74 12.31
CA ASP C 414 18.49 8.49 13.57
C ASP C 414 16.99 8.50 13.37
N ALA C 415 16.46 9.66 13.02
CA ALA C 415 15.04 9.75 12.81
C ALA C 415 14.56 8.62 11.90
N LYS C 416 15.45 8.09 11.05
CA LYS C 416 15.07 6.97 10.17
C LYS C 416 14.98 5.72 11.05
N PHE C 417 16.08 5.48 11.78
CA PHE C 417 16.13 4.35 12.66
C PHE C 417 14.86 4.41 13.49
N ILE C 418 14.56 5.58 14.07
CA ILE C 418 13.32 5.73 14.86
C ILE C 418 12.14 5.28 14.04
N LEU C 419 12.29 5.28 12.74
CA LEU C 419 11.18 4.84 11.94
C LEU C 419 11.26 3.34 11.88
N GLN C 420 12.41 2.87 11.39
CA GLN C 420 12.70 1.45 11.25
C GLN C 420 12.32 0.68 12.50
N ILE C 421 13.04 0.96 13.57
CA ILE C 421 12.75 0.32 14.84
C ILE C 421 11.25 0.38 15.19
N MET C 422 10.54 1.39 14.73
CA MET C 422 9.13 1.44 15.02
C MET C 422 8.45 0.41 14.16
N CYS C 423 9.05 0.13 13.01
CA CYS C 423 8.51 -0.85 12.07
C CYS C 423 8.78 -2.31 12.47
N GLU C 424 10.04 -2.64 12.72
CA GLU C 424 10.41 -3.98 13.15
C GLU C 424 9.38 -4.49 14.19
N LEU C 425 9.16 -3.72 15.25
CA LEU C 425 8.23 -4.09 16.30
C LEU C 425 6.76 -3.93 15.98
N ASN C 426 6.38 -3.90 14.71
CA ASN C 426 4.98 -3.78 14.31
C ASN C 426 4.19 -3.00 15.33
N VAL C 427 4.83 -1.95 15.82
CA VAL C 427 4.26 -1.12 16.84
C VAL C 427 2.90 -0.53 16.61
N LEU C 428 2.83 0.38 15.64
CA LEU C 428 1.58 1.08 15.36
C LEU C 428 0.40 0.11 15.22
N PRO C 429 0.61 -1.00 14.47
CA PRO C 429 -0.44 -2.00 14.24
C PRO C 429 -0.88 -2.51 15.60
N LEU C 430 0.06 -3.24 16.19
CA LEU C 430 -0.06 -3.84 17.50
C LEU C 430 -1.08 -2.97 18.23
N ALA C 431 -0.68 -1.70 18.31
CA ALA C 431 -1.39 -0.64 18.95
C ALA C 431 -2.81 -0.54 18.49
N LEU C 432 -3.01 -0.53 17.19
CA LEU C 432 -4.37 -0.43 16.71
C LEU C 432 -5.17 -1.48 17.41
N GLN C 433 -5.05 -2.70 16.92
CA GLN C 433 -5.74 -3.86 17.47
C GLN C 433 -5.92 -3.80 18.98
N ILE C 434 -4.82 -3.61 19.71
CA ILE C 434 -4.93 -3.52 21.16
C ILE C 434 -6.04 -2.55 21.48
N THR C 435 -5.88 -1.33 20.99
CA THR C 435 -6.82 -0.24 21.21
C THR C 435 -8.22 -0.53 20.68
N ASN C 436 -8.32 -1.47 19.76
CA ASN C 436 -9.62 -1.76 19.24
C ASN C 436 -10.33 -2.78 20.11
N ILE C 437 -9.57 -3.65 20.78
CA ILE C 437 -10.16 -4.67 21.66
C ILE C 437 -10.57 -3.99 22.95
N ALA C 438 -9.70 -3.11 23.41
CA ALA C 438 -9.95 -2.36 24.62
C ALA C 438 -11.13 -1.40 24.43
N GLY C 439 -11.04 -0.55 23.43
CA GLY C 439 -12.12 0.40 23.24
C GLY C 439 -11.76 1.58 24.12
N ASN C 440 -10.64 2.19 23.80
CA ASN C 440 -10.17 3.32 24.57
C ASN C 440 -9.85 4.41 23.57
N ILE C 441 -8.61 4.91 23.59
CA ILE C 441 -8.15 5.96 22.69
C ILE C 441 -6.66 5.83 22.35
N MET C 442 -6.43 5.42 21.11
CA MET C 442 -5.12 5.17 20.51
C MET C 442 -3.84 5.77 21.13
N SER C 443 -3.88 7.07 21.41
CA SER C 443 -2.75 7.77 21.98
C SER C 443 -2.34 7.10 23.26
N ARG C 444 -3.24 7.19 24.23
CA ARG C 444 -3.03 6.62 25.53
C ARG C 444 -2.30 5.31 25.38
N THR C 445 -2.98 4.37 24.74
CA THR C 445 -2.43 3.05 24.54
C THR C 445 -1.01 3.07 24.01
N LEU C 446 -0.61 4.21 23.49
CA LEU C 446 0.73 4.31 22.94
C LEU C 446 1.65 4.85 24.03
N MET C 447 1.13 5.79 24.81
CA MET C 447 1.90 6.39 25.88
C MET C 447 2.49 5.30 26.74
N GLY C 448 1.61 4.51 27.35
CA GLY C 448 2.00 3.42 28.23
C GLY C 448 1.02 3.35 29.40
N GLY C 449 1.18 2.36 30.28
CA GLY C 449 0.28 2.24 31.41
C GLY C 449 -0.87 1.26 31.18
N ARG C 450 -0.59 -0.03 31.31
CA ARG C 450 -1.58 -1.06 31.10
C ARG C 450 -2.94 -0.84 31.79
N SER C 451 -2.92 -0.51 33.07
CA SER C 451 -4.16 -0.27 33.81
C SER C 451 -5.27 0.35 32.97
N GLU C 452 -4.94 1.44 32.28
CA GLU C 452 -5.89 2.15 31.43
C GLU C 452 -6.67 1.25 30.48
N ARG C 453 -5.96 0.63 29.53
CA ARG C 453 -6.61 -0.24 28.55
C ARG C 453 -7.73 -1.04 29.24
N ASN C 454 -7.32 -1.95 30.11
CA ASN C 454 -8.25 -2.78 30.82
C ASN C 454 -9.32 -1.90 31.45
N GLU C 455 -8.90 -0.93 32.25
CA GLU C 455 -9.84 -0.02 32.91
C GLU C 455 -11.02 0.04 31.98
N PHE C 456 -10.75 0.56 30.80
CA PHE C 456 -11.77 0.71 29.78
C PHE C 456 -12.48 -0.60 29.51
N LEU C 457 -11.70 -1.56 29.05
CA LEU C 457 -12.20 -2.88 28.74
C LEU C 457 -13.48 -3.14 29.52
N LEU C 458 -13.28 -3.26 30.83
CA LEU C 458 -14.36 -3.53 31.76
C LEU C 458 -15.35 -2.39 31.74
N LEU C 459 -14.85 -1.16 31.76
CA LEU C 459 -15.74 -0.01 31.75
C LEU C 459 -16.79 -0.29 30.73
N HIS C 460 -16.35 -0.49 29.51
CA HIS C 460 -17.29 -0.76 28.43
C HIS C 460 -18.23 -1.87 28.85
N ALA C 461 -17.65 -3.00 29.19
CA ALA C 461 -18.44 -4.13 29.62
C ALA C 461 -19.54 -3.69 30.58
N PHE C 462 -19.16 -3.53 31.85
CA PHE C 462 -20.12 -3.13 32.89
C PHE C 462 -21.12 -2.17 32.33
N TYR C 463 -20.66 -1.28 31.48
CA TYR C 463 -21.55 -0.32 30.87
C TYR C 463 -22.62 -1.05 30.10
N GLU C 464 -22.20 -1.99 29.25
CA GLU C 464 -23.12 -2.76 28.45
C GLU C 464 -24.01 -3.62 29.32
N ASN C 465 -23.61 -3.78 30.57
CA ASN C 465 -24.36 -4.61 31.49
C ASN C 465 -25.12 -3.85 32.59
N ASN C 466 -25.74 -2.74 32.24
CA ASN C 466 -26.51 -1.96 33.20
C ASN C 466 -25.85 -1.80 34.58
N TYR C 467 -24.52 -1.83 34.61
CA TYR C 467 -23.77 -1.70 35.87
C TYR C 467 -23.22 -0.29 36.14
N ILE C 468 -23.47 0.24 37.33
CA ILE C 468 -22.92 1.55 37.70
C ILE C 468 -21.45 1.24 37.89
N VAL C 469 -20.57 2.20 37.74
CA VAL C 469 -19.18 1.85 37.92
C VAL C 469 -18.40 2.80 38.77
N PRO C 470 -17.13 2.47 39.05
CA PRO C 470 -16.18 3.24 39.86
C PRO C 470 -15.86 4.65 39.39
N ASP C 471 -16.34 5.67 40.10
CA ASP C 471 -16.01 7.03 39.70
C ASP C 471 -14.49 7.03 39.75
N LYS C 472 -13.86 7.76 38.85
CA LYS C 472 -12.41 7.81 38.83
C LYS C 472 -11.98 8.41 40.16
N GLN C 473 -10.80 8.03 40.65
CA GLN C 473 -10.33 8.53 41.93
C GLN C 473 -9.15 9.50 41.90
N ILE C 474 -9.16 10.45 42.83
CA ILE C 474 -8.13 11.46 42.97
C ILE C 474 -8.24 12.20 44.30
N GLY C 508 3.70 -13.53 44.88
CA GLY C 508 4.13 -14.73 44.17
C GLY C 508 5.19 -15.53 44.89
N LEU C 509 5.21 -16.84 44.67
CA LEU C 509 6.18 -17.70 45.33
C LEU C 509 7.51 -17.80 44.59
N VAL C 510 8.57 -17.99 45.35
CA VAL C 510 9.90 -18.12 44.80
C VAL C 510 10.56 -19.29 45.46
N LEU C 511 10.97 -20.26 44.67
CA LEU C 511 11.63 -21.43 45.22
C LEU C 511 13.15 -21.23 45.25
N ASP C 512 13.76 -21.52 46.39
CA ASP C 512 15.18 -21.33 46.51
C ASP C 512 15.99 -22.09 45.47
N PRO C 513 16.66 -21.33 44.60
CA PRO C 513 17.50 -21.83 43.52
C PRO C 513 18.70 -22.59 43.99
N LYS C 514 18.78 -23.81 43.47
CA LYS C 514 19.83 -24.73 43.79
C LYS C 514 21.17 -24.32 43.21
N VAL C 515 21.68 -23.18 43.67
CA VAL C 515 22.97 -22.70 43.21
C VAL C 515 23.86 -23.88 42.92
N GLY C 516 24.44 -23.85 41.72
CA GLY C 516 25.32 -24.93 41.27
C GLY C 516 25.35 -25.16 39.77
N PHE C 517 26.34 -25.95 39.36
CA PHE C 517 26.49 -26.25 37.95
C PHE C 517 25.65 -27.43 37.50
N TYR C 518 25.48 -27.55 36.19
CA TYR C 518 24.70 -28.63 35.64
C TYR C 518 25.33 -29.21 34.40
N ASP C 519 25.62 -30.50 34.50
CA ASP C 519 26.25 -31.33 33.46
C ASP C 519 25.18 -31.69 32.42
N LYS C 520 24.10 -32.28 32.90
CA LYS C 520 23.01 -32.74 32.07
C LYS C 520 21.98 -31.66 31.81
N PHE C 521 21.06 -31.97 30.89
CA PHE C 521 20.00 -31.06 30.49
C PHE C 521 19.09 -30.58 31.59
N ILE C 522 18.50 -29.41 31.36
CA ILE C 522 17.60 -28.77 32.32
C ILE C 522 16.33 -28.27 31.65
N LEU C 523 15.29 -29.05 31.79
CA LEU C 523 14.03 -28.71 31.18
C LEU C 523 13.32 -27.54 31.88
N LEU C 524 13.34 -26.32 31.34
CA LEU C 524 12.61 -25.26 32.04
C LEU C 524 11.16 -25.09 31.57
N LEU C 525 10.23 -25.77 32.25
CA LEU C 525 8.80 -25.68 31.95
C LEU C 525 8.22 -24.45 32.60
N ASP C 526 7.03 -24.05 32.16
CA ASP C 526 6.38 -22.87 32.71
C ASP C 526 4.88 -22.96 32.52
N PHE C 527 4.17 -21.95 33.01
CA PHE C 527 2.73 -21.93 32.87
C PHE C 527 2.32 -20.92 31.80
N ASN C 528 1.15 -21.12 31.21
CA ASN C 528 0.68 -20.20 30.18
C ASN C 528 -0.29 -19.20 30.75
N SER C 529 0.16 -17.96 30.92
CA SER C 529 -0.70 -16.90 31.44
C SER C 529 -1.41 -17.35 32.70
N LEU C 530 -0.66 -17.34 33.79
CA LEU C 530 -1.11 -17.80 35.11
C LEU C 530 -2.35 -17.15 35.75
N TYR C 531 -2.20 -15.98 36.34
CA TYR C 531 -3.33 -15.32 36.99
C TYR C 531 -4.44 -15.09 35.96
N PRO C 532 -4.08 -14.98 34.68
CA PRO C 532 -5.11 -14.76 33.66
C PRO C 532 -6.06 -15.92 33.67
N SER C 533 -5.50 -17.11 33.60
CA SER C 533 -6.31 -18.31 33.60
C SER C 533 -6.99 -18.53 34.95
N ILE C 534 -6.25 -18.31 36.03
CA ILE C 534 -6.81 -18.52 37.37
C ILE C 534 -8.12 -17.75 37.60
N ILE C 535 -8.18 -16.52 37.08
CA ILE C 535 -9.37 -15.71 37.23
C ILE C 535 -10.48 -16.33 36.44
N GLN C 536 -10.14 -17.43 35.77
CA GLN C 536 -11.10 -18.18 34.98
C GLN C 536 -11.43 -19.47 35.71
N GLU C 537 -10.38 -20.25 35.97
CA GLU C 537 -10.51 -21.53 36.65
C GLU C 537 -11.46 -21.40 37.84
N PHE C 538 -11.07 -20.58 38.81
CA PHE C 538 -11.84 -20.36 40.02
C PHE C 538 -12.84 -19.19 39.96
N ASN C 539 -13.49 -18.98 38.83
CA ASN C 539 -14.45 -17.88 38.73
C ASN C 539 -14.25 -16.76 39.76
N ILE C 540 -13.10 -16.10 39.70
CA ILE C 540 -12.81 -14.96 40.59
C ILE C 540 -13.33 -13.70 39.92
N CYS C 541 -14.02 -12.86 40.69
CA CYS C 541 -14.58 -11.64 40.12
C CYS C 541 -15.10 -10.61 41.11
N PHE C 542 -15.57 -9.48 40.60
CA PHE C 542 -16.12 -8.42 41.43
C PHE C 542 -17.54 -8.75 41.82
N THR C 543 -18.00 -9.92 41.41
CA THR C 543 -19.36 -10.32 41.69
C THR C 543 -19.43 -11.81 41.98
N THR C 544 -18.27 -12.43 42.16
CA THR C 544 -18.17 -13.87 42.44
C THR C 544 -17.64 -14.04 43.86
N VAL C 545 -16.55 -13.33 44.14
CA VAL C 545 -15.90 -13.40 45.44
C VAL C 545 -16.59 -12.61 46.56
N GLN C 546 -16.48 -13.14 47.78
CA GLN C 546 -17.05 -12.54 48.99
C GLN C 546 -15.94 -11.68 49.60
N ARG C 547 -16.14 -10.38 49.63
CA ARG C 547 -15.10 -9.49 50.17
C ARG C 547 -15.63 -8.41 51.10
N VAL C 548 -14.71 -7.68 51.73
CA VAL C 548 -15.10 -6.60 52.61
C VAL C 548 -13.95 -5.61 52.69
N ILE C 564 -8.20 -12.24 52.79
CA ILE C 564 -7.94 -13.23 51.76
C ILE C 564 -9.13 -14.16 51.67
N PRO C 565 -10.31 -13.64 51.30
CA PRO C 565 -11.57 -14.38 51.17
C PRO C 565 -11.53 -15.78 50.55
N GLU C 566 -12.72 -16.33 50.29
CA GLU C 566 -12.80 -17.67 49.75
C GLU C 566 -13.43 -17.71 48.36
N LEU C 567 -12.71 -18.34 47.44
CA LEU C 567 -13.16 -18.50 46.09
C LEU C 567 -14.61 -18.90 46.24
N PRO C 568 -15.52 -18.23 45.56
CA PRO C 568 -16.90 -18.67 45.72
C PRO C 568 -16.97 -20.12 45.27
N ASP C 569 -18.19 -20.63 45.16
CA ASP C 569 -18.37 -22.03 44.76
C ASP C 569 -18.43 -22.22 43.24
N PRO C 570 -17.99 -23.40 42.76
CA PRO C 570 -18.01 -23.68 41.32
C PRO C 570 -19.43 -23.77 40.74
N SER C 571 -20.44 -23.53 41.58
CA SER C 571 -21.84 -23.57 41.16
C SER C 571 -22.39 -22.20 40.82
N LEU C 572 -21.64 -21.15 41.16
CA LEU C 572 -22.06 -19.79 40.85
C LEU C 572 -21.69 -19.55 39.38
N GLU C 573 -22.45 -18.70 38.68
CA GLU C 573 -22.14 -18.42 37.27
C GLU C 573 -21.06 -17.35 37.13
N MET C 574 -20.61 -17.14 35.90
CA MET C 574 -19.57 -16.16 35.65
C MET C 574 -20.09 -14.80 36.07
N GLY C 575 -19.18 -13.84 36.15
CA GLY C 575 -19.57 -12.50 36.53
C GLY C 575 -19.06 -11.62 35.43
N ILE C 576 -19.25 -10.32 35.59
CA ILE C 576 -18.80 -9.39 34.60
C ILE C 576 -17.36 -9.72 34.14
N LEU C 577 -16.38 -9.66 35.05
CA LEU C 577 -14.98 -9.95 34.70
C LEU C 577 -14.71 -11.25 33.96
N PRO C 578 -15.22 -12.37 34.48
CA PRO C 578 -14.90 -13.56 33.69
C PRO C 578 -15.60 -13.53 32.34
N ARG C 579 -16.80 -12.95 32.30
CA ARG C 579 -17.56 -12.87 31.05
C ARG C 579 -16.93 -11.93 30.01
N GLU C 580 -15.85 -11.25 30.41
CA GLU C 580 -15.12 -10.38 29.50
C GLU C 580 -13.74 -10.97 29.26
N ILE C 581 -13.37 -11.99 30.03
CA ILE C 581 -12.11 -12.68 29.79
C ILE C 581 -12.56 -13.92 29.04
N ARG C 582 -13.87 -14.17 29.09
CA ARG C 582 -14.45 -15.29 28.36
C ARG C 582 -14.32 -14.91 26.88
N LYS C 583 -15.02 -13.85 26.51
CA LYS C 583 -14.99 -13.39 25.14
C LYS C 583 -13.55 -13.18 24.69
N LEU C 584 -12.69 -12.75 25.60
CA LEU C 584 -11.30 -12.49 25.28
C LEU C 584 -10.57 -13.68 24.69
N VAL C 585 -11.08 -14.88 24.94
CA VAL C 585 -10.40 -16.01 24.36
C VAL C 585 -11.35 -16.70 23.41
N GLU C 586 -12.59 -16.22 23.37
CA GLU C 586 -13.59 -16.74 22.45
C GLU C 586 -13.19 -16.15 21.09
N ARG C 587 -12.54 -14.99 21.14
CA ARG C 587 -12.07 -14.34 19.94
C ARG C 587 -10.67 -14.85 19.59
N ARG C 588 -9.93 -15.39 20.55
CA ARG C 588 -8.60 -15.92 20.21
C ARG C 588 -8.81 -17.32 19.68
N LYS C 589 -10.04 -17.80 19.82
CA LYS C 589 -10.40 -19.09 19.30
C LYS C 589 -10.54 -18.84 17.80
N GLN C 590 -11.59 -18.10 17.41
CA GLN C 590 -11.85 -17.76 16.01
C GLN C 590 -10.57 -17.45 15.26
N VAL C 591 -9.81 -16.48 15.75
CA VAL C 591 -8.58 -16.10 15.08
C VAL C 591 -7.55 -17.20 14.98
N LYS C 592 -7.39 -18.00 16.01
CA LYS C 592 -6.40 -19.04 15.88
C LYS C 592 -6.86 -20.02 14.78
N GLN C 593 -8.17 -20.11 14.59
CA GLN C 593 -8.74 -20.99 13.59
C GLN C 593 -8.79 -20.42 12.18
N LEU C 594 -8.92 -19.12 12.04
CA LEU C 594 -8.94 -18.54 10.70
C LEU C 594 -7.50 -18.49 10.20
N MET C 595 -6.54 -18.67 11.11
CA MET C 595 -5.13 -18.65 10.72
C MET C 595 -4.75 -20.01 10.21
N LYS C 596 -5.69 -20.93 10.33
CA LYS C 596 -5.46 -22.28 9.84
C LYS C 596 -5.86 -22.33 8.36
N GLN C 597 -6.86 -21.52 7.99
CA GLN C 597 -7.35 -21.45 6.59
C GLN C 597 -6.21 -21.29 5.59
N GLN C 598 -6.29 -21.97 4.45
CA GLN C 598 -5.26 -21.83 3.43
C GLN C 598 -5.86 -21.23 2.18
N ASP C 599 -5.00 -20.83 1.24
CA ASP C 599 -5.43 -20.18 0.02
C ASP C 599 -6.02 -18.89 0.60
N LEU C 600 -5.15 -18.25 1.39
CA LEU C 600 -5.42 -17.02 2.13
C LEU C 600 -4.36 -15.91 1.94
N ASN C 601 -4.83 -14.67 2.04
CA ASN C 601 -4.04 -13.44 1.89
C ASN C 601 -2.81 -13.35 2.79
N PRO C 602 -1.60 -13.55 2.24
CA PRO C 602 -0.36 -13.49 3.01
C PRO C 602 -0.05 -12.13 3.61
N ASP C 603 -1.08 -11.30 3.72
CA ASP C 603 -0.97 -10.00 4.36
C ASP C 603 -1.83 -10.25 5.59
N LEU C 604 -2.89 -11.03 5.39
CA LEU C 604 -3.77 -11.36 6.51
C LEU C 604 -3.10 -12.37 7.43
N ILE C 605 -1.97 -12.91 6.97
CA ILE C 605 -1.18 -13.83 7.75
C ILE C 605 -0.63 -12.90 8.81
N LEU C 606 0.11 -11.88 8.38
CA LEU C 606 0.70 -10.93 9.32
C LEU C 606 -0.41 -10.20 10.06
N GLN C 607 -1.60 -10.13 9.49
CA GLN C 607 -2.68 -9.48 10.20
C GLN C 607 -3.06 -10.32 11.42
N TYR C 608 -3.74 -11.43 11.19
CA TYR C 608 -4.17 -12.32 12.27
C TYR C 608 -3.13 -12.54 13.41
N ASP C 609 -1.85 -12.61 13.06
CA ASP C 609 -0.76 -12.82 14.02
C ASP C 609 -0.71 -11.77 15.12
N ILE C 610 -0.77 -10.51 14.71
CA ILE C 610 -0.75 -9.43 15.67
C ILE C 610 -2.06 -9.48 16.46
N ARG C 611 -3.19 -9.35 15.79
CA ARG C 611 -4.48 -9.41 16.46
C ARG C 611 -4.42 -10.51 17.54
N GLN C 612 -3.59 -11.52 17.32
CA GLN C 612 -3.38 -12.60 18.29
C GLN C 612 -2.74 -11.97 19.52
N LYS C 613 -1.44 -11.70 19.41
CA LYS C 613 -0.65 -11.11 20.47
C LYS C 613 -1.40 -10.11 21.34
N ALA C 614 -2.24 -9.32 20.71
CA ALA C 614 -3.01 -8.33 21.45
C ALA C 614 -3.97 -8.98 22.42
N LEU C 615 -4.98 -9.64 21.86
CA LEU C 615 -5.98 -10.34 22.65
C LEU C 615 -5.28 -11.02 23.84
N LYS C 616 -4.01 -11.37 23.62
CA LYS C 616 -3.14 -12.03 24.61
C LYS C 616 -2.75 -11.05 25.70
N LEU C 617 -2.04 -9.98 25.34
CA LEU C 617 -1.61 -9.00 26.30
C LEU C 617 -2.75 -8.49 27.16
N THR C 618 -3.73 -7.87 26.53
CA THR C 618 -4.89 -7.35 27.25
C THR C 618 -5.27 -8.23 28.44
N ALA C 619 -5.59 -9.48 28.13
CA ALA C 619 -5.96 -10.45 29.15
C ALA C 619 -5.02 -10.40 30.35
N ASN C 620 -3.82 -10.95 30.19
CA ASN C 620 -2.83 -11.00 31.25
C ASN C 620 -2.88 -9.82 32.21
N SER C 621 -2.70 -8.63 31.66
CA SER C 621 -2.74 -7.49 32.51
C SER C 621 -4.11 -7.31 33.15
N MET C 622 -5.13 -8.03 32.66
CA MET C 622 -6.44 -7.97 33.30
C MET C 622 -6.21 -7.97 34.80
N TYR C 623 -5.25 -8.79 35.21
CA TYR C 623 -4.87 -8.92 36.61
C TYR C 623 -4.21 -7.64 37.09
N GLY C 624 -3.05 -7.33 36.51
CA GLY C 624 -2.33 -6.13 36.88
C GLY C 624 -3.30 -4.98 37.07
N CYS C 625 -4.52 -5.18 36.58
CA CYS C 625 -5.58 -4.19 36.66
C CYS C 625 -6.24 -4.18 38.02
N LEU C 626 -6.26 -5.35 38.66
CA LEU C 626 -6.89 -5.48 39.98
C LEU C 626 -5.91 -5.32 41.14
N GLY C 627 -4.68 -5.79 40.95
CA GLY C 627 -3.67 -5.68 42.00
C GLY C 627 -2.77 -4.45 41.89
N PHE C 628 -3.27 -3.40 41.20
CA PHE C 628 -2.54 -2.14 41.00
C PHE C 628 -3.03 -1.04 41.94
N SER C 629 -2.20 -0.73 42.93
CA SER C 629 -2.49 0.28 43.93
C SER C 629 -3.31 1.46 43.41
N TYR C 630 -2.84 2.06 42.32
CA TYR C 630 -3.51 3.23 41.76
C TYR C 630 -4.39 2.97 40.54
N SER C 631 -5.08 1.82 40.48
CA SER C 631 -5.96 1.53 39.34
C SER C 631 -7.35 2.07 39.62
N ARG C 632 -8.16 2.24 38.58
CA ARG C 632 -9.53 2.73 38.74
C ARG C 632 -10.42 1.55 39.07
N PHE C 633 -9.84 0.35 38.97
CA PHE C 633 -10.55 -0.89 39.27
C PHE C 633 -9.83 -1.74 40.32
N TYR C 634 -9.39 -1.09 41.39
CA TYR C 634 -8.67 -1.77 42.46
C TYR C 634 -9.61 -2.54 43.38
N ALA C 635 -9.02 -3.51 44.07
CA ALA C 635 -9.73 -4.37 45.03
C ALA C 635 -8.71 -5.39 45.54
N LYS C 636 -7.74 -4.91 46.30
CA LYS C 636 -6.66 -5.72 46.84
C LYS C 636 -7.00 -7.18 47.15
N PRO C 637 -8.20 -7.43 47.71
CA PRO C 637 -8.55 -8.83 48.02
C PRO C 637 -8.43 -9.73 46.77
N LEU C 638 -9.33 -9.45 45.82
CA LEU C 638 -9.40 -10.18 44.60
C LEU C 638 -8.01 -10.58 44.16
N ALA C 639 -7.05 -9.68 44.31
CA ALA C 639 -5.67 -9.98 43.91
C ALA C 639 -5.01 -11.04 44.78
N ALA C 640 -4.75 -10.69 46.04
CA ALA C 640 -4.10 -11.63 46.93
C ALA C 640 -4.67 -13.03 46.67
N LEU C 641 -5.99 -13.16 46.76
CA LEU C 641 -6.64 -14.44 46.55
C LEU C 641 -5.94 -15.15 45.43
N VAL C 642 -5.94 -14.48 44.28
CA VAL C 642 -5.32 -15.02 43.09
C VAL C 642 -3.87 -15.37 43.39
N THR C 643 -3.08 -14.35 43.70
CA THR C 643 -1.67 -14.60 44.00
C THR C 643 -1.56 -15.89 44.81
N TYR C 644 -2.47 -16.07 45.76
CA TYR C 644 -2.42 -17.26 46.58
C TYR C 644 -2.47 -18.49 45.69
N LYS C 645 -3.66 -18.80 45.19
CA LYS C 645 -3.86 -19.95 44.33
C LYS C 645 -2.57 -20.10 43.57
N GLY C 646 -2.05 -18.96 43.15
CA GLY C 646 -0.83 -18.94 42.39
C GLY C 646 0.35 -19.64 43.06
N ARG C 647 0.82 -19.07 44.14
CA ARG C 647 1.93 -19.69 44.81
C ARG C 647 1.53 -21.11 45.15
N GLU C 648 0.27 -21.30 45.45
CA GLU C 648 -0.24 -22.63 45.78
C GLU C 648 0.00 -23.61 44.66
N ILE C 649 -0.74 -23.39 43.59
CA ILE C 649 -0.68 -24.22 42.43
C ILE C 649 0.73 -24.43 41.96
N LEU C 650 1.66 -23.67 42.51
CA LEU C 650 3.04 -23.86 42.12
C LEU C 650 3.69 -25.00 42.87
N MET C 651 3.61 -24.96 44.19
CA MET C 651 4.21 -26.01 45.01
C MET C 651 3.59 -27.32 44.55
N HIS C 652 2.27 -27.37 44.66
CA HIS C 652 1.47 -28.51 44.27
C HIS C 652 2.23 -29.23 43.18
N THR C 653 2.57 -28.44 42.18
CA THR C 653 3.31 -28.88 41.05
C THR C 653 4.72 -29.31 41.41
N LYS C 654 5.47 -28.42 42.06
CA LYS C 654 6.84 -28.75 42.46
C LYS C 654 6.86 -30.10 43.16
N GLU C 655 5.94 -30.33 44.08
CA GLU C 655 5.90 -31.61 44.78
C GLU C 655 5.80 -32.69 43.73
N MET C 656 4.75 -32.58 42.92
CA MET C 656 4.48 -33.54 41.88
C MET C 656 5.71 -34.05 41.19
N VAL C 657 6.56 -33.13 40.73
CA VAL C 657 7.81 -33.47 40.03
C VAL C 657 8.73 -34.32 40.87
N GLN C 658 8.92 -33.86 42.10
CA GLN C 658 9.76 -34.56 43.03
C GLN C 658 9.10 -35.93 43.23
N LYS C 659 7.78 -35.92 43.27
CA LYS C 659 6.99 -37.14 43.43
C LYS C 659 7.23 -38.08 42.26
N MET C 660 7.79 -37.54 41.18
CA MET C 660 8.09 -38.35 40.02
C MET C 660 9.58 -38.59 40.03
N ASN C 661 10.14 -38.43 41.23
CA ASN C 661 11.55 -38.63 41.46
C ASN C 661 12.49 -37.89 40.52
N LEU C 662 12.13 -36.63 40.33
CA LEU C 662 12.88 -35.69 39.51
C LEU C 662 13.14 -34.35 40.23
N GLU C 663 14.42 -34.09 40.45
CA GLU C 663 14.97 -32.89 41.12
C GLU C 663 14.66 -31.52 40.50
N VAL C 664 13.85 -30.71 41.20
CA VAL C 664 13.45 -29.35 40.76
C VAL C 664 14.46 -28.25 41.15
N ILE C 665 15.40 -27.91 40.27
CA ILE C 665 16.46 -26.92 40.59
C ILE C 665 16.08 -25.45 40.69
N TYR C 666 14.83 -25.08 40.43
CA TYR C 666 14.44 -23.69 40.54
C TYR C 666 12.97 -23.49 40.24
N GLY C 667 12.46 -22.31 40.60
CA GLY C 667 11.07 -21.97 40.36
C GLY C 667 10.84 -20.48 40.55
N ASP C 668 9.67 -19.98 40.15
CA ASP C 668 9.39 -18.57 40.27
C ASP C 668 8.02 -18.21 39.69
N THR C 669 7.09 -17.87 40.56
CA THR C 669 5.75 -17.48 40.18
C THR C 669 4.97 -18.40 39.25
N ASP C 670 5.57 -18.86 38.15
CA ASP C 670 4.86 -19.73 37.19
C ASP C 670 5.79 -20.62 36.36
N SER C 671 7.07 -20.52 36.68
CA SER C 671 8.12 -21.28 35.99
C SER C 671 8.72 -22.39 36.85
N ILE C 672 9.41 -23.33 36.22
CA ILE C 672 10.02 -24.42 36.95
C ILE C 672 11.16 -25.08 36.18
N MET C 673 12.38 -24.80 36.58
CA MET C 673 13.52 -25.45 35.93
C MET C 673 13.59 -26.87 36.55
N ILE C 674 14.03 -27.86 35.76
CA ILE C 674 14.08 -29.23 36.24
C ILE C 674 15.23 -30.06 35.71
N ASN C 675 16.28 -30.27 36.51
CA ASN C 675 17.40 -31.08 36.07
C ASN C 675 16.88 -32.47 35.83
N THR C 676 17.23 -33.09 34.72
CA THR C 676 16.67 -34.39 34.45
C THR C 676 17.69 -35.47 34.33
N ASN C 677 18.77 -35.18 33.60
CA ASN C 677 19.87 -36.14 33.39
C ASN C 677 19.88 -36.95 32.10
N SER C 678 19.06 -36.55 31.13
CA SER C 678 19.00 -37.26 29.88
C SER C 678 19.99 -36.65 28.88
N THR C 679 20.37 -37.43 27.88
CA THR C 679 21.26 -36.98 26.83
C THR C 679 20.35 -37.06 25.60
N ASN C 680 19.35 -37.93 25.72
CA ASN C 680 18.31 -38.24 24.74
C ASN C 680 17.19 -37.18 24.78
N LEU C 681 17.32 -36.13 23.97
CA LEU C 681 16.30 -35.09 23.96
C LEU C 681 14.96 -35.69 23.55
N GLU C 682 15.01 -36.72 22.70
CA GLU C 682 13.80 -37.43 22.24
C GLU C 682 13.06 -37.86 23.50
N GLU C 683 13.82 -38.13 24.56
CA GLU C 683 13.26 -38.57 25.83
C GLU C 683 12.79 -37.42 26.68
N VAL C 684 13.52 -36.31 26.67
CA VAL C 684 13.15 -35.16 27.48
C VAL C 684 11.76 -34.58 27.19
N PHE C 685 11.43 -34.37 25.94
CA PHE C 685 10.11 -33.84 25.70
C PHE C 685 9.12 -34.92 26.10
N LYS C 686 9.27 -36.12 25.52
CA LYS C 686 8.37 -37.23 25.83
C LYS C 686 8.15 -37.14 27.32
N LEU C 687 9.16 -36.62 28.00
CA LEU C 687 9.09 -36.45 29.43
C LEU C 687 8.42 -35.14 29.78
N GLY C 688 8.86 -34.07 29.16
CA GLY C 688 8.26 -32.78 29.44
C GLY C 688 6.78 -33.01 29.42
N ASN C 689 6.32 -33.39 28.24
CA ASN C 689 4.91 -33.64 28.03
C ASN C 689 4.32 -34.56 29.10
N LYS C 690 5.02 -35.63 29.46
CA LYS C 690 4.49 -36.53 30.50
C LYS C 690 4.06 -35.62 31.64
N VAL C 691 4.99 -34.76 32.08
CA VAL C 691 4.70 -33.81 33.15
C VAL C 691 3.47 -33.08 32.74
N LYS C 692 3.59 -32.40 31.61
CA LYS C 692 2.51 -31.64 31.03
C LYS C 692 1.20 -32.32 31.42
N SER C 693 0.89 -33.41 30.72
CA SER C 693 -0.32 -34.17 30.94
C SER C 693 -0.77 -34.15 32.39
N GLU C 694 -0.07 -34.92 33.23
CA GLU C 694 -0.39 -35.02 34.66
C GLU C 694 -0.89 -33.69 35.19
N VAL C 695 -0.09 -32.65 34.98
CA VAL C 695 -0.41 -31.31 35.44
C VAL C 695 -1.67 -30.69 34.84
N ASN C 696 -1.84 -30.85 33.54
CA ASN C 696 -2.98 -30.26 32.88
C ASN C 696 -4.19 -31.15 33.03
N LYS C 697 -3.90 -32.42 33.30
CA LYS C 697 -4.94 -33.40 33.51
C LYS C 697 -5.73 -33.03 34.77
N LEU C 698 -5.04 -32.47 35.76
CA LEU C 698 -5.62 -32.10 37.05
C LEU C 698 -6.57 -30.90 36.98
N TYR C 699 -6.17 -29.85 36.26
CA TYR C 699 -7.00 -28.66 36.14
C TYR C 699 -7.80 -28.75 34.86
N LYS C 700 -8.54 -27.68 34.57
CA LYS C 700 -9.40 -27.60 33.39
C LYS C 700 -8.90 -26.58 32.36
N LEU C 701 -8.37 -25.46 32.84
CA LEU C 701 -7.90 -24.43 31.95
C LEU C 701 -6.41 -24.27 32.07
N LEU C 702 -5.98 -23.67 33.17
CA LEU C 702 -4.56 -23.47 33.39
C LEU C 702 -3.83 -24.65 32.82
N GLU C 703 -2.61 -24.45 32.35
CA GLU C 703 -1.81 -25.52 31.79
C GLU C 703 -0.34 -25.17 31.76
N ILE C 704 0.52 -26.15 32.01
CA ILE C 704 1.96 -25.89 31.97
C ILE C 704 2.35 -26.03 30.52
N ASP C 705 3.49 -25.48 30.17
CA ASP C 705 3.92 -25.55 28.80
C ASP C 705 5.42 -25.77 28.70
N ILE C 706 5.81 -26.60 27.75
CA ILE C 706 7.21 -26.86 27.52
C ILE C 706 7.80 -25.49 27.23
N ASP C 707 9.05 -25.26 27.62
CA ASP C 707 9.57 -23.97 27.30
C ASP C 707 11.04 -23.79 27.07
N GLY C 708 11.77 -24.88 26.95
CA GLY C 708 13.17 -24.70 26.70
C GLY C 708 13.94 -25.87 27.18
N VAL C 709 15.24 -25.77 27.05
CA VAL C 709 16.15 -26.81 27.49
C VAL C 709 17.49 -26.13 27.50
N PHE C 710 18.33 -26.44 28.47
CA PHE C 710 19.62 -25.81 28.51
C PHE C 710 20.56 -26.97 28.46
N LYS C 711 21.71 -26.81 27.83
CA LYS C 711 22.62 -27.92 27.80
C LYS C 711 23.77 -27.72 28.76
N SER C 712 23.66 -26.65 29.54
CA SER C 712 24.64 -26.33 30.55
C SER C 712 23.94 -25.24 31.32
N LEU C 713 24.19 -25.18 32.63
CA LEU C 713 23.54 -24.18 33.46
C LEU C 713 24.40 -23.82 34.65
N LEU C 714 24.49 -22.52 34.89
CA LEU C 714 25.24 -22.05 36.01
C LEU C 714 24.25 -21.16 36.72
N LEU C 715 23.58 -21.73 37.72
CA LEU C 715 22.62 -20.99 38.51
C LEU C 715 23.36 -20.17 39.57
N LEU C 716 23.65 -18.91 39.30
CA LEU C 716 24.35 -18.11 40.29
C LEU C 716 23.43 -17.84 41.47
N LYS C 717 22.38 -17.05 41.27
CA LYS C 717 21.41 -16.79 42.34
C LYS C 717 20.06 -16.42 41.73
N LYS C 718 19.19 -15.81 42.53
CA LYS C 718 17.84 -15.48 42.06
C LYS C 718 17.80 -14.74 40.72
N LYS C 719 16.92 -15.20 39.83
CA LYS C 719 16.73 -14.62 38.50
C LYS C 719 18.05 -14.25 37.85
N LYS C 720 19.11 -14.97 38.20
CA LYS C 720 20.42 -14.70 37.64
C LYS C 720 21.18 -16.00 37.33
N TYR C 721 21.24 -16.33 36.04
CA TYR C 721 21.90 -17.54 35.56
C TYR C 721 22.62 -17.38 34.25
N ALA C 722 23.49 -18.34 33.99
CA ALA C 722 24.25 -18.42 32.77
C ALA C 722 23.83 -19.81 32.29
N ALA C 723 23.73 -20.03 30.97
CA ALA C 723 23.29 -21.33 30.47
C ALA C 723 23.42 -21.48 28.97
N LEU C 724 23.16 -22.70 28.49
CA LEU C 724 23.23 -23.01 27.07
C LEU C 724 21.86 -23.46 26.57
N VAL C 725 21.24 -22.61 25.73
CA VAL C 725 19.90 -22.83 25.14
C VAL C 725 19.89 -23.71 23.90
N VAL C 726 18.90 -24.60 23.81
CA VAL C 726 18.81 -25.50 22.67
C VAL C 726 17.77 -25.10 21.62
N GLU C 727 18.21 -25.18 20.36
CA GLU C 727 17.39 -24.87 19.20
C GLU C 727 17.59 -26.07 18.30
N PRO C 728 16.61 -26.98 18.32
CA PRO C 728 16.61 -28.21 17.54
C PRO C 728 16.60 -28.06 16.05
N THR C 729 17.55 -28.71 15.38
CA THR C 729 17.57 -28.68 13.93
C THR C 729 16.63 -29.87 13.68
N SER C 730 16.93 -30.71 12.70
CA SER C 730 16.04 -31.81 12.47
C SER C 730 16.52 -33.17 12.96
N ASP C 731 15.55 -33.90 13.51
CA ASP C 731 15.65 -35.27 14.04
C ASP C 731 16.83 -35.77 14.90
N GLY C 732 17.10 -35.10 16.02
CA GLY C 732 18.18 -35.56 16.88
C GLY C 732 19.29 -34.56 17.15
N ASN C 733 19.61 -33.72 16.17
CA ASN C 733 20.66 -32.73 16.34
C ASN C 733 19.98 -31.40 16.73
N TYR C 734 20.77 -30.42 17.17
CA TYR C 734 20.27 -29.11 17.61
C TYR C 734 21.34 -28.03 17.54
N VAL C 735 21.10 -26.95 18.26
CA VAL C 735 22.03 -25.84 18.27
C VAL C 735 22.27 -25.28 19.67
N THR C 736 23.49 -24.86 19.92
CA THR C 736 23.89 -24.31 21.21
C THR C 736 24.05 -22.77 21.25
N LYS C 737 22.97 -22.06 21.57
CA LYS C 737 22.96 -20.59 21.67
C LYS C 737 23.39 -20.09 23.06
N GLN C 738 24.38 -19.21 23.11
CA GLN C 738 24.85 -18.68 24.38
C GLN C 738 23.93 -17.58 24.91
N GLU C 739 23.28 -17.85 26.05
CA GLU C 739 22.35 -16.90 26.68
C GLU C 739 22.66 -16.63 28.15
N LEU C 740 23.09 -15.41 28.45
CA LEU C 740 23.44 -15.01 29.81
C LEU C 740 22.64 -13.77 30.17
N LYS C 741 22.53 -13.49 31.47
CA LYS C 741 21.84 -12.29 31.94
C LYS C 741 22.00 -12.13 33.43
N GLY C 742 22.32 -10.90 33.82
CA GLY C 742 22.55 -10.59 35.21
C GLY C 742 24.02 -10.84 35.46
N LEU C 743 24.81 -10.82 34.39
CA LEU C 743 26.24 -11.05 34.51
C LEU C 743 27.06 -9.95 33.86
N ASP C 744 26.79 -8.71 34.23
CA ASP C 744 27.50 -7.59 33.64
C ASP C 744 28.48 -7.10 34.67
N ILE C 745 29.66 -6.68 34.24
CA ILE C 745 30.64 -6.15 35.19
C ILE C 745 30.64 -4.65 34.92
N VAL C 746 30.52 -3.81 35.94
CA VAL C 746 30.50 -2.40 35.63
C VAL C 746 31.88 -1.79 35.59
N ARG C 747 32.58 -1.73 36.71
CA ARG C 747 33.93 -1.13 36.74
C ARG C 747 34.76 -1.52 35.52
N ARG C 748 35.38 -0.53 34.88
CA ARG C 748 36.21 -0.79 33.71
C ARG C 748 37.66 -0.85 34.17
N ASP C 749 37.84 -0.95 35.48
CA ASP C 749 39.18 -0.94 36.01
C ASP C 749 39.73 -2.30 36.40
N TRP C 750 39.40 -3.34 35.64
CA TRP C 750 39.91 -4.67 35.93
C TRP C 750 41.07 -4.86 34.96
N CYS C 751 42.25 -5.20 35.47
CA CYS C 751 43.41 -5.36 34.59
C CYS C 751 43.15 -6.43 33.55
N ASP C 752 44.00 -6.47 32.53
CA ASP C 752 43.86 -7.46 31.46
C ASP C 752 43.87 -8.90 32.01
N LEU C 753 44.90 -9.25 32.77
CA LEU C 753 45.05 -10.59 33.31
C LEU C 753 43.77 -11.07 33.93
N ALA C 754 42.98 -10.13 34.42
CA ALA C 754 41.71 -10.47 35.02
C ALA C 754 40.74 -10.86 33.93
N LYS C 755 40.38 -9.88 33.10
CA LYS C 755 39.45 -10.12 32.00
C LYS C 755 39.89 -11.34 31.20
N ASP C 756 41.19 -11.44 30.94
CA ASP C 756 41.73 -12.59 30.21
C ASP C 756 41.23 -13.81 30.98
N THR C 757 41.90 -14.07 32.10
CA THR C 757 41.56 -15.19 32.96
C THR C 757 40.05 -15.28 33.15
N GLY C 758 39.39 -14.14 33.21
CA GLY C 758 37.96 -14.11 33.40
C GLY C 758 37.22 -14.90 32.33
N ASN C 759 37.15 -14.32 31.15
CA ASN C 759 36.47 -14.97 30.04
C ASN C 759 36.91 -16.43 30.00
N PHE C 760 38.23 -16.62 29.87
CA PHE C 760 38.86 -17.95 29.78
C PHE C 760 38.07 -19.09 30.43
N VAL C 761 37.54 -18.76 31.59
CA VAL C 761 36.77 -19.69 32.36
C VAL C 761 35.37 -19.70 31.80
N ILE C 762 34.69 -18.56 31.98
CA ILE C 762 33.32 -18.41 31.52
C ILE C 762 33.11 -19.31 30.30
N GLY C 763 34.15 -19.43 29.48
CA GLY C 763 34.07 -20.28 28.31
C GLY C 763 34.02 -21.76 28.63
N GLN C 764 35.08 -22.27 29.24
CA GLN C 764 35.11 -23.68 29.56
C GLN C 764 33.78 -23.97 30.24
N ILE C 765 33.20 -22.97 30.88
CA ILE C 765 31.92 -23.13 31.56
C ILE C 765 30.75 -23.22 30.61
N LEU C 766 30.90 -22.69 29.42
CA LEU C 766 29.82 -22.83 28.46
C LEU C 766 30.32 -23.79 27.39
N SER C 767 31.34 -24.55 27.79
CA SER C 767 31.93 -25.61 26.98
C SER C 767 30.89 -26.72 27.17
N ASP C 768 30.98 -27.82 26.45
CA ASP C 768 30.00 -28.86 26.68
C ASP C 768 30.56 -29.95 27.54
N GLN C 769 31.88 -29.96 27.62
CA GLN C 769 32.59 -30.94 28.41
C GLN C 769 32.00 -31.07 29.83
N SER C 770 32.34 -32.15 30.54
CA SER C 770 31.83 -32.42 31.88
C SER C 770 32.22 -31.48 33.00
N ARG C 771 31.35 -31.41 34.00
CA ARG C 771 31.57 -30.59 35.17
C ARG C 771 33.02 -30.84 35.53
N ASP C 772 33.36 -32.11 35.73
CA ASP C 772 34.71 -32.52 36.08
C ASP C 772 35.71 -31.87 35.12
N THR C 773 35.54 -32.17 33.83
CA THR C 773 36.42 -31.65 32.79
C THR C 773 36.61 -30.13 32.85
N ILE C 774 35.50 -29.40 32.99
CA ILE C 774 35.53 -27.93 33.08
C ILE C 774 36.47 -27.49 34.19
N VAL C 775 36.00 -27.75 35.40
CA VAL C 775 36.67 -27.42 36.62
C VAL C 775 38.13 -27.82 36.67
N GLU C 776 38.44 -29.06 36.30
CA GLU C 776 39.82 -29.54 36.34
C GLU C 776 40.68 -28.58 35.52
N ASN C 777 40.22 -28.25 34.31
CA ASN C 777 40.94 -27.32 33.44
C ASN C 777 41.05 -25.98 34.17
N ILE C 778 39.93 -25.53 34.74
CA ILE C 778 39.87 -24.26 35.45
C ILE C 778 40.90 -24.27 36.56
N GLN C 779 41.00 -25.38 37.28
CA GLN C 779 42.00 -25.46 38.32
C GLN C 779 43.31 -25.27 37.56
N LYS C 780 43.60 -26.23 36.68
CA LYS C 780 44.78 -26.26 35.82
C LYS C 780 45.28 -24.85 35.48
N ARG C 781 44.55 -24.22 34.59
CA ARG C 781 44.87 -22.87 34.15
C ARG C 781 45.23 -21.99 35.34
N LEU C 782 44.21 -21.63 36.10
CA LEU C 782 44.42 -20.79 37.25
C LEU C 782 45.73 -21.17 37.93
N ILE C 783 45.90 -22.43 38.30
CA ILE C 783 47.15 -22.85 38.95
C ILE C 783 48.37 -22.17 38.33
N GLU C 784 48.45 -22.22 37.01
CA GLU C 784 49.56 -21.61 36.30
C GLU C 784 49.56 -20.10 36.43
N ILE C 785 48.41 -19.50 36.14
CA ILE C 785 48.27 -18.06 36.24
C ILE C 785 49.24 -17.65 37.33
N GLY C 786 48.87 -18.02 38.54
CA GLY C 786 49.68 -17.72 39.69
C GLY C 786 51.16 -17.87 39.44
N GLU C 787 51.60 -19.11 39.22
CA GLU C 787 53.01 -19.40 38.98
C GLU C 787 53.68 -18.30 38.17
N ASN C 788 53.28 -18.19 36.91
CA ASN C 788 53.82 -17.17 36.03
C ASN C 788 53.82 -15.85 36.80
N VAL C 789 52.65 -15.47 37.32
CA VAL C 789 52.53 -14.21 38.06
C VAL C 789 53.72 -14.02 38.98
N LEU C 790 54.20 -15.12 39.55
CA LEU C 790 55.33 -15.04 40.45
C LEU C 790 56.71 -15.04 39.80
N ASN C 791 56.84 -15.61 38.61
CA ASN C 791 58.14 -15.61 37.95
C ASN C 791 58.30 -14.42 37.00
N GLY C 792 57.24 -13.60 36.90
CA GLY C 792 57.27 -12.41 36.06
C GLY C 792 56.92 -12.56 34.59
N SER C 793 56.41 -13.73 34.22
CA SER C 793 56.03 -14.03 32.83
C SER C 793 54.78 -13.25 32.33
N VAL C 794 54.33 -12.27 33.09
CA VAL C 794 53.17 -11.52 32.67
C VAL C 794 53.54 -10.11 32.26
N PRO C 795 53.06 -9.70 31.07
CA PRO C 795 53.32 -8.36 30.54
C PRO C 795 52.94 -7.27 31.51
N VAL C 796 53.87 -6.35 31.68
CA VAL C 796 53.69 -5.22 32.56
C VAL C 796 52.35 -4.52 32.36
N SER C 797 51.98 -4.27 31.11
CA SER C 797 50.72 -3.60 30.84
C SER C 797 49.53 -4.39 31.35
N GLN C 798 49.59 -5.71 31.23
CA GLN C 798 48.51 -6.60 31.66
C GLN C 798 48.02 -6.29 33.05
N PHE C 799 48.62 -5.29 33.67
CA PHE C 799 48.24 -4.92 35.01
C PHE C 799 47.67 -3.51 35.04
N GLU C 800 47.88 -2.77 33.96
CA GLU C 800 47.39 -1.40 33.90
C GLU C 800 45.89 -1.31 34.13
N ILE C 801 45.49 -0.62 35.19
CA ILE C 801 44.07 -0.43 35.45
C ILE C 801 43.72 0.93 34.87
N ASN C 802 42.44 1.24 34.68
CA ASN C 802 42.12 2.53 34.10
C ASN C 802 40.79 3.13 34.51
N LYS C 803 40.83 4.27 35.17
CA LYS C 803 39.61 4.92 35.62
C LYS C 803 39.45 6.33 35.04
N ALA C 804 38.19 6.69 34.83
CA ALA C 804 37.82 7.98 34.27
C ALA C 804 37.38 8.98 35.34
N LEU C 805 38.32 9.80 35.79
CA LEU C 805 38.05 10.81 36.82
C LEU C 805 36.83 11.65 36.51
N THR C 806 36.02 11.93 37.52
CA THR C 806 34.83 12.74 37.33
C THR C 806 34.88 13.90 38.29
N LYS C 807 36.08 14.14 38.79
CA LYS C 807 36.35 15.23 39.71
C LYS C 807 37.83 15.45 39.63
N ASP C 808 38.25 16.67 39.95
CA ASP C 808 39.66 16.97 39.88
C ASP C 808 40.33 16.57 41.21
N PRO C 809 41.36 15.71 41.11
CA PRO C 809 42.18 15.14 42.17
C PRO C 809 42.01 15.67 43.58
N GLN C 810 41.94 16.99 43.72
CA GLN C 810 41.79 17.57 45.04
C GLN C 810 40.33 17.72 45.42
N ASP C 811 39.44 17.08 44.67
CA ASP C 811 38.02 17.17 44.97
C ASP C 811 37.53 15.79 45.41
N TYR C 812 38.36 14.78 45.19
CA TYR C 812 38.06 13.41 45.55
C TYR C 812 38.21 13.18 47.06
N PRO C 813 37.09 12.97 47.80
CA PRO C 813 37.14 12.74 49.24
C PRO C 813 37.93 11.49 49.63
N ASP C 814 37.36 10.35 49.28
CA ASP C 814 38.00 9.09 49.59
C ASP C 814 39.47 9.09 49.21
N LYS C 815 39.94 10.17 48.60
CA LYS C 815 41.35 10.30 48.19
C LYS C 815 42.20 9.06 48.45
N LYS C 816 43.09 9.19 49.43
CA LYS C 816 44.03 8.15 49.86
C LYS C 816 43.65 6.71 49.54
N SER C 817 42.36 6.39 49.57
CA SER C 817 41.92 5.02 49.31
C SER C 817 41.53 4.63 47.86
N LEU C 818 41.59 5.58 46.91
CA LEU C 818 41.26 5.27 45.52
C LEU C 818 42.55 5.30 44.71
N PRO C 819 43.01 4.13 44.22
CA PRO C 819 44.23 3.94 43.43
C PRO C 819 44.52 4.94 42.29
N HIS C 820 43.58 5.11 41.37
CA HIS C 820 43.80 6.02 40.28
C HIS C 820 44.00 7.46 40.75
N VAL C 821 42.99 8.01 41.44
CA VAL C 821 43.07 9.39 41.90
C VAL C 821 44.38 9.63 42.63
N HIS C 822 45.02 8.55 43.07
CA HIS C 822 46.30 8.69 43.77
C HIS C 822 47.41 8.98 42.78
N VAL C 823 47.50 8.15 41.75
CA VAL C 823 48.54 8.34 40.73
C VAL C 823 48.33 9.71 40.09
N ALA C 824 47.09 9.94 39.65
CA ALA C 824 46.72 11.19 39.03
C ALA C 824 47.22 12.33 39.88
N LEU C 825 47.05 12.21 41.19
CA LEU C 825 47.51 13.24 42.10
C LEU C 825 49.03 13.36 42.09
N TRP C 826 49.71 12.22 42.25
CA TRP C 826 51.17 12.22 42.22
C TRP C 826 51.61 13.03 41.01
N ILE C 827 51.19 12.53 39.85
CA ILE C 827 51.46 13.10 38.53
C ILE C 827 51.36 14.63 38.43
N ASN C 828 50.13 15.13 38.39
CA ASN C 828 49.87 16.56 38.30
C ASN C 828 50.89 17.35 39.10
N SER C 829 50.72 17.39 40.42
CA SER C 829 51.60 18.12 41.32
C SER C 829 53.10 17.91 41.08
N GLN C 830 53.45 16.86 40.34
CA GLN C 830 54.85 16.57 40.09
C GLN C 830 55.44 17.16 38.81
N GLY C 831 54.74 17.05 37.67
CA GLY C 831 55.32 17.58 36.42
C GLY C 831 54.54 18.43 35.42
N GLY C 832 54.68 18.08 34.15
CA GLY C 832 54.01 18.80 33.06
C GLY C 832 52.51 18.54 32.89
N ARG C 833 52.17 17.71 31.90
CA ARG C 833 50.77 17.38 31.61
C ARG C 833 49.94 17.10 32.87
N LYS C 834 48.79 17.79 32.97
CA LYS C 834 47.89 17.70 34.13
C LYS C 834 46.53 17.04 33.80
N VAL C 835 46.11 16.09 34.63
CA VAL C 835 44.85 15.37 34.40
C VAL C 835 43.56 16.10 34.78
N LYS C 836 42.56 16.04 33.92
CA LYS C 836 41.30 16.71 34.23
C LYS C 836 40.11 15.83 33.96
N ALA C 837 38.93 16.38 34.25
CA ALA C 837 37.65 15.70 34.05
C ALA C 837 37.53 15.01 32.70
N GLY C 838 36.95 13.83 32.69
CA GLY C 838 36.77 13.08 31.45
C GLY C 838 37.98 12.27 31.00
N ASP C 839 39.17 12.61 31.51
CA ASP C 839 40.42 11.91 31.16
C ASP C 839 40.51 10.53 31.85
N THR C 840 41.09 9.56 31.16
CA THR C 840 41.25 8.22 31.70
C THR C 840 42.68 8.10 32.21
N VAL C 841 42.86 7.55 33.41
CA VAL C 841 44.21 7.42 33.92
C VAL C 841 44.68 5.98 34.00
N SER C 842 46.01 5.82 33.93
CA SER C 842 46.66 4.53 34.00
C SER C 842 47.51 4.33 35.28
N TYR C 843 47.41 3.14 35.84
CA TYR C 843 48.11 2.79 37.07
C TYR C 843 48.18 1.29 37.36
N VAL C 844 49.14 0.95 38.21
CA VAL C 844 49.38 -0.41 38.68
C VAL C 844 49.57 -0.33 40.20
N ILE C 845 49.80 -1.47 40.85
CA ILE C 845 50.00 -1.50 42.31
C ILE C 845 51.36 -2.11 42.63
N CYS C 846 52.18 -1.40 43.40
CA CYS C 846 53.50 -1.91 43.72
C CYS C 846 53.88 -1.99 45.20
N GLN C 847 55.12 -2.45 45.44
CA GLN C 847 55.67 -2.61 46.78
C GLN C 847 56.60 -1.45 47.11
N ASP C 848 56.10 -0.46 47.84
CA ASP C 848 56.90 0.71 48.18
C ASP C 848 57.86 0.51 49.36
N GLY C 849 57.53 -0.40 50.26
CA GLY C 849 58.36 -0.59 51.44
C GLY C 849 57.86 0.51 52.35
N SER C 850 56.62 0.91 52.08
CA SER C 850 55.92 1.97 52.81
C SER C 850 54.82 1.30 53.60
N ASN C 851 54.57 0.04 53.30
CA ASN C 851 53.55 -0.75 53.99
C ASN C 851 52.17 -0.10 53.89
N LEU C 852 52.12 1.12 53.37
CA LEU C 852 50.87 1.86 53.25
C LEU C 852 49.73 0.98 52.78
N THR C 853 48.52 1.50 52.90
CA THR C 853 47.32 0.79 52.45
C THR C 853 47.55 0.56 50.96
N ALA C 854 46.97 -0.51 50.41
CA ALA C 854 47.13 -0.79 48.98
C ALA C 854 46.80 0.46 48.19
N SER C 855 45.60 0.97 48.43
CA SER C 855 45.08 2.17 47.81
C SER C 855 46.13 3.25 47.53
N GLN C 856 46.92 3.59 48.55
CA GLN C 856 47.97 4.61 48.46
C GLN C 856 49.28 4.15 47.80
N ARG C 857 49.28 2.94 47.25
CA ARG C 857 50.48 2.41 46.61
C ARG C 857 50.26 2.24 45.11
N ALA C 858 49.59 3.22 44.52
CA ALA C 858 49.30 3.21 43.10
C ALA C 858 50.30 4.10 42.36
N TYR C 859 50.94 3.52 41.35
CA TYR C 859 51.95 4.20 40.56
C TYR C 859 51.60 4.14 39.06
N ALA C 860 52.32 4.89 38.24
CA ALA C 860 52.06 4.84 36.82
C ALA C 860 52.95 3.80 36.18
N PRO C 861 52.46 3.15 35.12
CA PRO C 861 53.26 2.13 34.44
C PRO C 861 54.68 2.64 34.21
N GLU C 862 54.76 3.84 33.64
CA GLU C 862 56.03 4.50 33.33
C GLU C 862 56.98 4.51 34.53
N GLN C 863 56.62 5.31 35.53
CA GLN C 863 57.40 5.47 36.76
C GLN C 863 57.77 4.14 37.40
N LEU C 864 57.15 3.07 36.91
CA LEU C 864 57.42 1.74 37.42
C LEU C 864 58.67 1.16 36.77
N GLN C 865 58.60 0.98 35.46
CA GLN C 865 59.71 0.42 34.73
C GLN C 865 60.96 1.28 34.86
N LYS C 866 60.82 2.60 34.79
CA LYS C 866 61.98 3.46 34.89
C LYS C 866 62.56 3.66 36.29
N GLN C 867 61.84 3.24 37.33
CA GLN C 867 62.37 3.36 38.69
C GLN C 867 63.02 2.02 39.06
N ASP C 868 63.91 2.02 40.05
CA ASP C 868 64.65 0.82 40.43
C ASP C 868 64.24 0.07 41.72
N ASN C 869 64.08 0.82 42.80
CA ASN C 869 63.74 0.28 44.12
C ASN C 869 62.39 -0.40 44.32
N LEU C 870 61.46 -0.18 43.41
CA LEU C 870 60.14 -0.79 43.56
C LEU C 870 59.94 -2.04 42.73
N THR C 871 58.90 -2.77 43.06
CA THR C 871 58.57 -4.00 42.35
C THR C 871 57.05 -4.24 42.34
N ILE C 872 56.62 -5.11 41.44
CA ILE C 872 55.21 -5.45 41.26
C ILE C 872 54.66 -6.14 42.50
N ASP C 873 53.42 -5.83 42.85
CA ASP C 873 52.81 -6.47 44.00
C ASP C 873 51.94 -7.63 43.57
N THR C 874 52.59 -8.76 43.34
CA THR C 874 51.90 -9.95 42.91
C THR C 874 50.61 -10.06 43.71
N GLN C 875 50.76 -10.12 45.03
CA GLN C 875 49.64 -10.25 45.95
C GLN C 875 48.34 -9.60 45.46
N TYR C 876 48.32 -8.27 45.45
CA TYR C 876 47.15 -7.53 45.03
C TYR C 876 46.30 -8.24 43.96
N TYR C 877 46.73 -8.08 42.70
CA TYR C 877 46.02 -8.67 41.57
C TYR C 877 45.54 -10.06 41.83
N LEU C 878 46.48 -10.94 42.14
CA LEU C 878 46.13 -12.32 42.42
C LEU C 878 44.88 -12.39 43.26
N ALA C 879 44.90 -11.61 44.34
CA ALA C 879 43.78 -11.59 45.28
C ALA C 879 42.67 -10.61 45.00
N GLN C 880 43.01 -9.33 44.89
CA GLN C 880 42.00 -8.31 44.67
C GLN C 880 41.58 -8.14 43.20
N GLN C 881 42.28 -8.81 42.29
CA GLN C 881 41.95 -8.67 40.87
C GLN C 881 41.42 -9.94 40.21
N ILE C 882 42.27 -10.93 40.05
CA ILE C 882 41.84 -12.15 39.38
C ILE C 882 40.72 -12.89 40.12
N HIS C 883 41.01 -13.38 41.32
CA HIS C 883 40.02 -14.11 42.10
C HIS C 883 38.63 -13.46 42.08
N PRO C 884 38.54 -12.21 42.51
CA PRO C 884 37.24 -11.55 42.52
C PRO C 884 36.40 -12.02 41.39
N VAL C 885 36.93 -11.90 40.17
CA VAL C 885 36.18 -12.29 38.99
C VAL C 885 35.88 -13.77 39.00
N VAL C 886 36.86 -14.57 38.62
CA VAL C 886 36.68 -16.02 38.61
C VAL C 886 35.66 -16.43 39.68
N ALA C 887 35.90 -15.97 40.90
CA ALA C 887 35.04 -16.27 42.03
C ALA C 887 33.56 -16.12 41.74
N ARG C 888 33.10 -14.90 41.61
CA ARG C 888 31.72 -14.57 41.31
C ARG C 888 31.11 -15.61 40.42
N ILE C 889 31.97 -16.26 39.64
CA ILE C 889 31.56 -17.27 38.69
C ILE C 889 31.63 -18.69 39.17
N CYS C 890 32.51 -18.95 40.12
CA CYS C 890 32.66 -20.30 40.65
C CYS C 890 32.02 -20.59 42.02
N GLU C 891 31.82 -19.57 42.83
CA GLU C 891 31.21 -19.76 44.14
C GLU C 891 30.07 -20.77 43.96
N PRO C 892 29.15 -20.52 43.03
CA PRO C 892 28.01 -21.43 42.81
C PRO C 892 28.39 -22.91 42.57
N ILE C 893 29.55 -23.16 41.99
CA ILE C 893 30.00 -24.52 41.72
C ILE C 893 30.20 -25.35 42.98
N ASP C 894 29.45 -26.44 43.08
CA ASP C 894 29.57 -27.35 44.21
C ASP C 894 30.99 -27.92 44.18
N GLY C 895 31.71 -27.86 45.29
CA GLY C 895 33.05 -28.43 45.30
C GLY C 895 34.15 -27.41 45.22
N ILE C 896 33.80 -26.25 44.69
CA ILE C 896 34.75 -25.17 44.59
C ILE C 896 34.24 -24.22 45.64
N ASP C 897 35.14 -23.44 46.22
CA ASP C 897 34.76 -22.48 47.24
C ASP C 897 35.73 -21.33 47.20
N ALA C 898 35.30 -20.24 47.80
CA ALA C 898 36.15 -19.08 47.85
C ALA C 898 37.62 -19.50 47.92
N VAL C 899 38.01 -19.87 49.13
CA VAL C 899 39.37 -20.26 49.42
C VAL C 899 40.00 -21.17 48.38
N LEU C 900 39.27 -22.20 48.01
CA LEU C 900 39.78 -23.16 47.05
C LEU C 900 40.54 -22.47 45.93
N ILE C 901 39.89 -21.51 45.30
CA ILE C 901 40.51 -20.78 44.22
C ILE C 901 41.80 -20.18 44.70
N ALA C 902 41.62 -19.32 45.70
CA ALA C 902 42.67 -18.56 46.36
C ALA C 902 43.95 -19.31 46.66
N THR C 903 43.79 -20.59 46.98
CA THR C 903 44.93 -21.43 47.30
C THR C 903 45.51 -21.82 45.96
N TRP C 904 44.61 -22.12 45.03
CA TRP C 904 45.01 -22.50 43.71
C TRP C 904 45.97 -21.43 43.16
N LEU C 905 45.74 -20.19 43.58
CA LEU C 905 46.55 -19.06 43.16
C LEU C 905 47.79 -18.76 44.04
N GLY C 906 47.96 -19.47 45.15
CA GLY C 906 49.12 -19.22 46.00
C GLY C 906 49.01 -19.84 47.38
N LEU C 907 49.96 -19.50 48.24
CA LEU C 907 49.99 -20.00 49.62
C LEU C 907 49.20 -19.02 50.50
N ASP C 908 48.18 -18.42 49.89
CA ASP C 908 47.35 -17.41 50.56
C ASP C 908 46.16 -17.84 51.46
N PRO C 909 45.98 -19.15 51.75
CA PRO C 909 44.85 -19.57 52.59
C PRO C 909 44.38 -18.60 53.67
N THR C 910 44.81 -18.88 54.90
CA THR C 910 44.48 -18.07 56.06
C THR C 910 44.00 -16.64 55.76
N GLN C 911 44.95 -15.72 55.66
CA GLN C 911 44.61 -14.32 55.41
C GLN C 911 43.54 -14.18 54.34
N PHE C 912 43.62 -15.01 53.31
CA PHE C 912 42.65 -14.94 52.23
C PHE C 912 41.25 -15.21 52.74
N ARG C 913 41.08 -16.32 53.49
CA ARG C 913 39.77 -16.64 54.03
C ARG C 913 39.30 -15.41 54.80
N VAL C 914 40.25 -14.77 55.47
CA VAL C 914 39.98 -13.58 56.23
C VAL C 914 39.28 -12.57 55.31
N HIS C 915 39.87 -12.36 54.13
CA HIS C 915 39.33 -11.45 53.15
C HIS C 915 37.85 -11.72 52.89
N HIS C 916 37.50 -12.99 52.86
CA HIS C 916 36.14 -13.42 52.62
C HIS C 916 35.14 -12.85 53.63
N TYR C 917 34.23 -13.70 54.09
CA TYR C 917 33.16 -13.34 54.98
C TYR C 917 33.01 -14.24 56.22
N HIS C 918 31.79 -14.14 56.77
CA HIS C 918 31.31 -14.91 57.91
C HIS C 918 29.96 -15.33 57.33
N LYS C 919 29.30 -14.33 56.73
CA LYS C 919 27.98 -14.39 56.11
C LYS C 919 27.76 -15.14 54.78
N ASP C 920 28.45 -14.72 53.72
CA ASP C 920 28.31 -15.34 52.40
C ASP C 920 27.66 -16.74 52.39
N GLU C 921 28.10 -17.61 53.30
CA GLU C 921 27.59 -18.98 53.43
C GLU C 921 26.12 -19.13 53.86
N GLU C 922 25.46 -18.03 54.22
CA GLU C 922 24.07 -18.06 54.67
C GLU C 922 23.00 -18.51 53.67
N ASN C 923 23.26 -19.64 53.03
CA ASN C 923 22.36 -20.24 52.06
C ASN C 923 22.07 -21.60 52.65
N ASP C 924 23.14 -22.26 53.07
CA ASP C 924 23.11 -23.58 53.64
C ASP C 924 22.07 -23.73 54.73
N GLN C 932 20.27 -27.71 62.82
CA GLN C 932 21.10 -26.91 63.72
C GLN C 932 22.55 -27.39 63.84
N LEU C 933 23.43 -26.46 64.19
CA LEU C 933 24.86 -26.74 64.31
C LEU C 933 25.38 -27.19 65.66
N THR C 934 26.69 -27.40 65.67
CA THR C 934 27.45 -27.81 66.85
C THR C 934 28.15 -26.56 67.38
N ASP C 935 28.69 -26.65 68.60
CA ASP C 935 29.37 -25.52 69.22
C ASP C 935 30.70 -25.14 68.57
N GLU C 936 31.66 -26.07 68.56
CA GLU C 936 32.97 -25.78 68.01
C GLU C 936 32.86 -24.96 66.74
N GLU C 937 31.93 -25.35 65.87
CA GLU C 937 31.75 -24.66 64.61
C GLU C 937 30.81 -23.47 64.67
N LYS C 938 29.87 -23.46 65.61
CA LYS C 938 28.94 -22.35 65.69
C LYS C 938 29.63 -21.07 66.12
N TYR C 939 30.78 -21.22 66.76
CA TYR C 939 31.56 -20.09 67.25
C TYR C 939 32.94 -20.02 66.63
N ARG C 940 33.16 -20.77 65.56
CA ARG C 940 34.44 -20.75 64.90
C ARG C 940 34.88 -19.33 64.54
N ASP C 941 34.01 -18.62 63.82
CA ASP C 941 34.28 -17.26 63.37
C ASP C 941 34.31 -16.19 64.43
N CYS C 942 33.82 -16.49 65.62
CA CYS C 942 33.81 -15.48 66.67
C CYS C 942 35.19 -15.25 67.26
N GLU C 943 35.40 -14.06 67.83
CA GLU C 943 36.72 -13.72 68.41
C GLU C 943 36.96 -14.32 69.78
N ARG C 944 38.12 -14.94 69.95
CA ARG C 944 38.48 -15.55 71.22
C ARG C 944 38.61 -14.42 72.24
N PHE C 945 38.14 -14.61 73.47
CA PHE C 945 38.30 -13.55 74.46
C PHE C 945 39.73 -13.56 74.95
N LYS C 946 40.31 -12.36 75.08
CA LYS C 946 41.68 -12.23 75.50
C LYS C 946 41.71 -11.36 76.75
N CYS C 947 42.76 -11.49 77.54
CA CYS C 947 42.94 -10.70 78.75
C CYS C 947 44.36 -10.96 79.25
N PRO C 948 45.14 -9.90 79.42
CA PRO C 948 46.51 -10.03 79.89
C PRO C 948 46.48 -10.15 81.40
N CYS C 949 47.44 -10.91 81.96
CA CYS C 949 47.52 -11.13 83.42
C CYS C 949 47.93 -9.87 84.16
N PRO C 950 47.07 -9.40 85.06
CA PRO C 950 47.42 -8.18 85.79
C PRO C 950 48.78 -8.22 86.47
N THR C 951 49.43 -9.38 86.47
CA THR C 951 50.73 -9.47 87.13
C THR C 951 51.98 -9.69 86.28
N CYS C 952 51.96 -10.72 85.42
CA CYS C 952 53.11 -10.99 84.55
C CYS C 952 52.96 -10.24 83.22
N GLY C 953 51.71 -9.94 82.88
CA GLY C 953 51.41 -9.22 81.65
C GLY C 953 51.06 -10.03 80.42
N THR C 954 51.56 -11.26 80.33
CA THR C 954 51.30 -12.08 79.16
C THR C 954 49.81 -12.23 78.85
N GLU C 955 49.54 -12.29 77.55
CA GLU C 955 48.20 -12.42 77.03
C GLU C 955 47.60 -13.80 77.34
N ASN C 956 46.39 -13.80 77.88
CA ASN C 956 45.65 -15.01 78.20
C ASN C 956 44.53 -15.11 77.16
N ILE C 957 44.32 -16.31 76.61
CA ILE C 957 43.29 -16.53 75.58
C ILE C 957 42.24 -17.52 76.07
N TYR C 958 40.99 -17.06 76.20
CA TYR C 958 39.94 -17.94 76.68
C TYR C 958 38.87 -18.28 75.65
N ASP C 959 38.94 -19.52 75.16
CA ASP C 959 38.02 -20.02 74.15
C ASP C 959 37.02 -21.01 74.70
N ASN C 960 37.09 -21.26 75.99
CA ASN C 960 36.17 -22.21 76.62
C ASN C 960 36.35 -22.38 78.13
N VAL C 961 35.43 -23.13 78.72
CA VAL C 961 35.48 -23.38 80.14
C VAL C 961 36.78 -24.14 80.50
N PHE C 962 37.16 -25.13 79.68
CA PHE C 962 38.38 -25.93 79.92
C PHE C 962 39.53 -25.76 78.93
N ASP C 963 40.67 -26.32 79.31
CA ASP C 963 41.85 -26.25 78.49
C ASP C 963 42.59 -27.57 78.62
N GLY C 964 42.78 -28.26 77.49
CA GLY C 964 43.45 -29.54 77.51
C GLY C 964 42.47 -30.67 77.25
N SER C 965 42.87 -31.90 77.57
CA SER C 965 42.00 -33.06 77.34
C SER C 965 42.07 -34.20 78.35
N GLY C 966 40.91 -34.75 78.67
CA GLY C 966 40.79 -35.87 79.59
C GLY C 966 41.18 -35.74 81.06
N THR C 967 42.45 -36.07 81.36
CA THR C 967 42.99 -36.05 82.71
C THR C 967 43.49 -34.69 83.17
N ASP C 968 44.41 -34.14 82.40
CA ASP C 968 45.02 -32.86 82.72
C ASP C 968 44.14 -31.68 82.29
N MET C 969 42.82 -31.91 82.24
CA MET C 969 41.87 -30.85 81.86
C MET C 969 41.66 -29.89 83.03
N GLU C 970 42.29 -28.71 82.95
CA GLU C 970 42.19 -27.69 83.99
C GLU C 970 41.22 -26.62 83.53
N PRO C 971 40.53 -25.94 84.47
CA PRO C 971 39.62 -24.89 84.00
C PRO C 971 40.50 -23.74 83.52
N SER C 972 40.42 -23.41 82.23
CA SER C 972 41.24 -22.35 81.65
C SER C 972 41.55 -21.21 82.59
N LEU C 973 40.62 -20.93 83.49
CA LEU C 973 40.73 -19.85 84.47
C LEU C 973 41.56 -20.20 85.71
N TYR C 974 42.24 -21.35 85.66
CA TYR C 974 43.05 -21.80 86.78
C TYR C 974 44.46 -21.27 86.77
N ARG C 975 45.19 -21.52 85.69
CA ARG C 975 46.58 -21.06 85.59
C ARG C 975 46.89 -20.13 84.43
N CYS C 976 47.83 -19.21 84.68
CA CYS C 976 48.26 -18.22 83.68
C CYS C 976 49.06 -18.97 82.62
N SER C 977 48.78 -18.70 81.35
CA SER C 977 49.51 -19.39 80.29
C SER C 977 51.03 -19.22 80.47
N ASN C 978 51.41 -18.25 81.30
CA ASN C 978 52.81 -17.99 81.56
C ASN C 978 53.24 -19.06 82.57
N ILE C 979 54.24 -19.85 82.19
CA ILE C 979 54.76 -20.92 83.03
C ILE C 979 55.36 -20.39 84.34
N ASP C 980 56.19 -19.35 84.23
CA ASP C 980 56.84 -18.80 85.41
C ASP C 980 55.97 -17.93 86.30
N CYS C 981 54.77 -17.59 85.83
CA CYS C 981 53.85 -16.78 86.64
C CYS C 981 53.15 -17.77 87.56
N LYS C 982 52.85 -17.37 88.78
CA LYS C 982 52.20 -18.25 89.73
C LYS C 982 50.83 -17.72 90.17
N ALA C 983 50.33 -16.72 89.46
CA ALA C 983 49.05 -16.12 89.79
C ALA C 983 47.86 -16.89 89.23
N SER C 984 46.75 -16.89 89.97
CA SER C 984 45.53 -17.55 89.53
C SER C 984 44.63 -16.51 88.91
N PRO C 985 44.41 -16.57 87.59
CA PRO C 985 43.54 -15.56 87.01
C PRO C 985 42.21 -15.46 87.77
N LEU C 986 41.72 -16.60 88.24
CA LEU C 986 40.48 -16.59 88.97
C LEU C 986 40.53 -15.49 90.00
N THR C 987 41.74 -15.24 90.50
CA THR C 987 41.97 -14.21 91.50
C THR C 987 41.50 -12.86 90.99
N PHE C 988 41.78 -12.58 89.73
CA PHE C 988 41.42 -11.30 89.17
C PHE C 988 40.09 -11.30 88.43
N THR C 989 39.04 -11.74 89.11
CA THR C 989 37.69 -11.80 88.54
C THR C 989 37.13 -10.42 88.16
N VAL C 990 37.65 -9.37 88.77
CA VAL C 990 37.20 -8.01 88.47
C VAL C 990 37.68 -7.59 87.07
N GLN C 991 39.00 -7.54 86.87
CA GLN C 991 39.57 -7.17 85.57
C GLN C 991 38.94 -7.97 84.44
N LEU C 992 38.73 -9.26 84.67
CA LEU C 992 38.12 -10.08 83.64
C LEU C 992 36.74 -9.54 83.36
N SER C 993 35.91 -9.42 84.38
CA SER C 993 34.56 -8.90 84.20
C SER C 993 34.60 -7.53 83.54
N ASN C 994 35.72 -6.84 83.69
CA ASN C 994 35.92 -5.52 83.07
C ASN C 994 36.12 -5.70 81.55
N LYS C 995 37.36 -6.06 81.18
CA LYS C 995 37.77 -6.26 79.79
C LYS C 995 36.62 -6.79 78.98
N LEU C 996 35.96 -7.82 79.46
CA LEU C 996 34.84 -8.35 78.73
C LEU C 996 33.95 -7.18 78.38
N ILE C 997 33.41 -6.54 79.41
CA ILE C 997 32.56 -5.40 79.22
C ILE C 997 33.12 -4.60 78.04
N MET C 998 34.40 -4.22 78.13
CA MET C 998 35.08 -3.44 77.06
C MET C 998 35.09 -4.19 75.73
N ASP C 999 35.38 -5.49 75.74
CA ASP C 999 35.38 -6.18 74.49
C ASP C 999 33.97 -6.23 73.96
N ILE C 1000 32.97 -6.09 74.82
CA ILE C 1000 31.59 -6.14 74.33
C ILE C 1000 31.00 -4.78 73.91
N ARG C 1001 31.63 -3.69 74.33
CA ARG C 1001 31.14 -2.42 73.85
C ARG C 1001 31.60 -2.48 72.38
N ARG C 1002 32.90 -2.72 72.22
CA ARG C 1002 33.56 -2.85 70.92
C ARG C 1002 32.66 -3.48 69.89
N PHE C 1003 32.29 -4.73 70.13
CA PHE C 1003 31.42 -5.44 69.24
C PHE C 1003 30.04 -4.83 69.16
N ILE C 1004 29.51 -4.19 70.19
CA ILE C 1004 28.19 -3.62 69.94
C ILE C 1004 28.34 -2.38 69.04
N LYS C 1005 29.45 -1.66 69.20
CA LYS C 1005 29.66 -0.49 68.37
C LYS C 1005 29.74 -0.92 66.91
N LYS C 1006 30.67 -1.83 66.59
CA LYS C 1006 30.84 -2.35 65.23
C LYS C 1006 29.48 -2.62 64.67
N TYR C 1007 28.82 -3.68 65.11
CA TYR C 1007 27.49 -3.95 64.58
C TYR C 1007 26.76 -2.65 64.37
N TYR C 1008 26.94 -1.70 65.27
CA TYR C 1008 26.22 -0.47 65.09
C TYR C 1008 26.80 0.52 64.07
N ASP C 1009 28.10 0.43 63.82
CA ASP C 1009 28.76 1.30 62.82
C ASP C 1009 27.95 1.38 61.53
N GLY C 1010 27.28 0.29 61.16
CA GLY C 1010 26.44 0.27 59.96
C GLY C 1010 27.04 -0.13 58.61
N TRP C 1011 28.36 -0.34 58.57
CA TRP C 1011 29.05 -0.72 57.34
C TRP C 1011 28.33 -1.68 56.39
N LEU C 1012 27.65 -1.13 55.37
CA LEU C 1012 26.95 -1.93 54.34
C LEU C 1012 27.94 -2.20 53.19
N ILE C 1013 27.88 -3.39 52.59
CA ILE C 1013 28.76 -3.71 51.49
C ILE C 1013 28.08 -4.46 50.37
N CYS C 1014 28.32 -3.96 49.15
CA CYS C 1014 27.78 -4.53 47.91
C CYS C 1014 28.15 -6.00 47.88
N GLU C 1015 27.25 -6.80 47.32
CA GLU C 1015 27.45 -8.23 47.20
C GLU C 1015 28.29 -8.61 45.97
N GLU C 1016 28.02 -7.95 44.83
CA GLU C 1016 28.76 -8.22 43.59
C GLU C 1016 30.24 -7.96 43.83
N PRO C 1017 31.08 -9.02 43.74
CA PRO C 1017 32.54 -9.04 43.94
C PRO C 1017 33.28 -8.01 43.14
N THR C 1018 32.72 -7.66 42.01
CA THR C 1018 33.35 -6.68 41.15
C THR C 1018 32.98 -5.27 41.61
N CYS C 1019 31.96 -5.14 42.47
CA CYS C 1019 31.55 -3.84 42.97
C CYS C 1019 32.12 -3.59 44.36
N ARG C 1020 31.59 -4.32 45.35
CA ARG C 1020 32.03 -4.21 46.75
C ARG C 1020 32.09 -2.81 47.38
N ASN C 1021 31.16 -1.94 46.99
CA ASN C 1021 31.13 -0.60 47.54
C ASN C 1021 30.86 -0.63 49.03
N ARG C 1022 31.80 -0.11 49.80
CA ARG C 1022 31.71 -0.05 51.27
C ARG C 1022 31.13 1.31 51.69
N THR C 1023 29.86 1.36 52.09
CA THR C 1023 29.30 2.63 52.48
C THR C 1023 28.44 2.59 53.71
N ARG C 1024 28.61 3.61 54.54
CA ARG C 1024 27.87 3.74 55.77
C ARG C 1024 26.49 4.34 55.51
N HIS C 1025 26.21 4.70 54.26
CA HIS C 1025 24.93 5.32 53.95
C HIS C 1025 23.92 4.38 53.36
N LEU C 1026 22.85 4.18 54.12
CA LEU C 1026 21.73 3.34 53.71
C LEU C 1026 20.87 4.15 52.75
N PRO C 1027 20.81 3.73 51.50
CA PRO C 1027 20.01 4.41 50.47
C PRO C 1027 18.51 4.26 50.67
N LEU C 1028 17.72 5.20 50.15
CA LEU C 1028 16.27 5.09 50.30
C LEU C 1028 15.75 4.32 49.11
N GLN C 1029 16.67 3.94 48.23
CA GLN C 1029 16.39 3.19 47.00
C GLN C 1029 16.59 1.71 47.28
N PHE C 1030 15.47 1.04 47.57
CA PHE C 1030 15.48 -0.36 47.92
C PHE C 1030 15.12 -1.36 46.84
N SER C 1031 15.82 -2.49 46.83
CA SER C 1031 15.52 -3.55 45.89
C SER C 1031 14.47 -4.44 46.57
N ARG C 1032 14.34 -5.69 46.11
CA ARG C 1032 13.38 -6.62 46.72
C ARG C 1032 14.06 -7.20 47.96
N THR C 1033 15.36 -7.44 47.83
CA THR C 1033 16.20 -7.99 48.90
C THR C 1033 16.55 -6.94 49.97
N GLY C 1034 16.90 -5.74 49.51
CA GLY C 1034 17.26 -4.65 50.40
C GLY C 1034 17.79 -3.38 49.74
N PRO C 1035 18.75 -2.73 50.39
CA PRO C 1035 19.32 -1.50 49.87
C PRO C 1035 19.86 -1.72 48.49
N LEU C 1036 19.64 -0.75 47.60
CA LEU C 1036 20.12 -0.79 46.20
C LEU C 1036 21.48 -0.10 46.00
N CYS C 1037 22.54 -0.90 45.82
CA CYS C 1037 23.87 -0.35 45.67
C CYS C 1037 23.72 0.85 44.80
N PRO C 1038 24.33 1.97 45.17
CA PRO C 1038 24.21 3.20 44.36
C PRO C 1038 25.37 3.42 43.41
N ALA C 1039 26.38 2.56 43.47
CA ALA C 1039 27.51 2.67 42.54
C ALA C 1039 27.00 1.93 41.31
N CYS C 1040 27.02 0.60 41.38
CA CYS C 1040 26.48 -0.23 40.31
C CYS C 1040 25.01 -0.25 40.69
N MET C 1041 24.12 0.20 39.82
CA MET C 1041 22.72 0.19 40.21
C MET C 1041 22.04 -1.18 40.13
N LYS C 1042 22.83 -2.24 40.25
CA LYS C 1042 22.27 -3.60 40.25
C LYS C 1042 23.03 -4.57 41.13
N ALA C 1043 22.90 -4.38 42.43
CA ALA C 1043 23.54 -5.21 43.45
C ALA C 1043 23.03 -4.71 44.79
N THR C 1044 22.76 -5.61 45.75
CA THR C 1044 22.28 -5.16 47.05
C THR C 1044 23.41 -5.10 48.10
N LEU C 1045 23.26 -4.18 49.04
CA LEU C 1045 24.25 -4.03 50.08
C LEU C 1045 23.89 -5.01 51.17
N GLN C 1046 24.89 -5.67 51.72
CA GLN C 1046 24.66 -6.62 52.79
C GLN C 1046 25.53 -6.24 53.98
N PRO C 1047 24.92 -6.04 55.17
CA PRO C 1047 25.60 -5.66 56.42
C PRO C 1047 27.00 -6.26 56.59
N GLU C 1048 28.00 -5.45 56.94
CA GLU C 1048 29.34 -5.99 57.10
C GLU C 1048 29.51 -6.85 58.34
N TYR C 1049 28.91 -6.42 59.43
CA TYR C 1049 28.98 -7.19 60.68
C TYR C 1049 27.52 -7.42 61.08
N SER C 1050 26.97 -8.53 60.57
CA SER C 1050 25.57 -8.89 60.82
C SER C 1050 25.18 -8.84 62.25
N ASP C 1051 23.88 -8.83 62.49
CA ASP C 1051 23.43 -8.85 63.86
C ASP C 1051 23.79 -10.25 64.36
N LYS C 1052 23.43 -11.25 63.54
CA LYS C 1052 23.72 -12.64 63.89
C LYS C 1052 25.21 -12.79 64.12
N SER C 1053 26.02 -12.06 63.38
CA SER C 1053 27.45 -12.15 63.59
C SER C 1053 27.76 -11.68 65.03
N LEU C 1054 26.94 -10.77 65.55
CA LEU C 1054 27.14 -10.24 66.90
C LEU C 1054 26.53 -11.18 67.90
N TYR C 1055 25.22 -11.36 67.78
CA TYR C 1055 24.50 -12.24 68.68
C TYR C 1055 25.32 -13.49 69.00
N THR C 1056 26.18 -13.88 68.07
CA THR C 1056 27.02 -15.05 68.25
C THR C 1056 28.33 -14.73 68.97
N GLN C 1057 28.76 -13.48 68.95
CA GLN C 1057 30.00 -13.13 69.64
C GLN C 1057 29.72 -12.96 71.13
N LEU C 1058 28.47 -12.68 71.46
CA LEU C 1058 28.09 -12.52 72.86
C LEU C 1058 27.80 -13.87 73.44
N CYS C 1059 27.15 -14.69 72.62
CA CYS C 1059 26.81 -16.03 73.05
C CYS C 1059 28.11 -16.76 73.23
N PHE C 1060 29.13 -16.34 72.51
CA PHE C 1060 30.42 -17.00 72.65
C PHE C 1060 31.04 -16.66 73.96
N TYR C 1061 30.95 -15.41 74.33
CA TYR C 1061 31.49 -15.02 75.62
C TYR C 1061 30.70 -15.78 76.73
N ARG C 1062 29.37 -15.79 76.60
CA ARG C 1062 28.47 -16.48 77.53
C ARG C 1062 28.89 -17.92 77.73
N TYR C 1063 29.11 -18.65 76.66
CA TYR C 1063 29.50 -20.03 76.84
C TYR C 1063 30.97 -20.21 77.25
N ILE C 1064 31.81 -19.18 77.17
CA ILE C 1064 33.18 -19.44 77.61
C ILE C 1064 33.25 -19.48 79.13
N PHE C 1065 32.16 -19.06 79.78
CA PHE C 1065 32.13 -19.05 81.23
C PHE C 1065 30.92 -19.73 81.83
N ASP C 1066 30.23 -20.55 81.04
CA ASP C 1066 29.08 -21.25 81.60
C ASP C 1066 29.61 -22.61 81.98
N ALA C 1067 30.14 -22.71 83.20
CA ALA C 1067 30.68 -23.95 83.74
C ALA C 1067 29.50 -24.89 83.92
N GLU C 1068 28.42 -24.30 84.43
CA GLU C 1068 27.15 -24.95 84.66
C GLU C 1068 26.92 -25.99 83.57
N CYS C 1069 26.97 -25.54 82.31
CA CYS C 1069 26.74 -26.41 81.17
C CYS C 1069 27.95 -27.10 80.59
N ALA C 1070 29.14 -26.55 80.80
CA ALA C 1070 30.34 -27.18 80.27
C ALA C 1070 30.62 -28.48 81.01
N LEU C 1071 29.83 -28.75 82.04
CA LEU C 1071 30.02 -29.96 82.85
C LEU C 1071 28.95 -31.02 82.61
N GLU C 1072 27.69 -30.57 82.53
CA GLU C 1072 26.58 -31.48 82.29
C GLU C 1072 26.85 -32.03 80.88
N LYS C 1073 27.98 -31.57 80.33
CA LYS C 1073 28.46 -31.95 79.01
C LYS C 1073 29.44 -33.10 79.18
N LEU C 1074 29.60 -33.57 80.40
CA LEU C 1074 30.51 -34.67 80.63
C LEU C 1074 29.69 -35.93 80.82
N THR C 1075 30.24 -37.05 80.33
CA THR C 1075 29.64 -38.38 80.38
C THR C 1075 29.27 -38.96 81.76
N THR C 1076 30.27 -39.54 82.43
CA THR C 1076 30.10 -40.17 83.74
C THR C 1076 29.94 -39.14 84.87
N ASP C 1077 29.05 -39.42 85.82
CA ASP C 1077 28.88 -38.51 86.92
C ASP C 1077 30.17 -38.52 87.74
N HIS C 1078 31.13 -39.34 87.37
CA HIS C 1078 32.41 -39.40 88.10
C HIS C 1078 33.47 -38.40 87.63
N GLU C 1079 33.79 -38.39 86.33
CA GLU C 1079 34.77 -37.43 85.80
C GLU C 1079 34.27 -36.06 86.26
N LYS C 1080 32.94 -35.99 86.36
CA LYS C 1080 32.20 -34.80 86.78
C LYS C 1080 32.59 -34.38 88.19
N ASP C 1081 32.12 -35.16 89.16
CA ASP C 1081 32.40 -34.86 90.55
C ASP C 1081 33.89 -34.61 90.76
N LYS C 1082 34.70 -35.58 90.34
CA LYS C 1082 36.15 -35.51 90.49
C LYS C 1082 36.67 -34.08 90.42
N LEU C 1083 36.31 -33.39 89.34
CA LEU C 1083 36.77 -32.02 89.16
C LEU C 1083 35.80 -31.03 89.81
N LYS C 1084 34.54 -31.42 89.93
CA LYS C 1084 33.52 -30.58 90.54
C LYS C 1084 33.94 -30.34 91.96
N LYS C 1085 34.64 -31.33 92.51
CA LYS C 1085 35.15 -31.28 93.85
C LYS C 1085 36.62 -30.86 93.86
N GLN C 1086 37.30 -31.04 92.73
CA GLN C 1086 38.70 -30.66 92.65
C GLN C 1086 38.89 -29.19 92.30
N PHE C 1087 37.91 -28.56 91.64
CA PHE C 1087 38.09 -27.15 91.28
C PHE C 1087 36.90 -26.23 91.44
N PHE C 1088 35.74 -26.73 91.08
CA PHE C 1088 34.53 -25.92 91.15
C PHE C 1088 33.85 -25.90 92.50
N THR C 1089 34.45 -25.12 93.37
CA THR C 1089 33.97 -24.91 94.71
C THR C 1089 32.85 -23.90 94.53
N PRO C 1090 31.81 -23.94 95.36
CA PRO C 1090 30.75 -22.97 95.16
C PRO C 1090 31.23 -21.55 94.81
N LYS C 1091 32.36 -21.12 95.38
CA LYS C 1091 32.91 -19.79 95.07
C LYS C 1091 33.21 -19.74 93.58
N VAL C 1092 34.14 -20.58 93.15
CA VAL C 1092 34.54 -20.61 91.75
C VAL C 1092 33.29 -20.59 90.91
N LEU C 1093 32.31 -21.42 91.29
CA LEU C 1093 31.08 -21.47 90.54
C LEU C 1093 30.49 -20.08 90.50
N GLN C 1094 30.47 -19.41 91.64
CA GLN C 1094 29.94 -18.05 91.68
C GLN C 1094 30.77 -17.19 90.69
N ASP C 1095 32.10 -17.23 90.87
CA ASP C 1095 33.05 -16.50 90.03
C ASP C 1095 32.61 -16.60 88.58
N TYR C 1096 32.31 -17.81 88.15
CA TYR C 1096 31.86 -18.01 86.80
C TYR C 1096 30.45 -17.39 86.66
N ARG C 1097 29.50 -17.75 87.50
CA ARG C 1097 28.19 -17.16 87.34
C ARG C 1097 28.29 -15.68 87.09
N LYS C 1098 29.38 -15.06 87.53
CA LYS C 1098 29.56 -13.63 87.30
C LYS C 1098 30.05 -13.25 85.89
N LEU C 1099 31.08 -13.90 85.39
CA LEU C 1099 31.54 -13.60 84.05
C LEU C 1099 30.39 -13.92 83.11
N LYS C 1100 29.56 -14.85 83.55
CA LYS C 1100 28.40 -15.25 82.77
C LYS C 1100 27.23 -14.27 82.92
N ASN C 1101 27.04 -13.70 84.12
CA ASN C 1101 25.95 -12.74 84.32
C ASN C 1101 26.33 -11.48 83.53
N THR C 1102 27.59 -11.40 83.16
CA THR C 1102 28.12 -10.26 82.40
C THR C 1102 27.22 -10.16 81.18
N ALA C 1103 27.44 -11.12 80.30
CA ALA C 1103 26.73 -11.25 79.05
C ALA C 1103 25.21 -11.30 79.25
N GLU C 1104 24.75 -12.35 79.92
CA GLU C 1104 23.32 -12.52 80.19
C GLU C 1104 22.57 -11.21 80.11
N GLN C 1105 23.01 -10.25 80.92
CA GLN C 1105 22.37 -8.95 80.97
C GLN C 1105 22.26 -8.41 79.58
N PHE C 1106 23.39 -8.42 78.88
CA PHE C 1106 23.41 -7.91 77.52
C PHE C 1106 22.30 -8.59 76.70
N LEU C 1107 22.45 -9.88 76.45
CA LEU C 1107 21.46 -10.57 75.65
C LEU C 1107 20.08 -10.54 76.28
N SER C 1108 19.97 -10.01 77.49
CA SER C 1108 18.70 -9.96 78.23
C SER C 1108 17.47 -9.35 77.55
N ARG C 1109 17.57 -8.08 77.21
CA ARG C 1109 16.45 -7.41 76.58
C ARG C 1109 16.93 -6.94 75.21
N SER C 1110 18.25 -7.04 75.05
CA SER C 1110 18.94 -6.60 73.84
C SER C 1110 18.71 -7.50 72.61
N GLY C 1111 19.74 -7.58 71.76
CA GLY C 1111 19.71 -8.38 70.54
C GLY C 1111 18.62 -9.42 70.41
N TYR C 1112 17.37 -8.96 70.45
CA TYR C 1112 16.21 -9.81 70.35
C TYR C 1112 16.51 -11.30 70.40
N SER C 1113 17.03 -11.78 71.53
CA SER C 1113 17.25 -13.20 71.67
C SER C 1113 15.80 -13.54 71.95
N GLU C 1114 15.07 -12.49 72.36
CA GLU C 1114 13.65 -12.54 72.66
C GLU C 1114 12.90 -12.75 71.35
N VAL C 1115 11.93 -13.66 71.38
CA VAL C 1115 11.12 -13.94 70.21
C VAL C 1115 9.69 -13.83 70.68
N ASN C 1116 9.19 -12.61 70.76
CA ASN C 1116 7.82 -12.37 71.22
C ASN C 1116 6.86 -13.23 70.43
N LEU C 1117 6.42 -14.33 71.02
CA LEU C 1117 5.50 -15.23 70.35
C LEU C 1117 4.14 -14.55 70.19
N SER C 1118 3.77 -13.71 71.14
CA SER C 1118 2.50 -13.02 71.08
C SER C 1118 2.37 -12.28 69.77
N LYS C 1119 3.42 -11.53 69.40
CA LYS C 1119 3.44 -10.79 68.15
C LYS C 1119 3.36 -11.74 66.95
N LEU C 1120 4.14 -12.84 67.01
CA LEU C 1120 4.21 -13.83 65.93
C LEU C 1120 2.89 -14.49 65.54
N PHE C 1121 1.92 -14.56 66.46
CA PHE C 1121 0.64 -15.17 66.10
C PHE C 1121 -0.55 -14.19 66.23
N ALA C 1122 -0.43 -13.22 67.14
CA ALA C 1122 -1.50 -12.25 67.34
C ALA C 1122 -1.80 -11.52 66.03
N ALA D 154 51.63 8.31 91.86
CA ALA D 154 52.57 9.10 92.71
C ALA D 154 52.32 10.62 92.63
N THR D 155 51.96 11.10 91.45
CA THR D 155 51.73 12.52 91.25
C THR D 155 50.27 12.95 91.06
N PRO D 156 49.48 12.17 90.31
CA PRO D 156 48.08 12.37 89.99
C PRO D 156 47.32 13.62 90.41
N SER D 157 46.79 14.31 89.42
CA SER D 157 46.01 15.52 89.61
C SER D 157 46.89 16.70 90.01
N GLN D 158 48.20 16.43 90.15
CA GLN D 158 49.16 17.47 90.56
C GLN D 158 48.90 18.82 89.93
N LYS D 159 48.97 18.86 88.61
CA LYS D 159 48.74 20.12 87.92
C LYS D 159 47.30 20.60 88.16
N TYR D 160 46.32 19.71 88.13
CA TYR D 160 44.96 20.17 88.32
C TYR D 160 44.72 20.98 89.55
N ASN D 161 45.17 20.47 90.68
CA ASN D 161 44.91 21.15 91.92
C ASN D 161 45.80 22.37 92.22
N SER D 162 46.87 22.54 91.43
CA SER D 162 47.78 23.68 91.60
C SER D 162 47.33 24.80 90.66
N ARG D 163 46.07 24.72 90.29
CA ARG D 163 45.45 25.69 89.41
C ARG D 163 45.23 26.97 90.17
N SER D 164 45.45 28.11 89.50
CA SER D 164 45.26 29.42 90.11
C SER D 164 44.09 30.19 89.48
N ASN D 165 43.68 29.77 88.30
CA ASN D 165 42.60 30.41 87.57
C ASN D 165 41.27 30.11 88.25
N ARG D 166 41.31 29.22 89.22
CA ARG D 166 40.16 28.80 89.99
C ARG D 166 39.05 29.87 90.08
N GLY D 167 37.80 29.46 89.98
CA GLY D 167 36.68 30.39 90.08
C GLY D 167 36.50 31.45 89.02
N GLU D 168 37.55 31.71 88.22
CA GLU D 168 37.53 32.74 87.16
C GLU D 168 36.40 32.65 86.16
N VAL D 169 35.70 33.76 85.92
CA VAL D 169 34.63 33.76 84.94
C VAL D 169 35.31 33.96 83.58
N VAL D 170 35.15 32.98 82.68
CA VAL D 170 35.75 33.07 81.35
C VAL D 170 34.80 33.57 80.30
N THR D 171 33.56 33.85 80.71
CA THR D 171 32.55 34.40 79.83
C THR D 171 31.26 34.66 80.52
N SER D 172 30.58 35.69 80.06
CA SER D 172 29.30 36.07 80.64
C SER D 172 28.29 36.24 79.55
N PHE D 173 27.06 36.54 79.93
CA PHE D 173 26.01 36.78 78.97
C PHE D 173 24.75 37.26 79.68
N GLY D 174 23.94 38.03 78.97
CA GLY D 174 22.69 38.52 79.53
C GLY D 174 22.71 39.90 80.14
N LEU D 175 22.93 39.95 81.44
CA LEU D 175 22.99 41.21 82.18
C LEU D 175 24.09 40.93 83.19
N ALA D 176 25.13 41.76 83.21
CA ALA D 176 26.24 41.55 84.14
C ALA D 176 25.74 41.24 85.55
N GLN D 177 26.36 40.24 86.19
CA GLN D 177 26.03 39.81 87.55
C GLN D 177 27.36 39.81 88.32
N GLY D 178 27.30 39.95 89.63
CA GLY D 178 28.55 39.97 90.40
C GLY D 178 29.19 38.58 90.39
N VAL D 179 29.65 38.14 91.55
CA VAL D 179 30.25 36.81 91.70
C VAL D 179 29.39 36.09 92.74
N SER D 180 28.43 36.85 93.29
CA SER D 180 27.50 36.37 94.30
C SER D 180 26.32 35.63 93.68
N TRP D 181 26.61 34.66 92.83
CA TRP D 181 25.55 33.88 92.21
C TRP D 181 25.00 33.02 93.34
N SER D 182 23.68 33.00 93.49
CA SER D 182 23.05 32.19 94.52
C SER D 182 21.53 32.09 94.34
N GLY D 183 21.03 30.88 94.48
CA GLY D 183 19.61 30.64 94.36
C GLY D 183 19.12 30.31 95.75
N ARG D 184 17.81 30.30 95.94
CA ARG D 184 17.23 30.00 97.24
C ARG D 184 17.37 28.54 97.73
N GLY D 185 18.25 27.76 97.11
CA GLY D 185 18.41 26.37 97.51
C GLY D 185 17.28 25.49 96.99
N GLY D 186 16.46 24.95 97.89
CA GLY D 186 15.34 24.12 97.46
C GLY D 186 14.03 24.88 97.65
N ALA D 187 14.16 26.03 98.32
CA ALA D 187 13.06 26.93 98.67
C ALA D 187 12.09 27.19 97.52
N GLY D 188 10.83 27.41 97.90
CA GLY D 188 9.80 27.68 96.92
C GLY D 188 9.49 26.49 96.04
N ASN D 189 8.69 26.74 95.02
CA ASN D 189 8.30 25.69 94.10
C ASN D 189 9.34 25.50 93.01
N ILE D 190 9.67 24.22 92.76
CA ILE D 190 10.63 23.82 91.73
C ILE D 190 9.87 22.76 90.92
N SER D 191 9.41 23.13 89.71
CA SER D 191 8.65 22.20 88.85
C SER D 191 9.51 21.56 87.75
N LEU D 192 9.96 20.33 87.97
CA LEU D 192 10.80 19.64 87.01
C LEU D 192 10.00 18.60 86.24
N LYS D 193 9.45 19.00 85.09
CA LYS D 193 8.66 18.11 84.25
C LYS D 193 9.41 17.64 82.99
N VAL D 194 9.54 16.32 82.85
CA VAL D 194 10.22 15.70 81.71
C VAL D 194 9.34 15.87 80.49
N LEU D 195 9.89 16.44 79.42
CA LEU D 195 9.12 16.68 78.20
C LEU D 195 9.66 16.09 76.90
N GLY D 196 8.80 16.14 75.87
CA GLY D 196 9.13 15.63 74.54
C GLY D 196 8.00 14.85 73.88
N CYS D 197 8.37 13.77 73.20
CA CYS D 197 7.45 12.87 72.52
C CYS D 197 6.91 12.00 73.67
N PRO D 198 6.54 10.72 73.42
CA PRO D 198 6.05 10.00 74.60
C PRO D 198 7.16 10.14 75.63
N GLU D 199 6.80 10.47 76.87
CA GLU D 199 7.84 10.70 77.88
C GLU D 199 9.15 10.00 77.54
N ALA D 200 10.01 10.81 76.92
CA ALA D 200 11.34 10.46 76.44
C ALA D 200 12.00 9.18 76.91
N LEU D 201 11.32 8.04 76.78
CA LEU D 201 11.94 6.80 77.17
C LEU D 201 12.18 6.74 78.67
N THR D 202 11.92 5.61 79.29
CA THR D 202 12.15 5.48 80.73
C THR D 202 12.91 4.18 81.01
N GLY D 203 12.50 3.11 80.33
CA GLY D 203 13.13 1.80 80.49
C GLY D 203 14.46 1.71 79.77
N SER D 204 15.05 0.51 79.74
CA SER D 204 16.34 0.30 79.06
C SER D 204 16.19 0.45 77.58
N TYR D 205 15.27 -0.30 77.01
CA TYR D 205 15.02 -0.19 75.59
C TYR D 205 13.85 -1.03 75.17
N LYS D 206 13.93 -1.49 73.93
CA LYS D 206 12.95 -2.37 73.33
C LYS D 206 13.86 -3.41 72.70
N SER D 207 15.08 -2.98 72.38
CA SER D 207 16.01 -3.86 71.70
C SER D 207 17.45 -3.39 71.51
N MET D 208 18.03 -3.95 70.45
CA MET D 208 19.38 -3.71 70.02
C MET D 208 19.58 -4.60 68.76
N PHE D 209 18.65 -4.47 67.81
CA PHE D 209 18.64 -5.22 66.54
C PHE D 209 17.71 -4.47 65.58
N GLN D 210 18.32 -3.95 64.49
CA GLN D 210 17.58 -3.16 63.53
C GLN D 210 17.32 -3.83 62.19
N LYS D 211 16.17 -3.49 61.59
CA LYS D 211 15.73 -4.02 60.30
C LYS D 211 15.88 -2.97 59.19
N LEU D 212 16.95 -3.07 58.39
CA LEU D 212 17.18 -2.12 57.32
C LEU D 212 15.91 -1.59 56.73
N PRO D 213 14.93 -2.46 56.53
CA PRO D 213 13.63 -2.10 55.96
C PRO D 213 12.92 -0.99 56.73
N ASP D 214 13.46 -0.64 57.90
CA ASP D 214 12.83 0.38 58.71
C ASP D 214 13.68 1.64 58.83
N ILE D 215 15.01 1.47 58.92
CA ILE D 215 15.89 2.62 58.96
C ILE D 215 15.47 3.40 57.73
N ARG D 216 15.35 2.68 56.62
CA ARG D 216 14.91 3.28 55.38
C ARG D 216 13.65 4.10 55.73
N GLU D 217 12.55 3.41 56.05
CA GLU D 217 11.31 4.08 56.37
C GLU D 217 11.54 5.37 57.14
N VAL D 218 12.42 5.33 58.13
CA VAL D 218 12.72 6.51 58.92
C VAL D 218 13.25 7.66 58.08
N LEU D 219 14.50 7.51 57.68
CA LEU D 219 15.18 8.52 56.88
C LEU D 219 14.27 9.19 55.87
N THR D 220 13.31 8.42 55.35
CA THR D 220 12.36 8.95 54.38
C THR D 220 11.36 9.91 55.02
N CYS D 221 10.77 9.47 56.13
CA CYS D 221 9.81 10.27 56.87
C CYS D 221 10.53 11.56 57.21
N LYS D 222 11.69 11.39 57.79
CA LYS D 222 12.56 12.51 58.15
C LYS D 222 12.38 13.61 57.11
N ILE D 223 12.79 13.28 55.89
CA ILE D 223 12.74 14.20 54.79
C ILE D 223 11.33 14.64 54.41
N GLU D 224 10.43 13.68 54.27
CA GLU D 224 9.03 13.97 53.91
C GLU D 224 8.39 14.95 54.85
N GLU D 225 8.44 14.62 56.13
CA GLU D 225 7.85 15.44 57.17
C GLU D 225 8.32 16.86 57.03
N LEU D 226 9.57 17.09 57.38
CA LEU D 226 10.13 18.41 57.26
C LEU D 226 9.64 19.04 55.96
N GLY D 227 9.93 18.33 54.87
CA GLY D 227 9.54 18.81 53.57
C GLY D 227 8.11 19.25 53.67
N SER D 228 7.23 18.29 53.86
CA SER D 228 5.79 18.56 53.96
C SER D 228 5.50 19.91 54.61
N GLU D 229 6.25 20.22 55.66
CA GLU D 229 6.04 21.49 56.34
C GLU D 229 6.80 22.63 55.71
N LEU D 230 8.00 22.39 55.20
CA LEU D 230 8.76 23.44 54.52
C LEU D 230 7.95 23.93 53.32
N LYS D 231 7.22 22.99 52.71
CA LYS D 231 6.39 23.25 51.55
C LYS D 231 5.19 24.11 51.93
N GLU D 232 4.70 23.94 53.15
CA GLU D 232 3.58 24.73 53.62
C GLU D 232 4.00 26.13 53.98
N HIS D 233 5.26 26.28 54.38
CA HIS D 233 5.80 27.58 54.78
C HIS D 233 6.10 28.48 53.59
N TYR D 234 7.07 28.07 52.78
CA TYR D 234 7.43 28.86 51.62
C TYR D 234 6.34 28.73 50.53
N LYS D 235 5.28 27.97 50.85
CA LYS D 235 4.13 27.75 49.96
C LYS D 235 4.47 27.31 48.52
N ILE D 236 5.48 26.47 48.34
CA ILE D 236 5.85 26.00 46.99
C ILE D 236 4.71 25.14 46.47
N GLU D 237 4.59 24.98 45.16
CA GLU D 237 3.48 24.21 44.64
C GLU D 237 3.70 22.72 44.45
N ALA D 238 4.90 22.33 44.07
CA ALA D 238 5.18 20.92 43.90
C ALA D 238 6.64 20.68 43.66
N PHE D 239 7.16 19.67 44.34
CA PHE D 239 8.55 19.32 44.20
C PHE D 239 8.63 18.55 42.88
N THR D 240 9.82 18.49 42.29
CA THR D 240 10.06 17.78 41.02
C THR D 240 10.91 16.52 41.22
N PRO D 241 10.62 15.45 40.48
CA PRO D 241 11.50 14.30 40.73
C PRO D 241 12.95 14.65 40.41
N LEU D 242 13.88 14.18 41.26
CA LEU D 242 15.30 14.45 41.07
C LEU D 242 15.81 13.81 39.83
N LEU D 243 15.00 12.94 39.24
CA LEU D 243 15.40 12.24 38.03
C LEU D 243 14.75 12.78 36.75
N ALA D 244 13.60 13.46 36.88
CA ALA D 244 12.89 14.01 35.73
C ALA D 244 13.58 15.27 35.23
N PRO D 245 14.01 15.27 33.96
CA PRO D 245 14.67 16.45 33.39
C PRO D 245 13.63 17.47 32.95
N ALA D 246 14.09 18.70 32.75
CA ALA D 246 13.24 19.80 32.32
C ALA D 246 14.11 21.02 32.07
N GLN D 247 13.65 21.95 31.22
CA GLN D 247 14.44 23.15 30.97
C GLN D 247 14.15 24.24 32.00
N GLU D 248 12.89 24.31 32.47
CA GLU D 248 12.47 25.30 33.46
C GLU D 248 13.09 25.04 34.84
N PRO D 249 13.12 26.05 35.72
CA PRO D 249 13.70 25.85 37.05
C PRO D 249 12.79 24.99 37.92
N VAL D 250 13.39 24.08 38.67
CA VAL D 250 12.62 23.18 39.50
C VAL D 250 12.92 23.30 40.99
N THR D 251 11.99 22.82 41.82
CA THR D 251 12.18 22.80 43.27
C THR D 251 12.18 21.34 43.75
N LEU D 252 13.38 20.86 44.01
CA LEU D 252 13.59 19.49 44.45
C LEU D 252 13.41 19.42 45.97
N LEU D 253 13.39 18.19 46.48
CA LEU D 253 13.26 17.92 47.89
C LEU D 253 14.19 16.76 48.14
N GLY D 254 15.09 16.90 49.10
CA GLY D 254 15.97 15.79 49.32
C GLY D 254 16.88 16.02 50.48
N GLN D 255 17.83 15.13 50.67
CA GLN D 255 18.75 15.30 51.76
C GLN D 255 20.14 15.28 51.19
N ILE D 256 20.98 16.21 51.61
CA ILE D 256 22.32 16.17 51.07
C ILE D 256 22.95 14.84 51.41
N GLY D 257 24.24 14.71 51.11
CA GLY D 257 24.97 13.49 51.37
C GLY D 257 26.22 13.53 50.52
N CYS D 258 27.29 12.92 50.99
CA CYS D 258 28.49 12.97 50.19
C CYS D 258 28.46 11.82 49.20
N ASP D 259 29.33 11.87 48.19
CA ASP D 259 29.38 10.81 47.20
C ASP D 259 30.51 9.82 47.46
N SER D 260 31.22 9.95 48.57
CA SER D 260 32.32 9.04 48.89
C SER D 260 32.37 8.82 50.40
N ASN D 261 33.50 8.31 50.89
CA ASN D 261 33.66 8.06 52.33
C ASN D 261 34.39 9.20 53.05
N GLY D 262 34.78 10.23 52.32
CA GLY D 262 35.50 11.34 52.94
C GLY D 262 34.73 12.57 53.36
N LYS D 263 35.47 13.67 53.50
CA LYS D 263 34.96 14.97 53.90
C LYS D 263 34.12 15.68 52.84
N LEU D 264 32.81 15.83 53.11
CA LEU D 264 31.90 16.51 52.19
C LEU D 264 32.60 17.78 51.69
N ASN D 265 32.32 18.19 50.44
CA ASN D 265 32.94 19.39 49.84
C ASN D 265 32.14 20.01 48.69
N ASN D 266 32.37 21.31 48.44
CA ASN D 266 31.70 22.09 47.39
C ASN D 266 31.49 21.38 46.07
N LYS D 267 32.39 20.45 45.76
CA LYS D 267 32.29 19.67 44.53
C LYS D 267 31.36 18.46 44.69
N SER D 268 31.77 17.54 45.56
CA SER D 268 31.06 16.30 45.79
C SER D 268 29.65 16.29 46.39
N VAL D 269 29.08 17.43 46.74
CA VAL D 269 27.73 17.38 47.30
C VAL D 269 26.82 16.60 46.40
N ILE D 270 25.73 16.08 46.97
CA ILE D 270 24.73 15.30 46.24
C ILE D 270 23.39 15.39 46.96
N LEU D 271 22.29 15.25 46.26
CA LEU D 271 21.04 15.28 46.99
C LEU D 271 20.40 13.95 46.68
N GLU D 272 19.85 13.32 47.71
CA GLU D 272 19.15 12.04 47.61
C GLU D 272 17.69 12.42 47.92
N GLY D 273 16.84 12.30 46.92
CA GLY D 273 15.47 12.68 47.12
C GLY D 273 14.76 11.74 48.06
N ASP D 274 13.48 12.01 48.26
CA ASP D 274 12.63 11.22 49.12
C ASP D 274 12.08 10.06 48.33
N ARG D 275 11.46 9.13 49.03
CA ARG D 275 10.85 7.96 48.38
C ARG D 275 9.59 8.43 47.62
N GLU D 276 8.65 9.01 48.36
CA GLU D 276 7.38 9.45 47.80
C GLU D 276 7.40 10.17 46.45
N HIS D 277 8.46 10.91 46.15
CA HIS D 277 8.53 11.61 44.87
C HIS D 277 9.59 11.09 43.93
N SER D 278 10.78 10.88 44.47
CA SER D 278 11.90 10.47 43.64
C SER D 278 12.40 9.11 44.00
N SER D 279 11.48 8.30 44.51
CA SER D 279 11.81 6.96 44.91
C SER D 279 13.31 6.76 45.11
N GLY D 280 13.84 7.57 46.02
CA GLY D 280 15.24 7.51 46.40
C GLY D 280 16.33 7.72 45.37
N ALA D 281 16.08 8.52 44.34
CA ALA D 281 17.14 8.69 43.36
C ALA D 281 18.17 9.71 43.85
N GLN D 282 19.45 9.49 43.52
CA GLN D 282 20.53 10.39 43.91
C GLN D 282 21.03 11.19 42.70
N ILE D 283 21.07 12.52 42.79
CA ILE D 283 21.59 13.34 41.69
C ILE D 283 22.59 14.32 42.27
N PRO D 284 23.85 14.28 41.84
CA PRO D 284 24.86 15.20 42.36
C PRO D 284 24.39 16.66 42.25
N VAL D 285 25.06 17.58 42.97
CA VAL D 285 24.65 18.99 42.93
C VAL D 285 25.75 19.96 42.50
N ASP D 286 25.34 20.94 41.69
CA ASP D 286 26.24 21.97 41.17
C ASP D 286 25.94 23.28 41.88
N LEU D 287 26.94 23.76 42.60
CA LEU D 287 26.81 24.96 43.40
C LEU D 287 27.44 26.22 42.82
N SER D 288 28.33 26.05 41.84
CA SER D 288 29.01 27.18 41.22
C SER D 288 28.10 28.40 41.20
N GLU D 289 26.85 28.17 40.87
CA GLU D 289 25.88 29.26 40.76
C GLU D 289 25.11 29.60 42.04
N LEU D 290 25.64 29.22 43.19
CA LEU D 290 24.92 29.56 44.39
C LEU D 290 25.73 30.48 45.28
N LYS D 291 25.06 31.56 45.68
CA LYS D 291 25.65 32.62 46.51
C LYS D 291 25.90 32.23 47.97
N GLU D 292 24.82 32.16 48.74
CA GLU D 292 24.89 31.83 50.16
C GLU D 292 24.31 30.45 50.45
N TYR D 293 25.15 29.61 51.05
CA TYR D 293 24.74 28.25 51.36
C TYR D 293 25.47 27.68 52.55
N SER D 294 24.75 26.86 53.31
CA SER D 294 25.31 26.20 54.47
C SER D 294 24.87 24.75 54.30
N LEU D 295 25.82 23.85 54.05
CA LEU D 295 25.43 22.45 53.89
C LEU D 295 26.17 21.43 54.77
N PHE D 296 25.47 20.36 55.13
CA PHE D 296 26.05 19.33 55.93
C PHE D 296 25.38 18.04 55.53
N PRO D 297 26.13 16.95 55.56
CA PRO D 297 25.55 15.65 55.18
C PRO D 297 24.26 15.40 55.94
N GLY D 298 23.24 14.86 55.29
CA GLY D 298 22.00 14.60 55.99
C GLY D 298 21.07 15.79 56.16
N GLN D 299 21.55 16.97 55.78
CA GLN D 299 20.77 18.20 55.87
C GLN D 299 19.51 18.14 55.03
N VAL D 300 18.33 18.07 55.65
CA VAL D 300 17.12 18.06 54.85
C VAL D 300 17.10 19.46 54.25
N VAL D 301 17.01 19.51 52.92
CA VAL D 301 17.05 20.76 52.17
C VAL D 301 16.06 20.86 51.02
N ILE D 302 15.63 22.08 50.71
CA ILE D 302 14.75 22.31 49.57
C ILE D 302 15.62 23.15 48.66
N MET D 303 15.86 22.65 47.44
CA MET D 303 16.67 23.41 46.49
C MET D 303 15.89 23.73 45.22
N GLU D 304 16.25 24.84 44.59
CA GLU D 304 15.64 25.28 43.33
C GLU D 304 16.83 25.56 42.39
N GLY D 305 16.81 24.93 41.23
CA GLY D 305 17.86 25.10 40.26
C GLY D 305 17.42 24.51 38.94
N ILE D 306 18.37 24.25 38.07
CA ILE D 306 18.01 23.67 36.80
C ILE D 306 18.70 22.37 36.52
N ASN D 307 17.87 21.38 36.24
CA ASN D 307 18.32 20.05 35.90
C ASN D 307 17.60 19.80 34.59
N THR D 308 18.36 19.88 33.51
CA THR D 308 17.81 19.69 32.18
C THR D 308 18.01 18.25 31.75
N THR D 309 19.21 17.73 31.98
CA THR D 309 19.51 16.35 31.60
C THR D 309 19.02 15.39 32.68
N GLY D 310 18.68 15.90 33.85
CA GLY D 310 18.22 15.04 34.92
C GLY D 310 19.37 14.26 35.51
N ARG D 311 20.60 14.67 35.24
CA ARG D 311 21.80 13.99 35.76
C ARG D 311 22.72 14.98 36.47
N LYS D 312 22.12 16.10 36.86
CA LYS D 312 22.84 17.15 37.58
C LYS D 312 21.93 18.37 37.74
N LEU D 313 21.87 18.87 38.97
CA LEU D 313 21.05 20.03 39.26
C LEU D 313 21.92 21.19 39.61
N VAL D 314 21.74 22.28 38.88
CA VAL D 314 22.50 23.47 39.18
C VAL D 314 21.65 24.31 40.11
N ALA D 315 22.03 24.30 41.37
CA ALA D 315 21.28 25.03 42.35
C ALA D 315 21.18 26.49 42.02
N THR D 316 20.01 27.07 42.32
CA THR D 316 19.77 28.50 42.10
C THR D 316 19.39 29.16 43.42
N LYS D 317 18.80 28.37 44.32
CA LYS D 317 18.40 28.86 45.63
C LYS D 317 18.34 27.71 46.64
N LEU D 318 18.74 27.97 47.89
CA LEU D 318 18.75 26.96 48.96
C LEU D 318 17.87 27.48 50.06
N TYR D 319 16.59 27.15 50.02
CA TYR D 319 15.72 27.64 51.06
C TYR D 319 16.36 27.57 52.43
N GLU D 320 16.03 28.54 53.28
CA GLU D 320 16.57 28.62 54.63
C GLU D 320 15.78 27.73 55.58
N GLY D 321 16.49 26.98 56.40
CA GLY D 321 15.80 26.11 57.32
C GLY D 321 14.78 26.81 58.19
N VAL D 322 13.71 26.10 58.53
CA VAL D 322 12.66 26.65 59.37
C VAL D 322 12.53 25.83 60.67
N PRO D 323 12.66 26.49 61.82
CA PRO D 323 12.57 25.84 63.13
C PRO D 323 11.13 25.79 63.62
N LEU D 324 10.95 25.23 64.80
CA LEU D 324 9.63 25.10 65.38
C LEU D 324 9.25 26.24 66.30
N PRO D 325 7.93 26.50 66.44
CA PRO D 325 7.59 27.60 67.35
C PRO D 325 8.18 27.30 68.73
N PHE D 326 8.31 28.32 69.57
CA PHE D 326 8.84 28.09 70.92
C PHE D 326 7.63 27.79 71.80
N TYR D 327 7.89 27.29 73.00
CA TYR D 327 6.83 26.92 73.97
C TYR D 327 5.91 28.07 74.37
N GLN D 328 4.60 27.79 74.38
CA GLN D 328 3.60 28.79 74.77
C GLN D 328 3.37 28.71 76.26
N PRO D 329 3.90 29.70 77.01
CA PRO D 329 3.77 29.76 78.46
C PRO D 329 2.33 29.87 78.93
N THR D 330 1.95 28.99 79.84
CA THR D 330 0.60 29.02 80.42
C THR D 330 0.69 30.17 81.41
N GLU D 331 -0.44 30.56 82.00
CA GLU D 331 -0.40 31.67 82.95
C GLU D 331 0.33 31.28 84.23
N GLU D 332 0.30 29.99 84.56
CA GLU D 332 0.94 29.47 85.76
C GLU D 332 2.46 29.67 85.72
N ASP D 333 3.06 29.48 84.55
CA ASP D 333 4.51 29.59 84.39
C ASP D 333 5.07 31.02 84.56
N ALA D 334 4.20 32.01 84.53
CA ALA D 334 4.63 33.39 84.71
C ALA D 334 4.55 33.73 86.20
N ASP D 335 3.98 32.81 86.97
CA ASP D 335 3.82 33.01 88.41
C ASP D 335 4.96 32.41 89.25
N PHE D 336 5.94 31.82 88.57
CA PHE D 336 7.09 31.21 89.24
C PHE D 336 8.18 32.26 89.50
N GLU D 337 9.00 32.04 90.54
CA GLU D 337 10.05 33.01 90.83
C GLU D 337 11.39 32.57 90.25
N GLN D 338 12.38 33.44 90.35
CA GLN D 338 13.71 33.18 89.84
C GLN D 338 14.36 31.90 90.38
N SER D 339 15.03 31.20 89.47
CA SER D 339 15.72 29.95 89.77
C SER D 339 17.11 30.04 89.17
N MET D 340 18.04 29.25 89.66
CA MET D 340 19.35 29.34 89.11
C MET D 340 19.80 27.93 88.83
N VAL D 341 20.03 27.61 87.56
CA VAL D 341 20.47 26.26 87.21
C VAL D 341 21.95 26.19 86.94
N LEU D 342 22.61 25.26 87.61
CA LEU D 342 24.01 25.07 87.34
C LEU D 342 23.93 24.05 86.22
N VAL D 343 25.08 23.73 85.65
CA VAL D 343 25.17 22.78 84.58
C VAL D 343 26.64 22.44 84.35
N ALA D 344 26.94 21.14 84.33
CA ALA D 344 28.31 20.69 84.10
C ALA D 344 28.32 19.29 83.50
N CYS D 345 29.37 19.00 82.75
CA CYS D 345 29.48 17.72 82.08
C CYS D 345 30.89 17.15 82.25
N GLY D 346 31.00 15.83 82.40
CA GLY D 346 32.30 15.21 82.58
C GLY D 346 33.18 15.33 81.36
N PRO D 347 34.38 14.72 81.32
CA PRO D 347 35.01 13.90 82.36
C PRO D 347 35.07 14.63 83.67
N TYR D 348 34.93 13.88 84.75
CA TYR D 348 34.95 14.49 86.05
C TYR D 348 36.20 14.15 86.80
N THR D 349 37.28 13.87 86.09
CA THR D 349 38.54 13.49 86.74
C THR D 349 39.66 13.83 85.78
N THR D 350 40.87 13.93 86.30
CA THR D 350 42.00 14.22 85.43
C THR D 350 42.38 12.95 84.71
N SER D 351 42.80 13.10 83.47
CA SER D 351 43.19 11.98 82.64
C SER D 351 44.41 11.22 83.16
N ASP D 352 44.96 11.62 84.30
CA ASP D 352 46.13 10.89 84.83
C ASP D 352 45.89 10.35 86.23
N SER D 353 44.68 10.59 86.74
CA SER D 353 44.27 10.14 88.08
C SER D 353 42.81 9.71 88.12
N ILE D 354 42.41 9.11 89.23
CA ILE D 354 41.03 8.63 89.41
C ILE D 354 40.46 9.34 90.59
N THR D 355 41.07 10.45 90.93
CA THR D 355 40.70 11.23 92.08
C THR D 355 39.33 11.85 92.05
N TYR D 356 38.85 12.18 90.87
CA TYR D 356 37.56 12.84 90.77
C TYR D 356 37.61 14.16 91.53
N ASP D 357 38.82 14.64 91.75
CA ASP D 357 39.03 15.90 92.44
C ASP D 357 37.99 16.89 91.97
N PRO D 358 38.08 17.29 90.70
CA PRO D 358 37.12 18.26 90.14
C PRO D 358 35.70 17.96 90.54
N LEU D 359 35.41 16.67 90.62
CA LEU D 359 34.09 16.23 90.99
C LEU D 359 33.76 16.92 92.29
N LEU D 360 34.61 16.67 93.27
CA LEU D 360 34.46 17.25 94.60
C LEU D 360 34.35 18.75 94.57
N ASP D 361 35.31 19.41 93.92
CA ASP D 361 35.31 20.87 93.84
C ASP D 361 33.91 21.27 93.42
N LEU D 362 33.42 20.59 92.39
CA LEU D 362 32.08 20.84 91.89
C LEU D 362 31.17 20.84 93.10
N ILE D 363 30.99 19.66 93.67
CA ILE D 363 30.16 19.48 94.84
C ILE D 363 30.20 20.75 95.69
N ALA D 364 31.34 20.98 96.31
CA ALA D 364 31.55 22.14 97.18
C ALA D 364 30.85 23.36 96.60
N VAL D 365 31.20 23.63 95.34
CA VAL D 365 30.65 24.76 94.62
C VAL D 365 29.14 24.64 94.56
N ILE D 366 28.65 23.43 94.35
CA ILE D 366 27.21 23.23 94.30
C ILE D 366 26.70 23.78 95.64
N ASN D 367 27.27 23.29 96.74
CA ASN D 367 26.88 23.72 98.07
C ASN D 367 26.92 25.23 98.25
N HIS D 368 28.13 25.77 98.21
CA HIS D 368 28.33 27.19 98.39
C HIS D 368 27.23 28.03 97.75
N ASP D 369 27.06 27.86 96.45
CA ASP D 369 26.08 28.65 95.73
C ASP D 369 24.62 28.16 95.86
N ARG D 370 24.43 26.97 96.44
CA ARG D 370 23.08 26.42 96.62
C ARG D 370 22.15 26.60 95.43
N PRO D 371 22.50 26.00 94.27
CA PRO D 371 21.69 26.08 93.05
C PRO D 371 20.35 25.34 93.13
N ASP D 372 19.34 25.77 92.37
CA ASP D 372 18.04 25.10 92.38
C ASP D 372 18.04 23.76 91.63
N VAL D 373 18.88 23.67 90.60
CA VAL D 373 19.04 22.48 89.76
C VAL D 373 20.48 22.32 89.29
N CYS D 374 20.97 21.09 89.33
CA CYS D 374 22.35 20.82 88.89
C CYS D 374 22.30 19.70 87.85
N ILE D 375 22.19 20.05 86.59
CA ILE D 375 22.14 19.05 85.55
C ILE D 375 23.55 18.60 85.23
N LEU D 376 23.82 17.33 85.51
CA LEU D 376 25.16 16.82 85.26
C LEU D 376 25.31 15.75 84.20
N PHE D 377 26.09 16.14 83.20
CA PHE D 377 26.38 15.37 82.01
C PHE D 377 27.48 14.34 82.15
N GLY D 378 27.19 13.11 81.71
CA GLY D 378 28.19 12.06 81.76
C GLY D 378 29.31 12.54 80.85
N PRO D 379 30.44 11.85 80.75
CA PRO D 379 30.86 10.58 81.35
C PRO D 379 31.30 10.66 82.81
N PHE D 380 30.67 9.89 83.67
CA PHE D 380 31.08 9.88 85.05
C PHE D 380 32.29 8.97 85.03
N LEU D 381 32.12 7.80 84.46
CA LEU D 381 33.27 6.92 84.32
C LEU D 381 33.60 6.88 82.82
N ASP D 382 34.57 7.70 82.46
CA ASP D 382 35.03 7.86 81.07
C ASP D 382 35.56 6.61 80.36
N ALA D 383 34.76 6.06 79.44
CA ALA D 383 35.14 4.88 78.70
C ALA D 383 36.51 5.08 78.09
N LYS D 384 36.89 6.35 77.98
CA LYS D 384 38.17 6.70 77.39
C LYS D 384 39.27 6.93 78.44
N HIS D 385 38.90 7.07 79.71
CA HIS D 385 39.95 7.29 80.69
C HIS D 385 40.97 6.18 80.60
N GLU D 386 42.22 6.55 80.39
CA GLU D 386 43.30 5.57 80.24
C GLU D 386 43.17 4.30 81.09
N GLN D 387 43.13 4.48 82.41
CA GLN D 387 43.03 3.35 83.31
C GLN D 387 41.81 2.50 83.05
N VAL D 388 40.71 3.12 82.68
CA VAL D 388 39.51 2.36 82.43
C VAL D 388 39.60 1.49 81.18
N GLU D 389 40.23 1.98 80.11
CA GLU D 389 40.30 1.19 78.90
C GLU D 389 41.33 0.09 78.91
N ASN D 390 42.25 0.13 79.85
CA ASN D 390 43.24 -0.93 79.91
C ASN D 390 42.88 -1.81 81.09
N CYS D 391 41.67 -1.62 81.59
CA CYS D 391 41.14 -2.36 82.73
C CYS D 391 42.19 -2.71 83.75
N LEU D 392 42.62 -1.69 84.47
CA LEU D 392 43.62 -1.82 85.50
C LEU D 392 42.91 -1.58 86.83
N LEU D 393 41.73 -0.97 86.74
CA LEU D 393 40.91 -0.68 87.92
C LEU D 393 40.78 -1.99 88.67
N THR D 394 40.63 -1.92 89.99
CA THR D 394 40.51 -3.14 90.76
C THR D 394 39.07 -3.29 91.16
N SER D 395 38.25 -2.37 90.67
CA SER D 395 36.84 -2.39 91.01
C SER D 395 36.01 -2.57 89.77
N PRO D 396 34.81 -3.12 89.93
CA PRO D 396 33.89 -3.34 88.84
C PRO D 396 33.30 -2.03 88.45
N PHE D 397 33.13 -1.85 87.15
CA PHE D 397 32.59 -0.60 86.64
C PHE D 397 31.33 -0.25 87.41
N GLU D 398 30.30 -1.07 87.23
CA GLU D 398 29.01 -0.85 87.88
C GLU D 398 29.13 -0.14 89.23
N ASP D 399 30.09 -0.60 90.03
CA ASP D 399 30.33 -0.04 91.34
C ASP D 399 30.86 1.36 91.18
N ILE D 400 32.14 1.43 90.83
CA ILE D 400 32.81 2.71 90.62
C ILE D 400 31.77 3.77 90.35
N PHE D 401 30.92 3.51 89.37
CA PHE D 401 29.89 4.45 89.03
C PHE D 401 28.92 4.75 90.16
N LYS D 402 28.45 3.72 90.86
CA LYS D 402 27.53 3.98 91.97
C LYS D 402 28.27 4.91 92.93
N GLN D 403 29.56 4.62 93.10
CA GLN D 403 30.48 5.36 93.97
C GLN D 403 30.29 6.84 93.74
N CYS D 404 30.71 7.28 92.59
CA CYS D 404 30.58 8.67 92.28
C CYS D 404 29.15 9.07 92.48
N LEU D 405 28.21 8.25 92.03
CA LEU D 405 26.82 8.67 92.18
C LEU D 405 26.53 9.00 93.62
N ARG D 406 27.12 8.26 94.53
CA ARG D 406 26.88 8.56 95.92
C ARG D 406 27.53 9.90 96.21
N THR D 407 28.84 9.87 96.39
CA THR D 407 29.61 11.05 96.69
C THR D 407 28.81 12.31 96.34
N ILE D 408 28.31 12.38 95.12
CA ILE D 408 27.53 13.55 94.65
C ILE D 408 26.11 13.75 95.24
N ILE D 409 25.34 12.68 95.35
CA ILE D 409 24.00 12.81 95.88
C ILE D 409 24.15 13.28 97.31
N GLU D 410 24.99 12.55 98.04
CA GLU D 410 25.27 12.84 99.44
C GLU D 410 26.00 14.17 99.55
N GLY D 411 27.23 14.23 99.03
CA GLY D 411 28.02 15.44 99.09
C GLY D 411 27.19 16.70 98.98
N THR D 412 25.95 16.58 98.54
CA THR D 412 25.10 17.73 98.35
C THR D 412 23.71 17.54 98.92
N ARG D 413 23.60 16.93 100.08
CA ARG D 413 22.27 16.74 100.65
C ARG D 413 21.77 18.01 101.33
N SER D 414 22.72 18.80 101.82
CA SER D 414 22.44 20.06 102.50
C SER D 414 21.96 21.13 101.52
N SER D 415 22.68 21.25 100.41
CA SER D 415 22.35 22.19 99.36
C SER D 415 20.86 22.37 99.08
N GLY D 416 20.11 21.27 98.96
CA GLY D 416 18.69 21.38 98.68
C GLY D 416 18.43 21.54 97.19
N SER D 417 19.46 21.24 96.41
CA SER D 417 19.38 21.34 94.95
C SER D 417 18.92 20.06 94.28
N HIS D 418 17.99 20.17 93.34
CA HIS D 418 17.53 19.00 92.61
C HIS D 418 18.70 18.54 91.77
N LEU D 419 18.89 17.25 91.65
CA LEU D 419 19.96 16.75 90.82
C LEU D 419 19.36 16.02 89.60
N VAL D 420 19.78 16.40 88.40
CA VAL D 420 19.30 15.80 87.15
C VAL D 420 20.50 15.31 86.32
N PHE D 421 20.65 14.00 86.35
CA PHE D 421 21.74 13.36 85.66
C PHE D 421 21.49 13.03 84.19
N VAL D 422 22.51 13.27 83.38
CA VAL D 422 22.42 12.99 81.95
C VAL D 422 23.54 12.07 81.50
N PRO D 423 23.17 10.83 81.10
CA PRO D 423 24.03 9.74 80.64
C PRO D 423 24.84 10.10 79.44
N SER D 424 25.93 9.39 79.23
CA SER D 424 26.79 9.65 78.08
C SER D 424 27.24 8.35 77.43
N LEU D 425 27.47 8.39 76.12
CA LEU D 425 27.91 7.19 75.42
C LEU D 425 29.30 6.80 75.88
N ARG D 426 29.95 7.67 76.63
CA ARG D 426 31.29 7.35 77.08
C ARG D 426 31.29 6.72 78.48
N ASP D 427 30.11 6.65 79.11
CA ASP D 427 29.95 6.05 80.44
C ASP D 427 30.10 4.52 80.34
N VAL D 428 31.35 4.05 80.31
CA VAL D 428 31.66 2.61 80.17
C VAL D 428 30.61 1.61 80.67
N HIS D 429 29.96 1.94 81.78
CA HIS D 429 28.96 1.10 82.41
C HIS D 429 27.53 1.20 81.85
N HIS D 430 27.24 2.16 80.99
CA HIS D 430 25.88 2.25 80.50
C HIS D 430 25.72 1.80 79.05
N GLU D 431 24.47 1.56 78.64
CA GLU D 431 24.06 1.11 77.29
C GLU D 431 24.59 1.98 76.13
N PRO D 432 25.71 1.56 75.48
CA PRO D 432 26.32 2.30 74.36
C PRO D 432 25.44 2.56 73.13
N VAL D 433 24.19 2.95 73.37
CA VAL D 433 23.22 3.21 72.30
C VAL D 433 22.45 4.52 72.35
N TYR D 434 22.72 5.44 71.44
CA TYR D 434 21.97 6.69 71.41
C TYR D 434 20.68 6.38 70.67
N PRO D 435 19.52 6.85 71.15
CA PRO D 435 19.40 7.64 72.36
C PRO D 435 19.57 6.63 73.47
N GLN D 436 20.09 7.08 74.62
CA GLN D 436 20.31 6.21 75.78
C GLN D 436 19.14 6.30 76.74
N PRO D 437 19.01 5.32 77.64
CA PRO D 437 17.91 5.34 78.61
C PRO D 437 18.47 6.04 79.84
N PRO D 438 17.61 6.32 80.83
CA PRO D 438 18.15 7.00 82.00
C PRO D 438 19.22 6.13 82.65
N PHE D 439 19.77 6.60 83.78
CA PHE D 439 20.75 5.79 84.49
C PHE D 439 19.96 4.86 85.41
N SER D 440 20.63 3.89 86.01
CA SER D 440 19.93 2.96 86.88
C SER D 440 20.52 2.96 88.26
N TYR D 441 19.69 3.22 89.26
CA TYR D 441 20.16 3.26 90.64
C TYR D 441 18.94 3.11 91.53
N SER D 442 19.12 2.36 92.62
CA SER D 442 18.06 2.14 93.60
C SER D 442 18.45 2.72 94.97
N ASP D 443 19.74 2.68 95.31
CA ASP D 443 20.25 3.19 96.60
C ASP D 443 19.83 4.65 96.84
N LEU D 444 18.57 4.85 97.16
CA LEU D 444 18.04 6.19 97.38
C LEU D 444 16.99 6.26 98.49
N SER D 445 17.27 7.09 99.49
CA SER D 445 16.35 7.29 100.60
C SER D 445 15.10 8.01 100.06
N ARG D 446 14.03 7.99 100.84
CA ARG D 446 12.81 8.68 100.46
C ARG D 446 13.21 10.12 100.23
N GLU D 447 14.21 10.54 100.99
CA GLU D 447 14.77 11.90 100.97
C GLU D 447 15.34 12.25 99.60
N ASP D 448 16.41 11.56 99.23
CA ASP D 448 17.08 11.79 97.97
C ASP D 448 16.19 11.59 96.75
N LYS D 449 15.09 10.84 96.92
CA LYS D 449 14.19 10.59 95.79
C LYS D 449 13.43 11.84 95.37
N LYS D 450 13.32 12.79 96.29
CA LYS D 450 12.63 14.04 96.00
C LYS D 450 13.67 15.02 95.45
N GLN D 451 14.94 14.67 95.62
CA GLN D 451 16.05 15.53 95.20
C GLN D 451 16.81 15.12 93.94
N VAL D 452 16.73 13.86 93.53
CA VAL D 452 17.43 13.45 92.34
C VAL D 452 16.44 12.90 91.32
N GLN D 453 16.84 13.00 90.07
CA GLN D 453 16.05 12.54 88.96
C GLN D 453 16.95 12.06 87.85
N PHE D 454 16.51 10.99 87.22
CA PHE D 454 17.25 10.40 86.13
C PHE D 454 16.55 10.56 84.82
N VAL D 455 17.31 11.04 83.84
CA VAL D 455 16.74 11.27 82.53
C VAL D 455 17.59 10.68 81.42
N SER D 456 16.93 10.46 80.29
CA SER D 456 17.56 9.89 79.11
C SER D 456 18.70 10.77 78.61
N GLU D 457 18.99 10.63 77.32
CA GLU D 457 20.03 11.39 76.64
C GLU D 457 19.70 11.17 75.20
N PRO D 458 19.31 12.23 74.51
CA PRO D 458 19.16 13.58 75.02
C PRO D 458 17.81 13.74 75.65
N CYS D 459 17.48 14.99 75.99
CA CYS D 459 16.17 15.30 76.53
C CYS D 459 15.67 16.75 76.49
N SER D 460 14.36 16.84 76.60
CA SER D 460 13.64 18.08 76.63
C SER D 460 13.00 18.13 78.00
N LEU D 461 13.62 18.89 78.91
CA LEU D 461 13.14 19.03 80.27
C LEU D 461 12.62 20.42 80.59
N SER D 462 11.55 20.49 81.36
CA SER D 462 10.95 21.77 81.74
C SER D 462 11.36 22.23 83.15
N ILE D 463 12.23 23.24 83.24
CA ILE D 463 12.65 23.78 84.55
C ILE D 463 11.85 25.07 84.75
N ASN D 464 10.69 24.93 85.35
CA ASN D 464 9.81 26.07 85.61
C ASN D 464 9.29 26.68 84.31
N GLY D 465 8.54 25.89 83.55
CA GLY D 465 8.02 26.40 82.30
C GLY D 465 9.13 26.98 81.45
N VAL D 466 10.35 26.52 81.72
CA VAL D 466 11.53 26.93 80.97
C VAL D 466 12.07 25.68 80.27
N ILE D 467 11.74 25.57 78.98
CA ILE D 467 12.13 24.41 78.16
C ILE D 467 13.63 24.32 77.79
N PHE D 468 14.31 23.42 78.46
CA PHE D 468 15.73 23.20 78.24
C PHE D 468 15.97 22.04 77.31
N GLY D 469 17.06 22.11 76.57
CA GLY D 469 17.38 21.03 75.67
C GLY D 469 18.55 20.33 76.31
N LEU D 470 18.59 19.01 76.24
CA LEU D 470 19.67 18.26 76.86
C LEU D 470 20.27 17.16 76.02
N THR D 471 21.56 17.24 75.74
CA THR D 471 22.22 16.20 74.95
C THR D 471 23.63 16.08 75.43
N SER D 472 24.13 14.86 75.53
CA SER D 472 25.50 14.66 76.00
C SER D 472 26.44 14.51 74.85
N THR D 473 25.89 14.15 73.70
CA THR D 473 26.71 13.93 72.52
C THR D 473 27.18 15.18 71.82
N ASP D 474 28.47 15.16 71.49
CA ASP D 474 29.18 16.27 70.85
C ASP D 474 28.64 16.69 69.48
N LEU D 475 27.32 16.75 69.37
CA LEU D 475 26.64 17.13 68.13
C LEU D 475 27.34 18.28 67.38
N LEU D 476 27.94 19.19 68.13
CA LEU D 476 28.64 20.31 67.51
C LEU D 476 30.03 20.02 66.96
N PHE D 477 30.80 19.14 67.59
CA PHE D 477 32.13 18.87 67.04
C PHE D 477 32.02 17.90 65.88
N HIS D 478 30.79 17.42 65.65
CA HIS D 478 30.46 16.47 64.56
C HIS D 478 30.01 17.26 63.32
N LEU D 479 28.81 17.82 63.43
CA LEU D 479 28.20 18.63 62.40
C LEU D 479 29.24 19.57 61.84
N GLY D 480 29.96 20.20 62.75
CA GLY D 480 31.00 21.14 62.36
C GLY D 480 32.22 20.55 61.69
N ALA D 481 32.48 19.28 61.92
CA ALA D 481 33.62 18.68 61.28
C ALA D 481 33.28 18.45 59.82
N GLU D 482 31.99 18.26 59.53
CA GLU D 482 31.52 18.02 58.16
C GLU D 482 30.49 19.01 57.58
N GLU D 483 30.83 20.31 57.60
CA GLU D 483 29.94 21.33 57.06
C GLU D 483 30.66 22.22 56.04
N ILE D 484 29.91 22.61 55.00
CA ILE D 484 30.42 23.44 53.92
C ILE D 484 29.65 24.74 53.82
N SER D 485 30.39 25.80 53.52
CA SER D 485 29.83 27.13 53.40
C SER D 485 30.40 27.96 52.25
N SER D 486 29.68 29.03 51.94
CA SER D 486 30.08 29.94 50.88
C SER D 486 30.99 31.04 51.45
N SER D 487 30.87 31.30 52.75
CA SER D 487 31.69 32.32 53.38
C SER D 487 32.64 31.83 54.49
N SER D 488 33.76 32.52 54.60
CA SER D 488 34.79 32.21 55.61
C SER D 488 35.34 33.54 56.15
N GLY D 489 35.08 34.62 55.41
CA GLY D 489 35.52 35.94 55.82
C GLY D 489 35.01 36.27 57.22
N THR D 490 33.71 36.56 57.34
CA THR D 490 33.13 36.86 58.64
C THR D 490 31.75 36.24 58.76
N SER D 491 31.70 35.09 59.42
CA SER D 491 30.47 34.36 59.66
C SER D 491 30.79 33.60 60.94
N ASP D 492 29.78 33.26 61.72
CA ASP D 492 30.01 32.54 62.96
C ASP D 492 29.78 31.04 62.81
N ARG D 493 30.83 30.34 62.42
CA ARG D 493 30.80 28.91 62.22
C ARG D 493 29.73 28.33 63.11
N PHE D 494 30.03 28.30 64.39
CA PHE D 494 29.11 27.76 65.36
C PHE D 494 27.67 28.26 65.22
N SER D 495 27.45 29.57 65.38
CA SER D 495 26.10 30.15 65.30
C SER D 495 25.32 29.59 64.13
N ARG D 496 26.05 29.04 63.17
CA ARG D 496 25.43 28.45 62.00
C ARG D 496 25.07 26.98 62.35
N ILE D 497 26.08 26.20 62.65
CA ILE D 497 25.86 24.82 62.95
C ILE D 497 24.68 24.74 63.87
N LEU D 498 24.72 25.52 64.95
CA LEU D 498 23.63 25.52 65.93
C LEU D 498 22.29 25.92 65.28
N LYS D 499 22.37 26.78 64.26
CA LYS D 499 21.19 27.26 63.55
C LYS D 499 20.50 26.09 62.87
N HIS D 500 21.30 25.23 62.23
CA HIS D 500 20.70 24.11 61.57
C HIS D 500 19.98 23.25 62.62
N ILE D 501 20.64 23.06 63.75
CA ILE D 501 20.09 22.25 64.79
C ILE D 501 18.69 22.63 65.12
N LEU D 502 18.43 23.92 65.27
CA LEU D 502 17.07 24.36 65.60
C LEU D 502 16.06 24.22 64.47
N THR D 503 16.56 24.06 63.26
CA THR D 503 15.70 23.95 62.10
C THR D 503 15.54 22.50 61.64
N GLN D 504 16.51 21.65 61.97
CA GLN D 504 16.44 20.26 61.56
C GLN D 504 15.45 19.48 62.41
N ARG D 505 15.19 19.95 63.62
CA ARG D 505 14.23 19.30 64.51
C ARG D 505 14.63 17.94 65.15
N SER D 506 15.92 17.63 65.17
CA SER D 506 16.41 16.38 65.77
C SER D 506 17.55 16.68 66.72
N TYR D 507 17.90 15.74 67.58
CA TYR D 507 19.01 15.99 68.48
C TYR D 507 20.34 15.56 67.87
N TYR D 508 20.30 15.11 66.62
CA TYR D 508 21.49 14.67 65.89
C TYR D 508 21.08 14.39 64.45
N PRO D 509 20.81 15.45 63.67
CA PRO D 509 20.40 15.25 62.29
C PRO D 509 21.54 14.74 61.46
N LEU D 510 22.73 15.29 61.65
CA LEU D 510 23.86 14.81 60.87
C LEU D 510 23.78 13.31 60.74
N TYR D 511 23.57 12.84 59.52
CA TYR D 511 23.49 11.41 59.24
C TYR D 511 24.04 11.15 57.87
N PRO D 512 24.92 10.14 57.75
CA PRO D 512 25.40 9.24 58.80
C PRO D 512 26.24 9.91 59.85
N PRO D 513 26.05 9.52 61.13
CA PRO D 513 26.64 9.89 62.43
C PRO D 513 28.14 9.53 62.69
N GLN D 514 28.87 10.41 63.39
CA GLN D 514 30.31 10.22 63.61
C GLN D 514 30.70 8.75 63.66
N GLU D 515 31.88 8.43 63.10
CA GLU D 515 32.37 7.05 63.03
C GLU D 515 32.25 6.23 64.34
N ASP D 516 32.25 6.90 65.49
CA ASP D 516 32.12 6.22 66.79
C ASP D 516 30.92 6.78 67.54
N MET D 517 29.72 6.40 67.13
CA MET D 517 28.56 6.93 67.77
C MET D 517 27.40 6.16 67.20
N ALA D 518 27.18 4.99 67.75
CA ALA D 518 26.11 4.14 67.30
C ALA D 518 24.73 4.70 67.59
N ILE D 519 23.82 4.52 66.65
CA ILE D 519 22.48 5.02 66.84
C ILE D 519 21.49 4.04 66.34
N ASP D 520 20.36 3.96 67.01
CA ASP D 520 19.30 3.06 66.59
C ASP D 520 18.17 3.95 66.14
N TYR D 521 18.07 4.12 64.84
CA TYR D 521 17.08 5.00 64.28
C TYR D 521 15.67 4.66 64.65
N GLU D 522 15.39 3.38 64.92
CA GLU D 522 14.02 3.02 65.28
C GLU D 522 13.66 3.94 66.44
N SER D 523 14.45 3.85 67.50
CA SER D 523 14.22 4.67 68.65
C SER D 523 14.37 6.14 68.29
N PHE D 524 15.43 6.46 67.55
CA PHE D 524 15.69 7.84 67.16
C PHE D 524 14.47 8.57 66.61
N TYR D 525 13.56 7.83 65.98
CA TYR D 525 12.39 8.50 65.42
C TYR D 525 11.43 9.00 66.48
N VAL D 526 11.37 8.28 67.60
CA VAL D 526 10.43 8.67 68.63
C VAL D 526 10.99 9.48 69.78
N TYR D 527 12.26 9.28 70.11
CA TYR D 527 12.85 9.97 71.25
C TYR D 527 13.94 11.02 71.05
N ALA D 528 14.26 11.40 69.81
CA ALA D 528 15.32 12.39 69.63
C ALA D 528 14.91 13.58 68.77
N GLN D 529 13.62 13.86 68.73
CA GLN D 529 13.15 14.99 67.95
C GLN D 529 12.94 16.13 68.93
N LEU D 530 13.10 17.36 68.47
CA LEU D 530 12.85 18.48 69.36
C LEU D 530 11.34 18.67 69.34
N PRO D 531 10.77 19.02 70.48
CA PRO D 531 9.34 19.26 70.69
C PRO D 531 8.94 20.64 70.23
N VAL D 532 9.73 21.60 70.68
CA VAL D 532 9.55 23.00 70.35
C VAL D 532 10.93 23.63 70.46
N THR D 533 11.14 24.72 69.75
CA THR D 533 12.42 25.35 69.80
C THR D 533 12.70 25.65 71.25
N PRO D 534 13.74 25.01 71.80
CA PRO D 534 14.18 25.15 73.18
C PRO D 534 14.33 26.60 73.63
N ASP D 535 14.10 26.86 74.90
CA ASP D 535 14.25 28.21 75.39
C ASP D 535 15.71 28.34 75.75
N VAL D 536 16.33 27.21 76.04
CA VAL D 536 17.77 27.13 76.36
C VAL D 536 18.31 25.83 75.79
N LEU D 537 19.55 25.84 75.31
CA LEU D 537 20.09 24.61 74.79
C LEU D 537 21.44 24.40 75.39
N ILE D 538 21.63 23.21 75.98
CA ILE D 538 22.90 22.87 76.60
C ILE D 538 23.60 21.82 75.81
N ILE D 539 24.48 22.28 74.96
CA ILE D 539 25.19 21.42 74.07
C ILE D 539 26.70 21.28 74.34
N PRO D 540 27.04 20.53 75.39
CA PRO D 540 28.41 20.27 75.80
C PRO D 540 29.26 20.05 74.57
N SER D 541 30.57 20.03 74.73
CA SER D 541 31.47 19.85 73.57
C SER D 541 32.91 20.05 73.90
N GLU D 542 33.79 19.40 73.14
CA GLU D 542 35.23 19.57 73.37
C GLU D 542 35.65 20.92 72.77
N LEU D 543 34.65 21.71 72.38
CA LEU D 543 34.94 23.01 71.80
C LEU D 543 34.83 24.11 72.85
N ARG D 544 35.79 25.03 72.84
CA ARG D 544 35.81 26.15 73.75
C ARG D 544 34.42 26.61 74.21
N TYR D 545 34.37 27.06 75.45
CA TYR D 545 33.15 27.56 76.08
C TYR D 545 32.47 28.60 75.20
N PHE D 546 31.27 29.04 75.59
CA PHE D 546 30.52 30.07 74.86
C PHE D 546 29.03 30.01 75.07
N VAL D 547 28.37 31.11 74.74
CA VAL D 547 26.93 31.15 74.83
C VAL D 547 26.41 32.16 73.84
N LYS D 548 25.75 31.67 72.80
CA LYS D 548 25.21 32.55 71.77
C LYS D 548 23.68 32.48 71.67
N ASP D 549 23.02 33.64 71.56
CA ASP D 549 21.57 33.62 71.40
C ASP D 549 21.38 33.37 69.92
N VAL D 550 20.46 32.46 69.60
CA VAL D 550 20.23 32.15 68.22
C VAL D 550 18.79 31.74 68.03
N LEU D 551 18.18 32.35 67.02
CA LEU D 551 16.78 32.10 66.69
C LEU D 551 15.93 32.06 67.94
N GLY D 552 16.28 32.92 68.89
CA GLY D 552 15.54 33.00 70.14
C GLY D 552 15.91 31.92 71.13
N CYS D 553 17.00 31.22 70.88
CA CYS D 553 17.41 30.17 71.79
C CYS D 553 18.79 30.42 72.38
N VAL D 554 18.86 30.35 73.70
CA VAL D 554 20.12 30.53 74.41
C VAL D 554 20.86 29.22 74.32
N CYS D 555 21.81 29.17 73.39
CA CYS D 555 22.59 27.97 73.19
C CYS D 555 23.83 28.05 74.08
N VAL D 556 23.95 27.10 74.99
CA VAL D 556 25.09 27.13 75.87
C VAL D 556 25.98 25.93 75.86
N ASN D 557 27.28 26.19 75.77
CA ASN D 557 28.23 25.09 75.83
C ASN D 557 29.18 25.41 76.96
N PRO D 558 28.97 24.77 78.11
CA PRO D 558 29.76 24.93 79.31
C PRO D 558 31.16 24.32 79.19
N GLY D 559 31.52 23.81 78.03
CA GLY D 559 32.84 23.23 77.91
C GLY D 559 32.88 22.03 78.86
N ARG D 560 34.04 21.38 78.96
CA ARG D 560 34.15 20.21 79.83
C ARG D 560 34.57 20.64 81.25
N LEU D 561 34.03 19.99 82.28
CA LEU D 561 34.42 20.37 83.62
C LEU D 561 35.90 20.08 83.69
N THR D 562 36.34 19.12 82.90
CA THR D 562 37.74 18.78 82.91
C THR D 562 38.29 18.66 81.52
N LYS D 563 39.58 18.87 81.39
CA LYS D 563 40.19 18.72 80.09
C LYS D 563 41.59 18.23 80.29
N GLY D 564 41.81 16.99 79.85
CA GLY D 564 43.12 16.39 79.99
C GLY D 564 43.61 16.70 81.37
N GLN D 565 44.90 17.01 81.50
CA GLN D 565 45.48 17.31 82.80
C GLN D 565 45.08 18.64 83.39
N VAL D 566 44.22 19.43 82.74
CA VAL D 566 43.91 20.71 83.38
C VAL D 566 42.45 21.09 83.62
N GLY D 567 42.31 22.16 84.39
CA GLY D 567 41.02 22.66 84.80
C GLY D 567 40.05 23.06 83.71
N GLY D 568 38.82 22.63 83.87
CA GLY D 568 37.79 22.94 82.91
C GLY D 568 36.94 24.10 83.37
N THR D 569 35.62 23.93 83.19
CA THR D 569 34.62 24.93 83.54
C THR D 569 33.24 24.32 83.59
N PHE D 570 32.30 25.12 84.04
CA PHE D 570 30.90 24.72 84.14
C PHE D 570 30.21 26.02 83.95
N ALA D 571 28.90 26.07 84.11
CA ALA D 571 28.26 27.34 83.93
C ALA D 571 26.94 27.38 84.63
N ARG D 572 26.40 28.58 84.74
CA ARG D 572 25.16 28.76 85.43
C ARG D 572 24.30 29.67 84.68
N LEU D 573 23.00 29.56 84.93
CA LEU D 573 22.04 30.39 84.26
C LEU D 573 21.10 30.86 85.30
N TYR D 574 20.47 31.99 85.05
CA TYR D 574 19.51 32.56 85.97
C TYR D 574 18.26 32.73 85.12
N LEU D 575 17.13 32.30 85.64
CA LEU D 575 15.90 32.36 84.88
C LEU D 575 14.74 33.05 85.56
N ARG D 576 13.70 33.35 84.79
CA ARG D 576 12.49 34.00 85.28
C ARG D 576 11.74 34.54 84.08
N ARG D 577 10.56 33.98 83.81
CA ARG D 577 9.76 34.41 82.68
C ARG D 577 9.02 35.71 82.99
N PRO D 578 9.45 36.83 82.37
CA PRO D 578 8.84 38.14 82.59
C PRO D 578 7.37 38.32 82.20
N ALA D 579 6.98 39.59 82.08
CA ALA D 579 5.61 39.99 81.76
C ALA D 579 5.04 39.54 80.42
N ALA D 580 3.88 38.90 80.51
CA ALA D 580 3.13 38.36 79.39
C ALA D 580 3.27 39.07 78.04
N ASP D 581 2.63 40.23 77.88
CA ASP D 581 2.65 40.92 76.60
C ASP D 581 3.77 41.88 76.18
N GLY D 582 3.86 42.02 74.85
CA GLY D 582 4.85 42.84 74.20
C GLY D 582 5.24 42.13 72.92
N ALA D 583 6.38 42.50 72.33
CA ALA D 583 6.87 41.89 71.10
C ALA D 583 7.32 40.47 71.38
N GLU D 584 6.34 39.61 71.69
CA GLU D 584 6.53 38.19 71.97
C GLU D 584 7.82 37.74 72.68
N ARG D 585 8.79 37.26 71.90
CA ARG D 585 10.06 36.75 72.42
C ARG D 585 10.73 37.51 73.58
N GLN D 586 10.47 37.08 74.81
CA GLN D 586 11.09 37.68 75.99
C GLN D 586 11.86 36.52 76.64
N SER D 587 13.06 36.25 76.12
CA SER D 587 13.90 35.16 76.61
C SER D 587 13.85 34.91 78.09
N PRO D 588 13.13 33.85 78.52
CA PRO D 588 13.09 33.60 79.95
C PRO D 588 14.49 33.49 80.56
N CYS D 589 15.47 33.01 79.79
CA CYS D 589 16.81 32.93 80.32
C CYS D 589 17.34 34.33 80.33
N ILE D 590 17.56 34.88 81.51
CA ILE D 590 18.02 36.25 81.57
C ILE D 590 19.52 36.45 81.57
N ALA D 591 20.29 35.47 82.04
CA ALA D 591 21.73 35.63 82.02
C ALA D 591 22.44 34.33 82.25
N VAL D 592 23.73 34.31 81.94
CA VAL D 592 24.52 33.12 82.12
C VAL D 592 26.01 33.40 82.21
N GLN D 593 26.69 32.43 82.82
CA GLN D 593 28.10 32.58 83.03
C GLN D 593 28.79 31.25 83.01
N VAL D 594 29.84 31.24 82.22
CA VAL D 594 30.70 30.10 82.08
C VAL D 594 31.85 30.43 83.01
N VAL D 595 32.12 29.52 83.94
CA VAL D 595 33.16 29.70 84.96
C VAL D 595 34.16 28.54 85.07
N ARG D 596 35.43 28.85 85.30
CA ARG D 596 36.42 27.80 85.46
C ARG D 596 36.09 27.22 86.83
N ILE D 597 36.74 26.13 87.18
CA ILE D 597 36.49 25.53 88.48
C ILE D 597 37.79 25.00 89.12
N MET E 1 -57.06 65.20 -35.53
CA MET E 1 -56.90 63.81 -35.00
C MET E 1 -56.87 63.78 -33.47
N GLU E 2 -57.72 62.96 -32.88
CA GLU E 2 -57.76 62.83 -31.42
C GLU E 2 -56.53 62.04 -30.95
N THR E 3 -56.06 62.34 -29.74
CA THR E 3 -54.89 61.68 -29.18
C THR E 3 -54.99 60.16 -29.10
N PHE E 4 -53.97 59.47 -29.60
CA PHE E 4 -53.94 58.01 -29.59
C PHE E 4 -53.64 57.49 -28.18
N ASP E 5 -54.60 56.77 -27.59
CA ASP E 5 -54.42 56.20 -26.26
C ASP E 5 -53.91 54.76 -26.41
N PRO E 6 -52.63 54.54 -26.05
CA PRO E 6 -51.86 53.29 -26.08
C PRO E 6 -52.32 52.16 -25.17
N THR E 7 -53.32 52.43 -24.34
CA THR E 7 -53.84 51.41 -23.42
C THR E 7 -54.99 50.67 -24.09
N GLU E 8 -55.55 51.26 -25.13
CA GLU E 8 -56.66 50.66 -25.85
C GLU E 8 -56.14 49.83 -27.02
N LEU E 9 -54.82 49.84 -27.20
CA LEU E 9 -54.14 49.10 -28.27
C LEU E 9 -54.44 47.60 -28.36
N PRO E 10 -54.61 46.91 -27.20
CA PRO E 10 -54.90 45.48 -27.19
C PRO E 10 -56.25 45.07 -27.85
N GLU E 11 -57.26 45.92 -27.69
CA GLU E 11 -58.60 45.70 -28.25
C GLU E 11 -58.66 46.01 -29.75
N LEU E 12 -57.95 47.05 -30.15
CA LEU E 12 -57.89 47.54 -31.54
C LEU E 12 -57.16 46.62 -32.53
N LEU E 13 -55.99 46.14 -32.13
CA LEU E 13 -55.20 45.23 -32.97
C LEU E 13 -56.01 44.02 -33.44
N LYS E 14 -56.65 43.32 -32.51
CA LYS E 14 -57.43 42.14 -32.86
C LYS E 14 -58.53 42.51 -33.80
N LEU E 15 -59.08 43.71 -33.61
CA LEU E 15 -60.16 44.19 -34.46
C LEU E 15 -59.60 44.64 -35.82
N TYR E 16 -58.39 45.20 -35.81
CA TYR E 16 -57.74 45.66 -37.05
C TYR E 16 -57.23 44.44 -37.82
N TYR E 17 -56.65 43.50 -37.09
CA TYR E 17 -56.11 42.26 -37.68
C TYR E 17 -57.20 41.26 -38.08
N ARG E 18 -58.44 41.52 -37.70
CA ARG E 18 -59.51 40.60 -38.05
C ARG E 18 -60.40 41.13 -39.18
N ARG E 19 -60.62 42.44 -39.23
CA ARG E 19 -61.50 42.99 -40.27
C ARG E 19 -61.02 44.21 -41.08
N LEU E 20 -59.84 44.72 -40.78
CA LEU E 20 -59.35 45.90 -41.49
C LEU E 20 -58.06 45.69 -42.29
N PHE E 21 -57.17 44.85 -41.78
CA PHE E 21 -55.92 44.63 -42.46
C PHE E 21 -56.06 44.05 -43.87
N PRO E 22 -55.15 44.43 -44.78
CA PRO E 22 -55.09 44.02 -46.19
C PRO E 22 -54.42 42.65 -46.46
N TYR E 23 -54.97 41.60 -45.86
CA TYR E 23 -54.42 40.24 -46.03
C TYR E 23 -54.28 39.79 -47.48
N SER E 24 -55.32 40.04 -48.27
CA SER E 24 -55.38 39.65 -49.68
C SER E 24 -54.34 40.35 -50.57
N GLN E 25 -54.15 41.64 -50.30
CA GLN E 25 -53.22 42.48 -51.05
C GLN E 25 -51.80 42.30 -50.50
N TYR E 26 -51.70 41.60 -49.37
CA TYR E 26 -50.42 41.31 -48.73
C TYR E 26 -49.91 39.99 -49.28
N TYR E 27 -50.82 39.03 -49.41
CA TYR E 27 -50.50 37.71 -49.93
C TYR E 27 -50.07 37.89 -51.37
N ARG E 28 -50.92 38.57 -52.14
CA ARG E 28 -50.67 38.83 -53.55
C ARG E 28 -49.26 39.42 -53.80
N TRP E 29 -48.81 40.31 -52.92
CA TRP E 29 -47.50 40.97 -53.03
C TRP E 29 -46.31 40.04 -52.84
N LEU E 30 -46.14 39.58 -51.61
CA LEU E 30 -45.05 38.71 -51.29
C LEU E 30 -45.11 37.38 -52.03
N ASN E 31 -46.31 36.94 -52.41
CA ASN E 31 -46.43 35.68 -53.12
C ASN E 31 -45.89 35.84 -54.53
N TYR E 32 -45.97 37.06 -55.03
CA TYR E 32 -45.48 37.37 -56.37
C TYR E 32 -46.04 36.47 -57.49
N GLY E 33 -47.30 36.05 -57.31
CA GLY E 33 -47.97 35.22 -58.33
C GLY E 33 -47.54 33.76 -58.50
N GLY E 34 -47.21 33.09 -57.40
CA GLY E 34 -46.80 31.69 -57.46
C GLY E 34 -45.94 31.32 -58.66
N VAL E 35 -45.19 32.29 -59.18
CA VAL E 35 -44.31 32.04 -60.33
C VAL E 35 -43.09 31.26 -59.86
N ILE E 36 -42.87 31.23 -58.56
CA ILE E 36 -41.73 30.50 -58.01
C ILE E 36 -42.09 29.58 -56.84
N LYS E 37 -41.43 28.41 -56.83
CA LYS E 37 -41.61 27.34 -55.84
C LYS E 37 -42.29 27.68 -54.50
N ASN E 38 -41.51 28.16 -53.55
CA ASN E 38 -42.01 28.51 -52.22
C ASN E 38 -41.55 29.90 -51.79
N TYR E 39 -41.76 30.87 -52.67
CA TYR E 39 -41.37 32.25 -52.43
C TYR E 39 -42.08 32.90 -51.25
N PHE E 40 -43.21 32.32 -50.84
CA PHE E 40 -43.98 32.83 -49.70
C PHE E 40 -43.86 31.88 -48.53
N GLN E 41 -43.69 30.60 -48.82
CA GLN E 41 -43.57 29.59 -47.77
C GLN E 41 -42.16 29.66 -47.18
N HIS E 42 -41.26 30.38 -47.84
CA HIS E 42 -39.87 30.52 -47.38
C HIS E 42 -39.52 31.93 -46.94
N ARG E 43 -40.51 32.83 -46.94
CA ARG E 43 -40.30 34.22 -46.52
C ARG E 43 -40.42 34.36 -45.02
N GLU E 44 -39.44 35.03 -44.42
CA GLU E 44 -39.45 35.23 -42.98
C GLU E 44 -40.31 36.41 -42.57
N PHE E 45 -40.96 36.26 -41.43
CA PHE E 45 -41.82 37.30 -40.87
C PHE E 45 -41.52 37.33 -39.39
N SER E 46 -41.35 38.52 -38.84
CA SER E 46 -41.08 38.63 -37.41
C SER E 46 -42.27 39.29 -36.73
N PHE E 47 -42.54 38.85 -35.51
CA PHE E 47 -43.64 39.44 -34.75
C PHE E 47 -43.20 39.90 -33.36
N THR E 48 -43.69 41.08 -32.99
CA THR E 48 -43.42 41.66 -31.69
C THR E 48 -44.81 41.56 -31.06
N LEU E 49 -44.93 40.78 -29.99
CA LEU E 49 -46.22 40.55 -29.34
C LEU E 49 -46.44 41.14 -27.93
N LYS E 50 -47.06 40.34 -27.06
CA LYS E 50 -47.35 40.78 -25.70
C LYS E 50 -46.14 40.78 -24.78
N ASP E 51 -46.15 41.68 -23.81
CA ASP E 51 -45.07 41.80 -22.81
C ASP E 51 -43.75 42.27 -23.42
N ASP E 52 -43.70 42.31 -24.75
CA ASP E 52 -42.51 42.71 -25.50
C ASP E 52 -41.68 41.47 -25.93
N ILE E 53 -42.34 40.31 -25.97
CA ILE E 53 -41.71 39.04 -26.38
C ILE E 53 -41.36 39.14 -27.87
N TYR E 54 -40.15 38.74 -28.23
CA TYR E 54 -39.77 38.84 -29.63
C TYR E 54 -39.50 37.52 -30.36
N ILE E 55 -40.46 37.10 -31.18
CA ILE E 55 -40.33 35.88 -31.95
C ILE E 55 -39.65 36.29 -33.24
N ARG E 56 -39.12 35.33 -33.99
CA ARG E 56 -38.47 35.65 -35.24
C ARG E 56 -38.78 34.73 -36.42
N TYR E 57 -38.16 33.56 -36.44
CA TYR E 57 -38.33 32.63 -37.55
C TYR E 57 -39.76 32.09 -37.81
N GLN E 58 -40.70 32.99 -38.09
CA GLN E 58 -42.05 32.57 -38.39
C GLN E 58 -42.30 32.46 -39.88
N SER E 59 -43.11 31.47 -40.28
CA SER E 59 -43.43 31.25 -41.69
C SER E 59 -44.79 30.62 -41.84
N PHE E 60 -45.33 30.65 -43.05
CA PHE E 60 -46.64 30.06 -43.29
C PHE E 60 -46.81 29.39 -44.65
N ASN E 61 -47.81 28.51 -44.72
CA ASN E 61 -48.14 27.73 -45.92
C ASN E 61 -48.96 28.54 -46.95
N ASN E 62 -49.89 29.39 -46.47
CA ASN E 62 -50.69 30.25 -47.35
C ASN E 62 -51.40 31.41 -46.65
N GLN E 63 -52.17 32.16 -47.42
CA GLN E 63 -52.92 33.33 -46.94
C GLN E 63 -53.72 33.03 -45.68
N SER E 64 -54.30 31.84 -45.62
CA SER E 64 -55.11 31.42 -44.48
C SER E 64 -54.29 31.35 -43.20
N ASP E 65 -53.04 30.92 -43.29
CA ASP E 65 -52.21 30.82 -42.11
C ASP E 65 -52.03 32.21 -41.52
N LEU E 66 -51.52 33.10 -42.36
CA LEU E 66 -51.26 34.49 -41.98
C LEU E 66 -52.36 35.09 -41.10
N GLU E 67 -53.59 34.99 -41.57
CA GLU E 67 -54.76 35.51 -40.85
C GLU E 67 -54.86 34.84 -39.47
N LYS E 68 -55.32 33.60 -39.44
CA LYS E 68 -55.49 32.84 -38.19
C LYS E 68 -54.33 33.02 -37.23
N GLU E 69 -53.11 33.04 -37.75
CA GLU E 69 -51.93 33.22 -36.91
C GLU E 69 -51.66 34.67 -36.59
N MET E 70 -52.13 35.58 -37.44
CA MET E 70 -51.93 37.00 -37.17
C MET E 70 -53.10 37.53 -36.33
N GLN E 71 -54.21 36.79 -36.33
CA GLN E 71 -55.40 37.18 -35.57
C GLN E 71 -55.39 36.47 -34.22
N LYS E 72 -54.49 35.49 -34.08
CA LYS E 72 -54.36 34.70 -32.86
C LYS E 72 -53.10 35.11 -32.09
N MET E 73 -52.38 36.09 -32.65
CA MET E 73 -51.16 36.62 -32.06
C MET E 73 -51.33 38.13 -31.88
N ASN E 74 -52.15 38.73 -32.74
CA ASN E 74 -52.41 40.16 -32.70
C ASN E 74 -51.16 40.92 -32.28
N PRO E 75 -50.11 40.82 -33.11
CA PRO E 75 -48.81 41.46 -32.88
C PRO E 75 -48.93 42.97 -32.80
N TYR E 76 -47.94 43.61 -32.20
CA TYR E 76 -47.95 45.06 -32.10
C TYR E 76 -47.03 45.54 -33.21
N LYS E 77 -46.02 44.74 -33.50
CA LYS E 77 -45.04 45.07 -34.54
C LYS E 77 -44.92 43.90 -35.48
N ILE E 78 -44.80 44.17 -36.76
CA ILE E 78 -44.66 43.10 -37.74
C ILE E 78 -43.58 43.50 -38.73
N ASP E 79 -42.69 42.56 -39.06
CA ASP E 79 -41.60 42.83 -39.99
C ASP E 79 -41.57 41.74 -41.05
N ILE E 80 -40.80 41.99 -42.11
CA ILE E 80 -40.64 41.00 -43.15
C ILE E 80 -39.16 40.89 -43.45
N GLY E 81 -38.68 39.65 -43.42
CA GLY E 81 -37.29 39.40 -43.67
C GLY E 81 -37.10 39.01 -45.11
N ALA E 82 -36.25 38.02 -45.31
CA ALA E 82 -35.96 37.56 -46.66
C ALA E 82 -36.53 36.19 -46.95
N VAL E 83 -36.27 35.75 -48.17
CA VAL E 83 -36.72 34.47 -48.64
C VAL E 83 -35.54 33.52 -48.52
N TYR E 84 -35.68 32.51 -47.67
CA TYR E 84 -34.62 31.56 -47.44
C TYR E 84 -34.72 30.30 -48.26
N SER E 85 -33.71 29.45 -48.15
CA SER E 85 -33.63 28.19 -48.87
C SER E 85 -34.58 27.16 -48.28
N HIS E 86 -34.97 27.37 -47.02
CA HIS E 86 -35.87 26.43 -46.37
C HIS E 86 -36.88 27.23 -45.56
N ARG E 87 -37.98 26.56 -45.20
CA ARG E 87 -39.04 27.19 -44.42
C ARG E 87 -38.44 27.72 -43.12
N PRO E 88 -38.48 29.05 -42.90
CA PRO E 88 -37.94 29.68 -41.69
C PRO E 88 -38.41 29.08 -40.37
N ASN E 89 -39.66 28.64 -40.33
CA ASN E 89 -40.26 28.02 -39.13
C ASN E 89 -39.73 26.60 -38.84
N GLN E 90 -38.83 26.12 -39.69
CA GLN E 90 -38.25 24.78 -39.56
C GLN E 90 -36.74 24.79 -39.81
N HIS E 91 -36.03 25.73 -39.21
CA HIS E 91 -34.56 25.81 -39.38
C HIS E 91 -33.91 24.76 -38.49
N ASN E 92 -34.65 24.33 -37.48
CA ASN E 92 -34.20 23.30 -36.56
C ASN E 92 -33.96 22.03 -37.37
N THR E 93 -34.85 21.82 -38.34
CA THR E 93 -34.81 20.65 -39.20
C THR E 93 -33.55 20.54 -40.05
N VAL E 94 -32.99 21.66 -40.45
CA VAL E 94 -31.81 21.59 -41.31
C VAL E 94 -30.47 21.68 -40.62
N LYS E 95 -29.47 21.21 -41.36
CA LYS E 95 -28.09 21.23 -40.92
C LYS E 95 -27.76 22.70 -40.67
N LEU E 96 -26.71 22.98 -39.91
CA LEU E 96 -26.33 24.35 -39.63
C LEU E 96 -25.38 24.95 -40.69
N GLY E 97 -25.93 25.73 -41.62
CA GLY E 97 -25.12 26.34 -42.67
C GLY E 97 -25.66 26.16 -44.07
N ALA E 98 -26.82 25.51 -44.16
CA ALA E 98 -27.49 25.26 -45.43
C ALA E 98 -28.73 26.16 -45.42
N PHE E 99 -29.03 26.68 -44.24
CA PHE E 99 -30.17 27.58 -44.11
C PHE E 99 -29.59 28.98 -44.20
N GLN E 100 -29.87 29.66 -45.30
CA GLN E 100 -29.37 31.02 -45.50
C GLN E 100 -30.30 31.93 -46.31
N ALA E 101 -30.20 33.22 -46.03
CA ALA E 101 -31.00 34.20 -46.72
C ALA E 101 -30.58 34.18 -48.17
N GLN E 102 -31.54 34.19 -49.09
CA GLN E 102 -31.21 34.17 -50.50
C GLN E 102 -31.76 35.34 -51.31
N GLU E 103 -32.97 35.76 -50.98
CA GLU E 103 -33.57 36.90 -51.68
C GLU E 103 -34.46 37.76 -50.78
N LYS E 104 -34.50 39.06 -51.08
CA LYS E 104 -35.29 40.00 -50.32
C LYS E 104 -35.24 41.36 -51.01
N GLU E 105 -36.16 42.24 -50.62
CA GLU E 105 -36.22 43.58 -51.19
C GLU E 105 -35.00 44.40 -50.82
N LEU E 106 -34.75 45.42 -51.63
CA LEU E 106 -33.66 46.33 -51.38
C LEU E 106 -34.40 47.50 -50.77
N VAL E 107 -34.66 47.41 -49.47
CA VAL E 107 -35.41 48.45 -48.78
C VAL E 107 -34.51 49.54 -48.21
N PHE E 108 -35.03 50.76 -48.23
CA PHE E 108 -34.32 51.94 -47.74
C PHE E 108 -35.17 52.64 -46.69
N ASP E 109 -34.55 53.00 -45.57
CA ASP E 109 -35.29 53.70 -44.51
C ASP E 109 -34.67 55.07 -44.23
N ILE E 110 -35.55 56.06 -44.18
CA ILE E 110 -35.16 57.43 -43.96
C ILE E 110 -35.87 57.95 -42.73
N ASP E 111 -35.09 58.19 -41.66
CA ASP E 111 -35.62 58.66 -40.38
C ASP E 111 -35.24 60.08 -39.95
N MET E 112 -36.12 60.67 -39.16
CA MET E 112 -35.97 62.03 -38.68
C MET E 112 -34.79 62.32 -37.76
N THR E 113 -34.51 61.41 -36.82
CA THR E 113 -33.41 61.64 -35.90
C THR E 113 -32.05 61.70 -36.59
N ASP E 114 -32.03 61.47 -37.90
CA ASP E 114 -30.78 61.52 -38.63
C ASP E 114 -30.52 62.98 -39.02
N TYR E 115 -31.55 63.80 -38.80
CA TYR E 115 -31.52 65.23 -39.12
C TYR E 115 -31.42 66.06 -37.85
N ASP E 116 -30.87 65.44 -36.82
CA ASP E 116 -30.70 66.05 -35.51
C ASP E 116 -29.98 67.40 -35.42
N ASP E 117 -29.41 67.91 -36.50
CA ASP E 117 -28.75 69.22 -36.38
C ASP E 117 -28.97 70.19 -37.55
N VAL E 118 -30.04 69.94 -38.30
CA VAL E 118 -30.40 70.79 -39.45
C VAL E 118 -31.77 71.40 -39.20
N ARG E 119 -32.55 70.74 -38.36
CA ARG E 119 -33.88 71.24 -38.07
C ARG E 119 -33.90 72.13 -36.86
N ARG E 120 -34.75 73.15 -36.92
CA ARG E 120 -34.87 74.09 -35.83
C ARG E 120 -36.33 74.23 -35.45
N CYS E 121 -37.12 73.20 -35.74
CA CYS E 121 -38.53 73.23 -35.40
C CYS E 121 -38.93 72.11 -34.43
N CYS E 122 -38.39 70.90 -34.62
CA CYS E 122 -38.71 69.75 -33.74
C CYS E 122 -37.52 69.08 -33.02
N SER E 123 -37.86 68.21 -32.05
CA SER E 123 -36.86 67.46 -31.28
C SER E 123 -36.46 66.31 -32.20
N SER E 124 -35.51 65.50 -31.76
CA SER E 124 -35.01 64.38 -32.57
C SER E 124 -36.04 63.32 -33.01
N ALA E 125 -36.94 62.95 -32.11
CA ALA E 125 -37.95 61.92 -32.39
C ALA E 125 -39.33 62.39 -32.84
N ASP E 126 -39.48 63.69 -33.12
CA ASP E 126 -40.78 64.23 -33.54
C ASP E 126 -40.78 64.98 -34.89
N ILE E 127 -41.97 65.35 -35.35
CA ILE E 127 -42.14 66.04 -36.64
C ILE E 127 -43.39 66.93 -36.70
N CYS E 128 -43.39 67.88 -37.64
CA CYS E 128 -44.53 68.76 -37.87
C CYS E 128 -44.42 69.29 -39.31
N PRO E 129 -45.53 69.81 -39.87
CA PRO E 129 -45.55 70.34 -41.25
C PRO E 129 -44.32 71.11 -41.68
N LYS E 130 -43.75 71.86 -40.75
CA LYS E 130 -42.60 72.69 -41.05
C LYS E 130 -41.29 71.93 -41.26
N CYS E 131 -41.35 70.60 -41.18
CA CYS E 131 -40.16 69.77 -41.35
C CYS E 131 -40.27 68.52 -42.22
N TRP E 132 -41.47 68.03 -42.50
CA TRP E 132 -41.64 66.83 -43.32
C TRP E 132 -41.14 67.05 -44.76
N THR E 133 -40.78 68.28 -45.06
CA THR E 133 -40.28 68.65 -46.38
C THR E 133 -39.05 67.80 -46.73
N LEU E 134 -38.28 67.46 -45.71
CA LEU E 134 -37.08 66.66 -45.86
C LEU E 134 -37.38 65.24 -46.32
N MET E 135 -38.54 64.73 -45.93
CA MET E 135 -38.97 63.38 -46.31
C MET E 135 -39.36 63.39 -47.80
N THR E 136 -39.92 64.52 -48.25
CA THR E 136 -40.33 64.67 -49.63
C THR E 136 -39.12 64.80 -50.54
N MET E 137 -38.14 65.60 -50.12
CA MET E 137 -36.92 65.76 -50.91
C MET E 137 -36.20 64.41 -50.97
N ALA E 138 -36.16 63.73 -49.83
CA ALA E 138 -35.53 62.43 -49.78
C ALA E 138 -36.21 61.50 -50.78
N ILE E 139 -37.53 61.41 -50.71
CA ILE E 139 -38.28 60.56 -51.62
C ILE E 139 -37.96 60.82 -53.08
N ARG E 140 -38.11 62.07 -53.51
CA ARG E 140 -37.83 62.45 -54.89
C ARG E 140 -36.34 62.30 -55.23
N ILE E 141 -35.48 62.37 -54.23
CA ILE E 141 -34.04 62.24 -54.45
C ILE E 141 -33.62 60.81 -54.75
N ILE E 142 -34.02 59.88 -53.89
CA ILE E 142 -33.66 58.47 -54.07
C ILE E 142 -34.56 57.78 -55.07
N ASP E 143 -35.86 57.93 -54.90
CA ASP E 143 -36.83 57.31 -55.80
C ASP E 143 -36.48 57.70 -57.21
N ARG E 144 -36.15 58.98 -57.38
CA ARG E 144 -35.78 59.50 -58.69
C ARG E 144 -34.60 58.68 -59.21
N ALA E 145 -33.58 58.54 -58.37
CA ALA E 145 -32.40 57.78 -58.74
C ALA E 145 -32.81 56.35 -59.06
N LEU E 146 -33.33 55.66 -58.06
CA LEU E 146 -33.75 54.26 -58.18
C LEU E 146 -34.30 53.97 -59.57
N LYS E 147 -35.08 54.92 -60.08
CA LYS E 147 -35.69 54.77 -61.40
C LYS E 147 -34.77 55.25 -62.53
N GLU E 148 -34.32 56.50 -62.45
CA GLU E 148 -33.45 57.05 -63.48
C GLU E 148 -32.05 56.46 -63.56
N ASP E 149 -31.35 56.42 -62.44
CA ASP E 149 -30.00 55.88 -62.44
C ASP E 149 -29.95 54.36 -62.52
N PHE E 150 -30.82 53.71 -61.75
CA PHE E 150 -30.87 52.25 -61.66
C PHE E 150 -31.81 51.47 -62.55
N GLY E 151 -32.92 52.07 -62.95
CA GLY E 151 -33.85 51.34 -63.79
C GLY E 151 -34.78 50.55 -62.88
N PHE E 152 -34.60 50.77 -61.57
CA PHE E 152 -35.44 50.12 -60.57
C PHE E 152 -36.82 50.67 -60.86
N LYS E 153 -37.76 49.77 -61.15
CA LYS E 153 -39.10 50.21 -61.50
C LYS E 153 -40.21 50.13 -60.44
N HIS E 154 -40.38 48.99 -59.80
CA HIS E 154 -41.45 48.84 -58.81
C HIS E 154 -41.02 49.33 -57.43
N ARG E 155 -41.18 50.61 -57.16
CA ARG E 155 -40.77 51.12 -55.87
C ARG E 155 -41.94 51.52 -55.00
N LEU E 156 -41.95 50.99 -53.77
CA LEU E 156 -43.00 51.33 -52.83
C LEU E 156 -42.46 52.00 -51.56
N TRP E 157 -42.87 53.26 -51.37
CA TRP E 157 -42.50 54.03 -50.20
C TRP E 157 -43.66 53.93 -49.24
N VAL E 158 -43.37 53.84 -47.96
CA VAL E 158 -44.44 53.74 -47.00
C VAL E 158 -44.16 54.53 -45.75
N TYR E 159 -45.23 54.85 -45.04
CA TYR E 159 -45.15 55.63 -43.80
C TYR E 159 -44.52 54.81 -42.69
N SER E 160 -43.48 55.38 -42.06
CA SER E 160 -42.78 54.72 -40.95
C SER E 160 -43.59 54.66 -39.66
N GLY E 161 -44.57 55.55 -39.56
CA GLY E 161 -45.39 55.57 -38.37
C GLY E 161 -45.21 56.79 -37.49
N ARG E 162 -44.03 57.41 -37.53
CA ARG E 162 -43.82 58.59 -36.69
C ARG E 162 -42.85 59.66 -37.20
N ARG E 163 -41.76 59.27 -37.86
CA ARG E 163 -40.80 60.27 -38.31
C ARG E 163 -39.89 59.82 -39.44
N GLY E 164 -40.46 59.17 -40.44
CA GLY E 164 -39.66 58.70 -41.56
C GLY E 164 -40.45 57.96 -42.63
N VAL E 165 -39.74 57.50 -43.64
CA VAL E 165 -40.38 56.79 -44.75
C VAL E 165 -39.50 55.69 -45.34
N HIS E 166 -40.16 54.58 -45.71
CA HIS E 166 -39.46 53.43 -46.26
C HIS E 166 -39.61 53.32 -47.77
N CYS E 167 -38.86 52.41 -48.35
CA CYS E 167 -38.91 52.17 -49.78
C CYS E 167 -38.51 50.74 -50.05
N TRP E 168 -39.43 49.94 -50.58
CA TRP E 168 -39.15 48.54 -50.88
C TRP E 168 -39.00 48.36 -52.38
N VAL E 169 -37.77 48.29 -52.84
CA VAL E 169 -37.52 48.08 -54.26
C VAL E 169 -37.75 46.60 -54.54
N CYS E 170 -38.88 46.31 -55.16
CA CYS E 170 -39.25 44.94 -55.41
C CYS E 170 -38.99 44.36 -56.81
N ASP E 171 -38.19 45.02 -57.65
CA ASP E 171 -37.92 44.49 -59.01
C ASP E 171 -37.31 43.07 -58.91
N GLU E 172 -37.81 42.14 -59.72
CA GLU E 172 -37.32 40.76 -59.65
C GLU E 172 -35.80 40.65 -59.60
N SER E 173 -35.10 41.45 -60.41
CA SER E 173 -33.63 41.39 -60.45
C SER E 173 -33.03 42.07 -59.23
N VAL E 174 -33.86 42.76 -58.47
CA VAL E 174 -33.45 43.46 -57.26
C VAL E 174 -33.46 42.52 -56.07
N ARG E 175 -34.60 41.88 -55.85
CA ARG E 175 -34.74 40.97 -54.74
C ARG E 175 -33.59 39.98 -54.59
N LYS E 176 -32.86 39.68 -55.66
CA LYS E 176 -31.76 38.74 -55.52
C LYS E 176 -30.41 39.39 -55.71
N LEU E 177 -30.35 40.69 -55.44
CA LEU E 177 -29.09 41.41 -55.58
C LEU E 177 -28.22 41.01 -54.39
N SER E 178 -26.93 40.85 -54.64
CA SER E 178 -25.99 40.48 -53.59
C SER E 178 -25.81 41.65 -52.65
N SER E 179 -25.38 41.36 -51.42
CA SER E 179 -25.13 42.40 -50.42
C SER E 179 -24.04 43.36 -50.94
N ALA E 180 -22.90 42.81 -51.33
CA ALA E 180 -21.77 43.57 -51.86
C ALA E 180 -22.23 44.74 -52.75
N VAL E 181 -23.20 44.49 -53.60
CA VAL E 181 -23.69 45.52 -54.49
C VAL E 181 -24.73 46.38 -53.80
N ARG E 182 -25.51 45.79 -52.91
CA ARG E 182 -26.49 46.59 -52.22
C ARG E 182 -25.76 47.74 -51.56
N SER E 183 -24.59 47.44 -51.02
CA SER E 183 -23.81 48.47 -50.37
C SER E 183 -23.46 49.55 -51.41
N GLY E 184 -23.12 49.09 -52.60
CA GLY E 184 -22.75 50.02 -53.67
C GLY E 184 -23.85 51.04 -53.88
N ILE E 185 -25.07 50.54 -54.01
CA ILE E 185 -26.25 51.37 -54.20
C ILE E 185 -26.28 52.49 -53.19
N VAL E 186 -26.03 52.14 -51.93
CA VAL E 186 -26.05 53.11 -50.87
C VAL E 186 -24.82 54.03 -50.92
N GLU E 187 -23.69 53.49 -51.36
CA GLU E 187 -22.45 54.26 -51.50
C GLU E 187 -22.73 55.44 -52.43
N TYR E 188 -23.34 55.09 -53.56
CA TYR E 188 -23.74 55.98 -54.63
C TYR E 188 -24.73 57.03 -54.14
N LEU E 189 -25.75 56.56 -53.44
CA LEU E 189 -26.78 57.43 -52.93
C LEU E 189 -26.39 58.26 -51.73
N SER E 190 -25.26 57.97 -51.08
CA SER E 190 -24.88 58.74 -49.88
C SER E 190 -23.89 59.88 -50.11
N LEU E 191 -24.13 61.01 -49.42
CA LEU E 191 -23.30 62.21 -49.53
C LEU E 191 -23.05 62.95 -48.22
N VAL E 192 -23.79 62.59 -47.17
CA VAL E 192 -23.62 63.22 -45.86
C VAL E 192 -22.58 62.48 -45.01
N LYS E 193 -21.30 62.80 -45.16
CA LYS E 193 -20.28 62.09 -44.37
C LYS E 193 -20.25 62.58 -42.95
N GLY E 194 -21.37 62.40 -42.26
CA GLY E 194 -21.48 62.82 -40.88
C GLY E 194 -20.53 62.05 -39.99
N GLY E 195 -19.30 62.56 -39.84
CA GLY E 195 -18.29 61.92 -39.01
C GLY E 195 -18.55 62.11 -37.52
N GLN E 196 -17.56 61.74 -36.70
CA GLN E 196 -17.68 61.89 -35.25
C GLN E 196 -17.85 63.37 -34.89
N ASP E 197 -19.00 63.91 -35.28
CA ASP E 197 -19.36 65.29 -35.04
C ASP E 197 -18.38 66.31 -35.67
N VAL E 198 -18.36 66.36 -37.01
CA VAL E 198 -17.52 67.29 -37.75
C VAL E 198 -18.50 68.31 -38.30
N LYS E 199 -18.17 69.60 -38.20
CA LYS E 199 -19.07 70.64 -38.70
C LYS E 199 -19.28 70.56 -40.22
N LYS E 200 -18.20 70.50 -40.98
CA LYS E 200 -18.33 70.41 -42.43
C LYS E 200 -18.54 68.93 -42.79
N LYS E 201 -19.75 68.61 -43.22
CA LYS E 201 -20.12 67.23 -43.57
C LYS E 201 -20.47 67.02 -45.05
N VAL E 202 -20.10 67.98 -45.91
CA VAL E 202 -20.40 67.88 -47.33
C VAL E 202 -19.34 68.57 -48.20
N HIS E 203 -18.45 67.78 -48.80
CA HIS E 203 -17.39 68.32 -49.66
C HIS E 203 -17.67 67.91 -51.10
N LEU E 204 -17.39 68.81 -52.03
CA LEU E 204 -17.62 68.54 -53.44
C LEU E 204 -16.36 68.85 -54.23
N SER E 205 -16.21 68.19 -55.39
CA SER E 205 -15.06 68.40 -56.27
C SER E 205 -15.57 69.20 -57.46
N GLU E 206 -14.65 69.86 -58.16
CA GLU E 206 -15.01 70.69 -59.30
C GLU E 206 -15.96 70.01 -60.27
N LYS E 207 -15.79 68.70 -60.43
CA LYS E 207 -16.65 67.92 -61.31
C LYS E 207 -17.77 67.36 -60.45
N ILE E 208 -19.01 67.64 -60.83
CA ILE E 208 -20.16 67.15 -60.09
C ILE E 208 -20.96 66.19 -60.91
N HIS E 209 -20.84 64.93 -60.54
CA HIS E 209 -21.57 63.86 -61.20
C HIS E 209 -23.03 64.25 -61.28
N PRO E 210 -23.74 63.70 -62.28
CA PRO E 210 -25.16 63.93 -62.56
C PRO E 210 -26.10 63.83 -61.38
N PHE E 211 -26.20 62.65 -60.78
CA PHE E 211 -27.12 62.53 -59.65
C PHE E 211 -26.88 63.71 -58.72
N ILE E 212 -25.64 63.87 -58.29
CA ILE E 212 -25.26 64.97 -57.41
C ILE E 212 -25.89 66.24 -57.92
N ARG E 213 -25.64 66.55 -59.19
CA ARG E 213 -26.16 67.76 -59.81
C ARG E 213 -27.68 67.70 -59.98
N LYS E 214 -28.21 66.53 -60.32
CA LYS E 214 -29.64 66.37 -60.50
C LYS E 214 -30.38 66.52 -59.19
N SER E 215 -29.83 65.94 -58.14
CA SER E 215 -30.45 66.03 -56.82
C SER E 215 -30.30 67.45 -56.28
N ILE E 216 -29.23 68.12 -56.71
CA ILE E 216 -28.95 69.49 -56.31
C ILE E 216 -30.10 70.32 -56.87
N ASN E 217 -30.58 69.90 -58.03
CA ASN E 217 -31.66 70.59 -58.74
C ASN E 217 -33.05 70.36 -58.15
N ILE E 218 -33.21 69.31 -57.37
CA ILE E 218 -34.49 69.01 -56.77
C ILE E 218 -34.58 69.66 -55.38
N ILE E 219 -33.43 69.99 -54.82
CA ILE E 219 -33.37 70.65 -53.52
C ILE E 219 -33.58 72.15 -53.73
N LYS E 220 -33.39 72.59 -54.97
CA LYS E 220 -33.58 74.00 -55.32
C LYS E 220 -35.07 74.34 -55.32
N LYS E 221 -35.87 73.42 -55.83
CA LYS E 221 -37.32 73.59 -55.92
C LYS E 221 -38.00 73.80 -54.57
N TYR E 222 -37.43 73.25 -53.51
CA TYR E 222 -38.06 73.35 -52.20
C TYR E 222 -37.24 74.13 -51.14
N PHE E 223 -35.97 74.39 -51.43
CA PHE E 223 -35.03 75.09 -50.53
C PHE E 223 -35.50 76.33 -49.76
N GLU E 224 -35.89 77.40 -50.47
CA GLU E 224 -36.34 78.64 -49.82
C GLU E 224 -37.69 78.55 -49.12
N GLU E 225 -38.60 77.76 -49.66
CA GLU E 225 -39.91 77.59 -49.04
C GLU E 225 -39.76 76.83 -47.71
N TYR E 226 -38.73 76.00 -47.60
CA TYR E 226 -38.50 75.21 -46.38
C TYR E 226 -37.40 75.70 -45.43
N ALA E 227 -36.18 75.88 -45.95
CA ALA E 227 -35.04 76.31 -45.12
C ALA E 227 -35.03 77.78 -44.70
N LEU E 228 -35.43 78.65 -45.63
CA LEU E 228 -35.45 80.09 -45.38
C LEU E 228 -36.78 80.70 -44.91
N VAL E 229 -37.87 79.94 -44.96
CA VAL E 229 -39.15 80.47 -44.50
C VAL E 229 -39.83 79.58 -43.48
N ASN E 230 -39.68 78.26 -43.61
CA ASN E 230 -40.26 77.31 -42.66
C ASN E 230 -39.28 77.15 -41.51
N GLN E 231 -38.01 76.90 -41.86
CA GLN E 231 -36.97 76.70 -40.85
C GLN E 231 -36.16 77.96 -40.57
N ASP E 232 -36.27 78.95 -41.46
CA ASP E 232 -35.60 80.24 -41.27
C ASP E 232 -34.19 80.06 -40.72
N ILE E 233 -33.48 79.12 -41.32
CA ILE E 233 -32.13 78.76 -40.94
C ILE E 233 -31.13 79.90 -40.73
N LEU E 234 -31.55 81.16 -40.93
CA LEU E 234 -30.63 82.29 -40.77
C LEU E 234 -31.23 83.56 -40.14
N GLU E 235 -31.86 83.43 -38.96
CA GLU E 235 -32.45 84.60 -38.32
C GLU E 235 -31.69 85.11 -37.09
N ASN E 236 -30.80 84.27 -36.54
CA ASN E 236 -30.01 84.63 -35.37
C ASN E 236 -28.52 84.33 -35.59
N LYS E 237 -27.67 84.93 -34.77
CA LYS E 237 -26.22 84.69 -34.82
C LYS E 237 -26.06 83.22 -34.48
N GLU E 238 -26.82 82.77 -33.49
CA GLU E 238 -26.80 81.41 -33.04
C GLU E 238 -27.06 80.46 -34.22
N SER E 239 -28.03 80.82 -35.05
CA SER E 239 -28.42 80.02 -36.20
C SER E 239 -27.50 80.13 -37.42
N TRP E 240 -27.13 81.36 -37.78
CA TRP E 240 -26.27 81.57 -38.93
C TRP E 240 -24.80 81.30 -38.58
N ASP E 241 -24.45 81.37 -37.30
CA ASP E 241 -23.10 81.10 -36.85
C ASP E 241 -22.82 79.66 -37.25
N LYS E 242 -23.87 78.84 -37.17
CA LYS E 242 -23.82 77.41 -37.51
C LYS E 242 -23.66 77.13 -39.01
N ILE E 243 -24.14 78.04 -39.86
CA ILE E 243 -24.01 77.84 -41.31
C ILE E 243 -22.68 78.43 -41.76
N LEU E 244 -22.25 79.51 -41.11
CA LEU E 244 -20.99 80.15 -41.43
C LEU E 244 -19.90 79.08 -41.29
N ALA E 245 -20.07 78.24 -40.27
CA ALA E 245 -19.13 77.16 -39.93
C ALA E 245 -18.72 76.25 -41.09
N LEU E 246 -19.39 76.39 -42.22
CA LEU E 246 -19.10 75.59 -43.39
C LEU E 246 -18.17 76.36 -44.34
N VAL E 247 -18.37 77.67 -44.39
CA VAL E 247 -17.62 78.58 -45.24
C VAL E 247 -16.24 78.88 -44.67
N PRO E 248 -15.23 79.11 -45.55
CA PRO E 248 -13.87 79.41 -45.06
C PRO E 248 -13.88 80.67 -44.22
N GLU E 249 -13.49 80.48 -42.96
CA GLU E 249 -13.44 81.53 -41.96
C GLU E 249 -13.04 82.92 -42.45
N THR E 250 -12.34 82.97 -43.58
CA THR E 250 -11.88 84.24 -44.13
C THR E 250 -13.01 85.15 -44.67
N ILE E 251 -14.18 84.57 -44.95
CA ILE E 251 -15.29 85.36 -45.46
C ILE E 251 -16.44 85.67 -44.48
N HIS E 252 -16.42 85.04 -43.31
CA HIS E 252 -17.46 85.29 -42.29
C HIS E 252 -17.67 86.78 -42.01
N ASP E 253 -16.62 87.47 -41.53
CA ASP E 253 -16.69 88.90 -41.20
C ASP E 253 -17.55 89.74 -42.14
N GLU E 254 -17.48 89.44 -43.43
CA GLU E 254 -18.24 90.15 -44.46
C GLU E 254 -19.72 89.75 -44.46
N LEU E 255 -19.98 88.47 -44.17
CA LEU E 255 -21.32 87.92 -44.12
C LEU E 255 -22.01 88.26 -42.79
N GLN E 256 -21.28 88.12 -41.69
CA GLN E 256 -21.83 88.40 -40.37
C GLN E 256 -22.35 89.82 -40.34
N GLN E 257 -21.86 90.66 -41.25
CA GLN E 257 -22.29 92.05 -41.35
C GLN E 257 -23.48 92.17 -42.32
N SER E 258 -23.46 91.35 -43.37
CA SER E 258 -24.53 91.34 -44.38
C SER E 258 -25.85 90.89 -43.70
N PHE E 259 -25.73 89.90 -42.84
CA PHE E 259 -26.85 89.33 -42.10
C PHE E 259 -27.31 90.28 -40.99
N GLN E 260 -26.34 90.95 -40.38
CA GLN E 260 -26.60 91.90 -39.30
C GLN E 260 -27.58 92.99 -39.76
N LYS E 261 -27.33 93.52 -40.95
CA LYS E 261 -28.13 94.60 -41.53
C LYS E 261 -29.35 94.20 -42.40
N SER E 262 -29.64 92.92 -42.45
CA SER E 262 -30.79 92.43 -43.21
C SER E 262 -31.87 92.03 -42.18
N HIS E 263 -33.13 91.90 -42.61
CA HIS E 263 -34.23 91.55 -41.67
C HIS E 263 -34.95 90.19 -41.73
N ASN E 264 -34.49 89.30 -42.61
CA ASN E 264 -35.07 87.97 -42.75
C ASN E 264 -34.04 87.05 -43.40
N SER E 265 -34.12 85.75 -43.14
CA SER E 265 -33.15 84.82 -43.73
C SER E 265 -33.14 84.89 -45.27
N LEU E 266 -34.28 85.23 -45.86
CA LEU E 266 -34.41 85.34 -47.31
C LEU E 266 -33.30 86.23 -47.89
N GLN E 267 -33.13 87.43 -47.32
CA GLN E 267 -32.10 88.37 -47.77
C GLN E 267 -30.68 87.88 -47.43
N ARG E 268 -30.57 87.15 -46.32
CA ARG E 268 -29.31 86.60 -45.85
C ARG E 268 -28.76 85.59 -46.85
N TRP E 269 -29.61 84.66 -47.27
CA TRP E 269 -29.20 83.65 -48.25
C TRP E 269 -28.72 84.41 -49.48
N GLU E 270 -29.44 85.47 -49.83
CA GLU E 270 -29.09 86.26 -50.99
C GLU E 270 -27.67 86.77 -50.85
N HIS E 271 -27.33 87.28 -49.67
CA HIS E 271 -25.98 87.79 -49.46
C HIS E 271 -24.93 86.69 -49.48
N LEU E 272 -25.20 85.58 -48.81
CA LEU E 272 -24.25 84.47 -48.82
C LEU E 272 -23.95 84.11 -50.28
N LYS E 273 -25.03 83.87 -51.03
CA LYS E 273 -24.94 83.51 -52.44
C LYS E 273 -24.03 84.44 -53.21
N LYS E 274 -24.00 85.70 -52.76
CA LYS E 274 -23.18 86.73 -53.37
C LYS E 274 -21.73 86.69 -52.90
N VAL E 275 -21.49 87.03 -51.64
CA VAL E 275 -20.14 87.01 -51.11
C VAL E 275 -19.45 85.71 -51.49
N ALA E 276 -20.11 84.60 -51.19
CA ALA E 276 -19.56 83.30 -51.52
C ALA E 276 -19.23 83.30 -53.01
N SER E 277 -20.20 83.65 -53.84
CA SER E 277 -19.96 83.69 -55.30
C SER E 277 -18.70 84.50 -55.53
N ARG E 278 -18.59 85.61 -54.80
CA ARG E 278 -17.44 86.52 -54.87
C ARG E 278 -16.20 85.69 -54.55
N TYR E 279 -16.32 84.85 -53.53
CA TYR E 279 -15.23 83.99 -53.14
C TYR E 279 -14.88 83.00 -54.24
N GLN E 280 -15.90 82.40 -54.84
CA GLN E 280 -15.74 81.40 -55.91
C GLN E 280 -14.78 81.80 -57.04
N ASN E 281 -15.06 82.94 -57.68
CA ASN E 281 -14.28 83.45 -58.82
C ASN E 281 -12.76 83.67 -58.73
N ASN E 282 -12.28 84.37 -57.70
CA ASN E 282 -10.85 84.62 -57.59
C ASN E 282 -10.04 83.48 -56.95
N ILE E 283 -10.66 82.61 -56.15
CA ILE E 283 -9.91 81.50 -55.55
C ILE E 283 -9.79 80.33 -56.53
N GLY E 289 -15.16 76.61 -57.75
CA GLY E 289 -14.25 76.17 -56.71
C GLY E 289 -14.91 75.18 -55.76
N PRO E 290 -15.11 75.57 -54.50
CA PRO E 290 -15.74 74.67 -53.53
C PRO E 290 -17.23 74.47 -53.76
N TRP E 291 -17.88 75.42 -54.45
CA TRP E 291 -19.33 75.35 -54.71
C TRP E 291 -20.08 75.53 -53.39
N LEU E 292 -19.55 76.35 -52.48
CA LEU E 292 -20.15 76.58 -51.17
C LEU E 292 -21.67 76.62 -51.10
N GLU E 293 -22.30 77.23 -52.10
CA GLU E 293 -23.75 77.35 -52.12
C GLU E 293 -24.42 75.97 -52.09
N TRP E 294 -23.90 75.07 -52.90
CA TRP E 294 -24.45 73.72 -52.97
C TRP E 294 -24.13 72.82 -51.74
N GLU E 295 -22.91 72.90 -51.20
CA GLU E 295 -22.50 72.09 -50.04
C GLU E 295 -23.45 72.26 -48.87
N ILE E 296 -23.90 73.49 -48.67
CA ILE E 296 -24.81 73.87 -47.58
C ILE E 296 -26.22 73.34 -47.83
N MET E 297 -26.75 73.68 -49.01
CA MET E 297 -28.10 73.25 -49.42
C MET E 297 -28.14 71.74 -49.22
N LEU E 298 -27.01 71.12 -49.54
CA LEU E 298 -26.84 69.69 -49.45
C LEU E 298 -26.78 69.16 -48.04
N GLN E 299 -25.90 69.71 -47.20
CA GLN E 299 -25.81 69.18 -45.84
C GLN E 299 -27.02 69.54 -44.97
N TYR E 300 -28.02 70.19 -45.57
CA TYR E 300 -29.25 70.59 -44.86
C TYR E 300 -30.54 69.98 -45.42
N CYS E 301 -30.47 69.38 -46.61
CA CYS E 301 -31.66 68.78 -47.21
C CYS E 301 -31.54 67.41 -47.91
N PHE E 302 -30.32 66.94 -48.18
CA PHE E 302 -30.14 65.63 -48.84
C PHE E 302 -30.33 64.46 -47.85
N PRO E 303 -31.16 63.47 -48.22
CA PRO E 303 -31.39 62.33 -47.33
C PRO E 303 -30.10 61.69 -46.79
N ARG E 304 -30.23 61.01 -45.64
CA ARG E 304 -29.11 60.33 -44.98
C ARG E 304 -29.58 58.91 -44.59
N LEU E 305 -29.00 57.89 -45.22
CA LEU E 305 -29.39 56.54 -44.93
C LEU E 305 -28.40 55.75 -44.07
N ASP E 306 -28.90 54.66 -43.47
CA ASP E 306 -28.05 53.81 -42.66
C ASP E 306 -27.69 52.55 -43.45
N ILE E 307 -26.42 52.49 -43.85
CA ILE E 307 -25.88 51.37 -44.63
C ILE E 307 -26.42 50.00 -44.19
N ASN E 308 -26.31 49.74 -42.90
CA ASN E 308 -26.74 48.49 -42.29
C ASN E 308 -28.17 48.02 -42.68
N VAL E 309 -29.04 48.95 -43.07
CA VAL E 309 -30.41 48.60 -43.44
C VAL E 309 -30.53 47.98 -44.83
N SER E 310 -30.05 48.68 -45.84
CA SER E 310 -30.13 48.17 -47.19
C SER E 310 -29.02 47.18 -47.51
N LYS E 311 -27.94 47.21 -46.74
CA LYS E 311 -26.82 46.31 -46.96
C LYS E 311 -27.17 44.87 -46.58
N GLY E 312 -27.97 44.74 -45.53
CA GLY E 312 -28.38 43.43 -45.04
C GLY E 312 -29.42 42.72 -45.89
N ILE E 313 -28.97 41.66 -46.55
CA ILE E 313 -29.81 40.84 -47.43
C ILE E 313 -30.79 40.01 -46.59
N ASN E 314 -30.77 40.21 -45.28
CA ASN E 314 -31.63 39.46 -44.38
C ASN E 314 -32.18 40.35 -43.25
N HIS E 315 -31.99 41.66 -43.41
CA HIS E 315 -32.45 42.62 -42.40
C HIS E 315 -33.97 42.73 -42.30
N LEU E 316 -34.51 42.41 -41.12
CA LEU E 316 -35.95 42.49 -40.89
C LEU E 316 -36.41 43.94 -40.85
N LEU E 317 -37.42 44.29 -41.64
CA LEU E 317 -37.92 45.66 -41.65
C LEU E 317 -39.43 45.76 -41.39
N LYS E 318 -39.86 46.87 -40.79
CA LYS E 318 -41.27 47.09 -40.45
C LYS E 318 -42.18 46.78 -41.63
N SER E 319 -43.15 45.90 -41.39
CA SER E 319 -44.09 45.48 -42.41
C SER E 319 -45.05 46.59 -42.80
N PRO E 320 -45.35 46.73 -44.11
CA PRO E 320 -46.27 47.76 -44.55
C PRO E 320 -47.66 47.54 -43.94
N PHE E 321 -48.37 48.62 -43.65
CA PHE E 321 -49.70 48.56 -43.06
C PHE E 321 -49.74 48.01 -41.63
N SER E 322 -48.62 48.12 -40.93
CA SER E 322 -48.56 47.67 -39.54
C SER E 322 -48.99 48.90 -38.74
N VAL E 323 -49.03 48.76 -37.42
CA VAL E 323 -49.41 49.88 -36.57
C VAL E 323 -48.24 50.37 -35.72
N HIS E 324 -48.15 51.68 -35.53
CA HIS E 324 -47.11 52.24 -34.68
C HIS E 324 -47.74 52.24 -33.29
N PRO E 325 -47.00 51.71 -32.28
CA PRO E 325 -47.43 51.62 -30.88
C PRO E 325 -47.64 52.94 -30.14
N LYS E 326 -46.81 53.93 -30.44
CA LYS E 326 -46.87 55.24 -29.79
C LYS E 326 -47.87 56.21 -30.47
N THR E 327 -47.71 56.41 -31.78
CA THR E 327 -48.57 57.32 -32.55
C THR E 327 -49.89 56.68 -33.03
N GLY E 328 -49.88 55.38 -33.24
CA GLY E 328 -51.08 54.72 -33.70
C GLY E 328 -51.24 54.72 -35.21
N ARG E 329 -50.79 55.80 -35.86
CA ARG E 329 -50.91 55.92 -37.32
C ARG E 329 -50.56 54.62 -38.07
N ILE E 330 -51.19 54.42 -39.22
CA ILE E 330 -50.96 53.24 -40.04
C ILE E 330 -49.72 53.44 -40.90
N SER E 331 -48.91 52.39 -41.05
CA SER E 331 -47.72 52.49 -41.89
C SER E 331 -48.27 52.35 -43.30
N VAL E 332 -48.67 53.47 -43.89
CA VAL E 332 -49.27 53.44 -45.22
C VAL E 332 -48.39 53.76 -46.42
N PRO E 333 -48.73 53.17 -47.58
CA PRO E 333 -47.97 53.40 -48.81
C PRO E 333 -48.08 54.86 -49.25
N ILE E 334 -47.02 55.35 -49.88
CA ILE E 334 -46.96 56.73 -50.40
C ILE E 334 -47.38 56.74 -51.88
N ASP E 335 -48.01 57.85 -52.28
CA ASP E 335 -48.46 58.03 -53.67
C ASP E 335 -47.49 59.00 -54.37
N LEU E 336 -46.52 58.44 -55.09
CA LEU E 336 -45.45 59.18 -55.79
C LEU E 336 -45.82 60.26 -56.82
N GLN E 337 -47.09 60.34 -57.20
CA GLN E 337 -47.55 61.35 -58.16
C GLN E 337 -48.16 62.49 -57.35
N LYS E 338 -48.09 62.35 -56.03
CA LYS E 338 -48.61 63.33 -55.10
C LYS E 338 -47.75 63.25 -53.86
N VAL E 339 -46.44 63.30 -54.08
CA VAL E 339 -45.46 63.26 -53.01
C VAL E 339 -45.59 64.54 -52.18
N ASP E 340 -45.56 65.67 -52.88
CA ASP E 340 -45.66 67.01 -52.29
C ASP E 340 -46.91 67.19 -51.43
N GLN E 341 -47.96 66.44 -51.74
CA GLN E 341 -49.21 66.55 -51.00
C GLN E 341 -49.46 65.43 -49.97
N PHE E 342 -48.43 64.60 -49.70
CA PHE E 342 -48.58 63.51 -48.73
C PHE E 342 -48.57 64.11 -47.32
N ASP E 343 -49.62 63.81 -46.54
CA ASP E 343 -49.72 64.32 -45.17
C ASP E 343 -49.60 63.24 -44.12
N PRO E 344 -48.59 63.33 -43.26
CA PRO E 344 -48.35 62.37 -42.18
C PRO E 344 -49.37 62.51 -41.05
N PHE E 345 -49.87 63.73 -40.91
CA PHE E 345 -50.85 64.09 -39.88
C PHE E 345 -52.29 63.63 -40.21
N THR E 346 -52.60 63.51 -41.49
CA THR E 346 -53.94 63.08 -41.89
C THR E 346 -54.00 61.55 -41.98
N VAL E 347 -52.84 60.92 -41.85
CA VAL E 347 -52.73 59.46 -41.90
C VAL E 347 -53.64 58.82 -40.85
N PRO E 348 -54.58 57.97 -41.29
CA PRO E 348 -55.52 57.31 -40.37
C PRO E 348 -54.91 56.49 -39.20
N THR E 349 -55.51 56.66 -38.03
CA THR E 349 -55.10 55.96 -36.81
C THR E 349 -55.89 54.65 -36.69
N ILE E 350 -55.26 53.60 -36.16
CA ILE E 350 -55.94 52.31 -36.01
C ILE E 350 -57.18 52.53 -35.16
N SER E 351 -57.14 53.54 -34.29
CA SER E 351 -58.27 53.88 -33.42
C SER E 351 -59.33 54.52 -34.29
N PHE E 352 -58.94 55.62 -34.90
CA PHE E 352 -59.79 56.39 -35.77
C PHE E 352 -60.51 55.47 -36.76
N ILE E 353 -59.75 54.57 -37.42
CA ILE E 353 -60.30 53.62 -38.41
C ILE E 353 -61.10 52.48 -37.80
N CYS E 354 -60.81 52.17 -36.54
CA CYS E 354 -61.53 51.13 -35.80
C CYS E 354 -62.76 51.84 -35.25
N ARG E 355 -62.76 53.16 -35.41
CA ARG E 355 -63.85 54.02 -34.98
C ARG E 355 -64.84 54.16 -36.15
N GLU E 356 -64.30 54.18 -37.37
CA GLU E 356 -65.08 54.29 -38.60
C GLU E 356 -65.73 52.97 -39.04
N LEU E 357 -65.35 51.88 -38.41
CA LEU E 357 -65.89 50.55 -38.71
C LEU E 357 -66.98 50.20 -37.66
N ASP E 358 -66.87 50.82 -36.49
CA ASP E 358 -67.83 50.63 -35.39
C ASP E 358 -69.10 51.44 -35.71
N ALA E 359 -68.89 52.61 -36.31
CA ALA E 359 -69.98 53.50 -36.69
C ALA E 359 -70.49 53.09 -38.07
N ILE E 360 -70.65 51.78 -38.23
CA ILE E 360 -71.16 51.17 -39.47
C ILE E 360 -72.27 50.17 -39.15
N ARG E 379 -66.15 38.46 -49.33
CA ARG E 379 -66.77 39.59 -50.01
C ARG E 379 -66.40 40.92 -49.37
N THR E 380 -65.84 40.86 -48.17
CA THR E 380 -65.45 42.04 -47.40
C THR E 380 -64.57 43.12 -48.06
N ARG E 381 -65.06 44.36 -48.00
CA ARG E 381 -64.39 45.55 -48.51
C ARG E 381 -64.61 46.66 -47.48
N ASP E 382 -64.76 46.27 -46.21
CA ASP E 382 -64.98 47.22 -45.12
C ASP E 382 -63.74 48.08 -44.85
N TYR E 383 -62.70 47.81 -45.62
CA TYR E 383 -61.44 48.57 -45.54
C TYR E 383 -61.68 49.82 -46.41
N LYS E 384 -62.67 49.68 -47.29
CA LYS E 384 -63.07 50.75 -48.20
C LYS E 384 -63.97 51.75 -47.49
N LYS E 385 -64.67 51.28 -46.45
CA LYS E 385 -65.59 52.12 -45.66
C LYS E 385 -64.87 52.93 -44.58
N THR E 386 -63.55 52.73 -44.51
CA THR E 386 -62.69 53.42 -43.55
C THR E 386 -61.77 54.31 -44.40
N SER E 387 -61.16 55.33 -43.79
CA SER E 387 -60.25 56.20 -44.55
C SER E 387 -58.92 55.51 -44.78
N LEU E 388 -58.94 54.19 -44.69
CA LEU E 388 -57.77 53.34 -44.92
C LEU E 388 -57.79 53.00 -46.40
N ALA E 389 -58.99 53.07 -46.98
CA ALA E 389 -59.27 52.78 -48.39
C ALA E 389 -58.33 53.39 -49.44
N PRO E 390 -58.10 54.72 -49.39
CA PRO E 390 -57.23 55.41 -50.34
C PRO E 390 -55.77 54.93 -50.43
N TYR E 391 -55.23 54.46 -49.31
CA TYR E 391 -53.85 53.95 -49.27
C TYR E 391 -53.83 52.49 -49.73
N VAL E 392 -54.99 51.83 -49.58
CA VAL E 392 -55.18 50.43 -49.97
C VAL E 392 -55.18 50.42 -51.50
N LYS E 393 -55.44 51.58 -52.09
CA LYS E 393 -55.47 51.69 -53.55
C LYS E 393 -54.06 51.88 -54.13
N VAL E 394 -53.29 52.79 -53.53
CA VAL E 394 -51.92 53.07 -53.95
C VAL E 394 -51.25 51.73 -54.14
N PHE E 395 -51.44 50.91 -53.11
CA PHE E 395 -50.87 49.59 -53.07
C PHE E 395 -51.44 48.70 -54.20
N GLU E 396 -52.74 48.79 -54.50
CA GLU E 396 -53.33 47.96 -55.58
C GLU E 396 -52.85 48.34 -56.95
N HIS E 397 -52.36 49.57 -57.07
CA HIS E 397 -51.84 50.03 -58.33
C HIS E 397 -50.34 49.72 -58.34
N PHE E 398 -49.85 49.33 -57.17
CA PHE E 398 -48.46 48.92 -57.02
C PHE E 398 -48.48 47.45 -57.49
N LEU E 399 -49.50 46.72 -57.08
CA LEU E 399 -49.65 45.31 -57.44
C LEU E 399 -50.06 45.14 -58.90
N GLU E 400 -50.59 46.20 -59.51
CA GLU E 400 -51.01 46.17 -60.92
C GLU E 400 -49.79 46.37 -61.82
N ASN E 401 -48.89 47.27 -61.42
CA ASN E 401 -47.67 47.55 -62.19
C ASN E 401 -46.75 46.34 -62.15
N LEU E 402 -46.84 45.58 -61.08
CA LEU E 402 -46.01 44.41 -60.89
C LEU E 402 -46.54 43.23 -61.71
N ASP E 403 -47.86 43.04 -61.70
CA ASP E 403 -48.49 41.94 -62.46
C ASP E 403 -48.18 42.12 -63.93
N LYS E 404 -48.00 43.37 -64.34
CA LYS E 404 -47.69 43.66 -65.72
C LYS E 404 -46.27 43.16 -66.03
N SER E 405 -45.29 43.51 -65.21
CA SER E 405 -43.93 43.06 -65.46
C SER E 405 -43.87 41.55 -65.61
N ARG E 406 -44.56 40.83 -64.73
CA ARG E 406 -44.59 39.37 -64.81
C ARG E 406 -45.13 38.91 -66.15
N LYS E 407 -46.35 39.34 -66.49
CA LYS E 407 -46.96 38.96 -67.76
C LYS E 407 -46.11 39.49 -68.93
N GLY E 408 -45.64 40.73 -68.81
CA GLY E 408 -44.84 41.33 -69.85
C GLY E 408 -43.55 40.56 -70.03
N GLU E 409 -42.74 40.50 -68.99
CA GLU E 409 -41.48 39.77 -69.04
C GLU E 409 -41.64 38.32 -69.47
N LEU E 410 -42.48 37.57 -68.75
CA LEU E 410 -42.69 36.15 -69.00
C LEU E 410 -43.40 35.69 -70.28
N LEU E 411 -44.74 35.81 -70.33
CA LEU E 411 -45.49 35.37 -71.52
C LEU E 411 -45.15 36.09 -72.82
N LYS E 412 -44.09 36.90 -72.79
CA LYS E 412 -43.61 37.61 -73.96
C LYS E 412 -42.15 37.19 -74.20
N TYR F 22 -1.08 37.42 -78.85
CA TYR F 22 -0.92 38.51 -79.84
C TYR F 22 -2.23 38.72 -80.62
N PRO F 23 -2.72 37.70 -81.36
CA PRO F 23 -3.98 37.82 -82.12
C PRO F 23 -5.19 37.40 -81.26
N HIS F 24 -6.05 36.50 -81.79
CA HIS F 24 -7.20 36.00 -81.01
C HIS F 24 -6.48 35.11 -79.99
N CYS F 25 -5.31 35.60 -79.58
CA CYS F 25 -4.40 34.97 -78.63
C CYS F 25 -4.65 35.42 -77.20
N LEU F 26 -5.60 36.32 -77.01
CA LEU F 26 -5.92 36.74 -75.65
C LEU F 26 -7.02 35.75 -75.30
N GLN F 27 -6.80 34.94 -74.26
CA GLN F 27 -7.80 33.94 -73.86
C GLN F 27 -7.91 33.71 -72.35
N PHE F 28 -9.15 33.66 -71.86
CA PHE F 28 -9.41 33.39 -70.45
C PHE F 28 -9.20 31.90 -70.29
N TYR F 29 -8.09 31.50 -69.70
CA TYR F 29 -7.83 30.10 -69.51
C TYR F 29 -8.96 29.50 -68.68
N LEU F 30 -10.07 29.25 -69.38
CA LEU F 30 -11.30 28.67 -68.84
C LEU F 30 -11.60 27.43 -69.69
N GLN F 31 -12.29 26.44 -69.13
CA GLN F 31 -12.60 25.21 -69.87
C GLN F 31 -11.29 24.49 -70.26
N PRO F 32 -10.99 23.36 -69.59
CA PRO F 32 -9.84 22.45 -69.68
C PRO F 32 -9.60 21.74 -71.00
N PRO F 33 -8.34 21.60 -71.40
CA PRO F 33 -7.94 20.96 -72.66
C PRO F 33 -8.27 19.49 -72.57
N SER F 34 -8.97 18.96 -73.58
CA SER F 34 -9.35 17.54 -73.60
C SER F 34 -8.44 16.68 -74.47
N GLU F 35 -7.49 17.33 -75.14
CA GLU F 35 -6.56 16.65 -76.03
C GLU F 35 -5.76 15.60 -75.28
N ASN F 36 -4.50 15.48 -75.64
CA ASN F 36 -3.56 14.55 -75.05
C ASN F 36 -2.23 14.75 -75.76
N ILE F 37 -1.14 14.52 -75.06
CA ILE F 37 0.15 14.77 -75.64
C ILE F 37 1.21 13.79 -75.24
N SER F 38 2.38 13.94 -75.85
CA SER F 38 3.50 13.06 -75.54
C SER F 38 4.15 13.62 -74.29
N LEU F 39 4.64 12.73 -73.44
CA LEU F 39 5.33 13.18 -72.25
C LEU F 39 6.44 14.11 -72.67
N ILE F 40 6.67 14.18 -73.98
CA ILE F 40 7.70 15.06 -74.48
C ILE F 40 7.13 16.44 -74.71
N GLU F 41 5.85 16.53 -75.07
CA GLU F 41 5.25 17.85 -75.26
C GLU F 41 4.74 18.33 -73.92
N PHE F 42 4.18 17.40 -73.16
CA PHE F 42 3.66 17.70 -71.84
C PHE F 42 4.74 18.32 -71.00
N GLU F 43 5.96 17.77 -71.10
CA GLU F 43 7.12 18.24 -70.35
C GLU F 43 7.68 19.52 -70.97
N ASN F 44 7.64 19.60 -72.29
CA ASN F 44 8.16 20.81 -72.89
C ASN F 44 7.25 21.99 -72.77
N LEU F 45 5.95 21.76 -72.81
CA LEU F 45 5.01 22.86 -72.64
C LEU F 45 5.23 23.57 -71.31
N ALA F 46 5.51 22.80 -70.27
CA ALA F 46 5.71 23.37 -68.95
C ALA F 46 7.04 24.08 -68.84
N ILE F 47 8.13 23.39 -69.14
CA ILE F 47 9.41 24.03 -69.03
C ILE F 47 9.36 25.34 -69.74
N ASP F 48 8.83 25.31 -70.94
CA ASP F 48 8.75 26.52 -71.69
C ASP F 48 7.75 27.48 -71.04
N ARG F 49 6.48 27.11 -70.96
CA ARG F 49 5.48 27.97 -70.36
C ARG F 49 5.95 28.67 -69.09
N VAL F 50 6.93 28.07 -68.43
CA VAL F 50 7.48 28.67 -67.23
C VAL F 50 8.51 29.71 -67.67
N LYS F 51 9.48 29.30 -68.51
CA LYS F 51 10.52 30.19 -69.00
C LYS F 51 9.89 31.53 -69.33
N LEU F 52 8.70 31.51 -69.92
CA LEU F 52 8.03 32.75 -70.24
C LEU F 52 7.65 33.45 -68.94
N LEU F 53 6.80 32.77 -68.18
CA LEU F 53 6.33 33.32 -66.94
C LEU F 53 7.47 33.73 -66.03
N LYS F 54 8.66 33.16 -66.23
CA LYS F 54 9.82 33.55 -65.41
C LYS F 54 10.54 34.75 -66.03
N SER F 55 10.12 35.15 -67.23
CA SER F 55 10.70 36.29 -67.92
C SER F 55 9.80 37.49 -67.76
N VAL F 56 8.52 37.22 -67.51
CA VAL F 56 7.53 38.27 -67.24
C VAL F 56 7.90 38.84 -65.89
N GLU F 57 8.53 37.97 -65.07
CA GLU F 57 8.98 38.28 -63.71
C GLU F 57 10.20 39.18 -63.69
N ASN F 58 11.16 38.88 -64.55
CA ASN F 58 12.40 39.65 -64.65
C ASN F 58 12.08 41.06 -65.15
N LEU F 59 11.53 41.13 -66.35
CA LEU F 59 11.20 42.41 -66.97
C LEU F 59 10.43 43.33 -66.00
N GLY F 60 9.49 42.79 -65.22
CA GLY F 60 8.76 43.61 -64.27
C GLY F 60 9.61 44.06 -63.08
N VAL F 61 10.79 43.47 -62.98
CA VAL F 61 11.70 43.80 -61.92
C VAL F 61 12.75 44.80 -62.37
N SER F 62 13.27 44.64 -63.58
CA SER F 62 14.30 45.57 -64.05
C SER F 62 13.78 46.77 -64.85
N TYR F 63 12.52 46.74 -65.32
CA TYR F 63 11.93 47.86 -66.08
C TYR F 63 10.59 48.30 -65.49
N VAL F 64 9.68 48.80 -66.32
CA VAL F 64 8.37 49.22 -65.83
C VAL F 64 7.34 48.70 -66.82
N LYS F 65 6.08 48.65 -66.39
CA LYS F 65 4.99 48.15 -67.23
C LYS F 65 4.60 48.99 -68.45
N GLY F 66 5.26 50.13 -68.64
CA GLY F 66 4.93 50.96 -69.78
C GLY F 66 6.07 51.29 -70.72
N THR F 67 7.17 50.54 -70.66
CA THR F 67 8.33 50.81 -71.52
C THR F 67 8.45 49.88 -72.74
N GLU F 68 9.06 50.40 -73.80
CA GLU F 68 9.25 49.64 -75.03
C GLU F 68 10.10 48.42 -74.79
N GLN F 69 11.23 48.62 -74.12
CA GLN F 69 12.15 47.53 -73.81
C GLN F 69 11.32 46.40 -73.26
N TYR F 70 10.44 46.75 -72.32
CA TYR F 70 9.53 45.81 -71.68
C TYR F 70 8.66 45.20 -72.76
N GLN F 71 7.77 46.01 -73.32
CA GLN F 71 6.87 45.54 -74.35
C GLN F 71 7.65 44.70 -75.36
N SER F 72 8.75 45.26 -75.85
CA SER F 72 9.62 44.60 -76.84
C SER F 72 10.11 43.20 -76.43
N LYS F 73 11.11 43.15 -75.56
CA LYS F 73 11.65 41.88 -75.10
C LYS F 73 10.54 40.90 -74.74
N LEU F 74 9.52 41.41 -74.03
CA LEU F 74 8.37 40.62 -73.60
C LEU F 74 7.72 39.85 -74.74
N GLU F 75 7.36 40.57 -75.80
CA GLU F 75 6.77 39.92 -76.95
C GLU F 75 7.88 39.19 -77.68
N SER F 76 9.12 39.60 -77.42
CA SER F 76 10.26 38.96 -78.04
C SER F 76 10.29 37.50 -77.55
N GLU F 77 10.22 37.30 -76.25
CA GLU F 77 10.24 35.94 -75.74
C GLU F 77 8.92 35.30 -76.13
N LEU F 78 7.82 35.99 -75.83
CA LEU F 78 6.51 35.47 -76.20
C LEU F 78 6.71 34.83 -77.57
N ARG F 79 7.58 35.46 -78.36
CA ARG F 79 7.94 35.02 -79.70
C ARG F 79 8.81 33.78 -79.61
N LYS F 80 10.06 33.97 -79.21
CA LYS F 80 11.01 32.86 -79.14
C LYS F 80 10.50 31.57 -78.50
N LEU F 81 9.57 31.68 -77.55
CA LEU F 81 9.03 30.49 -76.90
C LEU F 81 7.86 29.99 -77.68
N LYS F 82 7.59 30.67 -78.78
CA LYS F 82 6.52 30.25 -79.65
C LYS F 82 5.17 30.33 -78.96
N PHE F 83 4.72 31.52 -78.58
CA PHE F 83 3.41 31.64 -77.94
C PHE F 83 2.52 32.74 -78.48
N SER F 84 2.74 33.10 -79.76
CA SER F 84 1.96 34.13 -80.52
C SER F 84 2.60 34.36 -81.90
N TYR F 85 2.02 33.78 -82.95
CA TYR F 85 2.63 33.87 -84.30
C TYR F 85 1.71 33.46 -85.49
N ARG F 86 2.19 32.41 -86.21
CA ARG F 86 1.63 31.76 -87.43
C ARG F 86 0.25 31.03 -87.32
N GLU F 87 -0.55 31.11 -88.38
CA GLU F 87 -1.91 30.51 -88.41
C GLU F 87 -2.01 29.09 -88.97
N ASN F 88 -3.25 28.66 -89.22
CA ASN F 88 -3.56 27.34 -89.79
C ASN F 88 -5.08 27.09 -89.90
N LEU F 89 -5.44 25.99 -90.57
CA LEU F 89 -6.83 25.58 -90.81
C LEU F 89 -7.69 25.36 -89.55
N GLU F 90 -8.53 26.35 -89.25
CA GLU F 90 -9.48 26.39 -88.14
C GLU F 90 -9.20 25.77 -86.76
N ASP F 91 -8.90 24.47 -86.73
CA ASP F 91 -8.63 23.75 -85.48
C ASP F 91 -7.24 24.00 -84.82
N GLU F 92 -6.19 23.45 -85.45
CA GLU F 92 -4.78 23.52 -85.01
C GLU F 92 -4.04 24.86 -85.21
N TYR F 93 -4.18 25.80 -84.27
CA TYR F 93 -3.52 27.11 -84.34
C TYR F 93 -2.28 27.10 -83.43
N GLU F 94 -1.16 26.60 -83.96
CA GLU F 94 0.08 26.48 -83.21
C GLU F 94 0.18 27.26 -81.89
N PRO F 95 0.61 28.53 -81.91
CA PRO F 95 0.69 29.18 -80.60
C PRO F 95 -0.58 29.14 -79.74
N ARG F 96 -1.75 29.31 -80.33
CA ARG F 96 -3.01 29.26 -79.58
C ARG F 96 -2.89 28.08 -78.62
N ARG F 97 -2.68 26.90 -79.20
CA ARG F 97 -2.55 25.65 -78.47
C ARG F 97 -1.46 25.77 -77.38
N ARG F 98 -0.20 25.98 -77.76
CA ARG F 98 0.87 26.09 -76.77
C ARG F 98 0.36 26.77 -75.49
N ASP F 99 0.05 28.05 -75.59
CA ASP F 99 -0.45 28.80 -74.46
C ASP F 99 -1.64 28.18 -73.71
N HIS F 100 -2.58 27.55 -74.39
CA HIS F 100 -3.72 26.99 -73.67
C HIS F 100 -3.29 25.90 -72.72
N ILE F 101 -2.70 24.85 -73.27
CA ILE F 101 -2.25 23.76 -72.43
C ILE F 101 -1.29 24.32 -71.40
N SER F 102 -0.08 24.66 -71.86
CA SER F 102 0.96 25.17 -70.99
C SER F 102 0.39 25.77 -69.72
N HIS F 103 -0.51 26.73 -69.86
CA HIS F 103 -1.12 27.37 -68.69
C HIS F 103 -1.71 26.32 -67.77
N PHE F 104 -2.72 25.63 -68.24
CA PHE F 104 -3.34 24.64 -67.39
C PHE F 104 -2.36 23.68 -66.76
N ILE F 105 -1.52 23.06 -67.57
CA ILE F 105 -0.54 22.14 -67.02
C ILE F 105 0.20 22.84 -65.87
N LEU F 106 0.72 24.04 -66.13
CA LEU F 106 1.41 24.74 -65.08
C LEU F 106 0.44 25.27 -64.06
N ARG F 107 -0.67 24.58 -63.86
CA ARG F 107 -1.61 25.00 -62.84
C ARG F 107 -1.39 23.96 -61.75
N LEU F 108 -0.94 22.81 -62.19
CA LEU F 108 -0.64 21.74 -61.26
C LEU F 108 0.45 22.22 -60.35
N ALA F 109 1.63 22.45 -60.94
CA ALA F 109 2.78 22.88 -60.19
C ALA F 109 2.51 24.05 -59.26
N TYR F 110 1.99 25.14 -59.78
CA TYR F 110 1.78 26.34 -58.97
C TYR F 110 0.51 26.43 -58.10
N CYS F 111 -0.15 25.29 -57.86
CA CYS F 111 -1.37 25.25 -57.06
C CYS F 111 -1.15 25.07 -55.55
N GLN F 112 -0.04 24.40 -55.22
CA GLN F 112 0.34 24.09 -53.84
C GLN F 112 0.58 25.28 -52.88
N SER F 113 1.85 25.63 -52.68
CA SER F 113 2.23 26.71 -51.80
C SER F 113 1.37 27.92 -52.05
N GLU F 114 0.84 28.53 -51.00
CA GLU F 114 0.04 29.72 -51.23
C GLU F 114 1.00 30.83 -51.66
N GLU F 115 2.30 30.52 -51.68
CA GLU F 115 3.32 31.48 -52.08
C GLU F 115 3.66 31.32 -53.56
N LEU F 116 3.18 30.24 -54.13
CA LEU F 116 3.36 30.01 -55.57
C LEU F 116 2.04 30.40 -56.21
N ARG F 117 0.93 30.03 -55.59
CA ARG F 117 -0.38 30.41 -56.13
C ARG F 117 -0.37 31.92 -56.36
N ARG F 118 0.16 32.67 -55.40
CA ARG F 118 0.23 34.11 -55.57
C ARG F 118 1.19 34.43 -56.72
N TRP F 119 2.43 34.01 -56.61
CA TRP F 119 3.38 34.29 -57.67
C TRP F 119 2.85 33.91 -59.06
N PHE F 120 2.17 32.76 -59.17
CA PHE F 120 1.61 32.32 -60.45
C PHE F 120 0.66 33.43 -60.85
N ILE F 121 -0.52 33.48 -60.24
CA ILE F 121 -1.50 34.53 -60.55
C ILE F 121 -0.84 35.89 -60.87
N GLN F 122 0.20 36.21 -60.11
CA GLN F 122 0.92 37.48 -60.27
C GLN F 122 1.53 37.57 -61.64
N GLN F 123 2.23 36.55 -62.08
CA GLN F 123 2.85 36.62 -63.40
C GLN F 123 1.96 36.19 -64.59
N GLU F 124 0.84 35.53 -64.32
CA GLU F 124 -0.07 35.10 -65.38
C GLU F 124 -1.12 36.15 -65.56
N MET F 125 -0.99 37.21 -64.79
CA MET F 125 -1.90 38.32 -64.89
C MET F 125 -1.14 39.52 -65.39
N ASP F 126 0.19 39.46 -65.24
CA ASP F 126 1.06 40.52 -65.73
C ASP F 126 1.08 40.22 -67.23
N LEU F 127 0.78 38.96 -67.57
CA LEU F 127 0.74 38.50 -68.97
C LEU F 127 -0.53 38.87 -69.73
N LEU F 128 -1.70 38.64 -69.15
CA LEU F 128 -2.92 39.03 -69.84
C LEU F 128 -2.82 40.55 -70.06
N ARG F 129 -2.25 41.27 -69.09
CA ARG F 129 -2.08 42.73 -69.20
C ARG F 129 -1.29 43.10 -70.47
N PHE F 130 -0.18 42.41 -70.73
CA PHE F 130 0.63 42.69 -71.91
C PHE F 130 -0.09 42.35 -73.20
N ARG F 131 -0.77 41.22 -73.21
CA ARG F 131 -1.50 40.82 -74.39
C ARG F 131 -2.70 41.76 -74.59
N PHE F 132 -2.87 42.74 -73.72
CA PHE F 132 -3.97 43.67 -73.90
C PHE F 132 -3.37 45.00 -74.33
N SER F 133 -2.18 45.29 -73.80
CA SER F 133 -1.44 46.51 -74.09
C SER F 133 -0.96 46.53 -75.52
N ILE F 134 -1.08 45.41 -76.21
CA ILE F 134 -0.65 45.34 -77.60
C ILE F 134 -1.79 45.56 -78.62
N LEU F 135 -3.01 45.18 -78.24
CA LEU F 135 -4.14 45.37 -79.16
C LEU F 135 -4.70 46.79 -79.16
N PRO F 136 -5.08 47.30 -80.36
CA PRO F 136 -5.63 48.65 -80.50
C PRO F 136 -7.04 48.72 -79.95
N LYS F 137 -7.47 49.90 -79.51
CA LYS F 137 -8.82 50.12 -78.96
C LYS F 137 -9.91 49.38 -79.73
N ASP F 138 -9.56 48.81 -80.88
CA ASP F 138 -10.51 48.11 -81.74
C ASP F 138 -10.61 46.59 -81.61
N LYS F 139 -9.47 45.92 -81.70
CA LYS F 139 -9.45 44.46 -81.62
C LYS F 139 -9.85 43.95 -80.25
N ILE F 140 -9.54 44.73 -79.23
CA ILE F 140 -9.88 44.38 -77.87
C ILE F 140 -11.40 44.42 -77.70
N GLN F 141 -12.07 45.23 -78.51
CA GLN F 141 -13.53 45.36 -78.48
C GLN F 141 -14.22 44.07 -78.92
N ASP F 142 -13.82 43.58 -80.08
CA ASP F 142 -14.39 42.37 -80.63
C ASP F 142 -14.25 41.22 -79.67
N PHE F 143 -13.07 41.11 -79.09
CA PHE F 143 -12.74 40.06 -78.12
C PHE F 143 -13.72 40.03 -76.94
N LEU F 144 -14.23 41.19 -76.54
CA LEU F 144 -15.18 41.27 -75.43
C LEU F 144 -16.58 40.84 -75.84
N LYS F 145 -17.12 41.50 -76.86
CA LYS F 145 -18.44 41.15 -77.37
C LYS F 145 -18.55 39.64 -77.32
N ASP F 146 -17.60 39.00 -78.00
CA ASP F 146 -17.53 37.55 -78.11
C ASP F 146 -17.24 36.79 -76.82
N SER F 147 -16.13 37.15 -76.18
CA SER F 147 -15.66 36.50 -74.95
C SER F 147 -16.69 35.87 -74.02
N GLN F 148 -16.74 36.35 -72.78
CA GLN F 148 -17.67 35.81 -71.79
C GLN F 148 -19.08 35.71 -72.39
N LEU F 149 -19.72 36.85 -72.65
CA LEU F 149 -21.06 36.83 -73.23
C LEU F 149 -21.71 38.18 -73.53
N GLN F 150 -21.93 39.03 -72.53
CA GLN F 150 -22.62 40.30 -72.77
C GLN F 150 -21.94 41.64 -72.44
N PHE F 151 -21.78 42.44 -73.50
CA PHE F 151 -21.16 43.78 -73.48
C PHE F 151 -21.62 44.45 -74.79
N GLU F 152 -21.80 45.77 -74.79
CA GLU F 152 -22.25 46.48 -76.00
C GLU F 152 -21.54 47.82 -76.17
N ALA F 153 -21.37 48.22 -77.43
CA ALA F 153 -20.75 49.50 -77.74
C ALA F 153 -21.88 50.44 -78.17
N ILE F 154 -21.68 51.74 -78.02
CA ILE F 154 -22.70 52.72 -78.40
C ILE F 154 -22.25 53.59 -79.57
N SER F 155 -23.17 53.84 -80.50
CA SER F 155 -22.89 54.64 -81.67
C SER F 155 -22.47 56.06 -81.29
N ASP F 156 -21.90 56.80 -82.23
CA ASP F 156 -21.50 58.17 -81.95
C ASP F 156 -22.72 59.05 -81.66
N GLU F 157 -23.91 58.52 -81.91
CA GLU F 157 -25.18 59.21 -81.66
C GLU F 157 -25.42 59.25 -80.15
N GLU F 158 -25.61 58.07 -79.55
CA GLU F 158 -25.80 57.98 -78.11
C GLU F 158 -24.51 58.47 -77.43
N LYS F 159 -23.37 58.22 -78.09
CA LYS F 159 -22.05 58.59 -77.58
C LYS F 159 -21.88 60.07 -77.26
N THR F 160 -22.14 60.93 -78.24
CA THR F 160 -22.01 62.36 -78.03
C THR F 160 -23.25 62.97 -77.33
N LEU F 161 -24.42 62.37 -77.56
CA LEU F 161 -25.67 62.82 -76.93
C LEU F 161 -25.51 62.86 -75.42
N ARG F 162 -24.86 61.83 -74.89
CA ARG F 162 -24.64 61.70 -73.47
C ARG F 162 -23.17 62.00 -73.15
N GLU F 163 -22.43 62.48 -74.13
CA GLU F 163 -21.01 62.78 -73.90
C GLU F 163 -20.70 63.58 -72.64
N GLN F 164 -21.23 64.79 -72.54
CA GLN F 164 -20.97 65.65 -71.39
C GLN F 164 -21.23 64.96 -70.04
N GLU F 165 -22.34 64.23 -69.95
CA GLU F 165 -22.70 63.52 -68.72
C GLU F 165 -21.72 62.39 -68.36
N ILE F 166 -21.08 61.81 -69.37
CA ILE F 166 -20.09 60.76 -69.18
C ILE F 166 -18.79 61.34 -68.63
N VAL F 167 -18.44 62.55 -69.07
CA VAL F 167 -17.22 63.19 -68.62
C VAL F 167 -17.41 63.79 -67.23
N ALA F 168 -18.67 63.99 -66.83
CA ALA F 168 -18.97 64.53 -65.51
C ALA F 168 -18.89 63.44 -64.46
N SER F 169 -19.27 62.23 -64.86
CA SER F 169 -19.25 61.08 -63.97
C SER F 169 -17.84 60.50 -63.85
N SER F 170 -16.99 60.76 -64.83
CA SER F 170 -15.62 60.24 -64.84
C SER F 170 -14.73 60.83 -63.75
N PRO F 171 -13.53 60.25 -63.58
CA PRO F 171 -12.57 60.70 -62.56
C PRO F 171 -12.16 62.16 -62.68
N SER F 172 -10.98 62.45 -62.14
CA SER F 172 -10.43 63.78 -62.20
C SER F 172 -10.04 64.02 -63.66
N LEU F 173 -10.51 63.10 -64.52
CA LEU F 173 -10.26 63.14 -65.96
C LEU F 173 -10.23 64.58 -66.49
N SER F 174 -9.02 65.10 -66.68
CA SER F 174 -8.80 66.46 -67.16
C SER F 174 -9.59 66.79 -68.42
N GLY F 175 -9.78 68.09 -68.65
CA GLY F 175 -10.50 68.54 -69.83
C GLY F 175 -11.92 68.00 -70.01
N LEU F 176 -12.55 68.45 -71.09
CA LEU F 176 -13.91 68.07 -71.48
C LEU F 176 -13.82 67.08 -72.65
N LYS F 177 -12.60 66.64 -72.92
CA LYS F 177 -12.33 65.73 -74.02
C LYS F 177 -12.74 64.26 -73.82
N LEU F 178 -13.83 63.89 -74.49
CA LEU F 178 -14.34 62.53 -74.45
C LEU F 178 -13.79 61.89 -75.72
N GLY F 179 -12.46 61.85 -75.81
CA GLY F 179 -11.73 61.32 -76.95
C GLY F 179 -12.40 60.32 -77.87
N PHE F 180 -11.63 59.85 -78.85
CA PHE F 180 -12.17 58.86 -79.79
C PHE F 180 -12.31 57.55 -79.02
N GLU F 181 -11.52 57.46 -77.96
CA GLU F 181 -11.49 56.32 -77.06
C GLU F 181 -12.89 55.76 -76.91
N SER F 182 -13.12 54.62 -77.55
CA SER F 182 -14.40 53.95 -77.51
C SER F 182 -15.01 53.86 -76.09
N ILE F 183 -16.34 53.86 -76.01
CA ILE F 183 -17.05 53.76 -74.75
C ILE F 183 -18.04 52.60 -74.74
N TYR F 184 -18.07 51.86 -73.62
CA TYR F 184 -18.94 50.70 -73.50
C TYR F 184 -20.08 50.85 -72.49
N LYS F 185 -21.11 50.02 -72.70
CA LYS F 185 -22.32 50.02 -71.89
C LYS F 185 -22.42 48.66 -71.18
N ILE F 186 -22.22 48.64 -69.86
CA ILE F 186 -22.30 47.38 -69.11
C ILE F 186 -23.33 47.40 -68.00
N PRO F 187 -23.78 46.22 -67.55
CA PRO F 187 -24.78 46.11 -66.47
C PRO F 187 -24.21 46.77 -65.22
N PHE F 188 -24.95 47.71 -64.64
CA PHE F 188 -24.47 48.44 -63.46
C PHE F 188 -23.85 47.52 -62.43
N ALA F 189 -24.41 46.33 -62.32
CA ALA F 189 -23.93 45.34 -61.37
C ALA F 189 -22.46 44.92 -61.60
N ASP F 190 -22.04 44.78 -62.86
CA ASP F 190 -20.68 44.36 -63.15
C ASP F 190 -19.64 45.47 -62.91
N ALA F 191 -20.13 46.70 -62.82
CA ALA F 191 -19.23 47.84 -62.59
C ALA F 191 -19.37 48.33 -61.16
N LEU F 192 -19.82 47.47 -60.26
CA LEU F 192 -19.98 47.85 -58.86
C LEU F 192 -18.76 48.60 -58.40
N ASP F 193 -17.61 47.96 -58.59
CA ASP F 193 -16.31 48.50 -58.22
C ASP F 193 -16.12 49.96 -58.60
N LEU F 194 -16.89 50.43 -59.59
CA LEU F 194 -16.74 51.82 -60.02
C LEU F 194 -17.93 52.75 -59.77
N PHE F 195 -19.17 52.23 -59.77
CA PHE F 195 -20.30 53.12 -59.54
C PHE F 195 -20.48 53.43 -58.07
N ARG F 196 -19.95 52.53 -57.23
CA ARG F 196 -20.01 52.67 -55.78
C ARG F 196 -19.29 53.94 -55.34
N GLY F 197 -18.30 54.34 -56.14
CA GLY F 197 -17.53 55.54 -55.85
C GLY F 197 -17.97 56.68 -56.76
N ARG F 198 -19.03 56.44 -57.53
CA ARG F 198 -19.58 57.42 -58.46
C ARG F 198 -18.51 57.79 -59.48
N LYS F 199 -17.97 56.78 -60.15
CA LYS F 199 -16.90 56.99 -61.12
C LYS F 199 -17.27 56.64 -62.57
N VAL F 200 -18.56 56.61 -62.87
CA VAL F 200 -19.07 56.34 -64.21
C VAL F 200 -20.52 56.76 -64.31
N TYR F 201 -20.97 56.99 -65.53
CA TYR F 201 -22.33 57.42 -65.76
C TYR F 201 -23.29 56.20 -65.77
N LEU F 202 -24.39 56.31 -65.02
CA LEU F 202 -25.40 55.25 -64.91
C LEU F 202 -26.74 55.71 -65.48
N GLU F 203 -27.42 54.82 -66.19
CA GLU F 203 -28.70 55.18 -66.76
C GLU F 203 -29.56 53.93 -66.94
N ASP F 204 -30.77 54.00 -66.40
CA ASP F 204 -31.74 52.90 -66.45
C ASP F 204 -31.07 51.55 -66.24
N GLY F 205 -30.12 51.53 -65.31
CA GLY F 205 -29.44 50.30 -65.00
C GLY F 205 -28.27 49.97 -65.90
N PHE F 206 -27.50 50.98 -66.29
CA PHE F 206 -26.35 50.74 -67.13
C PHE F 206 -25.22 51.72 -66.84
N ALA F 207 -24.00 51.22 -66.94
CA ALA F 207 -22.83 52.04 -66.68
C ALA F 207 -22.10 52.23 -67.97
N TYR F 208 -21.43 53.37 -68.07
CA TYR F 208 -20.67 53.71 -69.26
C TYR F 208 -19.23 53.97 -68.82
N VAL F 209 -18.31 53.14 -69.31
CA VAL F 209 -16.91 53.25 -68.95
C VAL F 209 -16.03 53.08 -70.18
N PRO F 210 -14.78 53.55 -70.12
CA PRO F 210 -13.83 53.44 -71.23
C PRO F 210 -13.09 52.12 -71.25
N LEU F 211 -11.88 52.17 -71.80
CA LEU F 211 -11.03 51.01 -71.91
C LEU F 211 -10.23 50.79 -70.62
N LYS F 212 -9.43 51.78 -70.25
CA LYS F 212 -8.61 51.69 -69.04
C LYS F 212 -9.32 50.89 -67.95
N ASP F 213 -10.39 51.50 -67.42
CA ASP F 213 -11.19 50.92 -66.35
C ASP F 213 -11.84 49.58 -66.73
N ILE F 214 -12.33 49.44 -67.96
CA ILE F 214 -12.94 48.17 -68.40
C ILE F 214 -11.90 47.05 -68.23
N VAL F 215 -10.69 47.31 -68.70
CA VAL F 215 -9.57 46.38 -68.60
C VAL F 215 -9.30 45.95 -67.15
N ALA F 216 -9.01 46.94 -66.31
CA ALA F 216 -8.73 46.67 -64.91
C ALA F 216 -9.81 45.76 -64.30
N ILE F 217 -11.07 45.92 -64.71
CA ILE F 217 -12.15 45.09 -64.18
C ILE F 217 -11.92 43.66 -64.70
N ILE F 218 -11.47 43.55 -65.94
CA ILE F 218 -11.18 42.25 -66.52
C ILE F 218 -10.13 41.58 -65.67
N LEU F 219 -8.98 42.26 -65.58
CA LEU F 219 -7.84 41.81 -64.81
C LEU F 219 -8.28 41.41 -63.39
N ASN F 220 -9.15 42.25 -62.81
CA ASN F 220 -9.74 42.09 -61.47
C ASN F 220 -10.50 40.75 -61.36
N GLU F 221 -11.53 40.57 -62.19
CA GLU F 221 -12.30 39.33 -62.18
C GLU F 221 -11.46 38.16 -62.63
N PHE F 222 -10.37 38.44 -63.36
CA PHE F 222 -9.47 37.38 -63.82
C PHE F 222 -8.64 36.80 -62.68
N ARG F 223 -8.18 37.66 -61.76
CA ARG F 223 -7.40 37.21 -60.61
C ARG F 223 -8.33 36.33 -59.76
N ALA F 224 -9.45 36.90 -59.33
CA ALA F 224 -10.42 36.20 -58.50
C ALA F 224 -10.86 34.84 -59.04
N LYS F 225 -11.05 34.75 -60.34
CA LYS F 225 -11.41 33.45 -60.90
C LYS F 225 -10.18 32.56 -60.86
N LEU F 226 -9.03 33.06 -61.33
CA LEU F 226 -7.81 32.27 -61.34
C LEU F 226 -7.53 31.71 -59.97
N SER F 227 -7.51 32.57 -58.97
CA SER F 227 -7.26 32.10 -57.61
C SER F 227 -8.25 30.96 -57.32
N LYS F 228 -9.53 31.24 -57.52
CA LYS F 228 -10.60 30.27 -57.31
C LYS F 228 -10.21 28.90 -57.83
N ALA F 229 -9.70 28.87 -59.06
CA ALA F 229 -9.28 27.62 -59.70
C ALA F 229 -8.05 27.00 -59.05
N LEU F 230 -6.98 27.77 -58.87
CA LEU F 230 -5.80 27.23 -58.27
C LEU F 230 -6.21 26.51 -57.00
N ALA F 231 -7.37 26.90 -56.49
CA ALA F 231 -7.92 26.27 -55.29
C ALA F 231 -8.44 24.88 -55.62
N LEU F 232 -9.30 24.82 -56.62
CA LEU F 232 -9.86 23.55 -56.97
C LEU F 232 -8.86 22.68 -57.71
N THR F 233 -7.63 23.15 -57.87
CA THR F 233 -6.64 22.34 -58.57
C THR F 233 -5.97 21.50 -57.52
N ALA F 234 -5.75 22.12 -56.37
CA ALA F 234 -5.12 21.42 -55.27
C ALA F 234 -6.04 20.29 -54.79
N ARG F 235 -7.23 20.66 -54.34
CA ARG F 235 -8.22 19.72 -53.84
C ARG F 235 -8.16 18.38 -54.54
N SER F 236 -8.06 18.40 -55.86
CA SER F 236 -8.01 17.16 -56.61
C SER F 236 -6.60 16.82 -57.09
N LEU F 237 -5.60 17.23 -56.34
CA LEU F 237 -4.23 16.92 -56.73
C LEU F 237 -3.88 15.49 -56.31
N PRO F 238 -4.33 15.04 -55.13
CA PRO F 238 -4.04 13.69 -54.63
C PRO F 238 -4.22 12.56 -55.64
N ALA F 239 -5.02 12.80 -56.66
CA ALA F 239 -5.29 11.78 -57.65
C ALA F 239 -4.26 11.69 -58.80
N VAL F 240 -3.05 12.22 -58.57
CA VAL F 240 -2.02 12.18 -59.62
C VAL F 240 -0.60 12.14 -59.05
N GLN F 241 -0.40 12.76 -57.88
CA GLN F 241 0.90 12.77 -57.22
C GLN F 241 1.45 11.36 -57.29
N SER F 242 0.52 10.42 -57.45
CA SER F 242 0.80 8.99 -57.55
C SER F 242 1.63 8.65 -58.80
N ASP F 243 1.37 9.35 -59.90
CA ASP F 243 2.07 9.15 -61.19
C ASP F 243 3.56 9.45 -61.12
N GLU F 244 4.38 8.58 -61.70
CA GLU F 244 5.84 8.76 -61.67
C GLU F 244 6.41 9.82 -62.61
N ARG F 245 5.75 10.01 -63.74
CA ARG F 245 6.20 10.97 -64.75
C ARG F 245 6.06 12.43 -64.33
N LEU F 246 5.16 12.69 -63.39
CA LEU F 246 4.92 14.06 -62.93
C LEU F 246 5.58 14.50 -61.61
N GLN F 247 6.59 13.78 -61.15
CA GLN F 247 7.24 14.20 -59.93
C GLN F 247 8.16 15.33 -60.31
N PRO F 248 8.90 15.17 -61.41
CA PRO F 248 9.81 16.25 -61.83
C PRO F 248 9.15 17.62 -62.08
N LEU F 249 7.82 17.64 -62.15
CA LEU F 249 7.09 18.90 -62.37
C LEU F 249 6.55 19.45 -61.06
N LEU F 250 5.79 18.60 -60.37
CA LEU F 250 5.23 18.96 -59.07
C LEU F 250 6.35 19.47 -58.19
N ASN F 251 7.33 18.59 -57.99
CA ASN F 251 8.45 18.84 -57.12
C ASN F 251 9.59 19.67 -57.62
N HIS F 252 10.01 19.47 -58.86
CA HIS F 252 11.18 20.21 -59.32
C HIS F 252 11.13 21.19 -60.50
N LEU F 253 10.34 22.25 -60.39
CA LEU F 253 10.30 23.28 -61.44
C LEU F 253 10.88 24.54 -60.80
N SER F 254 12.13 24.40 -60.33
CA SER F 254 12.87 25.47 -59.66
C SER F 254 13.79 24.98 -58.51
N HIS F 255 14.15 23.69 -58.48
CA HIS F 255 15.00 23.05 -57.44
C HIS F 255 16.50 23.34 -57.68
N SER F 256 17.25 22.35 -58.14
CA SER F 256 18.65 22.56 -58.43
C SER F 256 18.62 22.72 -59.94
N TYR F 257 17.64 22.05 -60.54
CA TYR F 257 17.44 22.13 -61.97
C TYR F 257 16.73 23.41 -62.43
N THR F 258 17.52 24.23 -63.13
CA THR F 258 17.19 25.55 -63.67
C THR F 258 16.02 25.66 -64.63
N GLY F 259 15.54 26.90 -64.77
CA GLY F 259 14.44 27.20 -65.67
C GLY F 259 14.65 26.46 -66.99
N GLN F 260 15.91 26.15 -67.24
CA GLN F 260 16.35 25.41 -68.42
C GLN F 260 17.79 25.83 -68.60
N ASP F 261 18.63 25.30 -67.74
CA ASP F 261 20.03 25.61 -67.77
C ASP F 261 20.60 25.37 -69.16
N TYR F 262 21.86 25.74 -69.31
CA TYR F 262 22.59 25.56 -70.55
C TYR F 262 23.88 24.83 -70.20
N SER F 263 24.92 25.64 -69.97
CA SER F 263 26.25 25.15 -69.65
C SER F 263 26.24 23.84 -68.89
N THR F 264 26.54 22.77 -69.60
CA THR F 264 26.63 21.46 -69.00
C THR F 264 28.07 21.06 -69.24
N GLN F 265 28.33 19.83 -69.68
CA GLN F 265 29.70 19.42 -69.90
C GLN F 265 30.18 19.49 -71.35
N GLY F 266 31.37 18.95 -71.58
CA GLY F 266 31.96 18.94 -72.90
C GLY F 266 32.44 20.34 -73.23
N ASN F 267 31.77 20.96 -74.19
CA ASN F 267 32.07 22.32 -74.68
C ASN F 267 33.57 22.62 -74.86
N VAL F 268 33.88 23.72 -75.54
CA VAL F 268 35.27 24.05 -75.79
C VAL F 268 35.71 25.40 -75.22
N GLY F 269 37.03 25.63 -75.26
CA GLY F 269 37.65 26.85 -74.76
C GLY F 269 39.12 26.59 -74.52
N LYS F 270 39.93 27.63 -74.47
CA LYS F 270 41.36 27.47 -74.25
C LYS F 270 41.86 28.45 -73.20
N ILE F 271 42.06 27.97 -71.98
CA ILE F 271 42.52 28.81 -70.87
C ILE F 271 43.96 28.55 -70.43
N SER F 272 44.78 29.59 -70.41
CA SER F 272 46.14 29.44 -69.94
C SER F 272 45.92 29.51 -68.43
N LEU F 273 46.95 29.26 -67.62
CA LEU F 273 46.74 29.28 -66.18
C LEU F 273 46.96 30.60 -65.47
N ASP F 274 48.09 31.23 -65.75
CA ASP F 274 48.45 32.50 -65.11
C ASP F 274 47.51 33.65 -65.42
N GLN F 275 46.39 33.32 -66.07
CA GLN F 275 45.44 34.36 -66.44
C GLN F 275 44.21 34.36 -65.55
N ILE F 276 43.89 33.19 -64.99
CA ILE F 276 42.74 33.08 -64.14
C ILE F 276 42.64 34.27 -63.21
N ASP F 277 43.73 34.56 -62.51
CA ASP F 277 43.75 35.69 -61.58
C ASP F 277 43.08 36.94 -62.20
N LEU F 278 43.54 37.34 -63.39
CA LEU F 278 42.99 38.50 -64.10
C LEU F 278 41.50 38.34 -64.33
N LEU F 279 41.14 37.20 -64.91
CA LEU F 279 39.75 36.87 -65.22
C LEU F 279 38.91 36.93 -63.96
N SER F 280 39.56 36.74 -62.82
CA SER F 280 38.87 36.77 -61.54
C SER F 280 38.23 38.12 -61.31
N THR F 281 38.89 39.17 -61.77
CA THR F 281 38.42 40.53 -61.61
C THR F 281 37.35 40.90 -62.62
N LYS F 282 37.61 40.50 -63.85
CA LYS F 282 36.74 40.84 -64.95
C LYS F 282 35.80 39.77 -65.52
N SER F 283 35.97 38.51 -65.12
CA SER F 283 35.13 37.45 -65.70
C SER F 283 34.18 36.64 -64.77
N PHE F 284 34.73 35.90 -63.81
CA PHE F 284 33.88 35.12 -62.92
C PHE F 284 32.93 36.07 -62.26
N PRO F 285 31.81 35.57 -61.71
CA PRO F 285 30.84 36.42 -61.03
C PRO F 285 31.24 36.51 -59.54
N PRO F 286 30.40 37.15 -58.70
CA PRO F 286 30.72 37.29 -57.28
C PRO F 286 31.13 35.98 -56.63
N CYS F 287 30.22 35.00 -56.73
CA CYS F 287 30.41 33.69 -56.14
C CYS F 287 31.82 33.20 -56.35
N MET F 288 32.17 32.78 -57.56
CA MET F 288 33.52 32.30 -57.79
C MET F 288 34.62 33.29 -57.39
N ARG F 289 34.39 34.60 -57.58
CA ARG F 289 35.42 35.57 -57.22
C ARG F 289 35.87 35.31 -55.81
N GLN F 290 34.90 35.13 -54.93
CA GLN F 290 35.16 34.84 -53.51
C GLN F 290 36.03 33.61 -53.33
N LEU F 291 35.64 32.54 -54.00
CA LEU F 291 36.35 31.28 -53.89
C LEU F 291 37.80 31.31 -54.34
N HIS F 292 38.08 31.89 -55.50
CA HIS F 292 39.47 31.89 -55.90
C HIS F 292 40.26 32.55 -54.77
N LYS F 293 39.92 33.79 -54.43
CA LYS F 293 40.64 34.48 -53.37
C LYS F 293 40.85 33.53 -52.22
N ALA F 294 39.80 32.84 -51.83
CA ALA F 294 39.89 31.90 -50.73
C ALA F 294 41.03 30.95 -51.01
N LEU F 295 40.88 30.15 -52.06
CA LEU F 295 41.92 29.18 -52.43
C LEU F 295 43.32 29.76 -52.62
N ARG F 296 43.42 31.04 -52.95
CA ARG F 296 44.73 31.63 -53.13
C ARG F 296 45.26 32.14 -51.80
N GLU F 297 44.39 32.79 -51.03
CA GLU F 297 44.80 33.31 -49.73
C GLU F 297 45.11 32.19 -48.76
N ASN F 298 44.10 31.35 -48.53
CA ASN F 298 44.17 30.26 -47.58
C ASN F 298 44.81 28.93 -48.03
N HIS F 299 45.16 28.82 -49.31
CA HIS F 299 45.80 27.60 -49.82
C HIS F 299 45.01 26.31 -49.57
N HIS F 300 43.69 26.41 -49.66
CA HIS F 300 42.83 25.27 -49.41
C HIS F 300 41.37 25.73 -49.46
N LEU F 301 40.43 24.80 -49.47
CA LEU F 301 39.02 25.17 -49.51
C LEU F 301 38.19 24.03 -48.96
N ARG F 302 37.14 24.37 -48.21
CA ARG F 302 36.27 23.36 -47.62
C ARG F 302 35.63 22.43 -48.65
N HIS F 303 34.96 21.39 -48.18
CA HIS F 303 34.32 20.46 -49.09
C HIS F 303 33.41 21.24 -50.00
N GLY F 304 32.34 21.78 -49.43
CA GLY F 304 31.39 22.55 -50.21
C GLY F 304 32.04 23.36 -51.32
N GLY F 305 33.21 23.92 -51.04
CA GLY F 305 33.90 24.74 -52.02
C GLY F 305 34.66 24.06 -53.14
N ARG F 306 35.47 23.06 -52.80
CA ARG F 306 36.25 22.38 -53.84
C ARG F 306 35.35 21.93 -54.96
N MET F 307 34.03 21.90 -54.71
CA MET F 307 33.04 21.47 -55.71
C MET F 307 32.40 22.59 -56.54
N GLN F 308 31.88 23.62 -55.87
CA GLN F 308 31.28 24.71 -56.60
C GLN F 308 32.29 25.16 -57.63
N TYR F 309 33.38 25.75 -57.15
CA TYR F 309 34.44 26.23 -58.02
C TYR F 309 35.03 25.05 -58.83
N GLY F 310 35.47 24.00 -58.16
CA GLY F 310 36.03 22.87 -58.88
C GLY F 310 35.35 22.61 -60.22
N LEU F 311 34.06 22.31 -60.19
CA LEU F 311 33.29 22.05 -61.41
C LEU F 311 33.43 23.23 -62.35
N PHE F 312 32.69 24.29 -62.03
CA PHE F 312 32.73 25.52 -62.77
C PHE F 312 34.02 25.68 -63.58
N LEU F 313 35.15 25.26 -63.01
CA LEU F 313 36.43 25.38 -63.69
C LEU F 313 36.52 24.49 -64.92
N LYS F 314 35.92 23.31 -64.85
CA LYS F 314 35.94 22.40 -66.00
C LYS F 314 35.01 22.99 -67.04
N GLY F 315 33.89 23.53 -66.56
CA GLY F 315 32.90 24.13 -67.42
C GLY F 315 33.45 25.29 -68.23
N ILE F 316 34.36 26.04 -67.62
CA ILE F 316 34.93 27.14 -68.34
C ILE F 316 35.90 26.44 -69.30
N GLY F 317 36.12 25.15 -69.11
CA GLY F 317 36.99 24.43 -70.00
C GLY F 317 38.31 23.88 -69.48
N LEU F 318 38.48 23.83 -68.17
CA LEU F 318 39.73 23.29 -67.67
C LEU F 318 39.93 21.89 -68.24
N THR F 319 41.18 21.45 -68.19
CA THR F 319 41.56 20.14 -68.67
C THR F 319 41.88 19.26 -67.47
N LEU F 320 41.73 17.96 -67.63
CA LEU F 320 42.02 17.04 -66.54
C LEU F 320 43.37 17.40 -65.97
N GLU F 321 44.38 17.32 -66.82
CA GLU F 321 45.74 17.63 -66.42
C GLU F 321 45.79 18.91 -65.59
N GLN F 322 45.30 20.00 -66.18
CA GLN F 322 45.32 21.31 -65.53
C GLN F 322 44.63 21.32 -64.17
N ALA F 323 43.41 20.80 -64.10
CA ALA F 323 42.69 20.79 -62.84
C ALA F 323 43.61 20.31 -61.72
N LEU F 324 44.16 19.11 -61.87
CA LEU F 324 45.07 18.53 -60.89
C LEU F 324 46.15 19.56 -60.62
N GLN F 325 46.81 19.97 -61.70
CA GLN F 325 47.85 20.98 -61.63
C GLN F 325 47.36 22.09 -60.69
N PHE F 326 46.33 22.79 -61.13
CA PHE F 326 45.71 23.89 -60.39
C PHE F 326 45.71 23.65 -58.90
N TRP F 327 44.83 22.76 -58.47
CA TRP F 327 44.71 22.44 -57.04
C TRP F 327 46.01 21.97 -56.41
N LYS F 328 46.57 20.88 -56.95
CA LYS F 328 47.82 20.32 -56.42
C LYS F 328 48.76 21.44 -55.97
N GLN F 329 49.35 22.13 -56.94
CA GLN F 329 50.26 23.22 -56.64
C GLN F 329 49.62 24.29 -55.76
N GLU F 330 48.29 24.34 -55.73
CA GLU F 330 47.62 25.32 -54.91
C GLU F 330 47.32 24.73 -53.53
N PHE F 331 47.67 23.45 -53.35
CA PHE F 331 47.48 22.78 -52.07
C PHE F 331 48.83 22.52 -51.41
N ILE F 332 49.89 22.61 -52.22
CA ILE F 332 51.25 22.42 -51.74
C ILE F 332 51.83 23.72 -51.16
N LYS F 333 51.21 24.85 -51.49
CA LYS F 333 51.62 26.16 -50.95
C LYS F 333 51.00 26.15 -49.55
N GLY F 334 50.05 25.23 -49.36
CA GLY F 334 49.38 25.06 -48.08
C GLY F 334 50.19 24.10 -47.24
N LYS F 335 51.40 23.83 -47.72
CA LYS F 335 52.38 22.96 -47.07
C LYS F 335 51.89 21.54 -46.78
N MET F 336 51.22 20.93 -47.75
CA MET F 336 50.75 19.56 -47.56
C MET F 336 51.77 18.55 -48.11
N ASP F 337 51.43 17.27 -48.00
CA ASP F 337 52.28 16.18 -48.47
C ASP F 337 51.91 15.93 -49.94
N PRO F 338 52.85 16.18 -50.87
CA PRO F 338 52.57 15.97 -52.30
C PRO F 338 51.90 14.62 -52.55
N ASP F 339 52.30 13.64 -51.76
CA ASP F 339 51.77 12.30 -51.90
C ASP F 339 50.36 12.20 -51.29
N LYS F 340 50.10 12.98 -50.23
CA LYS F 340 48.78 12.93 -49.58
C LYS F 340 47.67 13.49 -50.47
N PHE F 341 48.03 14.40 -51.39
CA PHE F 341 47.04 14.96 -52.30
C PHE F 341 46.49 13.80 -53.10
N ASP F 342 47.36 13.20 -53.91
CA ASP F 342 46.99 12.06 -54.71
C ASP F 342 46.11 11.15 -53.89
N LYS F 343 46.69 10.62 -52.82
CA LYS F 343 45.97 9.71 -51.94
C LYS F 343 44.60 10.23 -51.47
N GLY F 344 44.46 11.54 -51.33
CA GLY F 344 43.19 12.07 -50.87
C GLY F 344 42.35 12.93 -51.81
N TYR F 345 43.00 13.69 -52.70
CA TYR F 345 42.26 14.57 -53.61
C TYR F 345 42.27 14.16 -55.06
N SER F 346 43.40 13.62 -55.52
CA SER F 346 43.52 13.16 -56.89
C SER F 346 42.28 12.36 -57.23
N TYR F 347 41.95 11.37 -56.40
CA TYR F 347 40.78 10.52 -56.63
C TYR F 347 39.55 11.31 -57.06
N ASN F 348 39.00 12.09 -56.13
CA ASN F 348 37.82 12.87 -56.43
C ASN F 348 37.96 13.68 -57.73
N ILE F 349 39.05 14.43 -57.86
CA ILE F 349 39.28 15.27 -59.05
C ILE F 349 39.28 14.51 -60.38
N ARG F 350 39.77 13.26 -60.40
CA ARG F 350 39.79 12.46 -61.63
C ARG F 350 38.37 12.04 -62.00
N HIS F 351 37.57 11.74 -60.99
CA HIS F 351 36.18 11.34 -61.15
C HIS F 351 35.45 12.51 -61.85
N SER F 352 35.34 13.62 -61.13
CA SER F 352 34.69 14.83 -61.63
C SER F 352 34.61 14.89 -63.16
N PHE F 353 35.75 15.15 -63.80
CA PHE F 353 35.84 15.22 -65.26
C PHE F 353 35.16 14.03 -65.89
N GLY F 354 35.84 12.90 -65.76
CA GLY F 354 35.41 11.63 -66.33
C GLY F 354 33.98 11.11 -66.35
N LYS F 355 33.90 9.82 -66.03
CA LYS F 355 32.69 9.02 -66.05
C LYS F 355 31.42 9.24 -65.22
N GLU F 356 30.67 8.14 -65.12
CA GLU F 356 29.38 8.06 -64.45
C GLU F 356 29.33 8.48 -62.99
N GLY F 357 28.14 8.32 -62.40
CA GLY F 357 27.90 8.68 -61.02
C GLY F 357 27.68 10.16 -60.96
N LYS F 358 27.17 10.68 -62.07
CA LYS F 358 26.94 12.10 -62.30
C LYS F 358 25.63 12.71 -61.79
N ARG F 359 25.52 14.03 -61.98
CA ARG F 359 24.38 14.84 -61.60
C ARG F 359 24.75 15.66 -60.41
N THR F 360 25.99 15.52 -59.98
CA THR F 360 26.49 16.27 -58.84
C THR F 360 27.98 16.09 -58.74
N ASP F 361 28.58 15.68 -59.85
CA ASP F 361 30.03 15.47 -59.88
C ASP F 361 30.56 15.92 -61.24
N TYR F 362 29.65 16.39 -62.08
CA TYR F 362 30.04 16.82 -63.39
C TYR F 362 29.15 17.97 -63.83
N THR F 363 28.04 18.16 -63.12
CA THR F 363 27.06 19.19 -63.44
C THR F 363 27.34 20.58 -62.91
N PRO F 364 28.37 21.30 -63.44
CA PRO F 364 28.60 22.63 -62.88
C PRO F 364 27.33 23.30 -62.39
N PHE F 365 27.42 23.63 -61.12
CA PHE F 365 26.35 24.22 -60.37
C PHE F 365 25.59 25.26 -61.11
N SER F 366 24.29 25.15 -61.02
CA SER F 366 23.41 26.10 -61.62
C SER F 366 23.37 27.19 -60.58
N CYS F 367 22.84 28.34 -60.95
CA CYS F 367 22.73 29.40 -59.96
C CYS F 367 21.63 29.02 -59.00
N LEU F 368 20.43 28.77 -59.53
CA LEU F 368 19.36 28.42 -58.65
C LEU F 368 19.84 27.39 -57.68
N LYS F 369 20.82 26.61 -58.09
CA LYS F 369 21.39 25.63 -57.18
C LYS F 369 22.09 26.38 -56.06
N ILE F 370 23.30 26.86 -56.34
CA ILE F 370 24.09 27.56 -55.35
C ILE F 370 23.32 28.46 -54.44
N ILE F 371 22.09 28.76 -54.82
CA ILE F 371 21.26 29.60 -54.00
C ILE F 371 20.38 28.86 -53.02
N LEU F 372 19.90 27.68 -53.39
CA LEU F 372 18.99 27.00 -52.48
C LEU F 372 19.45 25.74 -51.72
N SER F 373 20.67 25.27 -51.99
CA SER F 373 21.21 24.09 -51.31
C SER F 373 22.53 24.46 -50.67
N ASN F 374 22.99 23.63 -49.73
CA ASN F 374 24.26 23.83 -49.06
C ASN F 374 24.65 25.24 -48.60
N PRO F 375 23.75 25.93 -47.86
CA PRO F 375 24.22 27.27 -47.46
C PRO F 375 25.61 27.16 -46.85
N PRO F 376 26.25 28.29 -46.61
CA PRO F 376 27.57 28.15 -46.01
C PRO F 376 27.65 28.53 -44.52
N SER F 377 28.64 27.96 -43.83
CA SER F 377 28.88 28.18 -42.39
C SER F 377 30.21 28.90 -42.23
N GLN F 378 30.56 29.24 -40.99
CA GLN F 378 31.82 29.90 -40.72
C GLN F 378 32.92 28.97 -41.23
N GLY F 379 33.75 29.46 -42.14
CA GLY F 379 34.82 28.66 -42.71
C GLY F 379 34.61 28.40 -44.20
N ASP F 380 33.34 28.46 -44.60
CA ASP F 380 32.92 28.24 -45.99
C ASP F 380 32.81 29.54 -46.77
N TYR F 381 33.31 29.52 -48.00
CA TYR F 381 33.25 30.71 -48.83
C TYR F 381 32.48 30.42 -50.13
N HIS F 382 31.69 29.34 -50.12
CA HIS F 382 30.88 28.96 -51.28
C HIS F 382 29.49 29.58 -51.20
N GLY F 383 28.60 29.18 -52.11
CA GLY F 383 27.26 29.73 -52.06
C GLY F 383 27.22 31.05 -52.80
N CYS F 384 26.05 31.67 -52.85
CA CYS F 384 25.90 32.96 -53.53
C CYS F 384 26.01 34.10 -52.58
N PRO F 385 26.85 35.06 -52.91
CA PRO F 385 27.00 36.21 -52.05
C PRO F 385 25.66 36.94 -51.94
N PHE F 386 25.21 37.50 -53.05
CA PHE F 386 23.95 38.26 -53.09
C PHE F 386 22.87 37.68 -52.23
N ARG F 387 22.95 36.38 -52.01
CA ARG F 387 21.96 35.71 -51.20
C ARG F 387 22.42 35.52 -49.79
N HIS F 388 23.50 34.75 -49.67
CA HIS F 388 24.10 34.36 -48.39
C HIS F 388 24.88 35.37 -47.54
N SER F 389 25.63 36.28 -48.15
CA SER F 389 26.37 37.24 -47.36
C SER F 389 25.39 38.27 -46.78
N ASP F 390 25.65 38.75 -45.57
CA ASP F 390 24.76 39.72 -44.94
C ASP F 390 24.91 41.13 -45.52
N PRO F 391 23.80 41.87 -45.53
CA PRO F 391 23.78 43.25 -46.06
C PRO F 391 25.09 44.05 -45.94
N GLU F 392 25.44 44.45 -44.71
CA GLU F 392 26.66 45.23 -44.49
C GLU F 392 27.91 44.60 -45.07
N LEU F 393 28.21 43.35 -44.69
CA LEU F 393 29.39 42.69 -45.22
C LEU F 393 29.37 42.81 -46.74
N LEU F 394 28.25 42.44 -47.35
CA LEU F 394 28.15 42.52 -48.80
C LEU F 394 28.54 43.91 -49.23
N LYS F 395 27.91 44.90 -48.59
CA LYS F 395 28.17 46.29 -48.87
C LYS F 395 29.70 46.50 -48.90
N GLN F 396 30.37 46.02 -47.86
CA GLN F 396 31.82 46.15 -47.72
C GLN F 396 32.52 45.40 -48.84
N LYS F 397 31.94 44.28 -49.26
CA LYS F 397 32.52 43.48 -50.33
C LYS F 397 32.46 44.23 -51.65
N LEU F 398 31.23 44.58 -52.05
CA LEU F 398 30.96 45.29 -53.30
C LEU F 398 31.74 46.59 -53.50
N GLN F 399 32.08 47.27 -52.40
CA GLN F 399 32.83 48.50 -52.52
C GLN F 399 34.26 48.19 -52.97
N SER F 400 34.80 47.03 -52.59
CA SER F 400 36.15 46.63 -52.98
C SER F 400 36.22 46.37 -54.48
N TYR F 401 35.08 46.00 -55.05
CA TYR F 401 34.94 45.72 -56.48
C TYR F 401 34.82 47.04 -57.21
N LYS F 402 34.65 48.11 -56.44
CA LYS F 402 34.52 49.45 -56.96
C LYS F 402 33.24 49.65 -57.77
N ILE F 403 32.12 49.52 -57.08
CA ILE F 403 30.82 49.71 -57.70
C ILE F 403 30.14 50.94 -57.18
N SER F 404 29.90 51.90 -58.06
CA SER F 404 29.24 53.14 -57.70
C SER F 404 28.34 53.00 -56.48
N PRO F 405 28.63 53.76 -55.43
CA PRO F 405 27.84 53.74 -54.18
C PRO F 405 26.34 53.91 -54.40
N GLY F 406 25.98 54.50 -55.54
CA GLY F 406 24.57 54.66 -55.86
C GLY F 406 24.21 53.35 -56.53
N GLY F 407 25.20 52.80 -57.24
CA GLY F 407 25.00 51.53 -57.92
C GLY F 407 24.76 50.48 -56.86
N ILE F 408 25.68 50.41 -55.91
CA ILE F 408 25.51 49.43 -54.88
C ILE F 408 24.10 49.62 -54.31
N SER F 409 23.61 50.86 -54.31
CA SER F 409 22.26 51.16 -53.81
C SER F 409 21.16 50.38 -54.51
N GLN F 410 21.35 50.09 -55.80
CA GLN F 410 20.36 49.34 -56.58
C GLN F 410 20.46 47.87 -56.18
N ILE F 411 21.63 47.29 -56.41
CA ILE F 411 21.88 45.90 -56.08
C ILE F 411 21.19 45.45 -54.78
N LEU F 412 21.56 46.07 -53.67
CA LEU F 412 20.94 45.69 -52.42
C LEU F 412 19.42 45.86 -52.45
N ASP F 413 18.90 46.84 -53.18
CA ASP F 413 17.45 47.03 -53.25
C ASP F 413 16.88 45.75 -53.80
N LEU F 414 17.66 45.15 -54.68
CA LEU F 414 17.27 43.90 -55.29
C LEU F 414 17.39 42.81 -54.25
N VAL F 415 18.61 42.59 -53.76
CA VAL F 415 18.81 41.57 -52.76
C VAL F 415 17.67 41.60 -51.75
N LYS F 416 17.13 42.78 -51.47
CA LYS F 416 16.03 42.88 -50.52
C LYS F 416 14.76 42.28 -51.13
N GLY F 417 14.68 42.26 -52.45
CA GLY F 417 13.52 41.69 -53.10
C GLY F 417 13.66 40.18 -53.26
N THR F 418 14.91 39.71 -53.20
CA THR F 418 15.27 38.29 -53.32
C THR F 418 15.64 37.90 -54.75
N HIS F 419 15.65 38.89 -55.65
CA HIS F 419 15.95 38.66 -57.05
C HIS F 419 17.45 38.54 -57.21
N TYR F 420 18.02 37.68 -56.40
CA TYR F 420 19.44 37.48 -56.31
C TYR F 420 20.34 37.53 -57.53
N GLN F 421 20.10 36.70 -58.51
CA GLN F 421 20.97 36.75 -59.69
C GLN F 421 20.77 38.06 -60.47
N VAL F 422 19.54 38.57 -60.49
CA VAL F 422 19.22 39.84 -61.17
C VAL F 422 20.27 40.84 -60.78
N ALA F 423 20.59 40.80 -59.50
CA ALA F 423 21.58 41.67 -58.92
C ALA F 423 22.90 41.34 -59.60
N CYS F 424 23.23 40.06 -59.65
CA CYS F 424 24.45 39.64 -60.30
C CYS F 424 24.44 40.31 -61.67
N GLN F 425 23.27 40.32 -62.29
CA GLN F 425 23.12 40.95 -63.59
C GLN F 425 23.59 42.38 -63.44
N LYS F 426 22.85 43.14 -62.65
CA LYS F 426 23.20 44.52 -62.42
C LYS F 426 24.69 44.70 -62.18
N TYR F 427 25.34 43.67 -61.62
CA TYR F 427 26.78 43.75 -61.40
C TYR F 427 27.53 43.49 -62.69
N PHE F 428 27.01 42.57 -63.52
CA PHE F 428 27.66 42.25 -64.79
C PHE F 428 27.81 43.53 -65.59
N GLU F 429 26.69 44.20 -65.75
CA GLU F 429 26.60 45.44 -66.47
C GLU F 429 27.65 46.46 -66.02
N MET F 430 27.67 46.76 -64.74
CA MET F 430 28.61 47.74 -64.26
C MET F 430 30.10 47.42 -64.43
N ILE F 431 30.51 46.21 -64.09
CA ILE F 431 31.92 45.83 -64.23
C ILE F 431 32.32 45.80 -65.69
N HIS F 432 31.31 45.64 -66.54
CA HIS F 432 31.48 45.55 -67.99
C HIS F 432 31.11 46.80 -68.77
N ASN F 433 30.46 47.74 -68.11
CA ASN F 433 30.08 48.98 -68.74
C ASN F 433 29.09 48.78 -69.91
N VAL F 434 27.78 48.82 -69.62
CA VAL F 434 26.71 48.72 -70.64
C VAL F 434 25.38 49.04 -69.95
N ASP F 435 24.31 49.23 -70.72
CA ASP F 435 23.02 49.54 -70.11
C ASP F 435 22.20 48.30 -69.97
N ASP F 436 22.52 47.31 -70.79
CA ASP F 436 21.83 46.03 -70.73
C ASP F 436 22.77 44.92 -71.21
N CYS F 437 23.01 43.94 -70.34
CA CYS F 437 23.90 42.80 -70.59
C CYS F 437 23.47 42.08 -71.84
N GLY F 438 22.15 41.99 -72.00
CA GLY F 438 21.57 41.32 -73.14
C GLY F 438 21.27 39.84 -72.96
N PHE F 439 20.66 39.49 -71.83
CA PHE F 439 20.29 38.09 -71.54
C PHE F 439 19.92 37.93 -70.05
N SER F 440 19.15 36.91 -69.73
CA SER F 440 18.77 36.71 -68.34
C SER F 440 19.63 35.63 -67.76
N LEU F 441 20.49 36.02 -66.81
CA LEU F 441 21.41 35.09 -66.19
C LEU F 441 20.74 34.04 -65.33
N ASN F 442 21.42 32.91 -65.22
CA ASN F 442 20.94 31.81 -64.41
C ASN F 442 21.99 30.72 -64.24
N HIS F 443 23.27 31.08 -64.37
CA HIS F 443 24.35 30.14 -64.15
C HIS F 443 25.74 30.68 -64.31
N PRO F 444 26.58 30.52 -63.28
CA PRO F 444 27.96 31.02 -63.33
C PRO F 444 28.71 30.94 -64.66
N ASN F 445 29.07 29.75 -65.15
CA ASN F 445 29.79 29.71 -66.43
C ASN F 445 29.21 30.66 -67.52
N GLN F 446 27.89 30.61 -67.69
CA GLN F 446 27.20 31.47 -68.64
C GLN F 446 27.74 32.86 -68.34
N PHE F 447 27.51 33.33 -67.13
CA PHE F 447 28.02 34.63 -66.73
C PHE F 447 29.50 34.69 -67.03
N PHE F 448 30.15 33.55 -67.15
CA PHE F 448 31.55 33.59 -67.44
C PHE F 448 31.71 33.94 -68.87
N CYS F 449 31.04 33.19 -69.75
CA CYS F 449 31.13 33.41 -71.20
C CYS F 449 30.72 34.81 -71.75
N GLU F 450 29.55 35.28 -71.35
CA GLU F 450 29.10 36.59 -71.78
C GLU F 450 30.25 37.55 -71.54
N SER F 451 30.86 37.43 -70.37
CA SER F 451 32.00 38.26 -69.98
C SER F 451 33.19 38.01 -70.92
N GLN F 452 33.12 36.94 -71.70
CA GLN F 452 34.17 36.64 -72.66
C GLN F 452 33.79 37.12 -74.05
N ARG F 453 32.51 36.99 -74.40
CA ARG F 453 32.04 37.45 -75.70
C ARG F 453 32.41 38.94 -75.73
N ILE F 454 32.18 39.58 -74.59
CA ILE F 454 32.47 40.97 -74.42
C ILE F 454 33.98 41.17 -74.37
N LEU F 455 34.70 40.11 -73.96
CA LEU F 455 36.16 40.13 -73.89
C LEU F 455 36.78 41.10 -72.87
N GLU G 4 -35.11 1.65 1.91
CA GLU G 4 -35.51 0.27 2.33
C GLU G 4 -34.32 -0.60 2.70
N GLN G 5 -33.43 -0.79 1.73
CA GLN G 5 -32.24 -1.60 1.92
C GLN G 5 -31.35 -1.35 0.71
N VAL G 6 -30.04 -1.40 0.90
CA VAL G 6 -29.15 -1.11 -0.21
C VAL G 6 -27.68 -1.29 0.10
N PHE G 7 -26.89 -1.61 -0.92
CA PHE G 7 -25.46 -1.81 -0.73
C PHE G 7 -24.57 -1.22 -1.82
N HIS G 8 -23.37 -0.81 -1.44
CA HIS G 8 -22.39 -0.18 -2.35
C HIS G 8 -21.36 -1.16 -2.90
N PHE G 9 -20.76 -0.85 -4.05
CA PHE G 9 -19.73 -1.71 -4.63
C PHE G 9 -19.11 -1.14 -5.89
N TYR G 10 -17.79 -1.12 -5.88
CA TYR G 10 -16.99 -0.60 -6.98
C TYR G 10 -16.82 -1.67 -8.04
N TRP G 11 -17.32 -1.42 -9.25
CA TRP G 11 -17.20 -2.45 -10.28
C TRP G 11 -15.91 -2.43 -11.10
N LEU G 12 -15.88 -3.17 -12.20
CA LEU G 12 -14.67 -3.28 -13.02
C LEU G 12 -14.92 -3.67 -14.49
N ASP G 13 -15.53 -4.83 -14.66
CA ASP G 13 -15.84 -5.39 -15.97
C ASP G 13 -17.36 -5.69 -15.98
N ALA G 14 -17.84 -6.29 -17.06
CA ALA G 14 -19.25 -6.62 -17.16
C ALA G 14 -19.44 -7.60 -18.31
N TYR G 15 -20.70 -7.93 -18.59
CA TYR G 15 -20.98 -8.90 -19.62
C TYR G 15 -22.48 -9.06 -19.83
N GLU G 16 -22.84 -9.27 -21.08
CA GLU G 16 -24.23 -9.46 -21.43
C GLU G 16 -24.32 -10.66 -22.37
N ASP G 17 -25.32 -11.48 -22.11
CA ASP G 17 -25.60 -12.66 -22.90
C ASP G 17 -26.88 -12.34 -23.69
N GLN G 18 -26.75 -11.76 -24.87
CA GLN G 18 -27.91 -11.41 -25.69
C GLN G 18 -28.65 -12.66 -26.11
N TYR G 19 -27.92 -13.54 -26.79
CA TYR G 19 -28.41 -14.84 -27.26
C TYR G 19 -29.25 -15.48 -26.14
N ASN G 20 -28.57 -15.92 -25.08
CA ASN G 20 -29.22 -16.59 -23.94
C ASN G 20 -30.02 -15.69 -22.98
N GLN G 21 -29.39 -14.68 -22.38
CA GLN G 21 -30.10 -13.82 -21.43
C GLN G 21 -30.11 -12.34 -21.80
N PRO G 22 -30.99 -11.97 -22.71
CA PRO G 22 -31.13 -10.59 -23.15
C PRO G 22 -31.78 -9.76 -22.06
N GLY G 23 -31.62 -8.45 -22.12
CA GLY G 23 -32.21 -7.58 -21.12
C GLY G 23 -31.60 -7.79 -19.76
N VAL G 24 -30.38 -8.33 -19.75
CA VAL G 24 -29.67 -8.56 -18.50
C VAL G 24 -28.17 -8.46 -18.69
N VAL G 25 -27.52 -7.74 -17.78
CA VAL G 25 -26.08 -7.60 -17.83
C VAL G 25 -25.51 -7.83 -16.47
N PHE G 26 -24.33 -8.43 -16.46
CA PHE G 26 -23.67 -8.75 -15.22
C PHE G 26 -22.54 -7.75 -14.93
N LEU G 27 -22.55 -7.19 -13.72
CA LEU G 27 -21.54 -6.22 -13.29
C LEU G 27 -20.64 -6.85 -12.24
N PHE G 28 -19.39 -7.11 -12.58
CA PHE G 28 -18.46 -7.69 -11.62
C PHE G 28 -17.73 -6.58 -10.91
N GLY G 29 -17.20 -6.87 -9.74
CA GLY G 29 -16.49 -5.83 -9.04
C GLY G 29 -15.94 -6.20 -7.69
N LYS G 30 -16.28 -5.38 -6.71
CA LYS G 30 -15.79 -5.64 -5.38
C LYS G 30 -16.63 -4.92 -4.36
N VAL G 31 -16.81 -5.62 -3.24
CA VAL G 31 -17.57 -5.14 -2.10
C VAL G 31 -16.72 -5.30 -0.85
N TRP G 32 -17.02 -4.49 0.15
CA TRP G 32 -16.27 -4.54 1.39
C TRP G 32 -17.09 -5.19 2.47
N ILE G 33 -16.43 -6.00 3.28
CA ILE G 33 -17.12 -6.68 4.38
C ILE G 33 -16.39 -6.64 5.72
N GLU G 34 -16.95 -5.87 6.65
CA GLU G 34 -16.39 -5.72 8.00
C GLU G 34 -15.94 -7.08 8.51
N SER G 35 -16.88 -8.02 8.50
CA SER G 35 -16.63 -9.36 8.98
C SER G 35 -15.28 -9.94 8.54
N ALA G 36 -14.73 -9.46 7.45
CA ALA G 36 -13.47 -10.03 7.01
C ALA G 36 -12.27 -9.09 6.94
N GLU G 37 -12.48 -7.79 7.13
CA GLU G 37 -11.40 -6.81 7.09
C GLU G 37 -10.56 -6.79 5.78
N THR G 38 -11.24 -7.05 4.65
CA THR G 38 -10.69 -7.06 3.27
C THR G 38 -11.88 -7.21 2.28
N HIS G 39 -11.78 -6.70 1.06
CA HIS G 39 -12.92 -6.82 0.13
C HIS G 39 -12.92 -8.14 -0.64
N VAL G 40 -14.09 -8.50 -1.17
CA VAL G 40 -14.22 -9.74 -1.94
C VAL G 40 -14.81 -9.48 -3.29
N SER G 41 -14.58 -10.42 -4.20
CA SER G 41 -15.15 -10.33 -5.53
C SER G 41 -16.62 -10.12 -5.28
N CYS G 42 -17.36 -9.71 -6.30
CA CYS G 42 -18.76 -9.43 -6.08
C CYS G 42 -19.55 -9.22 -7.35
N CYS G 43 -20.54 -10.07 -7.59
CA CYS G 43 -21.33 -9.88 -8.79
C CYS G 43 -22.76 -9.43 -8.55
N VAL G 44 -23.20 -8.50 -9.39
CA VAL G 44 -24.56 -7.99 -9.31
C VAL G 44 -25.23 -8.16 -10.65
N MET G 45 -26.45 -8.65 -10.62
CA MET G 45 -27.19 -8.86 -11.86
C MET G 45 -28.19 -7.73 -12.08
N VAL G 46 -28.28 -7.28 -13.32
CA VAL G 46 -29.18 -6.20 -13.73
C VAL G 46 -30.17 -6.76 -14.74
N LYS G 47 -31.44 -6.84 -14.34
CA LYS G 47 -32.46 -7.36 -15.23
C LYS G 47 -33.41 -6.25 -15.64
N ASN G 48 -34.19 -6.55 -16.67
CA ASN G 48 -35.17 -5.63 -17.20
C ASN G 48 -34.56 -4.33 -17.75
N ILE G 49 -33.77 -4.49 -18.80
CA ILE G 49 -33.11 -3.40 -19.50
C ILE G 49 -33.81 -3.27 -20.85
N GLU G 50 -34.92 -2.53 -20.88
CA GLU G 50 -35.74 -2.35 -22.08
C GLU G 50 -35.07 -1.77 -23.32
N ARG G 51 -35.29 -2.43 -24.45
CA ARG G 51 -34.75 -1.94 -25.71
C ARG G 51 -35.47 -0.62 -25.88
N THR G 52 -34.78 0.42 -26.35
CA THR G 52 -35.43 1.69 -26.57
C THR G 52 -35.25 1.99 -28.04
N LEU G 53 -36.36 2.33 -28.70
CA LEU G 53 -36.36 2.63 -30.13
C LEU G 53 -36.96 3.99 -30.47
N TYR G 54 -36.53 4.53 -31.62
CA TYR G 54 -36.97 5.83 -32.11
C TYR G 54 -37.49 5.78 -33.54
N PHE G 55 -38.74 6.18 -33.70
CA PHE G 55 -39.36 6.20 -35.02
C PHE G 55 -39.41 7.62 -35.60
N LEU G 56 -38.93 7.75 -36.85
CA LEU G 56 -38.86 9.02 -37.58
C LEU G 56 -40.15 9.26 -38.38
N PRO G 57 -41.08 10.04 -37.81
CA PRO G 57 -42.34 10.30 -38.51
C PRO G 57 -42.08 10.95 -39.87
N ARG G 58 -42.94 10.66 -40.83
CA ARG G 58 -42.81 11.25 -42.15
C ARG G 58 -43.62 12.56 -42.17
N GLU G 59 -43.38 13.40 -43.19
CA GLU G 59 -44.11 14.67 -43.28
C GLU G 59 -45.47 14.45 -43.91
N MET G 60 -45.59 13.35 -44.65
CA MET G 60 -46.84 12.98 -45.31
C MET G 60 -46.99 11.46 -45.38
N LYS G 61 -48.18 10.97 -45.07
CA LYS G 61 -48.47 9.54 -45.11
C LYS G 61 -48.25 9.03 -46.53
N ILE G 62 -47.56 7.91 -46.67
CA ILE G 62 -47.28 7.37 -48.00
C ILE G 62 -47.72 5.91 -48.18
N ASP G 63 -48.21 5.60 -49.38
CA ASP G 63 -48.62 4.24 -49.72
C ASP G 63 -47.32 3.56 -50.17
N LEU G 64 -46.58 3.03 -49.20
CA LEU G 64 -45.29 2.36 -49.43
C LEU G 64 -45.24 1.40 -50.63
N ASN G 65 -46.39 0.80 -50.98
CA ASN G 65 -46.47 -0.11 -52.11
C ASN G 65 -46.06 0.57 -53.42
N THR G 66 -46.85 1.55 -53.85
CA THR G 66 -46.57 2.29 -55.06
C THR G 66 -45.45 3.29 -54.78
N GLY G 67 -45.62 4.07 -53.71
CA GLY G 67 -44.62 5.04 -53.31
C GLY G 67 -45.06 6.50 -53.29
N LYS G 68 -46.34 6.76 -53.06
CA LYS G 68 -46.80 8.15 -53.01
C LYS G 68 -47.84 8.53 -51.96
N GLU G 69 -47.79 9.81 -51.60
CA GLU G 69 -48.66 10.41 -50.61
C GLU G 69 -50.13 10.06 -50.75
N THR G 70 -50.89 10.42 -49.72
CA THR G 70 -52.33 10.19 -49.68
C THR G 70 -53.04 11.51 -49.33
N GLY G 71 -52.27 12.60 -49.31
CA GLY G 71 -52.84 13.91 -49.01
C GLY G 71 -53.11 14.19 -47.53
N THR G 72 -52.80 13.20 -46.70
CA THR G 72 -53.00 13.31 -45.26
C THR G 72 -51.67 13.54 -44.50
N PRO G 73 -51.50 14.74 -43.89
CA PRO G 73 -50.29 15.10 -43.12
C PRO G 73 -50.09 14.14 -41.95
N ILE G 74 -48.85 13.99 -41.50
CA ILE G 74 -48.58 13.08 -40.41
C ILE G 74 -48.48 13.71 -39.03
N SER G 75 -48.94 12.95 -38.03
CA SER G 75 -48.90 13.36 -36.64
C SER G 75 -48.34 12.15 -35.90
N MET G 76 -48.01 12.32 -34.63
CA MET G 76 -47.46 11.20 -33.88
C MET G 76 -48.50 10.06 -33.71
N LYS G 77 -49.74 10.42 -33.40
CA LYS G 77 -50.81 9.44 -33.22
C LYS G 77 -50.88 8.55 -34.45
N ASP G 78 -50.49 9.12 -35.59
CA ASP G 78 -50.48 8.39 -36.85
C ASP G 78 -49.46 7.25 -36.73
N VAL G 79 -48.22 7.60 -36.43
CA VAL G 79 -47.15 6.62 -36.30
C VAL G 79 -47.48 5.57 -35.26
N TYR G 80 -47.86 6.06 -34.09
CA TYR G 80 -48.22 5.20 -32.98
C TYR G 80 -49.04 4.01 -33.47
N GLU G 81 -50.24 4.32 -33.98
CA GLU G 81 -51.16 3.31 -34.46
C GLU G 81 -50.67 2.46 -35.61
N GLU G 82 -49.56 2.85 -36.22
CA GLU G 82 -49.00 2.07 -37.32
C GLU G 82 -48.15 0.96 -36.70
N PHE G 83 -47.55 1.27 -35.56
CA PHE G 83 -46.73 0.32 -34.87
C PHE G 83 -47.65 -0.58 -34.05
N ASP G 84 -48.46 0.07 -33.24
CA ASP G 84 -49.44 -0.58 -32.39
C ASP G 84 -50.20 -1.67 -33.15
N GLU G 85 -50.67 -1.33 -34.35
CA GLU G 85 -51.49 -2.25 -35.15
C GLU G 85 -50.84 -3.04 -36.32
N LYS G 86 -49.87 -2.45 -37.02
CA LYS G 86 -49.27 -3.11 -38.18
C LYS G 86 -47.84 -3.63 -38.03
N ILE G 87 -47.07 -3.04 -37.15
CA ILE G 87 -45.69 -3.50 -36.97
C ILE G 87 -45.59 -4.38 -35.72
N ALA G 88 -46.27 -3.97 -34.65
CA ALA G 88 -46.26 -4.70 -33.39
C ALA G 88 -46.62 -6.17 -33.57
N THR G 89 -47.83 -6.41 -34.07
CA THR G 89 -48.30 -7.77 -34.29
C THR G 89 -47.37 -8.56 -35.20
N LYS G 90 -47.15 -8.06 -36.41
CA LYS G 90 -46.29 -8.76 -37.38
C LYS G 90 -44.97 -9.26 -36.78
N TYR G 91 -44.47 -8.57 -35.77
CA TYR G 91 -43.20 -8.96 -35.16
C TYR G 91 -43.28 -9.47 -33.72
N LYS G 92 -44.48 -9.78 -33.26
CA LYS G 92 -44.69 -10.30 -31.90
C LYS G 92 -44.28 -9.38 -30.75
N ILE G 93 -45.10 -8.36 -30.50
CA ILE G 93 -44.86 -7.42 -29.41
C ILE G 93 -46.19 -7.16 -28.71
N MET G 94 -46.32 -7.72 -27.51
CA MET G 94 -47.55 -7.62 -26.73
C MET G 94 -47.71 -6.33 -25.97
N LYS G 95 -46.74 -6.02 -25.11
CA LYS G 95 -46.81 -4.80 -24.33
C LYS G 95 -45.59 -3.94 -24.65
N PHE G 96 -45.70 -2.64 -24.36
CA PHE G 96 -44.63 -1.71 -24.69
C PHE G 96 -44.90 -0.31 -24.11
N LYS G 97 -43.92 0.57 -24.27
CA LYS G 97 -43.99 1.96 -23.83
C LYS G 97 -43.74 2.91 -25.02
N SER G 98 -44.65 3.85 -25.26
CA SER G 98 -44.49 4.80 -26.36
C SER G 98 -44.64 6.22 -25.84
N LYS G 99 -43.66 7.06 -26.16
CA LYS G 99 -43.69 8.45 -25.72
C LYS G 99 -43.13 9.40 -26.77
N PRO G 100 -43.88 10.45 -27.10
CA PRO G 100 -43.36 11.39 -28.10
C PRO G 100 -42.29 12.26 -27.46
N VAL G 101 -41.15 12.42 -28.14
CA VAL G 101 -40.06 13.23 -27.61
C VAL G 101 -39.21 13.93 -28.66
N GLU G 102 -38.59 15.04 -28.24
CA GLU G 102 -37.73 15.86 -29.09
C GLU G 102 -36.30 15.31 -29.05
N LYS G 103 -35.73 15.09 -30.23
CA LYS G 103 -34.38 14.53 -30.34
C LYS G 103 -33.55 15.05 -31.50
N ASN G 104 -32.36 15.54 -31.19
CA ASN G 104 -31.45 16.05 -32.21
C ASN G 104 -30.88 14.88 -32.99
N TYR G 105 -30.01 15.18 -33.95
CA TYR G 105 -29.35 14.19 -34.77
C TYR G 105 -28.37 14.89 -35.70
N ALA G 106 -27.26 14.26 -36.03
CA ALA G 106 -26.31 14.91 -36.91
C ALA G 106 -25.25 14.00 -37.48
N PHE G 107 -25.64 12.83 -37.96
CA PHE G 107 -24.64 11.92 -38.47
C PHE G 107 -24.61 11.55 -39.98
N GLU G 108 -24.52 10.27 -40.34
CA GLU G 108 -24.40 9.92 -41.76
C GLU G 108 -25.58 9.33 -42.56
N ILE G 109 -26.80 9.67 -42.16
CA ILE G 109 -27.95 9.16 -42.87
C ILE G 109 -28.65 10.29 -43.62
N PRO G 110 -28.64 10.22 -44.97
CA PRO G 110 -29.27 11.25 -45.79
C PRO G 110 -30.75 11.43 -45.50
N ASP G 111 -31.20 12.67 -45.60
CA ASP G 111 -32.61 13.02 -45.42
C ASP G 111 -33.12 12.79 -43.98
N VAL G 112 -32.35 13.28 -43.02
CA VAL G 112 -32.71 13.16 -41.61
C VAL G 112 -32.48 14.46 -40.81
N PRO G 113 -33.57 15.13 -40.41
CA PRO G 113 -33.57 16.39 -39.65
C PRO G 113 -32.71 16.45 -38.39
N GLU G 114 -31.87 17.48 -38.28
CA GLU G 114 -31.02 17.61 -37.12
C GLU G 114 -31.82 17.66 -35.81
N LYS G 115 -33.12 17.90 -35.93
CA LYS G 115 -34.01 17.93 -34.77
C LYS G 115 -35.43 17.61 -35.23
N SER G 116 -36.19 16.84 -34.46
CA SER G 116 -37.56 16.48 -34.83
C SER G 116 -38.22 15.59 -33.79
N GLU G 117 -39.54 15.59 -33.74
CA GLU G 117 -40.25 14.75 -32.78
C GLU G 117 -40.21 13.31 -33.30
N TYR G 118 -39.95 12.39 -32.40
CA TYR G 118 -39.88 10.98 -32.78
C TYR G 118 -40.83 10.18 -31.93
N LEU G 119 -40.93 8.89 -32.24
CA LEU G 119 -41.77 7.98 -31.48
C LEU G 119 -40.88 7.08 -30.64
N GLU G 120 -40.75 7.43 -29.37
CA GLU G 120 -39.93 6.68 -28.43
C GLU G 120 -40.63 5.42 -27.98
N VAL G 121 -40.18 4.28 -28.50
CA VAL G 121 -40.78 3.02 -28.14
C VAL G 121 -39.82 2.17 -27.36
N LYS G 122 -40.30 1.62 -26.25
CA LYS G 122 -39.52 0.76 -25.35
C LYS G 122 -40.26 -0.55 -25.09
N TYR G 123 -39.56 -1.68 -25.25
CA TYR G 123 -40.17 -2.98 -25.01
C TYR G 123 -39.14 -4.00 -24.51
N SER G 124 -39.61 -5.04 -23.82
CA SER G 124 -38.75 -6.10 -23.26
C SER G 124 -37.70 -6.70 -24.21
N ALA G 125 -36.49 -6.86 -23.69
CA ALA G 125 -35.37 -7.40 -24.44
C ALA G 125 -35.70 -8.77 -24.99
N GLU G 126 -36.61 -9.46 -24.32
CA GLU G 126 -37.02 -10.79 -24.73
C GLU G 126 -37.73 -10.72 -26.09
N MET G 127 -38.77 -9.91 -26.18
CA MET G 127 -39.55 -9.75 -27.41
C MET G 127 -38.65 -9.52 -28.63
N PRO G 128 -39.02 -10.07 -29.80
CA PRO G 128 -38.28 -9.96 -31.07
C PRO G 128 -37.64 -8.60 -31.32
N GLN G 129 -36.62 -8.59 -32.16
CA GLN G 129 -35.90 -7.37 -32.50
C GLN G 129 -36.24 -6.87 -33.90
N LEU G 130 -36.70 -5.62 -34.01
CA LEU G 130 -37.08 -5.04 -35.30
C LEU G 130 -35.92 -4.99 -36.30
N PRO G 131 -36.21 -5.21 -37.57
CA PRO G 131 -35.17 -5.17 -38.59
C PRO G 131 -34.54 -3.78 -38.62
N GLN G 132 -33.31 -3.69 -39.12
CA GLN G 132 -32.60 -2.43 -39.19
C GLN G 132 -33.21 -1.41 -40.16
N ASP G 133 -33.49 -1.83 -41.39
CA ASP G 133 -34.05 -0.92 -42.39
C ASP G 133 -35.58 -0.87 -42.41
N LEU G 134 -36.19 -1.21 -41.28
CA LEU G 134 -37.63 -1.20 -41.15
C LEU G 134 -38.20 0.16 -41.52
N LYS G 135 -39.13 0.18 -42.47
CA LYS G 135 -39.78 1.41 -42.92
C LYS G 135 -41.29 1.19 -43.07
N GLY G 136 -42.05 2.28 -43.12
CA GLY G 136 -43.49 2.12 -43.25
C GLY G 136 -44.30 3.33 -43.67
N GLU G 137 -45.57 3.28 -43.32
CA GLU G 137 -46.54 4.31 -43.65
C GLU G 137 -46.39 5.61 -42.87
N THR G 138 -46.02 5.54 -41.59
CA THR G 138 -45.87 6.74 -40.79
C THR G 138 -44.44 7.13 -40.41
N PHE G 139 -43.47 6.26 -40.72
CA PHE G 139 -42.09 6.55 -40.36
C PHE G 139 -41.08 6.28 -41.48
N SER G 140 -40.16 7.22 -41.66
CA SER G 140 -39.13 7.13 -42.70
C SER G 140 -37.93 6.34 -42.21
N HIS G 141 -37.74 6.29 -40.90
CA HIS G 141 -36.63 5.54 -40.35
C HIS G 141 -36.88 5.31 -38.87
N VAL G 142 -36.26 4.27 -38.34
CA VAL G 142 -36.38 3.91 -36.92
C VAL G 142 -34.97 3.58 -36.33
N PHE G 143 -34.66 4.21 -35.20
CA PHE G 143 -33.36 4.08 -34.53
C PHE G 143 -33.44 3.34 -33.19
N GLY G 144 -32.39 2.60 -32.84
CA GLY G 144 -32.37 1.91 -31.55
C GLY G 144 -32.56 0.41 -31.58
N THR G 145 -32.76 -0.09 -32.78
CA THR G 145 -32.99 -1.50 -33.00
C THR G 145 -31.98 -2.39 -32.30
N ASN G 146 -30.79 -2.47 -32.87
CA ASN G 146 -29.73 -3.33 -32.37
C ASN G 146 -28.75 -2.74 -31.36
N THR G 147 -29.18 -1.81 -30.52
CA THR G 147 -28.28 -1.25 -29.53
C THR G 147 -28.25 -2.22 -28.34
N SER G 148 -27.05 -2.63 -27.91
CA SER G 148 -26.92 -3.57 -26.79
C SER G 148 -27.36 -3.00 -25.44
N SER G 149 -27.85 -3.89 -24.57
CA SER G 149 -28.32 -3.51 -23.25
C SER G 149 -27.15 -2.92 -22.46
N LEU G 150 -25.95 -3.42 -22.73
CA LEU G 150 -24.76 -2.95 -22.03
C LEU G 150 -24.65 -1.46 -22.16
N GLU G 151 -24.63 -1.00 -23.42
CA GLU G 151 -24.53 0.43 -23.72
C GLU G 151 -25.73 1.20 -23.20
N LEU G 152 -26.93 0.66 -23.42
CA LEU G 152 -28.15 1.31 -22.95
C LEU G 152 -28.00 1.59 -21.46
N PHE G 153 -27.51 0.59 -20.72
CA PHE G 153 -27.31 0.76 -19.30
C PHE G 153 -26.27 1.84 -19.10
N LEU G 154 -25.02 1.48 -19.31
CA LEU G 154 -23.91 2.41 -19.15
C LEU G 154 -24.32 3.87 -19.29
N MET G 155 -25.07 4.18 -20.34
CA MET G 155 -25.52 5.55 -20.59
C MET G 155 -26.64 6.00 -19.67
N ASN G 156 -27.80 5.35 -19.78
CA ASN G 156 -28.94 5.69 -18.95
C ASN G 156 -28.53 6.19 -17.56
N ARG G 157 -27.66 5.43 -16.89
CA ARG G 157 -27.23 5.77 -15.55
C ARG G 157 -25.97 6.62 -15.45
N LYS G 158 -25.32 6.88 -16.58
CA LYS G 158 -24.13 7.71 -16.56
C LYS G 158 -22.86 7.08 -15.93
N ILE G 159 -22.74 5.76 -16.02
CA ILE G 159 -21.57 5.11 -15.46
C ILE G 159 -20.37 5.47 -16.32
N LYS G 160 -19.38 6.10 -15.72
CA LYS G 160 -18.20 6.48 -16.46
C LYS G 160 -17.08 5.54 -16.09
N GLY G 161 -17.28 4.25 -16.32
CA GLY G 161 -16.27 3.25 -16.02
C GLY G 161 -16.09 2.97 -14.54
N PRO G 162 -15.07 2.18 -14.17
CA PRO G 162 -14.79 1.86 -12.78
C PRO G 162 -15.31 2.94 -11.83
N CYS G 163 -15.90 2.52 -10.71
CA CYS G 163 -16.41 3.46 -9.71
C CYS G 163 -17.26 2.76 -8.69
N TRP G 164 -17.94 3.55 -7.84
CA TRP G 164 -18.82 2.98 -6.85
C TRP G 164 -20.25 3.15 -7.30
N LEU G 165 -21.05 2.12 -7.07
CA LEU G 165 -22.44 2.11 -7.48
C LEU G 165 -23.33 1.61 -6.38
N GLU G 166 -24.35 2.40 -6.09
CA GLU G 166 -25.33 2.03 -5.08
C GLU G 166 -26.42 1.24 -5.78
N VAL G 167 -26.76 0.10 -5.19
CA VAL G 167 -27.79 -0.76 -5.75
C VAL G 167 -28.89 -0.87 -4.69
N LYS G 168 -30.05 -0.27 -4.99
CA LYS G 168 -31.20 -0.23 -4.08
C LYS G 168 -32.20 -1.39 -4.24
N SER G 169 -32.77 -1.85 -3.13
CA SER G 169 -33.74 -2.96 -3.17
C SER G 169 -33.11 -4.18 -3.80
N PRO G 170 -31.89 -4.55 -3.38
CA PRO G 170 -31.25 -5.73 -3.96
C PRO G 170 -32.11 -6.95 -3.72
N GLN G 171 -32.00 -7.93 -4.60
CA GLN G 171 -32.77 -9.16 -4.46
C GLN G 171 -31.82 -10.34 -4.35
N LEU G 172 -32.36 -11.47 -3.91
CA LEU G 172 -31.56 -12.65 -3.76
C LEU G 172 -31.85 -13.71 -4.82
N LEU G 173 -30.77 -14.22 -5.37
CA LEU G 173 -30.85 -15.24 -6.39
C LEU G 173 -31.08 -16.60 -5.78
N ASN G 174 -32.18 -17.24 -6.19
CA ASN G 174 -32.48 -18.57 -5.70
C ASN G 174 -31.16 -19.33 -5.65
N GLN G 175 -30.41 -19.27 -6.74
CA GLN G 175 -29.13 -19.94 -6.78
C GLN G 175 -28.10 -19.11 -7.49
N PRO G 176 -26.89 -19.08 -6.93
CA PRO G 176 -25.72 -18.36 -7.43
C PRO G 176 -25.49 -18.57 -8.92
N VAL G 177 -24.92 -17.55 -9.57
CA VAL G 177 -24.65 -17.55 -11.01
C VAL G 177 -23.19 -17.24 -11.29
N SER G 178 -22.45 -16.97 -10.23
CA SER G 178 -21.06 -16.56 -10.37
C SER G 178 -20.13 -17.02 -9.27
N TRP G 179 -18.91 -17.39 -9.65
CA TRP G 179 -17.90 -17.84 -8.70
C TRP G 179 -17.44 -16.68 -7.80
N CYS G 180 -18.20 -15.60 -7.75
CA CYS G 180 -17.81 -14.49 -6.90
C CYS G 180 -18.37 -14.71 -5.49
N LYS G 181 -17.60 -14.32 -4.47
CA LYS G 181 -17.98 -14.50 -3.07
C LYS G 181 -19.27 -13.78 -2.64
N ALA G 182 -19.84 -12.96 -3.51
CA ALA G 182 -21.07 -12.28 -3.14
C ALA G 182 -21.88 -11.95 -4.38
N GLU G 183 -23.19 -12.17 -4.30
CA GLU G 183 -24.04 -11.92 -5.44
C GLU G 183 -25.27 -11.14 -5.03
N ALA G 184 -25.86 -10.40 -5.97
CA ALA G 184 -27.06 -9.62 -5.71
C ALA G 184 -27.64 -9.20 -7.05
N MET G 185 -28.95 -8.99 -7.09
CA MET G 185 -29.58 -8.60 -8.36
C MET G 185 -30.55 -7.41 -8.21
N ALA G 186 -30.71 -6.65 -9.30
CA ALA G 186 -31.60 -5.48 -9.31
C ALA G 186 -32.65 -5.62 -10.39
N LEU G 187 -33.93 -5.62 -10.00
CA LEU G 187 -35.00 -5.79 -10.98
C LEU G 187 -34.99 -4.75 -12.12
N LYS G 188 -34.87 -3.47 -11.79
CA LYS G 188 -34.85 -2.45 -12.82
C LYS G 188 -33.57 -1.58 -12.75
N PRO G 189 -32.86 -1.42 -13.87
CA PRO G 189 -31.62 -0.62 -13.95
C PRO G 189 -31.58 0.73 -13.22
N ASP G 190 -32.67 1.47 -13.21
CA ASP G 190 -32.72 2.77 -12.53
C ASP G 190 -32.37 2.56 -11.05
N LEU G 191 -32.30 1.30 -10.66
CA LEU G 191 -32.02 0.93 -9.28
C LEU G 191 -30.52 0.94 -9.02
N VAL G 192 -29.75 1.19 -10.07
CA VAL G 192 -28.30 1.26 -9.91
C VAL G 192 -27.92 2.69 -10.24
N ASN G 193 -27.09 3.27 -9.39
CA ASN G 193 -26.68 4.64 -9.60
C ASN G 193 -25.20 4.66 -9.25
N VAL G 194 -24.60 5.84 -9.14
CA VAL G 194 -23.19 5.93 -8.79
C VAL G 194 -23.03 6.86 -7.61
N ILE G 195 -22.02 6.57 -6.81
CA ILE G 195 -21.70 7.37 -5.64
C ILE G 195 -20.19 7.53 -5.75
N LYS G 196 -19.76 8.71 -6.14
CA LYS G 196 -18.35 9.00 -6.36
C LYS G 196 -17.53 9.31 -5.13
N ASP G 197 -18.19 9.44 -3.97
CA ASP G 197 -17.51 9.81 -2.74
C ASP G 197 -17.00 8.75 -1.76
N VAL G 198 -16.11 7.88 -2.21
CA VAL G 198 -15.51 6.86 -1.34
C VAL G 198 -14.29 6.28 -2.02
N SER G 199 -13.32 5.84 -1.22
CA SER G 199 -12.08 5.32 -1.77
C SER G 199 -12.15 4.13 -2.70
N PRO G 200 -11.13 4.02 -3.55
CA PRO G 200 -10.94 2.97 -4.55
C PRO G 200 -10.28 1.78 -3.92
N PRO G 201 -10.97 0.66 -3.92
CA PRO G 201 -10.43 -0.56 -3.34
C PRO G 201 -9.34 -1.20 -4.19
N PRO G 202 -8.09 -1.27 -3.70
CA PRO G 202 -6.97 -1.87 -4.45
C PRO G 202 -7.41 -3.17 -5.11
N LEU G 203 -6.64 -3.63 -6.09
CA LEU G 203 -7.05 -4.83 -6.82
C LEU G 203 -6.23 -6.09 -6.66
N VAL G 204 -6.87 -7.22 -7.01
CA VAL G 204 -6.28 -8.55 -6.91
C VAL G 204 -5.62 -8.97 -8.19
N VAL G 205 -4.30 -8.95 -8.17
CA VAL G 205 -3.52 -9.27 -9.34
C VAL G 205 -2.92 -10.64 -9.46
N MET G 206 -2.68 -11.03 -10.72
CA MET G 206 -2.02 -12.27 -11.07
C MET G 206 -1.36 -12.20 -12.42
N ALA G 207 -0.07 -12.55 -12.41
CA ALA G 207 0.74 -12.60 -13.61
C ALA G 207 0.96 -14.08 -13.79
N PHE G 208 1.23 -14.53 -15.01
CA PHE G 208 1.48 -15.94 -15.20
C PHE G 208 2.08 -16.39 -16.48
N SER G 209 3.33 -16.80 -16.37
CA SER G 209 4.09 -17.31 -17.49
C SER G 209 3.68 -18.74 -17.60
N MET G 210 3.61 -19.28 -18.80
CA MET G 210 3.29 -20.69 -18.96
C MET G 210 4.21 -21.34 -19.98
N LYS G 211 4.42 -22.63 -19.85
CA LYS G 211 5.29 -23.34 -20.75
C LYS G 211 4.51 -24.41 -21.50
N THR G 212 4.85 -24.66 -22.76
CA THR G 212 4.16 -25.72 -23.53
C THR G 212 5.13 -26.51 -24.38
N MET G 213 4.63 -27.55 -25.01
CA MET G 213 5.45 -28.38 -25.87
C MET G 213 4.60 -29.01 -26.95
N GLN G 214 5.11 -29.02 -28.19
CA GLN G 214 4.38 -29.59 -29.32
C GLN G 214 4.49 -31.11 -29.17
N ASN G 215 3.47 -31.83 -29.62
CA ASN G 215 3.48 -33.28 -29.47
C ASN G 215 4.30 -34.05 -30.52
N ALA G 216 5.02 -35.07 -30.04
CA ALA G 216 5.84 -35.94 -30.88
C ALA G 216 4.92 -36.39 -31.99
N LYS G 217 3.90 -37.15 -31.58
CA LYS G 217 2.89 -37.69 -32.48
C LYS G 217 2.35 -36.56 -33.39
N ASN G 218 1.18 -36.03 -33.08
CA ASN G 218 0.63 -35.01 -33.95
C ASN G 218 0.03 -33.72 -33.44
N HIS G 219 0.46 -32.62 -34.08
CA HIS G 219 -0.06 -31.26 -33.90
C HIS G 219 -0.17 -30.47 -32.60
N GLN G 220 -0.60 -31.10 -31.52
CA GLN G 220 -0.82 -30.39 -30.26
C GLN G 220 0.34 -29.77 -29.49
N ASN G 221 0.00 -28.72 -28.76
CA ASN G 221 0.95 -28.01 -27.93
C ASN G 221 0.49 -28.12 -26.47
N GLU G 222 1.03 -29.14 -25.78
CA GLU G 222 0.72 -29.45 -24.38
C GLU G 222 1.15 -28.39 -23.36
N ILE G 223 0.48 -28.38 -22.22
CA ILE G 223 0.76 -27.44 -21.17
C ILE G 223 1.55 -28.14 -20.09
N ILE G 224 2.86 -28.01 -20.11
CA ILE G 224 3.66 -28.70 -19.12
C ILE G 224 4.12 -27.84 -17.97
N ALA G 225 3.30 -26.87 -17.55
CA ALA G 225 3.66 -25.99 -16.42
C ALA G 225 2.97 -24.63 -16.41
N MET G 226 2.99 -23.98 -15.27
CA MET G 226 2.43 -22.65 -15.13
C MET G 226 3.08 -22.16 -13.88
N ALA G 227 3.15 -20.86 -13.69
CA ALA G 227 3.74 -20.34 -12.50
C ALA G 227 3.14 -18.98 -12.32
N ALA G 228 2.06 -18.84 -11.54
CA ALA G 228 1.47 -17.52 -11.35
C ALA G 228 2.27 -16.72 -10.30
N LEU G 229 1.95 -15.44 -10.17
CA LEU G 229 2.58 -14.57 -9.16
C LEU G 229 1.36 -13.83 -8.72
N VAL G 230 1.34 -13.32 -7.50
CA VAL G 230 0.14 -12.63 -7.08
C VAL G 230 0.33 -11.50 -6.12
N HIS G 231 -0.74 -10.73 -5.99
CA HIS G 231 -0.77 -9.63 -5.07
C HIS G 231 -2.23 -9.30 -4.81
N HIS G 232 -2.61 -9.48 -3.56
CA HIS G 232 -3.98 -9.27 -3.15
C HIS G 232 -4.29 -7.81 -2.83
N SER G 233 -3.32 -6.95 -3.05
CA SER G 233 -3.58 -5.56 -2.80
C SER G 233 -2.80 -4.72 -3.74
N PHE G 234 -3.36 -4.47 -4.92
CA PHE G 234 -2.67 -3.64 -5.90
C PHE G 234 -3.34 -2.31 -5.90
N ALA G 235 -2.57 -1.26 -5.63
CA ALA G 235 -3.14 0.06 -5.59
C ALA G 235 -3.21 0.66 -6.97
N LEU G 236 -4.43 0.85 -7.43
CA LEU G 236 -4.66 1.42 -8.73
C LEU G 236 -4.10 2.83 -8.69
N ASP G 237 -4.54 3.56 -7.69
CA ASP G 237 -4.13 4.94 -7.55
C ASP G 237 -2.85 5.24 -6.77
N LYS G 238 -1.91 4.31 -6.74
CA LYS G 238 -0.69 4.61 -6.04
C LYS G 238 0.38 3.83 -6.71
N ALA G 239 1.61 4.28 -6.53
CA ALA G 239 2.75 3.63 -7.12
C ALA G 239 2.64 2.14 -6.89
N ALA G 240 3.23 1.39 -7.81
CA ALA G 240 3.20 -0.05 -7.72
C ALA G 240 3.97 -0.53 -6.52
N PRO G 241 3.50 -1.61 -5.90
CA PRO G 241 4.04 -2.28 -4.73
C PRO G 241 5.45 -2.84 -4.99
N LYS G 242 6.26 -2.90 -3.93
CA LYS G 242 7.64 -3.43 -3.99
C LYS G 242 7.95 -4.41 -2.86
N PRO G 243 8.16 -5.69 -3.20
CA PRO G 243 8.08 -6.08 -4.61
C PRO G 243 6.60 -6.20 -5.01
N PRO G 244 6.36 -6.45 -6.30
CA PRO G 244 5.07 -6.62 -6.98
C PRO G 244 4.08 -7.70 -6.51
N PHE G 245 4.54 -8.61 -5.67
CA PHE G 245 3.69 -9.72 -5.26
C PHE G 245 4.05 -10.23 -3.88
N GLN G 246 3.08 -10.78 -3.19
CA GLN G 246 3.35 -11.32 -1.87
C GLN G 246 3.40 -12.84 -2.04
N SER G 247 2.27 -13.40 -2.46
CA SER G 247 2.10 -14.84 -2.69
C SER G 247 2.43 -15.29 -4.11
N HIS G 248 2.73 -16.57 -4.28
CA HIS G 248 3.03 -17.06 -5.61
C HIS G 248 3.04 -18.58 -5.64
N PHE G 249 3.38 -19.17 -6.80
CA PHE G 249 3.42 -20.61 -6.95
C PHE G 249 3.75 -21.09 -8.37
N CYS G 250 3.77 -22.40 -8.58
CA CYS G 250 4.13 -22.97 -9.88
C CYS G 250 3.71 -24.43 -10.02
N VAL G 251 2.90 -24.79 -11.03
CA VAL G 251 2.54 -26.21 -11.21
C VAL G 251 3.11 -26.79 -12.49
N VAL G 252 3.96 -27.82 -12.34
CA VAL G 252 4.61 -28.53 -13.44
C VAL G 252 4.00 -29.93 -13.55
N SER G 253 3.88 -30.44 -14.78
CA SER G 253 3.33 -31.79 -15.03
C SER G 253 4.38 -32.58 -15.81
N LYS G 254 3.92 -33.44 -16.71
CA LYS G 254 4.79 -34.24 -17.54
C LYS G 254 4.00 -34.57 -18.79
N PRO G 255 4.72 -34.94 -19.87
CA PRO G 255 4.12 -35.29 -21.15
C PRO G 255 3.31 -36.57 -21.06
N LYS G 256 3.88 -37.64 -21.61
CA LYS G 256 3.27 -38.96 -21.63
C LYS G 256 4.38 -39.99 -21.83
N ASP G 257 5.38 -39.59 -22.61
CA ASP G 257 6.53 -40.44 -22.91
C ASP G 257 7.63 -40.19 -21.90
N CYS G 258 7.47 -39.14 -21.11
CA CYS G 258 8.45 -38.81 -20.10
C CYS G 258 7.96 -39.17 -18.70
N ILE G 259 8.90 -39.26 -17.77
CA ILE G 259 8.61 -39.57 -16.37
C ILE G 259 9.46 -38.61 -15.57
N PHE G 260 8.89 -37.97 -14.55
CA PHE G 260 9.66 -37.03 -13.76
C PHE G 260 10.93 -37.74 -13.34
N PRO G 261 12.04 -37.00 -13.22
CA PRO G 261 13.31 -37.63 -12.82
C PRO G 261 13.12 -38.20 -11.42
N TYR G 262 13.92 -39.17 -11.02
CA TYR G 262 13.75 -39.71 -9.66
C TYR G 262 14.14 -38.76 -8.57
N ALA G 263 13.40 -38.84 -7.47
CA ALA G 263 13.67 -38.03 -6.29
C ALA G 263 13.23 -36.61 -6.41
N PHE G 264 12.66 -36.26 -7.56
CA PHE G 264 12.24 -34.88 -7.76
C PHE G 264 11.46 -34.39 -6.55
N LYS G 265 10.27 -34.92 -6.33
CA LYS G 265 9.49 -34.44 -5.21
C LYS G 265 10.42 -34.19 -4.05
N GLU G 266 11.18 -35.18 -3.65
CA GLU G 266 12.08 -35.01 -2.52
C GLU G 266 13.13 -33.90 -2.75
N VAL G 267 13.88 -33.98 -3.84
CA VAL G 267 14.89 -32.97 -4.09
C VAL G 267 14.25 -31.61 -4.08
N ILE G 268 12.93 -31.57 -4.29
CA ILE G 268 12.22 -30.31 -4.26
C ILE G 268 12.08 -29.90 -2.82
N GLU G 269 11.45 -30.77 -2.05
CA GLU G 269 11.20 -30.53 -0.64
C GLU G 269 12.44 -30.08 0.14
N LYS G 270 13.63 -30.31 -0.41
CA LYS G 270 14.88 -29.90 0.25
C LYS G 270 15.22 -28.41 0.05
N LYS G 271 14.94 -27.89 -1.13
CA LYS G 271 15.23 -26.50 -1.41
C LYS G 271 14.02 -25.58 -1.20
N ASN G 272 13.05 -26.04 -0.41
CA ASN G 272 11.82 -25.31 -0.10
C ASN G 272 11.39 -24.43 -1.27
N VAL G 273 10.54 -24.99 -2.13
CA VAL G 273 10.02 -24.29 -3.32
C VAL G 273 8.56 -24.66 -3.54
N LYS G 274 7.67 -23.68 -3.45
CA LYS G 274 6.24 -23.93 -3.58
C LYS G 274 5.79 -24.61 -4.89
N VAL G 275 6.63 -25.50 -5.42
CA VAL G 275 6.36 -26.19 -6.69
C VAL G 275 5.51 -27.48 -6.65
N GLU G 276 4.21 -27.30 -6.63
CA GLU G 276 3.22 -28.38 -6.62
C GLU G 276 3.35 -29.24 -7.87
N VAL G 277 3.72 -30.51 -7.75
CA VAL G 277 3.87 -31.31 -8.95
C VAL G 277 2.68 -32.24 -9.26
N ALA G 278 2.04 -32.01 -10.41
CA ALA G 278 0.89 -32.81 -10.88
C ALA G 278 1.37 -33.93 -11.79
N ALA G 279 0.51 -34.93 -12.01
CA ALA G 279 0.88 -36.09 -12.84
C ALA G 279 0.35 -36.01 -14.26
N THR G 280 -0.90 -35.56 -14.37
CA THR G 280 -1.54 -35.44 -15.66
C THR G 280 -1.76 -33.96 -15.97
N GLU G 281 -1.59 -33.61 -17.23
CA GLU G 281 -1.82 -32.25 -17.69
C GLU G 281 -3.18 -31.85 -17.08
N ARG G 282 -4.13 -32.76 -17.17
CA ARG G 282 -5.49 -32.61 -16.65
C ARG G 282 -5.48 -32.24 -15.17
N THR G 283 -4.44 -32.68 -14.47
CA THR G 283 -4.27 -32.38 -13.03
C THR G 283 -3.87 -30.90 -12.96
N LEU G 284 -2.68 -30.63 -13.49
CA LEU G 284 -2.12 -29.31 -13.52
C LEU G 284 -3.14 -28.27 -13.87
N LEU G 285 -3.91 -28.54 -14.93
CA LEU G 285 -4.98 -27.66 -15.41
C LEU G 285 -6.06 -27.40 -14.36
N GLY G 286 -6.58 -28.46 -13.75
CA GLY G 286 -7.59 -28.28 -12.74
C GLY G 286 -7.03 -27.44 -11.61
N PHE G 287 -5.77 -27.71 -11.27
CA PHE G 287 -5.03 -27.02 -10.22
C PHE G 287 -5.11 -25.51 -10.42
N PHE G 288 -4.61 -25.09 -11.57
CA PHE G 288 -4.65 -23.71 -11.98
C PHE G 288 -6.10 -23.35 -11.74
N LEU G 289 -7.00 -23.83 -12.59
CA LEU G 289 -8.44 -23.54 -12.47
C LEU G 289 -8.89 -23.44 -11.02
N ALA G 290 -8.22 -24.20 -10.15
CA ALA G 290 -8.53 -24.18 -8.75
C ALA G 290 -7.99 -22.88 -8.13
N LYS G 291 -6.66 -22.76 -8.07
CA LYS G 291 -5.99 -21.58 -7.52
C LYS G 291 -6.76 -20.33 -7.92
N VAL G 292 -6.99 -20.20 -9.22
CA VAL G 292 -7.71 -19.06 -9.74
C VAL G 292 -8.99 -18.85 -8.93
N HIS G 293 -9.87 -19.85 -8.87
CA HIS G 293 -11.11 -19.62 -8.15
C HIS G 293 -11.01 -18.95 -6.79
N LYS G 294 -10.07 -19.38 -5.96
CA LYS G 294 -9.91 -18.82 -4.60
C LYS G 294 -9.01 -17.57 -4.59
N ILE G 295 -7.96 -17.56 -5.40
CA ILE G 295 -7.13 -16.36 -5.46
C ILE G 295 -8.14 -15.33 -5.94
N ASP G 296 -8.95 -15.73 -6.90
CA ASP G 296 -10.01 -14.90 -7.42
C ASP G 296 -9.47 -13.59 -7.99
N PRO G 297 -8.56 -13.65 -8.99
CA PRO G 297 -8.12 -12.33 -9.46
C PRO G 297 -9.20 -11.49 -10.14
N ASP G 298 -8.90 -10.20 -10.34
CA ASP G 298 -9.81 -9.28 -11.01
C ASP G 298 -9.15 -8.98 -12.34
N ILE G 299 -7.82 -8.90 -12.33
CA ILE G 299 -7.00 -8.64 -13.51
C ILE G 299 -5.94 -9.72 -13.70
N ILE G 300 -5.68 -10.09 -14.95
CA ILE G 300 -4.72 -11.13 -15.28
C ILE G 300 -3.62 -10.67 -16.22
N VAL G 301 -2.39 -10.57 -15.73
CA VAL G 301 -1.35 -10.09 -16.61
C VAL G 301 -0.40 -11.11 -17.21
N GLY G 302 -0.44 -11.25 -18.52
CA GLY G 302 0.46 -12.19 -19.13
C GLY G 302 1.06 -11.58 -20.37
N HIS G 303 1.74 -12.39 -21.18
CA HIS G 303 2.37 -11.92 -22.41
C HIS G 303 1.81 -12.72 -23.54
N ASN G 304 1.57 -12.05 -24.67
CA ASN G 304 1.06 -12.78 -25.83
C ASN G 304 -0.20 -13.51 -25.40
N ILE G 305 -0.85 -12.98 -24.37
CA ILE G 305 -2.08 -13.58 -23.82
C ILE G 305 -3.20 -13.78 -24.80
N TYR G 306 -3.59 -12.70 -25.45
CA TYR G 306 -4.67 -12.72 -26.41
C TYR G 306 -4.28 -13.38 -27.72
N GLY G 307 -2.97 -13.46 -27.96
CA GLY G 307 -2.53 -14.06 -29.20
C GLY G 307 -1.78 -15.37 -29.16
N PHE G 308 -2.23 -16.32 -28.35
CA PHE G 308 -1.52 -17.59 -28.29
C PHE G 308 -1.95 -18.31 -27.03
N GLU G 309 -1.33 -17.97 -25.91
CA GLU G 309 -1.65 -18.60 -24.63
C GLU G 309 -3.14 -18.71 -24.28
N LEU G 310 -3.80 -17.57 -24.05
CA LEU G 310 -5.21 -17.63 -23.68
C LEU G 310 -5.95 -18.70 -24.42
N GLU G 311 -5.59 -18.94 -25.67
CA GLU G 311 -6.32 -19.98 -26.35
C GLU G 311 -5.80 -21.35 -25.94
N VAL G 312 -4.52 -21.62 -26.21
CA VAL G 312 -3.90 -22.89 -25.88
C VAL G 312 -4.70 -23.45 -24.73
N LEU G 313 -4.49 -22.82 -23.57
CA LEU G 313 -5.14 -23.16 -22.32
C LEU G 313 -6.59 -23.58 -22.56
N LEU G 314 -7.47 -22.63 -22.89
CA LEU G 314 -8.87 -22.95 -23.12
C LEU G 314 -9.09 -24.19 -23.95
N GLN G 315 -8.07 -24.64 -24.68
CA GLN G 315 -8.21 -25.86 -25.47
C GLN G 315 -7.62 -27.05 -24.73
N ARG G 316 -6.39 -26.92 -24.24
CA ARG G 316 -5.75 -28.01 -23.50
C ARG G 316 -6.65 -28.42 -22.35
N ILE G 317 -7.57 -27.52 -22.03
CA ILE G 317 -8.54 -27.71 -20.96
C ILE G 317 -9.73 -28.49 -21.50
N ASN G 318 -10.37 -28.00 -22.57
CA ASN G 318 -11.50 -28.75 -23.06
C ASN G 318 -11.04 -30.08 -23.63
N VAL G 319 -9.75 -30.16 -23.97
CA VAL G 319 -9.19 -31.41 -24.50
C VAL G 319 -9.24 -32.47 -23.44
N CYS G 320 -8.67 -32.19 -22.28
CA CYS G 320 -8.62 -33.13 -21.18
C CYS G 320 -9.84 -33.00 -20.27
N LYS G 321 -10.84 -32.30 -20.76
CA LYS G 321 -12.07 -32.07 -20.04
C LYS G 321 -11.83 -31.78 -18.56
N ALA G 322 -10.95 -30.84 -18.24
CA ALA G 322 -10.68 -30.49 -16.84
C ALA G 322 -11.97 -30.01 -16.15
N PRO G 323 -12.00 -30.07 -14.82
CA PRO G 323 -13.15 -29.68 -13.99
C PRO G 323 -13.43 -28.22 -13.77
N HIS G 324 -14.50 -27.75 -14.43
CA HIS G 324 -14.95 -26.36 -14.31
C HIS G 324 -14.18 -25.18 -14.96
N TRP G 325 -13.81 -25.34 -16.22
CA TRP G 325 -13.13 -24.30 -16.99
C TRP G 325 -13.64 -22.94 -16.50
N SER G 326 -14.97 -22.86 -16.42
CA SER G 326 -15.75 -21.69 -16.02
C SER G 326 -15.11 -20.89 -14.91
N LYS G 327 -14.30 -21.59 -14.13
CA LYS G 327 -13.59 -20.97 -13.02
C LYS G 327 -12.71 -19.87 -13.59
N ILE G 328 -12.05 -20.16 -14.71
CA ILE G 328 -11.18 -19.14 -15.27
C ILE G 328 -12.00 -17.90 -15.34
N GLY G 329 -13.32 -18.07 -15.33
CA GLY G 329 -14.22 -16.95 -15.37
C GLY G 329 -14.63 -16.49 -13.98
N ARG G 330 -15.84 -15.98 -13.88
CA ARG G 330 -16.39 -15.50 -12.63
C ARG G 330 -17.90 -15.52 -12.78
N LEU G 331 -18.34 -16.17 -13.85
CA LEU G 331 -19.73 -16.34 -14.17
C LEU G 331 -19.83 -17.81 -14.49
N LYS G 332 -20.57 -18.55 -13.68
CA LYS G 332 -20.68 -19.97 -13.93
C LYS G 332 -21.34 -20.18 -15.27
N ARG G 333 -20.71 -21.01 -16.09
CA ARG G 333 -21.21 -21.32 -17.42
C ARG G 333 -20.98 -22.79 -17.81
N SER G 334 -21.88 -23.32 -18.61
CA SER G 334 -21.84 -24.71 -19.04
C SER G 334 -20.96 -25.02 -20.25
N ASN G 335 -21.27 -24.40 -21.38
CA ASN G 335 -20.54 -24.66 -22.61
C ASN G 335 -19.60 -23.53 -23.04
N MET G 336 -18.39 -23.91 -23.44
CA MET G 336 -17.34 -22.97 -23.87
C MET G 336 -17.25 -22.66 -25.39
N PRO G 337 -17.28 -21.38 -25.77
CA PRO G 337 -17.19 -21.00 -27.19
C PRO G 337 -15.74 -20.98 -27.66
N LYS G 338 -15.52 -21.20 -28.95
CA LYS G 338 -14.17 -21.22 -29.52
C LYS G 338 -13.85 -19.92 -30.27
N GLY G 346 -15.07 -15.66 -29.02
CA GLY G 346 -15.11 -16.69 -28.01
C GLY G 346 -14.04 -16.50 -26.95
N GLU G 347 -13.06 -15.65 -27.23
CA GLU G 347 -11.96 -15.41 -26.29
C GLU G 347 -12.29 -14.38 -25.19
N ARG G 348 -12.50 -13.12 -25.57
CA ARG G 348 -12.81 -12.10 -24.60
C ARG G 348 -13.93 -12.50 -23.65
N ASN G 349 -14.86 -13.31 -24.14
CA ASN G 349 -16.01 -13.75 -23.31
C ASN G 349 -15.61 -14.82 -22.29
N ALA G 350 -14.53 -15.54 -22.58
CA ALA G 350 -14.04 -16.62 -21.72
C ALA G 350 -13.85 -16.21 -20.27
N THR G 351 -13.01 -15.21 -20.06
CA THR G 351 -12.70 -14.73 -18.71
C THR G 351 -13.57 -13.57 -18.23
N CYS G 352 -14.85 -13.55 -18.61
CA CYS G 352 -15.79 -12.47 -18.23
C CYS G 352 -15.86 -12.22 -16.72
N GLY G 353 -15.64 -10.97 -16.33
CA GLY G 353 -15.68 -10.63 -14.91
C GLY G 353 -14.26 -10.48 -14.43
N ARG G 354 -13.32 -10.87 -15.29
CA ARG G 354 -11.88 -10.81 -15.03
C ARG G 354 -11.25 -10.10 -16.18
N MET G 355 -10.54 -9.03 -15.86
CA MET G 355 -9.87 -8.24 -16.88
C MET G 355 -8.53 -8.89 -17.21
N ILE G 356 -8.15 -8.80 -18.47
CA ILE G 356 -6.95 -9.42 -18.95
C ILE G 356 -5.96 -8.41 -19.49
N CYS G 357 -4.85 -8.20 -18.78
CA CYS G 357 -3.84 -7.25 -19.26
C CYS G 357 -2.89 -8.02 -20.16
N ASP G 358 -2.74 -7.51 -21.37
CA ASP G 358 -1.86 -8.14 -22.32
C ASP G 358 -0.75 -7.15 -22.38
N VAL G 359 0.41 -7.51 -21.84
CA VAL G 359 1.53 -6.59 -21.87
C VAL G 359 2.02 -6.38 -23.28
N GLU G 360 2.02 -7.43 -24.11
CA GLU G 360 2.46 -7.19 -25.47
C GLU G 360 1.69 -5.96 -26.00
N ILE G 361 0.37 -6.10 -26.11
CA ILE G 361 -0.49 -5.02 -26.60
C ILE G 361 -0.26 -3.66 -25.98
N SER G 362 -0.39 -3.61 -24.66
CA SER G 362 -0.21 -2.34 -23.99
C SER G 362 1.21 -1.83 -24.11
N ALA G 363 2.17 -2.72 -24.37
CA ALA G 363 3.55 -2.29 -24.52
C ALA G 363 3.72 -1.47 -25.80
N LYS G 364 3.22 -2.02 -26.89
CA LYS G 364 3.31 -1.32 -28.17
C LYS G 364 2.60 0.01 -28.02
N GLU G 365 1.31 -0.02 -27.68
CA GLU G 365 0.50 1.18 -27.52
C GLU G 365 1.19 2.19 -26.59
N LEU G 366 2.21 1.75 -25.86
CA LEU G 366 2.92 2.63 -24.93
C LEU G 366 4.40 2.85 -25.18
N ILE G 367 5.02 2.09 -26.06
CA ILE G 367 6.43 2.33 -26.27
C ILE G 367 6.98 1.79 -27.59
N ARG G 368 7.98 2.48 -28.14
CA ARG G 368 8.60 2.12 -29.42
C ARG G 368 9.77 1.16 -29.22
N CYS G 369 9.77 0.05 -29.95
CA CYS G 369 10.84 -0.93 -29.82
C CYS G 369 11.02 -1.71 -31.10
N LYS G 370 12.12 -2.44 -31.21
CA LYS G 370 12.39 -3.20 -32.42
C LYS G 370 11.42 -4.36 -32.55
N SER G 371 11.03 -4.96 -31.43
CA SER G 371 10.08 -6.08 -31.43
C SER G 371 9.25 -6.10 -30.17
N TYR G 372 8.23 -6.95 -30.14
CA TYR G 372 7.37 -7.07 -28.98
C TYR G 372 7.22 -8.48 -28.48
N HIS G 373 8.34 -9.20 -28.54
CA HIS G 373 8.48 -10.57 -28.06
C HIS G 373 8.92 -10.37 -26.62
N LEU G 374 8.40 -11.15 -25.70
CA LEU G 374 8.78 -10.95 -24.33
C LEU G 374 10.25 -10.62 -24.22
N SER G 375 11.10 -11.36 -24.93
CA SER G 375 12.54 -11.12 -24.87
C SER G 375 12.98 -9.66 -24.98
N GLU G 376 12.60 -8.99 -26.05
CA GLU G 376 13.03 -7.60 -26.19
C GLU G 376 12.39 -6.78 -25.07
N LEU G 377 11.08 -6.88 -24.94
CA LEU G 377 10.34 -6.16 -23.91
C LEU G 377 11.16 -6.04 -22.65
N VAL G 378 11.91 -7.08 -22.35
CA VAL G 378 12.74 -7.12 -21.16
C VAL G 378 14.11 -6.42 -21.27
N GLN G 379 14.75 -6.56 -22.42
CA GLN G 379 16.05 -5.91 -22.57
C GLN G 379 15.85 -4.41 -22.61
N GLN G 380 14.69 -4.00 -23.12
CA GLN G 380 14.40 -2.59 -23.20
C GLN G 380 13.72 -2.07 -21.94
N ILE G 381 12.48 -2.47 -21.70
CA ILE G 381 11.79 -1.96 -20.53
C ILE G 381 12.46 -2.32 -19.21
N LEU G 382 12.90 -3.57 -19.07
CA LEU G 382 13.46 -3.97 -17.80
C LEU G 382 14.98 -3.93 -17.69
N LYS G 383 15.66 -3.65 -18.80
CA LYS G 383 17.12 -3.52 -18.80
C LYS G 383 17.83 -4.73 -18.19
N THR G 384 17.50 -5.91 -18.70
CA THR G 384 18.12 -7.13 -18.20
C THR G 384 17.98 -8.26 -19.20
N GLU G 385 19.02 -9.10 -19.26
CA GLU G 385 19.05 -10.26 -20.15
C GLU G 385 17.95 -11.24 -19.75
N ARG G 386 17.51 -12.08 -20.69
CA ARG G 386 16.49 -13.06 -20.39
C ARG G 386 16.61 -14.21 -21.36
N VAL G 387 17.43 -15.20 -21.00
CA VAL G 387 17.62 -16.36 -21.86
C VAL G 387 16.27 -17.00 -22.19
N VAL G 388 16.29 -17.89 -23.16
CA VAL G 388 15.07 -18.57 -23.52
C VAL G 388 15.33 -20.05 -23.69
N ILE G 389 14.25 -20.81 -23.70
CA ILE G 389 14.37 -22.24 -23.85
C ILE G 389 13.45 -22.75 -24.95
N PRO G 390 14.07 -23.24 -26.04
CA PRO G 390 13.48 -23.79 -27.26
C PRO G 390 12.74 -25.08 -26.95
N MET G 391 11.58 -25.24 -27.57
CA MET G 391 10.80 -26.45 -27.36
C MET G 391 11.63 -27.69 -27.66
N GLU G 392 12.77 -27.48 -28.30
CA GLU G 392 13.68 -28.57 -28.66
C GLU G 392 14.34 -29.23 -27.44
N ASN G 393 14.96 -28.41 -26.59
CA ASN G 393 15.66 -28.86 -25.38
C ASN G 393 14.78 -29.27 -24.20
N ILE G 394 13.49 -28.95 -24.26
CA ILE G 394 12.58 -29.25 -23.15
C ILE G 394 12.71 -30.65 -22.61
N GLN G 395 12.20 -31.62 -23.38
CA GLN G 395 12.20 -33.02 -22.97
C GLN G 395 13.46 -33.47 -22.26
N ASN G 396 14.61 -33.22 -22.89
CA ASN G 396 15.91 -33.62 -22.38
C ASN G 396 16.29 -33.09 -20.99
N MET G 397 15.51 -32.14 -20.47
CA MET G 397 15.74 -31.54 -19.14
C MET G 397 14.85 -32.16 -18.06
N TYR G 398 13.99 -33.06 -18.50
CA TYR G 398 13.08 -33.78 -17.63
C TYR G 398 13.86 -35.02 -17.18
N SER G 399 15.07 -35.14 -17.71
CA SER G 399 15.94 -36.27 -17.46
C SER G 399 16.81 -36.19 -16.23
N GLU G 400 16.68 -35.12 -15.49
CA GLU G 400 17.52 -34.96 -14.33
C GLU G 400 16.86 -33.85 -13.52
N SER G 401 16.83 -33.99 -12.21
CA SER G 401 16.18 -33.01 -11.34
C SER G 401 16.64 -31.58 -11.58
N SER G 402 17.94 -31.35 -11.40
CA SER G 402 18.55 -30.04 -11.61
C SER G 402 17.87 -29.29 -12.74
N GLN G 403 18.04 -29.83 -13.95
CA GLN G 403 17.47 -29.23 -15.14
C GLN G 403 15.99 -28.96 -15.01
N LEU G 404 15.20 -29.95 -14.60
CA LEU G 404 13.77 -29.69 -14.49
C LEU G 404 13.52 -28.47 -13.66
N LEU G 405 14.29 -28.29 -12.60
CA LEU G 405 14.15 -27.11 -11.74
C LEU G 405 14.66 -25.84 -12.40
N TYR G 406 15.33 -25.97 -13.53
CA TYR G 406 15.82 -24.80 -14.24
C TYR G 406 14.67 -24.34 -15.08
N LEU G 407 14.05 -25.31 -15.76
CA LEU G 407 12.91 -25.05 -16.59
C LEU G 407 11.86 -24.37 -15.71
N LEU G 408 11.54 -25.00 -14.59
CA LEU G 408 10.60 -24.37 -13.71
C LEU G 408 11.16 -22.97 -13.46
N GLU G 409 12.33 -22.89 -12.82
CA GLU G 409 12.97 -21.61 -12.51
C GLU G 409 12.61 -20.52 -13.51
N HIS G 410 13.17 -20.67 -14.71
CA HIS G 410 12.95 -19.72 -15.78
C HIS G 410 11.45 -19.39 -15.91
N THR G 411 10.60 -20.40 -16.10
CA THR G 411 9.16 -20.18 -16.27
C THR G 411 8.62 -19.09 -15.38
N TRP G 412 8.89 -19.22 -14.09
CA TRP G 412 8.47 -18.23 -13.12
C TRP G 412 9.02 -16.90 -13.63
N LYS G 413 10.28 -16.60 -13.31
CA LYS G 413 10.96 -15.36 -13.71
C LYS G 413 10.13 -14.59 -14.72
N ASP G 414 9.88 -15.25 -15.84
CA ASP G 414 9.11 -14.68 -16.91
C ASP G 414 7.84 -14.07 -16.38
N ALA G 415 6.95 -14.91 -15.87
CA ALA G 415 5.69 -14.42 -15.34
C ALA G 415 5.97 -13.24 -14.41
N LYS G 416 7.17 -13.16 -13.83
CA LYS G 416 7.52 -12.05 -12.94
C LYS G 416 7.80 -10.85 -13.83
N PHE G 417 8.65 -11.08 -14.81
CA PHE G 417 8.97 -10.04 -15.73
C PHE G 417 7.65 -9.50 -16.24
N ILE G 418 6.76 -10.38 -16.68
CA ILE G 418 5.44 -9.97 -17.17
C ILE G 418 4.77 -9.08 -16.14
N LEU G 419 5.17 -9.20 -14.89
CA LEU G 419 4.55 -8.36 -13.88
C LEU G 419 5.30 -7.03 -13.92
N GLN G 420 6.61 -7.14 -13.72
CA GLN G 420 7.52 -6.00 -13.72
C GLN G 420 7.20 -5.08 -14.85
N ILE G 421 7.45 -5.58 -16.05
CA ILE G 421 7.21 -4.82 -17.26
C ILE G 421 5.80 -4.23 -17.25
N MET G 422 4.86 -4.87 -16.56
CA MET G 422 3.54 -4.31 -16.53
C MET G 422 3.58 -3.12 -15.61
N CYS G 423 4.46 -3.20 -14.63
CA CYS G 423 4.62 -2.12 -13.66
C CYS G 423 5.40 -0.90 -14.18
N GLU G 424 6.58 -1.12 -14.73
CA GLU G 424 7.36 -0.03 -15.29
C GLU G 424 6.44 0.92 -16.08
N LEU G 425 5.70 0.37 -17.04
CA LEU G 425 4.81 1.15 -17.88
C LEU G 425 3.53 1.62 -17.23
N ASN G 426 3.48 1.70 -15.91
CA ASN G 426 2.27 2.15 -15.20
C ASN G 426 0.98 1.83 -15.94
N VAL G 427 0.97 0.65 -16.52
CA VAL G 427 -0.12 0.18 -17.34
C VAL G 427 -1.49 0.19 -16.77
N LEU G 428 -1.70 -0.65 -15.77
CA LEU G 428 -3.01 -0.77 -15.19
C LEU G 428 -3.59 0.62 -14.81
N PRO G 429 -2.77 1.45 -14.17
CA PRO G 429 -3.22 2.79 -13.78
C PRO G 429 -3.71 3.53 -15.03
N LEU G 430 -2.71 3.82 -15.87
CA LEU G 430 -2.86 4.48 -17.15
C LEU G 430 -4.27 4.17 -17.59
N ALA G 431 -4.48 2.87 -17.70
CA ALA G 431 -5.71 2.24 -18.10
C ALA G 431 -6.91 2.73 -17.31
N LEU G 432 -6.79 2.74 -16.00
CA LEU G 432 -7.91 3.21 -15.20
C LEU G 432 -8.35 4.54 -15.77
N GLN G 433 -7.61 5.57 -15.38
CA GLN G 433 -7.84 6.94 -15.82
C GLN G 433 -8.38 7.02 -17.25
N ILE G 434 -7.65 6.42 -18.19
CA ILE G 434 -8.10 6.46 -19.57
C ILE G 434 -9.56 6.07 -19.58
N THR G 435 -9.82 4.87 -19.08
CA THR G 435 -11.16 4.30 -19.03
C THR G 435 -12.15 5.13 -18.21
N ASN G 436 -11.63 5.95 -17.32
CA ASN G 436 -12.52 6.75 -16.55
C ASN G 436 -12.89 8.01 -17.27
N ILE G 437 -12.02 8.51 -18.15
CA ILE G 437 -12.31 9.75 -18.91
C ILE G 437 -13.25 9.37 -20.03
N ALA G 438 -12.97 8.22 -20.63
CA ALA G 438 -13.77 7.70 -21.72
C ALA G 438 -15.17 7.33 -21.20
N GLY G 439 -15.23 6.46 -20.21
CA GLY G 439 -16.54 6.07 -19.74
C GLY G 439 -16.92 4.91 -20.63
N ASN G 440 -16.11 3.87 -20.56
CA ASN G 440 -16.34 2.67 -21.34
C ASN G 440 -16.30 1.48 -20.39
N ILE G 441 -15.41 0.52 -20.66
CA ILE G 441 -15.27 -0.67 -19.83
C ILE G 441 -13.86 -1.21 -19.84
N MET G 442 -13.19 -0.98 -18.71
CA MET G 442 -11.80 -1.36 -18.47
C MET G 442 -11.08 -2.41 -19.32
N SER G 443 -11.74 -3.55 -19.52
CA SER G 443 -11.15 -4.64 -20.29
C SER G 443 -10.81 -4.16 -21.68
N ARG G 444 -11.86 -3.79 -22.39
CA ARG G 444 -11.73 -3.30 -23.74
C ARG G 444 -10.51 -2.43 -23.80
N THR G 445 -10.58 -1.32 -23.09
CA THR G 445 -9.48 -0.36 -23.06
C THR G 445 -8.12 -1.01 -22.88
N LEU G 446 -8.12 -2.24 -22.40
CA LEU G 446 -6.85 -2.90 -22.20
C LEU G 446 -6.52 -3.73 -23.42
N MET G 447 -7.54 -4.33 -24.01
CA MET G 447 -7.37 -5.15 -25.19
C MET G 447 -6.59 -4.37 -26.24
N GLY G 448 -7.18 -3.26 -26.68
CA GLY G 448 -6.58 -2.42 -27.70
C GLY G 448 -7.66 -1.88 -28.59
N GLY G 449 -7.31 -0.98 -29.52
CA GLY G 449 -8.30 -0.42 -30.42
C GLY G 449 -8.86 0.92 -29.99
N ARG G 450 -8.11 1.99 -30.26
CA ARG G 450 -8.49 3.35 -29.89
C ARG G 450 -9.92 3.76 -30.22
N SER G 451 -10.34 3.51 -31.46
CA SER G 451 -11.70 3.85 -31.88
C SER G 451 -12.74 3.71 -30.77
N GLU G 452 -12.73 2.56 -30.11
CA GLU G 452 -13.67 2.26 -29.03
C GLU G 452 -13.76 3.35 -27.97
N ARG G 453 -12.66 3.57 -27.25
CA ARG G 453 -12.63 4.58 -26.20
C ARG G 453 -13.43 5.82 -26.64
N ASN G 454 -12.89 6.51 -27.63
CA ASN G 454 -13.53 7.70 -28.17
C ASN G 454 -14.98 7.38 -28.48
N GLU G 455 -15.21 6.36 -29.32
CA GLU G 455 -16.58 5.98 -29.68
C GLU G 455 -17.44 6.37 -28.52
N PHE G 456 -17.14 5.74 -27.40
CA PHE G 456 -17.85 5.98 -26.17
C PHE G 456 -17.86 7.45 -25.81
N LEU G 457 -16.66 7.96 -25.59
CA LEU G 457 -16.46 9.35 -25.23
C LEU G 457 -17.64 10.18 -25.71
N LEU G 458 -17.73 10.27 -27.03
CA LEU G 458 -18.77 11.02 -27.72
C LEU G 458 -20.12 10.41 -27.40
N LEU G 459 -20.21 9.08 -27.50
CA LEU G 459 -21.47 8.41 -27.20
C LEU G 459 -22.05 9.07 -26.00
N HIS G 460 -21.31 8.97 -24.91
CA HIS G 460 -21.76 9.57 -23.67
C HIS G 460 -22.22 10.99 -23.93
N ALA G 461 -21.31 11.79 -24.43
CA ALA G 461 -21.62 13.16 -24.73
C ALA G 461 -22.99 13.27 -25.39
N PHE G 462 -23.02 13.06 -26.70
CA PHE G 462 -24.25 13.16 -27.48
C PHE G 462 -25.41 12.67 -26.64
N TYR G 463 -25.17 11.62 -25.88
CA TYR G 463 -26.22 11.08 -25.04
C TYR G 463 -26.67 12.17 -24.08
N GLU G 464 -25.72 12.79 -23.40
CA GLU G 464 -26.02 13.85 -22.45
C GLU G 464 -26.63 15.05 -23.14
N ASN G 465 -26.50 15.09 -24.47
CA ASN G 465 -27.04 16.21 -25.23
C ASN G 465 -28.26 15.90 -26.10
N ASN G 466 -29.20 15.13 -25.56
CA ASN G 466 -30.44 14.80 -26.26
C ASN G 466 -30.25 14.45 -27.75
N TYR G 467 -29.08 13.92 -28.08
CA TYR G 467 -28.76 13.54 -29.46
C TYR G 467 -28.92 12.04 -29.79
N ILE G 468 -29.64 11.73 -30.86
CA ILE G 468 -29.78 10.33 -31.25
C ILE G 468 -28.41 10.01 -31.81
N VAL G 469 -28.00 8.76 -31.80
CA VAL G 469 -26.66 8.51 -32.30
C VAL G 469 -26.58 7.37 -33.28
N PRO G 470 -25.39 7.14 -33.83
CA PRO G 470 -25.08 6.09 -34.81
C PRO G 470 -25.30 4.66 -34.36
N ASP G 471 -26.31 3.97 -34.89
CA ASP G 471 -26.49 2.59 -34.52
C ASP G 471 -25.17 1.93 -34.95
N LYS G 472 -24.71 0.96 -34.17
CA LYS G 472 -23.45 0.29 -34.49
C LYS G 472 -23.64 -0.36 -35.84
N GLN G 473 -22.56 -0.49 -36.59
CA GLN G 473 -22.65 -1.07 -37.92
C GLN G 473 -22.02 -2.44 -38.11
N ILE G 474 -22.64 -3.24 -38.97
CA ILE G 474 -22.19 -4.59 -39.29
C ILE G 474 -22.93 -5.15 -40.50
N GLY G 508 -1.68 13.10 -45.10
CA GLY G 508 -0.65 13.96 -44.54
C GLY G 508 0.45 14.28 -45.53
N LEU G 509 1.07 15.45 -45.39
CA LEU G 509 2.13 15.87 -46.29
C LEU G 509 3.51 15.36 -45.89
N VAL G 510 4.35 15.12 -46.89
CA VAL G 510 5.70 14.63 -46.68
C VAL G 510 6.62 15.46 -47.53
N LEU G 511 7.59 16.12 -46.91
CA LEU G 511 8.54 16.93 -47.65
C LEU G 511 9.76 16.09 -48.01
N ASP G 512 10.16 16.16 -49.28
CA ASP G 512 11.29 15.37 -49.71
C ASP G 512 12.56 15.65 -48.93
N PRO G 513 13.03 14.63 -48.20
CA PRO G 513 14.22 14.68 -47.37
C PRO G 513 15.51 14.91 -48.13
N LYS G 514 16.19 15.95 -47.71
CA LYS G 514 17.44 16.37 -48.28
C LYS G 514 18.54 15.39 -47.99
N VAL G 515 18.41 14.18 -48.52
CA VAL G 515 19.43 13.15 -48.34
C VAL G 515 20.79 13.83 -48.31
N GLY G 516 21.55 13.52 -47.26
CA GLY G 516 22.88 14.09 -47.08
C GLY G 516 23.36 14.21 -45.64
N PHE G 517 24.65 14.49 -45.53
CA PHE G 517 25.22 14.64 -44.23
C PHE G 517 25.11 16.03 -43.64
N TYR G 518 25.32 16.13 -42.33
CA TYR G 518 25.19 17.40 -41.67
C TYR G 518 26.28 17.60 -40.66
N ASP G 519 27.06 18.65 -40.89
CA ASP G 519 28.18 19.05 -40.03
C ASP G 519 27.66 19.78 -38.79
N LYS G 520 26.84 20.79 -39.05
CA LYS G 520 26.26 21.64 -38.02
C LYS G 520 24.98 21.08 -37.47
N PHE G 521 24.50 21.71 -36.39
CA PHE G 521 23.29 21.31 -35.71
C PHE G 521 22.02 21.32 -36.54
N ILE G 522 21.07 20.50 -36.13
CA ILE G 522 19.81 20.35 -36.82
C ILE G 522 18.65 20.38 -35.85
N LEU G 523 18.00 21.53 -35.80
CA LEU G 523 16.88 21.73 -34.89
C LEU G 523 15.61 21.02 -35.33
N LEU G 524 15.25 19.89 -34.74
CA LEU G 524 14.01 19.28 -35.21
C LEU G 524 12.77 19.69 -34.42
N LEU G 525 12.08 20.73 -34.90
CA LEU G 525 10.84 21.24 -34.28
C LEU G 525 9.66 20.41 -34.71
N ASP G 526 8.55 20.54 -34.01
CA ASP G 526 7.37 19.76 -34.35
C ASP G 526 6.16 20.46 -33.83
N PHE G 527 5.00 19.89 -34.10
CA PHE G 527 3.74 20.44 -33.65
C PHE G 527 3.20 19.67 -32.45
N ASN G 528 2.41 20.32 -31.61
CA ASN G 528 1.85 19.65 -30.45
C ASN G 528 0.45 19.17 -30.73
N SER G 529 0.27 17.87 -30.93
CA SER G 529 -1.07 17.32 -31.18
C SER G 529 -1.78 18.08 -32.28
N LEU G 530 -1.37 17.82 -33.52
CA LEU G 530 -1.89 18.46 -34.72
C LEU G 530 -3.40 18.46 -35.02
N TYR G 531 -3.90 17.37 -35.58
CA TYR G 531 -5.31 17.27 -35.90
C TYR G 531 -6.14 17.49 -34.65
N PRO G 532 -5.59 17.17 -33.48
CA PRO G 532 -6.36 17.36 -32.25
C PRO G 532 -6.70 18.81 -32.09
N SER G 533 -5.69 19.65 -32.24
CA SER G 533 -5.88 21.08 -32.10
C SER G 533 -6.68 21.65 -33.27
N ILE G 534 -6.40 21.17 -34.47
CA ILE G 534 -7.10 21.66 -35.65
C ILE G 534 -8.61 21.54 -35.55
N ILE G 535 -9.08 20.43 -34.97
CA ILE G 535 -10.51 20.20 -34.78
C ILE G 535 -11.05 21.20 -33.78
N GLN G 536 -10.14 22.00 -33.26
CA GLN G 536 -10.47 23.06 -32.31
C GLN G 536 -10.38 24.41 -33.05
N GLU G 537 -9.17 24.69 -33.55
CA GLU G 537 -8.89 25.91 -34.26
C GLU G 537 -10.06 26.25 -35.17
N PHE G 538 -10.29 25.39 -36.16
CA PHE G 538 -11.34 25.60 -37.14
C PHE G 538 -12.68 24.96 -36.81
N ASN G 539 -13.08 24.99 -35.54
CA ASN G 539 -14.36 24.38 -35.16
C ASN G 539 -14.92 23.35 -36.14
N ILE G 540 -14.19 22.24 -36.33
CA ILE G 540 -14.63 21.16 -37.21
C ILE G 540 -15.46 20.21 -36.38
N CYS G 541 -16.59 19.78 -36.92
CA CYS G 541 -17.47 18.88 -36.19
C CYS G 541 -18.57 18.21 -36.99
N PHE G 542 -19.34 17.36 -36.33
CA PHE G 542 -20.46 16.67 -36.96
C PHE G 542 -21.65 17.60 -37.02
N THR G 543 -21.46 18.83 -36.58
CA THR G 543 -22.55 19.80 -36.57
C THR G 543 -22.06 21.18 -36.90
N THR G 544 -20.82 21.27 -37.38
CA THR G 544 -20.20 22.54 -37.75
C THR G 544 -19.95 22.54 -39.26
N VAL G 545 -19.39 21.45 -39.74
CA VAL G 545 -19.07 21.31 -41.15
C VAL G 545 -20.27 20.96 -42.06
N GLN G 546 -20.21 21.44 -43.29
CA GLN G 546 -21.23 21.21 -44.31
C GLN G 546 -20.76 20.01 -45.12
N ARG G 547 -21.51 18.90 -45.05
CA ARG G 547 -21.10 17.68 -45.76
C ARG G 547 -22.24 16.98 -46.49
N VAL G 548 -21.90 15.96 -47.25
CA VAL G 548 -22.90 15.19 -47.97
C VAL G 548 -22.32 13.82 -48.29
N ILE G 564 -14.52 17.41 -50.05
CA ILE G 564 -13.64 18.10 -49.12
C ILE G 564 -14.24 19.45 -48.80
N PRO G 565 -15.43 19.46 -48.16
CA PRO G 565 -16.17 20.67 -47.78
C PRO G 565 -15.39 21.89 -47.26
N GLU G 566 -16.14 22.86 -46.74
CA GLU G 566 -15.52 24.08 -46.26
C GLU G 566 -15.73 24.30 -44.77
N LEU G 567 -14.62 24.52 -44.08
CA LEU G 567 -14.64 24.79 -42.67
C LEU G 567 -15.77 25.76 -42.51
N PRO G 568 -16.70 25.52 -41.58
CA PRO G 568 -17.77 26.50 -41.46
C PRO G 568 -17.13 27.82 -41.08
N ASP G 569 -17.95 28.79 -40.71
CA ASP G 569 -17.43 30.10 -40.35
C ASP G 569 -17.06 30.22 -38.87
N PRO G 570 -16.07 31.06 -38.56
CA PRO G 570 -15.64 31.25 -37.18
C PRO G 570 -16.72 31.91 -36.30
N SER G 571 -17.88 32.17 -36.89
CA SER G 571 -19.00 32.80 -36.18
C SER G 571 -19.98 31.76 -35.65
N LEU G 572 -19.83 30.52 -36.09
CA LEU G 572 -20.71 29.46 -35.61
C LEU G 572 -20.14 29.00 -34.26
N GLU G 573 -21.00 28.52 -33.36
CA GLU G 573 -20.54 28.06 -32.04
C GLU G 573 -20.01 26.63 -32.10
N MET G 574 -19.43 26.19 -30.99
CA MET G 574 -18.89 24.85 -30.95
C MET G 574 -20.02 23.85 -31.17
N GLY G 575 -19.65 22.61 -31.42
CA GLY G 575 -20.63 21.58 -31.62
C GLY G 575 -20.33 20.49 -30.62
N ILE G 576 -21.08 19.41 -30.68
CA ILE G 576 -20.84 18.33 -29.76
C ILE G 576 -19.33 18.00 -29.67
N LEU G 577 -18.70 17.60 -30.78
CA LEU G 577 -17.27 17.25 -30.77
C LEU G 577 -16.33 18.28 -30.17
N PRO G 578 -16.42 19.53 -30.60
CA PRO G 578 -15.47 20.43 -29.96
C PRO G 578 -15.78 20.63 -28.50
N ARG G 579 -17.07 20.60 -28.16
CA ARG G 579 -17.48 20.79 -26.77
C ARG G 579 -17.07 19.62 -25.87
N GLU G 580 -16.51 18.57 -26.48
CA GLU G 580 -16.03 17.44 -25.70
C GLU G 580 -14.52 17.37 -25.81
N ILE G 581 -13.94 18.18 -26.69
CA ILE G 581 -12.49 18.25 -26.78
C ILE G 581 -12.19 19.51 -26.01
N ARG G 582 -13.23 20.29 -25.76
CA ARG G 582 -13.11 21.53 -25.00
C ARG G 582 -12.84 21.05 -23.56
N LYS G 583 -13.80 20.35 -22.98
CA LYS G 583 -13.67 19.84 -21.63
C LYS G 583 -12.37 19.04 -21.51
N LEU G 584 -12.01 18.34 -22.58
CA LEU G 584 -10.83 17.49 -22.56
C LEU G 584 -9.54 18.22 -22.23
N VAL G 585 -9.53 19.53 -22.40
CA VAL G 585 -8.33 20.24 -22.05
C VAL G 585 -8.65 21.22 -20.94
N GLU G 586 -9.94 21.30 -20.61
CA GLU G 586 -10.37 22.15 -19.51
C GLU G 586 -9.98 21.38 -18.24
N ARG G 587 -9.90 20.06 -18.39
CA ARG G 587 -9.50 19.19 -17.29
C ARG G 587 -7.99 19.04 -17.29
N ARG G 588 -7.33 19.29 -18.43
CA ARG G 588 -5.87 19.18 -18.45
C ARG G 588 -5.33 20.51 -17.95
N LYS G 589 -6.25 21.47 -17.81
CA LYS G 589 -5.88 22.76 -17.28
C LYS G 589 -5.77 22.52 -15.78
N GLN G 590 -6.92 22.28 -15.15
CA GLN G 590 -6.97 22.02 -13.71
C GLN G 590 -5.80 21.14 -13.24
N VAL G 591 -5.66 19.96 -13.84
CA VAL G 591 -4.58 19.06 -13.45
C VAL G 591 -3.19 19.60 -13.66
N LYS G 592 -2.95 20.33 -14.72
CA LYS G 592 -1.62 20.86 -14.87
C LYS G 592 -1.34 21.87 -13.75
N GLN G 593 -2.43 22.50 -13.28
CA GLN G 593 -2.33 23.50 -12.22
C GLN G 593 -2.29 22.93 -10.79
N LEU G 594 -2.93 21.78 -10.56
CA LEU G 594 -2.89 21.20 -9.22
C LEU G 594 -1.54 20.51 -9.06
N MET G 595 -0.82 20.32 -10.17
CA MET G 595 0.49 19.69 -10.14
C MET G 595 1.52 20.73 -9.80
N LYS G 596 1.07 21.97 -9.74
CA LYS G 596 1.95 23.07 -9.38
C LYS G 596 1.95 23.22 -7.84
N GLN G 597 0.82 22.88 -7.22
CA GLN G 597 0.67 22.94 -5.76
C GLN G 597 1.84 22.26 -5.03
N GLN G 598 2.32 22.85 -3.94
CA GLN G 598 3.40 22.24 -3.17
C GLN G 598 2.91 21.88 -1.77
N ASP G 599 3.72 21.11 -1.05
CA ASP G 599 3.33 20.64 0.27
C ASP G 599 2.13 19.76 -0.11
N LEU G 600 2.44 18.85 -1.04
CA LEU G 600 1.53 17.89 -1.64
C LEU G 600 2.03 16.42 -1.65
N ASN G 601 1.07 15.50 -1.57
CA ASN G 601 1.29 14.06 -1.54
C ASN G 601 2.13 13.51 -2.69
N PRO G 602 3.40 13.12 -2.42
CA PRO G 602 4.28 12.58 -3.46
C PRO G 602 3.82 11.27 -4.07
N ASP G 603 2.54 10.97 -3.88
CA ASP G 603 1.96 9.79 -4.48
C ASP G 603 1.02 10.42 -5.48
N LEU G 604 0.47 11.56 -5.10
CA LEU G 604 -0.43 12.33 -5.96
C LEU G 604 0.39 12.98 -7.08
N ILE G 605 1.71 12.97 -6.90
CA ILE G 605 2.61 13.52 -7.90
C ILE G 605 2.47 12.49 -9.00
N LEU G 606 2.78 11.24 -8.70
CA LEU G 606 2.66 10.20 -9.71
C LEU G 606 1.22 10.04 -10.15
N GLN G 607 0.28 10.43 -9.31
CA GLN G 607 -1.11 10.31 -9.71
C GLN G 607 -1.37 11.30 -10.86
N TYR G 608 -1.45 12.59 -10.55
CA TYR G 608 -1.70 13.63 -11.55
C TYR G 608 -0.96 13.45 -12.91
N ASP G 609 0.28 12.98 -12.87
CA ASP G 609 1.14 12.73 -14.05
C ASP G 609 0.47 11.84 -15.08
N ILE G 610 -0.01 10.69 -14.61
CA ILE G 610 -0.69 9.74 -15.49
C ILE G 610 -1.98 10.40 -15.97
N ARG G 611 -2.89 10.72 -15.04
CA ARG G 611 -4.14 11.38 -15.40
C ARG G 611 -3.87 12.39 -16.52
N GLN G 612 -2.66 12.94 -16.53
CA GLN G 612 -2.25 13.87 -17.57
C GLN G 612 -2.23 13.09 -18.89
N LYS G 613 -1.18 12.29 -19.08
CA LYS G 613 -0.97 11.48 -20.28
C LYS G 613 -2.25 10.94 -20.88
N ALA G 614 -3.18 10.56 -20.04
CA ALA G 614 -4.45 10.02 -20.53
C ALA G 614 -5.23 11.06 -21.28
N LEU G 615 -5.69 12.06 -20.53
CA LEU G 615 -6.46 13.17 -21.10
C LEU G 615 -5.84 13.52 -22.45
N LYS G 616 -4.51 13.31 -22.55
CA LYS G 616 -3.71 13.56 -23.74
C LYS G 616 -4.03 12.57 -24.86
N LEU G 617 -3.78 11.29 -24.61
CA LEU G 617 -4.06 10.27 -25.60
C LEU G 617 -5.47 10.34 -26.16
N THR G 618 -6.45 10.17 -25.29
CA THR G 618 -7.86 10.22 -25.70
C THR G 618 -8.08 11.24 -26.82
N ALA G 619 -7.76 12.49 -26.50
CA ALA G 619 -7.91 13.58 -27.45
C ALA G 619 -7.38 13.21 -28.84
N ASN G 620 -6.06 13.19 -28.98
CA ASN G 620 -5.43 12.86 -30.24
C ASN G 620 -6.17 11.86 -31.09
N SER G 621 -6.39 10.68 -30.54
CA SER G 621 -7.10 9.69 -31.30
C SER G 621 -8.52 10.15 -31.61
N MET G 622 -9.00 11.19 -30.93
CA MET G 622 -10.32 11.74 -31.22
C MET G 622 -10.45 11.69 -32.75
N TYR G 623 -9.36 12.08 -33.42
CA TYR G 623 -9.29 12.12 -34.87
C TYR G 623 -9.37 10.72 -35.41
N GLY G 624 -8.35 9.93 -35.10
CA GLY G 624 -8.32 8.55 -35.56
C GLY G 624 -9.71 7.93 -35.45
N CYS G 625 -10.58 8.61 -34.71
CA CYS G 625 -11.94 8.18 -34.51
C CYS G 625 -12.81 8.51 -35.68
N LEU G 626 -12.49 9.61 -36.35
CA LEU G 626 -13.26 10.04 -37.50
C LEU G 626 -12.73 9.55 -38.84
N GLY G 627 -11.40 9.45 -38.97
CA GLY G 627 -10.81 8.98 -40.21
C GLY G 627 -10.52 7.48 -40.24
N PHE G 628 -11.25 6.70 -39.42
CA PHE G 628 -11.11 5.24 -39.32
C PHE G 628 -12.21 4.50 -40.07
N SER G 629 -11.84 3.91 -41.20
CA SER G 629 -12.76 3.18 -42.06
C SER G 629 -13.86 2.43 -41.30
N TYR G 630 -13.45 1.64 -40.33
CA TYR G 630 -14.40 0.84 -39.57
C TYR G 630 -14.78 1.39 -38.19
N SER G 631 -14.89 2.70 -38.03
CA SER G 631 -15.29 3.26 -36.73
C SER G 631 -16.79 3.38 -36.67
N ARG G 632 -17.33 3.54 -35.46
CA ARG G 632 -18.78 3.68 -35.30
C ARG G 632 -19.14 5.15 -35.48
N PHE G 633 -18.10 5.97 -35.57
CA PHE G 633 -18.27 7.40 -35.76
C PHE G 633 -17.51 7.92 -36.99
N TYR G 634 -17.64 7.20 -38.10
CA TYR G 634 -16.97 7.56 -39.33
C TYR G 634 -17.66 8.71 -40.05
N ALA G 635 -16.90 9.38 -40.91
CA ALA G 635 -17.39 10.51 -41.71
C ALA G 635 -16.20 11.03 -42.51
N LYS G 636 -15.70 10.22 -43.44
CA LYS G 636 -14.53 10.54 -44.26
C LYS G 636 -14.29 12.01 -44.55
N PRO G 637 -15.36 12.77 -44.84
CA PRO G 637 -15.15 14.20 -45.12
C PRO G 637 -14.39 14.88 -43.99
N LEU G 638 -15.06 14.96 -42.85
CA LEU G 638 -14.53 15.57 -41.66
C LEU G 638 -13.05 15.34 -41.56
N ALA G 639 -12.62 14.14 -41.89
CA ALA G 639 -11.19 13.81 -41.83
C ALA G 639 -10.35 14.53 -42.87
N ALA G 640 -10.57 14.19 -44.14
CA ALA G 640 -9.81 14.81 -45.19
C ALA G 640 -9.66 16.29 -44.90
N LEU G 641 -10.78 16.98 -44.73
CA LEU G 641 -10.76 18.41 -44.43
C LEU G 641 -9.59 18.70 -43.51
N VAL G 642 -9.61 18.02 -42.36
CA VAL G 642 -8.57 18.18 -41.37
C VAL G 642 -7.23 17.89 -42.00
N THR G 643 -7.03 16.66 -42.45
CA THR G 643 -5.78 16.28 -43.07
C THR G 643 -5.31 17.44 -43.95
N TYR G 644 -6.23 18.05 -44.67
CA TYR G 644 -5.86 19.15 -45.53
C TYR G 644 -5.18 20.23 -44.71
N LYS G 645 -5.98 20.99 -43.96
CA LYS G 645 -5.47 22.08 -43.15
C LYS G 645 -4.11 21.64 -42.73
N GLY G 646 -4.04 20.37 -42.36
CA GLY G 646 -2.80 19.79 -41.92
C GLY G 646 -1.63 19.96 -42.86
N ARG G 647 -1.71 19.31 -44.00
CA ARG G 647 -0.63 19.43 -44.95
C ARG G 647 -0.44 20.90 -45.24
N GLU G 648 -1.55 21.62 -45.27
CA GLU G 648 -1.52 23.05 -45.53
C GLU G 648 -0.62 23.76 -44.54
N ILE G 649 -1.15 23.86 -43.32
CA ILE G 649 -0.48 24.51 -42.24
C ILE G 649 0.96 24.09 -42.15
N LEU G 650 1.32 23.03 -42.84
CA LEU G 650 2.71 22.59 -42.78
C LEU G 650 3.60 23.38 -43.72
N MET G 651 3.22 23.45 -44.99
CA MET G 651 3.99 24.20 -45.96
C MET G 651 4.12 25.62 -45.45
N HIS G 652 2.96 26.24 -45.26
CA HIS G 652 2.83 27.60 -44.77
C HIS G 652 4.05 27.85 -43.94
N THR G 653 4.24 26.93 -43.00
CA THR G 653 5.35 26.96 -42.08
C THR G 653 6.68 26.75 -42.77
N LYS G 654 6.80 25.67 -43.53
CA LYS G 654 8.06 25.41 -44.22
C LYS G 654 8.49 26.66 -44.97
N GLU G 655 7.57 27.31 -45.67
CA GLU G 655 7.91 28.52 -46.41
C GLU G 655 8.49 29.50 -45.42
N MET G 656 7.71 29.79 -44.38
CA MET G 656 8.12 30.72 -43.36
C MET G 656 9.59 30.62 -43.00
N VAL G 657 10.05 29.40 -42.70
CA VAL G 657 11.45 29.15 -42.33
C VAL G 657 12.43 29.55 -43.41
N GLN G 658 12.13 29.12 -44.62
CA GLN G 658 12.95 29.45 -45.76
C GLN G 658 12.90 30.98 -45.87
N LYS G 659 11.72 31.55 -45.60
CA LYS G 659 11.53 32.99 -45.65
C LYS G 659 12.39 33.68 -44.61
N MET G 660 12.90 32.91 -43.65
CA MET G 660 13.75 33.45 -42.61
C MET G 660 15.16 33.03 -42.98
N ASN G 661 15.31 32.72 -44.26
CA ASN G 661 16.58 32.32 -44.86
C ASN G 661 17.29 31.20 -44.13
N LEU G 662 16.49 30.18 -43.79
CA LEU G 662 16.93 28.98 -43.08
C LEU G 662 16.44 27.70 -43.77
N GLU G 663 17.40 26.92 -44.27
CA GLU G 663 17.21 25.66 -44.98
C GLU G 663 16.50 24.51 -44.24
N VAL G 664 15.29 24.17 -44.69
CA VAL G 664 14.47 23.08 -44.11
C VAL G 664 14.81 21.68 -44.68
N ILE G 665 15.70 20.94 -44.03
CA ILE G 665 16.12 19.60 -44.51
C ILE G 665 15.15 18.42 -44.45
N TYR G 666 13.96 18.61 -43.89
CA TYR G 666 12.98 17.50 -43.82
C TYR G 666 11.69 17.93 -43.19
N GLY G 667 10.66 17.12 -43.38
CA GLY G 667 9.35 17.40 -42.83
C GLY G 667 8.48 16.17 -42.90
N ASP G 668 7.35 16.18 -42.19
CA ASP G 668 6.45 15.04 -42.17
C ASP G 668 5.26 15.25 -41.27
N THR G 669 4.08 15.37 -41.88
CA THR G 669 2.82 15.56 -41.19
C THR G 669 2.75 16.70 -40.14
N ASP G 670 3.70 16.79 -39.22
CA ASP G 670 3.69 17.84 -38.18
C ASP G 670 5.07 18.20 -37.61
N SER G 671 6.09 17.61 -38.24
CA SER G 671 7.47 17.77 -37.85
C SER G 671 8.28 18.58 -38.87
N ILE G 672 9.43 19.08 -38.46
CA ILE G 672 10.25 19.86 -39.35
C ILE G 672 11.71 19.93 -38.92
N MET G 673 12.57 19.16 -39.56
CA MET G 673 13.98 19.26 -39.22
C MET G 673 14.49 20.55 -39.90
N ILE G 674 15.50 21.22 -39.31
CA ILE G 674 16.02 22.47 -39.85
C ILE G 674 17.52 22.71 -39.65
N ASN G 675 18.32 22.49 -40.68
CA ASN G 675 19.76 22.72 -40.53
C ASN G 675 19.93 24.18 -40.25
N THR G 676 20.73 24.53 -39.28
CA THR G 676 20.87 25.94 -38.95
C THR G 676 22.26 26.49 -39.11
N ASN G 677 23.26 25.73 -38.67
CA ASN G 677 24.66 26.13 -38.77
C ASN G 677 25.28 26.79 -37.55
N SER G 678 24.64 26.69 -36.40
CA SER G 678 25.20 27.30 -35.20
C SER G 678 26.02 26.29 -34.43
N THR G 679 26.92 26.79 -33.58
CA THR G 679 27.72 25.94 -32.73
C THR G 679 27.25 26.33 -31.33
N ASN G 680 26.70 27.55 -31.27
CA ASN G 680 26.16 28.21 -30.08
C ASN G 680 24.73 27.73 -29.82
N LEU G 681 24.57 26.68 -29.01
CA LEU G 681 23.21 26.20 -28.73
C LEU G 681 22.40 27.31 -28.04
N GLU G 682 23.08 28.17 -27.28
CA GLU G 682 22.42 29.28 -26.60
C GLU G 682 21.67 30.06 -27.66
N GLU G 683 22.21 30.02 -28.88
CA GLU G 683 21.64 30.73 -30.02
C GLU G 683 20.53 29.91 -30.69
N VAL G 684 20.70 28.60 -30.77
CA VAL G 684 19.71 27.76 -31.43
C VAL G 684 18.32 27.80 -30.80
N PHE G 685 18.24 27.69 -29.49
CA PHE G 685 16.90 27.76 -28.94
C PHE G 685 16.39 29.17 -29.12
N LYS G 686 17.16 30.16 -28.66
CA LYS G 686 16.77 31.56 -28.82
C LYS G 686 16.18 31.66 -30.23
N LEU G 687 16.69 30.81 -31.11
CA LEU G 687 16.25 30.76 -32.49
C LEU G 687 15.02 29.89 -32.60
N GLY G 688 15.10 28.68 -32.06
CA GLY G 688 13.96 27.80 -32.13
C GLY G 688 12.75 28.63 -31.76
N ASN G 689 12.76 29.10 -30.53
CA ASN G 689 11.69 29.91 -30.02
C ASN G 689 11.32 31.06 -30.95
N LYS G 690 12.31 31.72 -31.54
CA LYS G 690 11.99 32.80 -32.45
C LYS G 690 10.97 32.21 -33.42
N VAL G 691 11.34 31.09 -34.02
CA VAL G 691 10.45 30.41 -34.94
C VAL G 691 9.15 30.26 -34.21
N LYS G 692 9.23 29.53 -33.11
CA LYS G 692 8.08 29.28 -32.26
C LYS G 692 7.14 30.48 -32.38
N SER G 693 7.48 31.54 -31.68
CA SER G 693 6.69 32.76 -31.67
C SER G 693 5.96 32.99 -32.99
N GLU G 694 6.71 33.45 -33.99
CA GLU G 694 6.14 33.74 -35.31
C GLU G 694 5.01 32.78 -35.63
N VAL G 695 5.30 31.50 -35.55
CA VAL G 695 4.33 30.46 -35.88
C VAL G 695 3.12 30.39 -34.98
N ASN G 696 3.34 30.53 -33.67
CA ASN G 696 2.24 30.44 -32.74
C ASN G 696 1.54 31.76 -32.69
N LYS G 697 2.26 32.79 -33.09
CA LYS G 697 1.71 34.13 -33.10
C LYS G 697 0.60 34.20 -34.12
N LEU G 698 0.75 33.44 -35.21
CA LEU G 698 -0.23 33.41 -36.29
C LEU G 698 -1.57 32.73 -35.96
N TYR G 699 -1.48 31.58 -35.30
CA TYR G 699 -2.67 30.85 -34.92
C TYR G 699 -3.05 31.20 -33.49
N LYS G 700 -4.10 30.54 -33.00
CA LYS G 700 -4.61 30.77 -31.66
C LYS G 700 -4.37 29.58 -30.71
N LEU G 701 -4.49 28.37 -31.24
CA LEU G 701 -4.28 27.19 -30.40
C LEU G 701 -3.07 26.42 -30.86
N LEU G 702 -3.21 25.76 -31.99
CA LEU G 702 -2.12 25.00 -32.56
C LEU G 702 -0.84 25.72 -32.21
N GLU G 703 0.24 24.98 -32.03
CA GLU G 703 1.52 25.59 -31.71
C GLU G 703 2.67 24.66 -32.01
N ILE G 704 3.78 25.19 -32.49
CA ILE G 704 4.94 24.36 -32.77
C ILE G 704 5.67 24.23 -31.46
N ASP G 705 6.51 23.22 -31.34
CA ASP G 705 7.26 23.05 -30.12
C ASP G 705 8.66 22.59 -30.37
N ILE G 706 9.57 23.12 -29.57
CA ILE G 706 10.96 22.76 -29.68
C ILE G 706 10.94 21.27 -29.48
N ASP G 707 11.86 20.53 -30.11
CA ASP G 707 11.83 19.11 -29.90
C ASP G 707 13.13 18.35 -29.99
N GLY G 708 14.25 19.02 -30.10
CA GLY G 708 15.45 18.24 -30.15
C GLY G 708 16.51 19.00 -30.85
N VAL G 709 17.67 18.37 -31.00
CA VAL G 709 18.82 18.96 -31.66
C VAL G 709 19.67 17.76 -31.97
N PHE G 710 20.31 17.73 -33.12
CA PHE G 710 21.17 16.60 -33.46
C PHE G 710 22.52 17.24 -33.68
N LYS G 711 23.59 16.56 -33.30
CA LYS G 711 24.88 17.18 -33.51
C LYS G 711 25.56 16.58 -34.71
N SER G 712 24.84 15.69 -35.37
CA SER G 712 25.32 15.05 -36.58
C SER G 712 24.06 14.40 -37.10
N LEU G 713 23.94 14.34 -38.43
CA LEU G 713 22.77 13.73 -39.05
C LEU G 713 23.10 13.13 -40.39
N LEU G 714 22.60 11.94 -40.59
CA LEU G 714 22.81 11.24 -41.82
C LEU G 714 21.40 10.92 -42.25
N LEU G 715 20.84 11.76 -43.11
CA LEU G 715 19.50 11.53 -43.59
C LEU G 715 19.55 10.54 -44.74
N LEU G 716 19.35 9.25 -44.49
CA LEU G 716 19.39 8.27 -45.57
C LEU G 716 18.19 8.49 -46.51
N LYS G 717 16.98 8.19 -46.05
CA LYS G 717 15.78 8.42 -46.86
C LYS G 717 14.59 8.64 -45.94
N LYS G 718 13.38 8.50 -46.47
CA LYS G 718 12.17 8.73 -45.70
C LYS G 718 12.12 7.99 -44.34
N LYS G 719 11.73 8.74 -43.30
CA LYS G 719 11.61 8.23 -41.93
C LYS G 719 12.79 7.32 -41.58
N LYS G 720 13.94 7.54 -42.19
CA LYS G 720 15.11 6.71 -41.92
C LYS G 720 16.38 7.55 -41.84
N TYR G 721 16.88 7.77 -40.62
CA TYR G 721 18.08 8.57 -40.36
C TYR G 721 18.95 8.02 -39.27
N ALA G 722 20.18 8.52 -39.26
CA ALA G 722 21.17 8.20 -38.26
C ALA G 722 21.48 9.61 -37.76
N ALA G 723 21.78 9.78 -36.46
CA ALA G 723 22.08 11.12 -35.92
C ALA G 723 22.59 11.14 -34.51
N LEU G 724 22.97 12.32 -34.06
CA LEU G 724 23.49 12.50 -32.71
C LEU G 724 22.59 13.44 -31.95
N VAL G 725 21.89 12.90 -30.93
CA VAL G 725 20.94 13.63 -30.07
C VAL G 725 21.58 14.37 -28.91
N VAL G 726 21.10 15.58 -28.64
CA VAL G 726 21.66 16.38 -27.56
C VAL G 726 20.82 16.41 -26.27
N GLU G 727 21.53 16.21 -25.16
CA GLU G 727 20.96 16.22 -23.82
C GLU G 727 21.86 17.18 -23.04
N PRO G 728 21.38 18.43 -22.87
CA PRO G 728 22.07 19.51 -22.18
C PRO G 728 22.33 19.28 -20.71
N THR G 729 23.59 19.43 -20.32
CA THR G 729 23.93 19.32 -18.91
C THR G 729 23.66 20.77 -18.53
N SER G 730 24.50 21.36 -17.69
CA SER G 730 24.23 22.73 -17.34
C SER G 730 25.12 23.76 -17.99
N ASP G 731 24.46 24.85 -18.35
CA ASP G 731 25.01 26.08 -18.95
C ASP G 731 26.06 26.09 -20.06
N GLY G 732 25.77 25.44 -21.18
CA GLY G 732 26.72 25.44 -22.28
C GLY G 732 27.21 24.09 -22.74
N ASN G 733 27.34 23.14 -21.82
CA ASN G 733 27.78 21.80 -22.19
C ASN G 733 26.54 20.91 -22.34
N TYR G 734 26.73 19.72 -22.91
CA TYR G 734 25.63 18.77 -23.15
C TYR G 734 26.11 17.33 -23.27
N VAL G 735 25.28 16.50 -23.86
CA VAL G 735 25.61 15.09 -24.03
C VAL G 735 25.26 14.55 -25.41
N THR G 736 26.12 13.68 -25.92
CA THR G 736 25.95 13.09 -27.23
C THR G 736 25.44 11.63 -27.23
N LYS G 737 24.12 11.45 -27.26
CA LYS G 737 23.49 10.12 -27.26
C LYS G 737 23.33 9.57 -28.69
N GLN G 738 23.79 8.34 -28.92
CA GLN G 738 23.69 7.71 -30.24
C GLN G 738 22.29 7.14 -30.50
N GLU G 739 21.57 7.74 -31.46
CA GLU G 739 20.20 7.29 -31.83
C GLU G 739 20.04 7.01 -33.32
N LEU G 740 19.83 5.74 -33.65
CA LEU G 740 19.67 5.30 -35.02
C LEU G 740 18.36 4.54 -35.14
N LYS G 741 17.86 4.40 -36.36
CA LYS G 741 16.64 3.63 -36.59
C LYS G 741 16.38 3.50 -38.06
N GLY G 742 16.05 2.27 -38.44
CA GLY G 742 15.80 1.97 -39.84
C GLY G 742 17.13 1.58 -40.44
N LEU G 743 18.06 1.15 -39.58
CA LEU G 743 19.39 0.79 -40.03
C LEU G 743 19.79 -0.59 -39.53
N ASP G 744 18.93 -1.58 -39.73
CA ASP G 744 19.20 -2.94 -39.29
C ASP G 744 19.66 -3.74 -40.49
N ILE G 745 20.61 -4.64 -40.32
CA ILE G 745 21.02 -5.47 -41.44
C ILE G 745 20.43 -6.83 -41.11
N VAL G 746 19.75 -7.51 -42.04
CA VAL G 746 19.19 -8.78 -41.66
C VAL G 746 20.15 -9.94 -41.89
N ARG G 747 20.49 -10.23 -43.14
CA ARG G 747 21.39 -11.34 -43.43
C ARG G 747 22.57 -11.40 -42.48
N ARG G 748 22.85 -12.58 -41.93
CA ARG G 748 23.97 -12.75 -41.01
C ARG G 748 25.14 -13.29 -41.78
N ASP G 749 25.06 -13.20 -43.10
CA ASP G 749 26.10 -13.75 -43.92
C ASP G 749 27.08 -12.74 -44.49
N TRP G 750 27.38 -11.71 -43.72
CA TRP G 750 28.34 -10.71 -44.18
C TRP G 750 29.65 -11.08 -43.53
N CYS G 751 30.72 -11.25 -44.31
CA CYS G 751 32.00 -11.62 -43.73
C CYS G 751 32.47 -10.59 -42.73
N ASP G 752 33.46 -10.97 -41.92
CA ASP G 752 34.00 -10.07 -40.91
C ASP G 752 34.51 -8.75 -41.51
N LEU G 753 35.39 -8.86 -42.51
CA LEU G 753 35.96 -7.67 -43.14
C LEU G 753 34.92 -6.67 -43.47
N ALA G 754 33.70 -7.15 -43.71
CA ALA G 754 32.59 -6.28 -44.02
C ALA G 754 32.14 -5.58 -42.75
N LYS G 755 31.61 -6.35 -41.83
CA LYS G 755 31.15 -5.78 -40.56
C LYS G 755 32.24 -4.92 -39.92
N ASP G 756 33.48 -5.38 -40.00
CA ASP G 756 34.60 -4.59 -39.46
C ASP G 756 34.51 -3.24 -40.18
N THR G 757 34.95 -3.23 -41.42
CA THR G 757 34.94 -2.03 -42.24
C THR G 757 33.61 -1.31 -42.07
N GLY G 758 32.53 -2.06 -41.93
CA GLY G 758 31.22 -1.45 -41.78
C GLY G 758 31.15 -0.49 -40.62
N ASN G 759 31.11 -1.04 -39.41
CA ASN G 759 31.05 -0.22 -38.22
C ASN G 759 32.06 0.93 -38.34
N PHE G 760 33.31 0.54 -38.54
CA PHE G 760 34.45 1.44 -38.69
C PHE G 760 34.07 2.82 -39.19
N VAL G 761 33.22 2.81 -40.18
CA VAL G 761 32.75 4.03 -40.78
C VAL G 761 31.67 4.60 -39.92
N ILE G 762 30.55 3.88 -39.86
CA ILE G 762 29.38 4.29 -39.09
C ILE G 762 29.86 5.13 -37.90
N GLY G 763 31.02 4.77 -37.36
CA GLY G 763 31.56 5.50 -36.25
C GLY G 763 32.08 6.87 -36.62
N GLN G 764 33.09 6.92 -37.48
CA GLN G 764 33.63 8.18 -37.87
C GLN G 764 32.45 9.05 -38.25
N ILE G 765 31.35 8.41 -38.67
CA ILE G 765 30.16 9.15 -39.07
C ILE G 765 29.39 9.67 -37.88
N LEU G 766 29.55 9.05 -36.72
CA LEU G 766 28.90 9.59 -35.55
C LEU G 766 29.97 10.20 -34.68
N SER G 767 31.11 10.48 -35.33
CA SER G 767 32.26 11.16 -34.74
C SER G 767 31.75 12.62 -34.75
N ASP G 768 32.47 13.54 -34.11
CA ASP G 768 31.99 14.92 -34.12
C ASP G 768 32.75 15.68 -35.18
N GLN G 769 33.91 15.15 -35.56
CA GLN G 769 34.74 15.78 -36.57
C GLN G 769 33.97 16.22 -37.82
N SER G 770 34.58 17.07 -38.64
CA SER G 770 33.96 17.61 -39.85
C SER G 770 33.65 16.65 -40.98
N ARG G 771 32.62 17.03 -41.73
CA ARG G 771 32.19 16.24 -42.87
C ARG G 771 33.49 15.89 -43.55
N ASP G 772 34.26 16.91 -43.90
CA ASP G 772 35.54 16.71 -44.56
C ASP G 772 36.36 15.66 -43.83
N THR G 773 36.61 15.92 -42.55
CA THR G 773 37.41 15.03 -41.72
C THR G 773 36.92 13.57 -41.76
N ILE G 774 35.61 13.40 -41.62
CA ILE G 774 35.01 12.06 -41.63
C ILE G 774 35.39 11.33 -42.91
N VAL G 775 34.81 11.84 -43.98
CA VAL G 775 34.97 11.30 -45.29
C VAL G 775 36.42 11.06 -45.68
N GLU G 776 37.28 12.04 -45.46
CA GLU G 776 38.69 11.86 -45.82
C GLU G 776 39.22 10.59 -45.18
N ASN G 777 38.95 10.42 -43.89
CA ASN G 777 39.38 9.23 -43.17
C ASN G 777 38.74 8.02 -43.85
N ILE G 778 37.44 8.12 -44.10
CA ILE G 778 36.73 7.00 -44.73
C ILE G 778 37.38 6.63 -46.06
N GLN G 779 37.77 7.64 -46.82
CA GLN G 779 38.44 7.34 -48.06
C GLN G 779 39.69 6.57 -47.61
N LYS G 780 40.54 7.28 -46.87
CA LYS G 780 41.80 6.76 -46.31
C LYS G 780 41.70 5.26 -46.04
N ARG G 781 41.00 4.95 -44.95
CA ARG G 781 40.82 3.57 -44.54
C ARG G 781 40.48 2.68 -45.72
N LEU G 782 39.25 2.81 -46.21
CA LEU G 782 38.81 2.03 -47.33
C LEU G 782 39.96 1.85 -48.31
N ILE G 783 40.58 2.94 -48.76
CA ILE G 783 41.71 2.87 -49.69
C ILE G 783 42.62 1.70 -49.35
N GLU G 784 43.01 1.62 -48.09
CA GLU G 784 43.89 0.57 -47.61
C GLU G 784 43.23 -0.80 -47.66
N ILE G 785 42.03 -0.88 -47.09
CA ILE G 785 41.26 -2.12 -47.09
C ILE G 785 41.70 -2.84 -48.34
N GLY G 786 41.26 -2.28 -49.46
CA GLY G 786 41.59 -2.82 -50.75
C GLY G 786 43.00 -3.32 -50.84
N GLU G 787 43.96 -2.40 -50.79
CA GLU G 787 45.38 -2.75 -50.89
C GLU G 787 45.67 -4.07 -50.20
N ASN G 788 45.57 -4.06 -48.87
CA ASN G 788 45.79 -5.25 -48.08
C ASN G 788 45.07 -6.41 -48.76
N VAL G 789 43.77 -6.23 -49.01
CA VAL G 789 42.96 -7.27 -49.63
C VAL G 789 43.72 -7.92 -50.79
N LEU G 790 44.48 -7.11 -51.51
CA LEU G 790 45.23 -7.61 -52.64
C LEU G 790 46.59 -8.21 -52.34
N ASN G 791 47.21 -7.83 -51.23
CA ASN G 791 48.50 -8.41 -50.88
C ASN G 791 48.35 -9.60 -49.93
N GLY G 792 47.10 -9.92 -49.57
CA GLY G 792 46.81 -11.04 -48.69
C GLY G 792 46.89 -10.82 -47.18
N SER G 793 47.02 -9.57 -46.76
CA SER G 793 47.13 -9.20 -45.34
C SER G 793 45.84 -9.42 -44.54
N VAL G 794 44.85 -10.06 -45.13
CA VAL G 794 43.62 -10.28 -44.41
C VAL G 794 43.44 -11.73 -44.03
N PRO G 795 43.10 -11.98 -42.74
CA PRO G 795 42.88 -13.31 -42.20
C PRO G 795 41.87 -14.10 -43.01
N VAL G 796 42.25 -15.32 -43.33
CA VAL G 796 41.43 -16.22 -44.11
C VAL G 796 40.00 -16.29 -43.58
N SER G 797 39.86 -16.42 -42.26
CA SER G 797 38.54 -16.51 -41.68
C SER G 797 37.72 -15.26 -41.94
N GLN G 798 38.36 -14.09 -41.91
CA GLN G 798 37.67 -12.82 -42.09
C GLN G 798 36.81 -12.80 -43.33
N PHE G 799 36.78 -13.93 -44.02
CA PHE G 799 35.97 -14.05 -45.22
C PHE G 799 34.87 -15.08 -45.06
N GLU G 800 34.98 -15.89 -44.01
CA GLU G 800 33.99 -16.93 -43.77
C GLU G 800 32.58 -16.37 -43.64
N ILE G 801 31.70 -16.77 -44.54
CA ILE G 801 30.30 -16.32 -44.47
C ILE G 801 29.55 -17.44 -43.77
N ASN G 802 28.35 -17.18 -43.26
CA ASN G 802 27.64 -18.23 -42.55
C ASN G 802 26.11 -18.19 -42.61
N LYS G 803 25.52 -19.21 -43.22
CA LYS G 803 24.07 -19.26 -43.34
C LYS G 803 23.47 -20.49 -42.67
N ALA G 804 22.27 -20.28 -42.16
CA ALA G 804 21.52 -21.32 -41.46
C ALA G 804 20.47 -21.99 -42.35
N LEU G 805 20.83 -23.11 -42.96
CA LEU G 805 19.96 -23.86 -43.85
C LEU G 805 18.61 -24.13 -43.23
N THR G 806 17.54 -23.96 -44.02
CA THR G 806 16.20 -24.22 -43.52
C THR G 806 15.53 -25.23 -44.43
N LYS G 807 16.38 -25.92 -45.17
CA LYS G 807 15.95 -26.97 -46.08
C LYS G 807 17.18 -27.82 -46.34
N ASP G 808 16.96 -29.07 -46.67
CA ASP G 808 18.07 -29.95 -46.91
C ASP G 808 18.52 -29.80 -48.37
N PRO G 809 19.80 -29.47 -48.56
CA PRO G 809 20.53 -29.23 -49.80
C PRO G 809 19.83 -29.56 -51.10
N GLN G 810 19.20 -30.73 -51.15
CA GLN G 810 18.50 -31.14 -52.35
C GLN G 810 17.07 -30.64 -52.38
N ASP G 811 16.73 -29.72 -51.49
CA ASP G 811 15.39 -29.18 -51.46
C ASP G 811 15.43 -27.70 -51.85
N TYR G 812 16.64 -27.15 -51.86
CA TYR G 812 16.86 -25.75 -52.22
C TYR G 812 16.75 -25.53 -53.74
N PRO G 813 15.68 -24.83 -54.20
CA PRO G 813 15.51 -24.59 -55.63
C PRO G 813 16.64 -23.77 -56.24
N ASP G 814 16.73 -22.52 -55.82
CA ASP G 814 17.74 -21.62 -56.34
C ASP G 814 19.13 -22.26 -56.30
N LYS G 815 19.21 -23.47 -55.79
CA LYS G 815 20.47 -24.20 -55.70
C LYS G 815 21.68 -23.42 -56.23
N LYS G 816 22.17 -23.87 -57.37
CA LYS G 816 23.32 -23.30 -58.06
C LYS G 816 23.69 -21.86 -57.71
N SER G 817 22.69 -21.01 -57.48
CA SER G 817 22.94 -19.60 -57.18
C SER G 817 23.11 -19.18 -55.71
N LEU G 818 22.99 -20.11 -54.76
CA LEU G 818 23.15 -19.77 -53.34
C LEU G 818 24.46 -20.39 -52.85
N PRO G 819 25.45 -19.54 -52.51
CA PRO G 819 26.79 -19.93 -52.04
C PRO G 819 26.87 -21.01 -50.96
N HIS G 820 26.17 -20.82 -49.85
CA HIS G 820 26.23 -21.80 -48.78
C HIS G 820 25.68 -23.16 -49.20
N VAL G 821 24.43 -23.19 -49.61
CA VAL G 821 23.80 -24.44 -50.02
C VAL G 821 24.68 -25.16 -51.03
N HIS G 822 25.60 -24.44 -51.66
CA HIS G 822 26.49 -25.10 -52.61
C HIS G 822 27.56 -25.87 -51.88
N VAL G 823 28.24 -25.21 -50.94
CA VAL G 823 29.30 -25.86 -50.18
C VAL G 823 28.69 -27.03 -49.44
N ALA G 824 27.61 -26.74 -48.71
CA ALA G 824 26.92 -27.76 -47.95
C ALA G 824 26.68 -28.96 -48.84
N LEU G 825 26.28 -28.72 -50.08
CA LEU G 825 26.03 -29.80 -51.02
C LEU G 825 27.31 -30.53 -51.37
N TRP G 826 28.35 -29.78 -51.73
CA TRP G 826 29.63 -30.38 -52.04
C TRP G 826 29.96 -31.37 -50.92
N ILE G 827 30.04 -30.80 -49.73
CA ILE G 827 30.34 -31.51 -48.48
C ILE G 827 29.65 -32.86 -48.29
N ASN G 828 28.36 -32.80 -47.95
CA ASN G 828 27.57 -33.99 -47.73
C ASN G 828 27.94 -35.11 -48.70
N SER G 829 27.47 -34.99 -49.93
CA SER G 829 27.73 -35.99 -50.95
C SER G 829 29.19 -36.43 -51.06
N GLN G 830 30.10 -35.66 -50.47
CA GLN G 830 31.51 -36.01 -50.57
C GLN G 830 32.06 -36.87 -49.44
N GLY G 831 31.78 -36.52 -48.18
CA GLY G 831 32.34 -37.30 -47.08
C GLY G 831 31.51 -37.79 -45.89
N GLY G 832 32.08 -37.60 -44.68
CA GLY G 832 31.43 -38.02 -43.46
C GLY G 832 30.28 -37.17 -42.96
N ARG G 833 30.54 -36.33 -41.96
CA ARG G 833 29.52 -35.44 -41.38
C ARG G 833 28.61 -34.79 -42.43
N LYS G 834 27.30 -34.93 -42.24
CA LYS G 834 26.28 -34.39 -43.16
C LYS G 834 25.45 -33.25 -42.56
N VAL G 835 25.28 -32.16 -43.31
CA VAL G 835 24.54 -30.98 -42.83
C VAL G 835 23.01 -31.09 -42.87
N LYS G 836 22.36 -30.64 -41.81
CA LYS G 836 20.91 -30.70 -41.78
C LYS G 836 20.30 -29.41 -41.28
N ALA G 837 18.97 -29.39 -41.29
CA ALA G 837 18.18 -28.23 -40.85
C ALA G 837 18.68 -27.66 -39.54
N GLY G 838 18.66 -26.32 -39.45
CA GLY G 838 19.10 -25.67 -38.24
C GLY G 838 20.60 -25.47 -38.12
N ASP G 839 21.38 -26.25 -38.88
CA ASP G 839 22.83 -26.16 -38.87
C ASP G 839 23.35 -24.92 -39.63
N THR G 840 24.44 -24.33 -39.14
CA THR G 840 25.04 -23.16 -39.78
C THR G 840 26.23 -23.63 -40.59
N VAL G 841 26.34 -23.14 -41.81
CA VAL G 841 27.46 -23.56 -42.64
C VAL G 841 28.46 -22.46 -42.90
N SER G 842 29.70 -22.89 -43.15
CA SER G 842 30.82 -21.98 -43.41
C SER G 842 31.35 -22.09 -44.85
N TYR G 843 31.62 -20.93 -45.45
CA TYR G 843 32.11 -20.84 -46.83
C TYR G 843 32.74 -19.52 -47.19
N VAL G 844 33.52 -19.57 -48.26
CA VAL G 844 34.21 -18.43 -48.85
C VAL G 844 34.00 -18.50 -50.37
N ILE G 845 34.53 -17.52 -51.10
CA ILE G 845 34.39 -17.51 -52.56
C ILE G 845 35.78 -17.50 -53.21
N CYS G 846 36.02 -18.45 -54.11
CA CYS G 846 37.34 -18.52 -54.73
C CYS G 846 37.37 -18.53 -56.26
N GLN G 847 38.58 -18.64 -56.80
CA GLN G 847 38.83 -18.66 -58.25
C GLN G 847 39.09 -20.10 -58.72
N ASP G 848 38.07 -20.74 -59.26
CA ASP G 848 38.20 -22.11 -59.72
C ASP G 848 38.86 -22.27 -61.09
N GLY G 849 38.74 -21.25 -61.93
CA GLY G 849 39.28 -21.37 -63.28
C GLY G 849 38.16 -22.11 -64.00
N SER G 850 36.97 -21.95 -63.43
CA SER G 850 35.74 -22.58 -63.93
C SER G 850 34.88 -21.48 -64.49
N ASN G 851 35.27 -20.24 -64.22
CA ASN G 851 34.55 -19.05 -64.67
C ASN G 851 33.08 -19.07 -64.25
N LEU G 852 32.65 -20.18 -63.66
CA LEU G 852 31.25 -20.32 -63.23
C LEU G 852 30.74 -19.07 -62.53
N THR G 853 29.42 -19.01 -62.36
CA THR G 853 28.76 -17.90 -61.68
C THR G 853 29.40 -17.85 -60.31
N ALA G 854 29.47 -16.68 -59.68
CA ALA G 854 30.07 -16.58 -58.35
C ALA G 854 29.43 -17.61 -57.44
N SER G 855 28.11 -17.55 -57.38
CA SER G 855 27.29 -18.45 -56.58
C SER G 855 27.81 -19.88 -56.50
N GLN G 856 28.14 -20.46 -57.65
CA GLN G 856 28.63 -21.85 -57.74
C GLN G 856 30.14 -22.01 -57.44
N ARG G 857 30.76 -20.95 -56.96
CA ARG G 857 32.18 -20.99 -56.66
C ARG G 857 32.41 -20.84 -55.16
N ALA G 858 31.54 -21.47 -54.38
CA ALA G 858 31.60 -21.42 -52.91
C ALA G 858 32.28 -22.69 -52.38
N TYR G 859 33.31 -22.49 -51.57
CA TYR G 859 34.09 -23.58 -50.99
C TYR G 859 34.16 -23.45 -49.46
N ALA G 860 34.66 -24.48 -48.80
CA ALA G 860 34.77 -24.41 -47.36
C ALA G 860 36.16 -23.88 -46.99
N PRO G 861 36.24 -23.12 -45.89
CA PRO G 861 37.52 -22.58 -45.45
C PRO G 861 38.60 -23.65 -45.51
N GLU G 862 38.29 -24.80 -44.92
CA GLU G 862 39.19 -25.93 -44.89
C GLU G 862 39.76 -26.27 -46.27
N GLN G 863 38.88 -26.80 -47.11
CA GLN G 863 39.21 -27.22 -48.47
C GLN G 863 39.94 -26.15 -49.26
N LEU G 864 39.97 -24.95 -48.70
CA LEU G 864 40.66 -23.83 -49.33
C LEU G 864 42.15 -23.87 -49.01
N GLN G 865 42.46 -23.76 -47.73
CA GLN G 865 43.85 -23.75 -47.30
C GLN G 865 44.54 -25.04 -47.67
N LYS G 866 43.86 -26.17 -47.50
CA LYS G 866 44.49 -27.44 -47.82
C LYS G 866 44.59 -27.79 -49.31
N GLN G 867 43.91 -27.05 -50.17
CA GLN G 867 44.02 -27.31 -51.60
C GLN G 867 45.08 -26.36 -52.18
N ASP G 868 45.62 -26.69 -53.35
CA ASP G 868 46.69 -25.89 -53.97
C ASP G 868 46.35 -24.98 -55.15
N ASN G 869 45.64 -25.55 -56.12
CA ASN G 869 45.28 -24.85 -57.34
C ASN G 869 44.34 -23.66 -57.26
N LEU G 870 43.63 -23.49 -56.15
CA LEU G 870 42.69 -22.38 -56.05
C LEU G 870 43.23 -21.20 -55.26
N THR G 871 42.55 -20.08 -55.38
CA THR G 871 42.94 -18.87 -54.67
C THR G 871 41.73 -18.01 -54.32
N ILE G 872 41.93 -17.08 -53.40
CA ILE G 872 40.86 -16.20 -52.94
C ILE G 872 40.40 -15.26 -54.06
N ASP G 873 39.11 -14.99 -54.10
CA ASP G 873 38.58 -14.09 -55.11
C ASP G 873 38.42 -12.70 -54.53
N THR G 874 39.51 -11.98 -54.51
CA THR G 874 39.50 -10.63 -53.98
C THR G 874 38.24 -9.94 -54.50
N GLN G 875 38.09 -9.90 -55.81
CA GLN G 875 36.97 -9.24 -56.45
C GLN G 875 35.66 -9.31 -55.66
N TYR G 876 35.10 -10.50 -55.56
CA TYR G 876 33.84 -10.69 -54.84
C TYR G 876 33.64 -9.77 -53.65
N TYR G 877 34.22 -10.15 -52.51
CA TYR G 877 34.09 -9.37 -51.29
C TYR G 877 34.20 -7.89 -51.50
N LEU G 878 35.32 -7.46 -52.06
CA LEU G 878 35.57 -6.06 -52.33
C LEU G 878 34.30 -5.42 -52.84
N ALA G 879 33.74 -6.06 -53.85
CA ALA G 879 32.54 -5.58 -54.52
C ALA G 879 31.21 -6.02 -53.94
N GLN G 880 30.99 -7.32 -53.84
CA GLN G 880 29.71 -7.81 -53.34
C GLN G 880 29.62 -7.87 -51.82
N GLN G 881 30.72 -7.61 -51.13
CA GLN G 881 30.69 -7.67 -49.67
C GLN G 881 30.92 -6.35 -48.96
N ILE G 882 32.12 -5.81 -49.06
CA ILE G 882 32.40 -4.57 -48.36
C ILE G 882 31.58 -3.40 -48.88
N HIS G 883 31.77 -3.03 -50.14
CA HIS G 883 31.02 -1.91 -50.72
C HIS G 883 29.55 -1.90 -50.35
N PRO G 884 28.82 -2.99 -50.65
CA PRO G 884 27.40 -3.02 -50.34
C PRO G 884 27.11 -2.30 -49.07
N VAL G 885 27.80 -2.68 -48.00
CA VAL G 885 27.58 -2.06 -46.71
C VAL G 885 27.94 -0.59 -46.73
N VAL G 886 29.23 -0.29 -46.63
CA VAL G 886 29.70 1.09 -46.67
C VAL G 886 28.73 1.95 -47.49
N ALA G 887 28.49 1.50 -48.72
CA ALA G 887 27.59 2.17 -49.64
C ALA G 887 26.31 2.65 -48.98
N ARG G 888 25.42 1.71 -48.70
CA ARG G 888 24.15 1.99 -48.06
C ARG G 888 24.26 3.15 -47.10
N ILE G 889 25.47 3.33 -46.60
CA ILE G 889 25.75 4.36 -45.64
C ILE G 889 26.29 5.64 -46.20
N CYS G 890 26.94 5.56 -47.35
CA CYS G 890 27.52 6.76 -47.92
C CYS G 890 26.77 7.36 -49.12
N GLU G 891 25.99 6.56 -49.83
CA GLU G 891 25.25 7.08 -50.97
C GLU G 891 24.71 8.46 -50.60
N PRO G 892 24.00 8.57 -49.47
CA PRO G 892 23.45 9.85 -49.04
C PRO G 892 24.45 11.01 -48.97
N ILE G 893 25.71 10.70 -48.67
CA ILE G 893 26.73 11.74 -48.58
C ILE G 893 26.96 12.48 -49.90
N ASP G 894 26.76 13.79 -49.88
CA ASP G 894 26.99 14.62 -51.06
C ASP G 894 28.49 14.56 -51.36
N GLY G 895 28.86 14.26 -52.59
CA GLY G 895 30.27 14.22 -52.94
C GLY G 895 30.79 12.82 -53.08
N ILE G 896 30.11 11.89 -52.43
CA ILE G 896 30.49 10.49 -52.52
C ILE G 896 29.41 9.90 -53.36
N ASP G 897 29.73 8.85 -54.09
CA ASP G 897 28.76 8.19 -54.93
C ASP G 897 29.15 6.74 -55.08
N ALA G 898 28.19 5.96 -55.51
CA ALA G 898 28.44 4.55 -55.67
C ALA G 898 29.87 4.32 -56.11
N VAL G 899 30.09 4.55 -57.39
CA VAL G 899 31.39 4.34 -57.97
C VAL G 899 32.56 4.84 -57.18
N LEU G 900 32.44 6.06 -56.68
CA LEU G 900 33.51 6.67 -55.92
C LEU G 900 34.15 5.67 -54.97
N ILE G 901 33.33 5.06 -54.15
CA ILE G 901 33.82 4.07 -53.20
C ILE G 901 34.58 2.98 -53.91
N ALA G 902 33.83 2.34 -54.81
CA ALA G 902 34.28 1.24 -55.66
C ALA G 902 35.64 1.41 -56.32
N THR G 903 35.97 2.65 -56.64
CA THR G 903 37.23 2.95 -57.25
C THR G 903 38.21 2.98 -56.10
N TRP G 904 37.76 3.58 -55.01
CA TRP G 904 38.59 3.69 -53.83
C TRP G 904 39.10 2.30 -53.47
N LEU G 905 38.28 1.28 -53.74
CA LEU G 905 38.62 -0.11 -53.46
C LEU G 905 39.37 -0.85 -54.59
N GLY G 906 39.55 -0.22 -55.75
CA GLY G 906 40.26 -0.91 -56.83
C GLY G 906 40.12 -0.24 -58.17
N LEU G 907 40.63 -0.90 -59.21
CA LEU G 907 40.56 -0.39 -60.58
C LEU G 907 39.25 -0.89 -61.21
N ASP G 908 38.24 -1.03 -60.36
CA ASP G 908 36.94 -1.55 -60.79
C ASP G 908 35.86 -0.63 -61.41
N PRO G 909 36.18 0.66 -61.68
CA PRO G 909 35.18 1.56 -62.27
C PRO G 909 34.12 0.94 -63.18
N THR G 910 34.32 1.08 -64.49
CA THR G 910 33.41 0.56 -65.50
C THR G 910 32.47 -0.55 -65.04
N GLN G 911 32.94 -1.79 -65.11
CA GLN G 911 32.13 -2.94 -64.72
C GLN G 911 31.38 -2.67 -63.42
N PHE G 912 32.03 -2.01 -62.48
CA PHE G 912 31.36 -1.73 -61.23
C PHE G 912 30.14 -0.85 -61.42
N ARG G 913 30.31 0.26 -62.15
CA ARG G 913 29.18 1.16 -62.39
C ARG G 913 28.07 0.28 -62.95
N VAL G 914 28.49 -0.67 -63.80
CA VAL G 914 27.55 -1.60 -64.41
C VAL G 914 26.74 -2.27 -63.31
N HIS G 915 27.43 -2.76 -62.28
CA HIS G 915 26.79 -3.42 -61.13
C HIS G 915 25.66 -2.57 -60.58
N HIS G 916 25.91 -1.27 -60.53
CA HIS G 916 24.95 -0.28 -60.04
C HIS G 916 23.59 -0.34 -60.75
N TYR G 917 23.05 0.84 -61.03
CA TYR G 917 21.74 1.01 -61.65
C TYR G 917 21.72 1.94 -62.85
N HIS G 918 20.48 2.38 -63.12
CA HIS G 918 20.11 3.33 -64.15
C HIS G 918 19.27 4.27 -63.27
N LYS G 919 18.39 3.60 -62.51
CA LYS G 919 17.40 4.19 -61.59
C LYS G 919 17.83 4.90 -60.29
N ASP G 920 18.50 4.17 -59.40
CA ASP G 920 18.94 4.73 -58.11
C ASP G 920 18.97 6.27 -58.02
N GLU G 921 19.50 6.92 -59.06
CA GLU G 921 19.60 8.38 -59.13
C GLU G 921 18.29 9.16 -59.23
N GLU G 922 17.16 8.47 -59.36
CA GLU G 922 15.84 9.11 -59.50
C GLU G 922 15.32 9.91 -58.32
N ASN G 923 16.17 10.77 -57.80
CA ASN G 923 15.85 11.64 -56.68
C ASN G 923 16.04 13.04 -57.25
N ASP G 924 17.17 13.19 -57.92
CA ASP G 924 17.58 14.44 -58.54
C ASP G 924 16.50 15.09 -59.40
N GLN G 932 14.74 19.85 -67.06
CA GLN G 932 14.95 18.83 -68.09
C GLN G 932 16.38 18.66 -68.55
N LEU G 933 16.69 17.47 -69.04
CA LEU G 933 18.04 17.17 -69.49
C LEU G 933 18.38 17.41 -70.95
N THR G 934 19.62 17.05 -71.26
CA THR G 934 20.19 17.14 -72.60
C THR G 934 20.16 15.75 -73.22
N ASP G 935 20.39 15.65 -74.53
CA ASP G 935 20.36 14.37 -75.23
C ASP G 935 21.51 13.42 -74.87
N GLU G 936 22.74 13.85 -75.14
CA GLU G 936 23.91 13.03 -74.86
C GLU G 936 23.76 12.27 -73.57
N GLU G 937 23.31 12.95 -72.53
CA GLU G 937 23.15 12.33 -71.23
C GLU G 937 21.80 11.65 -71.01
N LYS G 938 20.76 12.10 -71.72
CA LYS G 938 19.44 11.48 -71.53
C LYS G 938 19.41 10.05 -72.01
N TYR G 939 20.33 9.74 -72.92
CA TYR G 939 20.42 8.42 -73.53
C TYR G 939 21.75 7.74 -73.24
N ARG G 940 22.49 8.26 -72.27
CA ARG G 940 23.78 7.68 -71.93
C ARG G 940 23.63 6.19 -71.60
N ASP G 941 22.74 5.88 -70.67
CA ASP G 941 22.51 4.51 -70.21
C ASP G 941 21.84 3.59 -71.20
N CYS G 942 21.26 4.13 -72.27
CA CYS G 942 20.58 3.28 -73.23
C CYS G 942 21.56 2.49 -74.12
N GLU G 943 21.12 1.36 -74.67
CA GLU G 943 21.99 0.53 -75.50
C GLU G 943 22.16 1.05 -76.92
N ARG G 944 23.41 1.11 -77.39
CA ARG G 944 23.69 1.57 -78.74
C ARG G 944 23.10 0.54 -79.70
N PHE G 945 22.48 0.98 -80.80
CA PHE G 945 21.92 0.02 -81.75
C PHE G 945 23.09 -0.55 -82.55
N LYS G 946 23.05 -1.86 -82.71
CA LYS G 946 24.10 -2.55 -83.45
C LYS G 946 23.48 -3.28 -84.62
N CYS G 947 24.30 -3.60 -85.62
CA CYS G 947 23.83 -4.29 -86.81
C CYS G 947 25.05 -4.63 -87.66
N PRO G 948 25.26 -5.91 -87.92
CA PRO G 948 26.40 -6.33 -88.72
C PRO G 948 26.07 -6.12 -90.19
N CYS G 949 27.09 -5.81 -90.98
CA CYS G 949 26.96 -5.56 -92.43
C CYS G 949 26.67 -6.85 -93.18
N PRO G 950 25.47 -6.93 -93.78
CA PRO G 950 25.08 -8.11 -94.55
C PRO G 950 26.14 -8.60 -95.53
N THR G 951 27.22 -7.83 -95.73
CA THR G 951 28.23 -8.26 -96.68
C THR G 951 29.62 -8.63 -96.14
N CYS G 952 30.21 -7.74 -95.34
CA CYS G 952 31.55 -8.00 -94.79
C CYS G 952 31.41 -8.68 -93.43
N GLY G 953 30.26 -8.44 -92.79
CA GLY G 953 29.96 -9.03 -91.51
C GLY G 953 30.30 -8.22 -90.26
N THR G 954 31.28 -7.33 -90.35
CA THR G 954 31.66 -6.55 -89.17
C THR G 954 30.50 -5.80 -88.55
N GLU G 955 30.57 -5.70 -87.23
CA GLU G 955 29.56 -5.04 -86.43
C GLU G 955 29.56 -3.52 -86.66
N ASN G 956 28.36 -2.99 -86.90
CA ASN G 956 28.16 -1.56 -87.11
C ASN G 956 27.46 -1.04 -85.83
N ILE G 957 27.91 0.09 -85.30
CA ILE G 957 27.32 0.67 -84.08
C ILE G 957 26.70 2.02 -84.38
N TYR G 958 25.39 2.14 -84.21
CA TYR G 958 24.75 3.41 -84.50
C TYR G 958 24.20 4.13 -83.26
N ASP G 959 24.89 5.19 -82.86
CA ASP G 959 24.52 5.97 -81.69
C ASP G 959 23.92 7.33 -82.06
N ASN G 960 23.79 7.61 -83.35
CA ASN G 960 23.24 8.89 -83.78
C ASN G 960 23.13 9.05 -85.29
N VAL G 961 22.52 10.15 -85.70
CA VAL G 961 22.36 10.41 -87.11
C VAL G 961 23.72 10.59 -87.80
N PHE G 962 24.66 11.29 -87.15
CA PHE G 962 26.01 11.52 -87.71
C PHE G 962 27.15 10.80 -87.01
N ASP G 963 28.31 10.83 -87.65
CA ASP G 963 29.52 10.21 -87.11
C ASP G 963 30.69 11.10 -87.49
N GLY G 964 31.38 11.59 -86.47
CA GLY G 964 32.52 12.48 -86.70
C GLY G 964 32.20 13.92 -86.28
N SER G 965 33.00 14.88 -86.73
CA SER G 965 32.78 16.28 -86.35
C SER G 965 33.09 17.33 -87.41
N GLY G 966 32.22 18.33 -87.50
CA GLY G 966 32.39 19.44 -88.43
C GLY G 966 32.34 19.24 -89.94
N THR G 967 33.52 19.02 -90.52
CA THR G 967 33.70 18.85 -91.97
C THR G 967 33.45 17.43 -92.47
N ASP G 968 34.19 16.51 -91.88
CA ASP G 968 34.12 15.12 -92.28
C ASP G 968 32.95 14.39 -91.60
N MET G 969 31.90 15.14 -91.25
CA MET G 969 30.72 14.57 -90.61
C MET G 969 29.84 13.86 -91.65
N GLU G 970 29.91 12.53 -91.66
CA GLU G 970 29.15 11.70 -92.60
C GLU G 970 27.97 11.11 -91.87
N PRO G 971 26.87 10.82 -92.58
CA PRO G 971 25.72 10.22 -91.89
C PRO G 971 26.12 8.78 -91.57
N SER G 972 26.21 8.46 -90.28
CA SER G 972 26.62 7.14 -89.85
C SER G 972 26.18 6.02 -90.78
N LEU G 973 25.03 6.21 -91.42
CA LEU G 973 24.48 5.23 -92.35
C LEU G 973 25.07 5.27 -93.74
N TYR G 974 26.15 6.03 -93.90
CA TYR G 974 26.80 6.15 -95.21
C TYR G 974 27.81 5.07 -95.50
N ARG G 975 28.80 4.93 -94.62
CA ARG G 975 29.84 3.93 -94.83
C ARG G 975 29.98 2.89 -93.73
N CYS G 976 30.35 1.68 -94.13
CA CYS G 976 30.53 0.55 -93.20
C CYS G 976 31.79 0.84 -92.39
N SER G 977 31.74 0.63 -91.08
CA SER G 977 32.91 0.88 -90.25
C SER G 977 34.13 0.09 -90.76
N ASN G 978 33.87 -0.90 -91.60
CA ASN G 978 34.94 -1.70 -92.16
C ASN G 978 35.54 -0.88 -93.29
N ILE G 979 36.83 -0.59 -93.18
CA ILE G 979 37.54 0.19 -94.19
C ILE G 979 37.56 -0.47 -95.57
N ASP G 980 37.89 -1.76 -95.60
CA ASP G 980 37.98 -2.47 -96.86
C ASP G 980 36.64 -2.85 -97.50
N CYS G 981 35.54 -2.68 -96.76
CA CYS G 981 34.20 -2.97 -97.31
C CYS G 981 33.78 -1.74 -98.09
N LYS G 982 33.06 -1.94 -99.19
CA LYS G 982 32.66 -0.80 -99.99
C LYS G 982 31.13 -0.67 -100.08
N ALA G 983 30.42 -1.41 -99.23
CA ALA G 983 28.96 -1.40 -99.22
C ALA G 983 28.38 -0.23 -98.45
N SER G 984 27.23 0.27 -98.91
CA SER G 984 26.55 1.37 -98.22
C SER G 984 25.46 0.78 -97.36
N PRO G 985 25.60 0.88 -96.05
CA PRO G 985 24.55 0.31 -95.21
C PRO G 985 23.17 0.81 -95.66
N LEU G 986 23.10 2.07 -96.08
CA LEU G 986 21.84 2.62 -96.51
C LEU G 986 21.20 1.64 -97.48
N THR G 987 22.04 0.95 -98.23
CA THR G 987 21.60 -0.06 -99.20
C THR G 987 20.70 -1.09 -98.53
N PHE G 988 21.12 -1.51 -97.35
CA PHE G 988 20.39 -2.54 -96.62
C PHE G 988 19.41 -2.02 -95.60
N THR G 989 18.52 -1.16 -96.04
CA THR G 989 17.49 -0.56 -95.22
C THR G 989 16.51 -1.57 -94.63
N VAL G 990 16.37 -2.73 -95.28
CA VAL G 990 15.46 -3.75 -94.80
C VAL G 990 16.01 -4.42 -93.54
N GLN G 991 17.19 -5.04 -93.65
CA GLN G 991 17.81 -5.71 -92.50
C GLN G 991 17.84 -4.76 -91.31
N LEU G 992 18.19 -3.51 -91.56
CA LEU G 992 18.23 -2.56 -90.47
C LEU G 992 16.86 -2.50 -89.88
N SER G 993 15.85 -2.20 -90.68
CA SER G 993 14.50 -2.09 -90.14
C SER G 993 14.12 -3.40 -89.43
N ASN G 994 14.79 -4.48 -89.79
CA ASN G 994 14.54 -5.78 -89.16
C ASN G 994 15.11 -5.77 -87.72
N LYS G 995 16.42 -6.03 -87.66
CA LYS G 995 17.19 -6.06 -86.43
C LYS G 995 16.58 -5.14 -85.40
N LEU G 996 16.34 -3.90 -85.77
CA LEU G 996 15.75 -2.95 -84.85
C LEU G 996 14.56 -3.66 -84.24
N ILE G 997 13.59 -3.98 -85.09
CA ILE G 997 12.40 -4.67 -84.65
C ILE G 997 12.81 -5.68 -83.60
N MET G 998 13.76 -6.55 -83.95
CA MET G 998 14.25 -7.58 -83.05
C MET G 998 14.87 -6.99 -81.78
N ASP G 999 15.68 -5.97 -81.93
CA ASP G 999 16.26 -5.39 -80.75
C ASP G 999 15.17 -4.78 -79.91
N ILE G 1000 14.03 -4.44 -80.51
CA ILE G 1000 12.94 -3.85 -79.71
C ILE G 1000 11.94 -4.83 -79.10
N ARG G 1001 11.93 -6.06 -79.59
CA ARG G 1001 11.06 -7.03 -78.95
C ARG G 1001 11.84 -7.25 -77.65
N ARG G 1002 13.13 -7.57 -77.79
CA ARG G 1002 14.02 -7.84 -76.66
C ARG G 1002 13.75 -6.93 -75.49
N PHE G 1003 13.89 -5.64 -75.70
CA PHE G 1003 13.62 -4.68 -74.66
C PHE G 1003 12.17 -4.62 -74.26
N ILE G 1004 11.22 -4.94 -75.10
CA ILE G 1004 9.89 -4.89 -74.51
C ILE G 1004 9.72 -6.13 -73.62
N LYS G 1005 10.37 -7.23 -74.00
CA LYS G 1005 10.23 -8.43 -73.19
C LYS G 1005 10.82 -8.14 -71.82
N LYS G 1006 12.08 -7.72 -71.78
CA LYS G 1006 12.76 -7.41 -70.51
C LYS G 1006 11.81 -6.63 -69.66
N TYR G 1007 11.57 -5.37 -69.98
CA TYR G 1007 10.64 -4.59 -69.16
C TYR G 1007 9.49 -5.46 -68.73
N TYR G 1008 9.05 -6.34 -69.61
CA TYR G 1008 7.94 -7.17 -69.23
C TYR G 1008 8.27 -8.36 -68.31
N ASP G 1009 9.51 -8.84 -68.35
CA ASP G 1009 9.95 -9.95 -67.51
C ASP G 1009 9.49 -9.73 -66.06
N GLY G 1010 9.42 -8.47 -65.62
CA GLY G 1010 8.95 -8.18 -64.27
C GLY G 1010 9.94 -8.17 -63.10
N TRP G 1011 11.22 -8.51 -63.36
CA TRP G 1011 12.26 -8.55 -62.33
C TRP G 1011 12.27 -7.43 -61.29
N LEU G 1012 11.67 -7.68 -60.13
CA LEU G 1012 11.64 -6.71 -59.03
C LEU G 1012 12.87 -6.95 -58.12
N ILE G 1013 13.45 -5.87 -57.60
CA ILE G 1013 14.62 -6.01 -56.73
C ILE G 1013 14.57 -5.12 -55.52
N CYS G 1014 14.85 -5.73 -54.37
CA CYS G 1014 14.89 -5.04 -53.08
C CYS G 1014 15.86 -3.86 -53.21
N GLU G 1015 15.55 -2.79 -52.51
CA GLU G 1015 16.36 -1.59 -52.50
C GLU G 1015 17.52 -1.68 -51.50
N GLU G 1016 17.27 -2.22 -50.31
CA GLU G 1016 18.32 -2.35 -49.28
C GLU G 1016 19.47 -3.21 -49.85
N PRO G 1017 20.67 -2.61 -50.01
CA PRO G 1017 21.92 -3.19 -50.53
C PRO G 1017 22.31 -4.46 -49.87
N THR G 1018 21.94 -4.60 -48.61
CA THR G 1018 22.26 -5.80 -47.87
C THR G 1018 21.23 -6.90 -48.16
N CYS G 1019 20.09 -6.57 -48.79
CA CYS G 1019 19.06 -7.55 -49.11
C CYS G 1019 19.13 -7.92 -50.55
N ARG G 1020 18.74 -7.00 -51.44
CA ARG G 1020 18.77 -7.20 -52.90
C ARG G 1020 18.09 -8.46 -53.47
N ASN G 1021 17.00 -8.89 -52.82
CA ASN G 1021 16.26 -10.06 -53.28
C ASN G 1021 15.71 -9.84 -54.67
N ARG G 1022 16.13 -10.68 -55.61
CA ARG G 1022 15.67 -10.58 -56.98
C ARG G 1022 14.52 -11.54 -57.21
N THR G 1023 13.29 -11.02 -57.28
CA THR G 1023 12.19 -11.93 -57.50
C THR G 1023 11.19 -11.47 -58.50
N ARG G 1024 10.71 -12.42 -59.29
CA ARG G 1024 9.73 -12.17 -60.32
C ARG G 1024 8.31 -12.14 -59.73
N HIS G 1025 8.19 -12.44 -58.43
CA HIS G 1025 6.88 -12.44 -57.82
C HIS G 1025 6.53 -11.18 -57.07
N LEU G 1026 5.49 -10.50 -57.56
CA LEU G 1026 4.96 -9.29 -56.95
C LEU G 1026 4.08 -9.72 -55.78
N PRO G 1027 4.48 -9.37 -54.57
CA PRO G 1027 3.73 -9.71 -53.36
C PRO G 1027 2.44 -8.93 -53.21
N LEU G 1028 1.47 -9.48 -52.49
CA LEU G 1028 0.22 -8.77 -52.29
C LEU G 1028 0.37 -7.91 -51.05
N GLN G 1029 1.55 -8.02 -50.45
CA GLN G 1029 1.87 -7.27 -49.23
C GLN G 1029 2.61 -6.00 -49.62
N PHE G 1030 1.84 -4.92 -49.68
CA PHE G 1030 2.35 -3.62 -50.09
C PHE G 1030 2.71 -2.64 -49.00
N SER G 1031 3.80 -1.90 -49.20
CA SER G 1031 4.21 -0.87 -48.26
C SER G 1031 3.52 0.43 -48.74
N ARG G 1032 4.04 1.57 -48.33
CA ARG G 1032 3.45 2.84 -48.78
C ARG G 1032 4.00 3.13 -50.17
N THR G 1033 5.27 2.79 -50.35
CA THR G 1033 5.98 3.00 -51.60
C THR G 1033 5.59 1.98 -52.65
N GLY G 1034 5.48 0.73 -52.21
CA GLY G 1034 5.13 -0.36 -53.11
C GLY G 1034 5.22 -1.77 -52.51
N PRO G 1035 5.63 -2.74 -53.34
CA PRO G 1035 5.77 -4.12 -52.91
C PRO G 1035 6.66 -4.20 -51.68
N LEU G 1036 6.26 -5.05 -50.72
CA LEU G 1036 7.01 -5.28 -49.46
C LEU G 1036 7.95 -6.50 -49.55
N CYS G 1037 9.26 -6.24 -49.69
CA CYS G 1037 10.24 -7.30 -49.81
C CYS G 1037 9.80 -8.36 -48.86
N PRO G 1038 9.79 -9.62 -49.30
CA PRO G 1038 9.34 -10.71 -48.43
C PRO G 1038 10.49 -11.46 -47.75
N ALA G 1039 11.73 -11.09 -48.08
CA ALA G 1039 12.88 -11.72 -47.44
C ALA G 1039 13.01 -10.92 -46.16
N CYS G 1040 13.56 -9.71 -46.31
CA CYS G 1040 13.69 -8.78 -45.19
C CYS G 1040 12.31 -8.13 -45.22
N MET G 1041 11.56 -8.19 -44.14
CA MET G 1041 10.25 -7.57 -44.18
C MET G 1041 10.25 -6.07 -44.03
N LYS G 1042 11.36 -5.43 -44.38
CA LYS G 1042 11.43 -3.96 -44.33
C LYS G 1042 12.32 -3.36 -45.41
N ALA G 1043 11.82 -3.39 -46.65
CA ALA G 1043 12.49 -2.85 -47.82
C ALA G 1043 11.53 -3.03 -48.98
N THR G 1044 11.43 -2.05 -49.89
CA THR G 1044 10.52 -2.20 -51.02
C THR G 1044 11.26 -2.65 -52.30
N LEU G 1045 10.55 -3.40 -53.13
CA LEU G 1045 11.14 -3.89 -54.35
C LEU G 1045 10.99 -2.77 -55.36
N GLN G 1046 12.02 -2.57 -56.18
CA GLN G 1046 11.97 -1.56 -57.23
C GLN G 1046 12.29 -2.24 -58.57
N PRO G 1047 11.41 -2.08 -59.58
CA PRO G 1047 11.56 -2.67 -60.91
C PRO G 1047 13.00 -2.71 -61.42
N GLU G 1048 13.47 -3.84 -61.95
CA GLU G 1048 14.84 -3.90 -62.43
C GLU G 1048 15.06 -3.13 -63.72
N TYR G 1049 14.09 -3.19 -64.63
CA TYR G 1049 14.20 -2.49 -65.91
C TYR G 1049 12.94 -1.63 -65.96
N SER G 1050 13.06 -0.42 -65.43
CA SER G 1050 11.93 0.50 -65.37
C SER G 1050 11.22 0.69 -66.66
N ASP G 1051 10.02 1.25 -66.59
CA ASP G 1051 9.32 1.53 -67.81
C ASP G 1051 10.09 2.69 -68.42
N LYS G 1052 10.39 3.69 -67.61
CA LYS G 1052 11.13 4.83 -68.10
C LYS G 1052 12.46 4.34 -68.69
N SER G 1053 13.03 3.28 -68.11
CA SER G 1053 14.29 2.77 -68.64
C SER G 1053 14.04 2.31 -70.09
N LEU G 1054 12.82 1.86 -70.38
CA LEU G 1054 12.48 1.37 -71.71
C LEU G 1054 12.12 2.53 -72.60
N TYR G 1055 11.09 3.24 -72.19
CA TYR G 1055 10.60 4.40 -72.93
C TYR G 1055 11.77 5.21 -73.47
N THR G 1056 12.89 5.14 -72.78
CA THR G 1056 14.09 5.85 -73.21
C THR G 1056 14.95 5.06 -74.18
N GLN G 1057 14.80 3.73 -74.21
CA GLN G 1057 15.57 2.92 -75.15
C GLN G 1057 14.90 2.96 -76.54
N LEU G 1058 13.61 3.24 -76.58
CA LEU G 1058 12.88 3.34 -77.84
C LEU G 1058 13.07 4.73 -78.38
N CYS G 1059 13.02 5.70 -77.49
CA CYS G 1059 13.21 7.07 -77.86
C CYS G 1059 14.61 7.18 -78.38
N PHE G 1060 15.53 6.34 -77.89
CA PHE G 1060 16.90 6.40 -78.36
C PHE G 1060 16.99 5.88 -79.76
N TYR G 1061 16.27 4.80 -80.03
CA TYR G 1061 16.30 4.29 -81.39
C TYR G 1061 15.68 5.37 -82.32
N ARG G 1062 14.57 5.96 -81.89
CA ARG G 1062 13.87 7.02 -82.63
C ARG G 1062 14.78 8.17 -83.00
N TYR G 1063 15.55 8.65 -82.04
CA TYR G 1063 16.45 9.75 -82.37
C TYR G 1063 17.71 9.31 -83.13
N ILE G 1064 18.04 8.01 -83.17
CA ILE G 1064 19.24 7.69 -83.92
C ILE G 1064 18.97 7.77 -85.40
N PHE G 1065 17.70 7.88 -85.77
CA PHE G 1065 17.33 7.96 -87.17
C PHE G 1065 16.41 9.13 -87.52
N ASP G 1066 16.33 10.12 -86.64
CA ASP G 1066 15.52 11.25 -86.98
C ASP G 1066 16.46 12.29 -87.54
N ALA G 1067 16.67 12.22 -88.84
CA ALA G 1067 17.55 13.16 -89.54
C ALA G 1067 16.87 14.51 -89.49
N GLU G 1068 15.56 14.45 -89.72
CA GLU G 1068 14.67 15.61 -89.70
C GLU G 1068 15.16 16.59 -88.63
N CYS G 1069 15.29 16.08 -87.41
CA CYS G 1069 15.72 16.89 -86.29
C CYS G 1069 17.21 16.97 -86.04
N ALA G 1070 17.97 16.00 -86.51
CA ALA G 1070 19.39 16.02 -86.29
C ALA G 1070 20.02 17.12 -87.11
N LEU G 1071 19.20 17.76 -87.95
CA LEU G 1071 19.72 18.83 -88.80
C LEU G 1071 19.27 20.22 -88.42
N GLU G 1072 18.00 20.36 -88.04
CA GLU G 1072 17.48 21.64 -87.61
C GLU G 1072 18.27 21.94 -86.33
N LYS G 1073 19.18 21.03 -86.02
CA LYS G 1073 20.07 21.07 -84.86
C LYS G 1073 21.37 21.72 -85.30
N LEU G 1074 21.43 22.13 -86.55
CA LEU G 1074 22.64 22.78 -87.01
C LEU G 1074 22.42 24.27 -87.08
N THR G 1075 23.49 25.00 -86.79
CA THR G 1075 23.53 26.47 -86.77
C THR G 1075 23.13 27.21 -88.08
N THR G 1076 24.11 27.39 -88.96
CA THR G 1076 23.90 28.08 -90.24
C THR G 1076 23.09 27.28 -91.25
N ASP G 1077 22.22 27.96 -91.99
CA ASP G 1077 21.43 27.28 -93.00
C ASP G 1077 22.37 26.77 -94.10
N HIS G 1078 23.65 27.08 -93.99
CA HIS G 1078 24.64 26.65 -94.98
C HIS G 1078 25.23 25.25 -94.71
N GLU G 1079 25.81 25.05 -93.53
CA GLU G 1079 26.37 23.73 -93.17
C GLU G 1079 25.24 22.73 -93.42
N LYS G 1080 24.02 23.22 -93.22
CA LYS G 1080 22.77 22.48 -93.39
C LYS G 1080 22.61 22.01 -94.83
N ASP G 1081 22.32 22.95 -95.71
CA ASP G 1081 22.13 22.63 -97.12
C ASP G 1081 23.29 21.80 -97.66
N LYS G 1082 24.50 22.31 -97.47
CA LYS G 1082 25.72 21.65 -97.92
C LYS G 1082 25.58 20.14 -97.89
N LEU G 1083 25.24 19.60 -96.73
CA LEU G 1083 25.07 18.16 -96.61
C LEU G 1083 23.66 17.71 -96.96
N LYS G 1084 22.69 18.62 -96.83
CA LYS G 1084 21.29 18.31 -97.14
C LYS G 1084 21.23 18.00 -98.63
N LYS G 1085 22.15 18.62 -99.36
CA LYS G 1085 22.27 18.44 -100.79
C LYS G 1085 23.37 17.43 -101.11
N GLN G 1086 24.29 17.23 -100.17
CA GLN G 1086 25.38 16.29 -100.39
C GLN G 1086 25.03 14.86 -100.00
N PHE G 1087 24.07 14.67 -99.09
CA PHE G 1087 23.72 13.31 -98.70
C PHE G 1087 22.25 12.98 -98.56
N PHE G 1088 21.49 13.91 -97.98
CA PHE G 1088 20.07 13.69 -97.73
C PHE G 1088 19.15 14.01 -98.89
N THR G 1089 19.17 13.11 -99.85
CA THR G 1089 18.35 13.19 -101.04
C THR G 1089 16.99 12.73 -100.54
N PRO G 1090 15.90 13.26 -101.10
CA PRO G 1090 14.60 12.84 -100.63
C PRO G 1090 14.51 11.33 -100.33
N LYS G 1091 15.20 10.50 -101.11
CA LYS G 1091 15.18 9.04 -100.85
C LYS G 1091 15.77 8.80 -99.48
N VAL G 1092 17.06 9.12 -99.32
CA VAL G 1092 17.73 8.92 -98.04
C VAL G 1092 16.81 9.39 -96.94
N LEU G 1093 16.21 10.56 -97.11
CA LEU G 1093 15.31 11.10 -96.12
C LEU G 1093 14.21 10.09 -95.87
N GLN G 1094 13.66 9.55 -96.94
CA GLN G 1094 12.61 8.56 -96.80
C GLN G 1094 13.20 7.40 -95.99
N ASP G 1095 14.34 6.88 -96.46
CA ASP G 1095 15.05 5.76 -95.83
C ASP G 1095 15.04 5.93 -94.32
N TYR G 1096 15.37 7.14 -93.89
CA TYR G 1096 15.36 7.39 -92.49
C TYR G 1096 13.92 7.43 -91.99
N ARG G 1097 13.04 8.21 -92.61
CA ARG G 1097 11.68 8.25 -92.12
C ARG G 1097 11.18 6.84 -91.82
N LYS G 1098 11.75 5.85 -92.49
CA LYS G 1098 11.36 4.47 -92.27
C LYS G 1098 11.97 3.88 -90.94
N LEU G 1099 13.28 3.97 -90.75
CA LEU G 1099 13.86 3.44 -89.52
C LEU G 1099 13.19 4.16 -88.37
N LYS G 1100 12.76 5.39 -88.65
CA LYS G 1100 12.09 6.22 -87.67
C LYS G 1100 10.61 5.84 -87.48
N ASN G 1101 9.94 5.45 -88.56
CA ASN G 1101 8.54 5.05 -88.45
C ASN G 1101 8.53 3.70 -87.73
N THR G 1102 9.70 3.07 -87.64
CA THR G 1102 9.85 1.78 -86.96
C THR G 1102 9.28 2.01 -85.59
N ALA G 1103 10.08 2.73 -84.83
CA ALA G 1103 9.78 3.08 -83.46
C ALA G 1103 8.43 3.79 -83.32
N GLU G 1104 8.30 4.97 -83.92
CA GLU G 1104 7.07 5.76 -83.85
C GLU G 1104 5.86 4.89 -83.53
N GLN G 1105 5.65 3.88 -84.38
CA GLN G 1105 4.52 2.97 -84.22
C GLN G 1105 4.53 2.45 -82.80
N PHE G 1106 5.69 1.94 -82.38
CA PHE G 1106 5.81 1.40 -81.04
C PHE G 1106 5.32 2.44 -80.05
N LEU G 1107 6.05 3.53 -79.89
CA LEU G 1107 5.64 4.54 -78.93
C LEU G 1107 4.27 5.14 -79.21
N SER G 1108 3.68 4.77 -80.35
CA SER G 1108 2.38 5.31 -80.77
C SER G 1108 1.19 5.21 -79.81
N ARG G 1109 0.82 4.01 -79.43
CA ARG G 1109 -0.31 3.84 -78.53
C ARG G 1109 0.23 3.13 -77.30
N SER G 1110 1.46 2.66 -77.43
CA SER G 1110 2.16 1.92 -76.39
C SER G 1110 2.61 2.75 -75.19
N GLY G 1111 3.75 2.36 -74.62
CA GLY G 1111 4.34 3.03 -73.46
C GLY G 1111 3.84 4.43 -73.12
N TYR G 1112 2.54 4.52 -72.86
CA TYR G 1112 1.91 5.78 -72.56
C TYR G 1112 2.79 7.00 -72.72
N SER G 1113 3.18 7.29 -73.96
CA SER G 1113 3.95 8.49 -74.22
C SER G 1113 2.75 9.42 -74.18
N GLU G 1114 1.60 8.80 -74.37
CA GLU G 1114 0.29 9.46 -74.36
C GLU G 1114 0.03 9.89 -72.92
N VAL G 1115 -0.45 11.12 -72.78
CA VAL G 1115 -0.77 11.67 -71.47
C VAL G 1115 -2.18 12.20 -71.59
N ASN G 1116 -3.17 11.30 -71.48
CA ASN G 1116 -4.56 11.71 -71.61
C ASN G 1116 -4.86 12.83 -70.65
N LEU G 1117 -4.92 14.04 -71.18
CA LEU G 1117 -5.21 15.22 -70.36
C LEU G 1117 -6.64 15.17 -69.85
N SER G 1118 -7.53 14.61 -70.66
CA SER G 1118 -8.94 14.51 -70.28
C SER G 1118 -9.07 13.84 -68.93
N LYS G 1119 -8.38 12.71 -68.77
CA LYS G 1119 -8.39 11.95 -67.52
C LYS G 1119 -7.79 12.79 -66.38
N LEU G 1120 -6.66 13.44 -66.66
CA LEU G 1120 -5.92 14.26 -65.70
C LEU G 1120 -6.70 15.39 -65.04
N PHE G 1121 -7.73 15.91 -65.71
CA PHE G 1121 -8.52 16.99 -65.11
C PHE G 1121 -10.01 16.63 -64.92
N ALA G 1122 -10.52 15.75 -65.78
CA ALA G 1122 -11.92 15.32 -65.70
C ALA G 1122 -12.22 14.67 -64.34
N ALA H 154 20.77 -24.62 -100.47
CA ALA H 154 21.08 -25.70 -101.46
C ALA H 154 20.23 -26.96 -101.25
N THR H 155 19.97 -27.31 -99.99
CA THR H 155 19.21 -28.50 -99.66
C THR H 155 17.79 -28.27 -99.16
N PRO H 156 17.61 -27.28 -98.28
CA PRO H 156 16.35 -26.86 -97.67
C PRO H 156 15.07 -27.66 -97.88
N SER H 157 14.50 -28.09 -96.75
CA SER H 157 13.26 -28.86 -96.71
C SER H 157 13.44 -30.29 -97.24
N GLN H 158 14.66 -30.59 -97.69
CA GLN H 158 14.97 -31.92 -98.22
C GLN H 158 14.31 -33.07 -97.50
N LYS H 159 14.64 -33.20 -96.22
CA LYS H 159 14.08 -34.26 -95.41
C LYS H 159 12.57 -34.08 -95.33
N TYR H 160 12.09 -32.86 -95.12
CA TYR H 160 10.65 -32.68 -94.99
C TYR H 160 9.82 -33.25 -96.09
N ASN H 161 10.19 -32.93 -97.31
CA ASN H 161 9.40 -33.38 -98.43
C ASN H 161 9.61 -34.84 -98.88
N SER H 162 10.64 -35.49 -98.33
CA SER H 162 10.92 -36.89 -98.64
C SER H 162 10.26 -37.76 -97.57
N ARG H 163 9.25 -37.17 -96.94
CA ARG H 163 8.48 -37.81 -95.89
C ARG H 163 7.56 -38.85 -96.52
N SER H 164 7.43 -40.01 -95.88
CA SER H 164 6.57 -41.09 -96.36
C SER H 164 5.37 -41.32 -95.46
N ASN H 165 5.44 -40.83 -94.23
CA ASN H 165 4.37 -40.97 -93.24
C ASN H 165 3.18 -40.09 -93.63
N ARG H 166 3.40 -39.24 -94.63
CA ARG H 166 2.39 -38.32 -95.13
C ARG H 166 0.95 -38.83 -94.95
N GLY H 167 0.05 -37.93 -94.57
CA GLY H 167 -1.36 -38.29 -94.39
C GLY H 167 -1.74 -39.25 -93.26
N GLU H 168 -0.75 -39.96 -92.70
CA GLU H 168 -0.98 -40.94 -91.63
C GLU H 168 -1.71 -40.42 -90.40
N VAL H 169 -2.74 -41.14 -89.96
CA VAL H 169 -3.50 -40.74 -88.78
C VAL H 169 -2.68 -41.24 -87.61
N VAL H 170 -2.22 -40.33 -86.74
CA VAL H 170 -1.41 -40.71 -85.57
C VAL H 170 -2.24 -40.84 -84.31
N THR H 171 -3.54 -40.52 -84.44
CA THR H 171 -4.48 -40.65 -83.33
C THR H 171 -5.90 -40.30 -83.71
N SER H 172 -6.82 -40.99 -83.05
CA SER H 172 -8.22 -40.77 -83.31
C SER H 172 -8.94 -40.55 -81.99
N PHE H 173 -10.23 -40.28 -82.07
CA PHE H 173 -11.05 -40.09 -80.90
C PHE H 173 -12.50 -39.95 -81.31
N GLY H 174 -13.40 -40.34 -80.41
CA GLY H 174 -14.81 -40.21 -80.67
C GLY H 174 -15.52 -41.44 -81.20
N LEU H 175 -15.61 -41.52 -82.52
CA LEU H 175 -16.25 -42.63 -83.19
C LEU H 175 -15.39 -42.79 -84.42
N ALA H 176 -14.84 -43.98 -84.63
CA ALA H 176 -13.99 -44.22 -85.81
C ALA H 176 -14.60 -43.66 -87.08
N GLN H 177 -13.78 -42.98 -87.87
CA GLN H 177 -14.17 -42.41 -89.16
C GLN H 177 -13.17 -42.93 -90.19
N GLY H 178 -13.57 -42.97 -91.46
CA GLY H 178 -12.65 -43.47 -92.48
C GLY H 178 -11.50 -42.49 -92.68
N VAL H 179 -11.16 -42.24 -93.94
CA VAL H 179 -10.10 -41.28 -94.27
C VAL H 179 -10.78 -40.22 -95.14
N SER H 180 -12.06 -40.47 -95.42
CA SER H 180 -12.89 -39.59 -96.23
C SER H 180 -13.47 -38.45 -95.40
N TRP H 181 -12.61 -37.74 -94.69
CA TRP H 181 -13.09 -36.61 -93.91
C TRP H 181 -13.45 -35.53 -94.94
N SER H 182 -14.63 -34.95 -94.77
CA SER H 182 -15.07 -33.90 -95.68
C SER H 182 -16.31 -33.17 -95.19
N GLY H 183 -16.26 -31.86 -95.28
CA GLY H 183 -17.39 -31.05 -94.86
C GLY H 183 -17.98 -30.47 -96.12
N ARG H 184 -19.17 -29.89 -96.00
CA ARG H 184 -19.85 -29.32 -97.16
C ARG H 184 -19.20 -28.04 -97.74
N GLY H 185 -17.96 -27.73 -97.35
CA GLY H 185 -17.31 -26.53 -97.86
C GLY H 185 -17.82 -25.28 -97.14
N GLY H 186 -18.50 -24.40 -97.88
CA GLY H 186 -19.04 -23.18 -97.28
C GLY H 186 -20.55 -23.31 -97.14
N ALA H 187 -21.08 -24.37 -97.77
CA ALA H 187 -22.50 -24.69 -97.80
C ALA H 187 -23.23 -24.58 -96.46
N GLY H 188 -24.51 -24.22 -96.55
CA GLY H 188 -25.32 -24.07 -95.35
C GLY H 188 -24.89 -22.91 -94.49
N ASN H 189 -25.47 -22.85 -93.30
CA ASN H 189 -25.16 -21.79 -92.37
C ASN H 189 -23.91 -22.10 -91.54
N ILE H 190 -23.05 -21.10 -91.43
CA ILE H 190 -21.80 -21.18 -90.67
C ILE H 190 -21.83 -19.96 -89.76
N SER H 191 -22.14 -20.15 -88.48
CA SER H 191 -22.21 -19.04 -87.51
C SER H 191 -20.94 -18.88 -86.65
N LEU H 192 -20.07 -17.95 -87.03
CA LEU H 192 -18.84 -17.70 -86.30
C LEU H 192 -18.93 -16.49 -85.41
N LYS H 193 -19.34 -16.68 -84.16
CA LYS H 193 -19.47 -15.57 -83.22
C LYS H 193 -18.34 -15.52 -82.18
N VAL H 194 -17.62 -14.39 -82.13
CA VAL H 194 -16.51 -14.20 -81.20
C VAL H 194 -17.08 -14.02 -79.80
N LEU H 195 -16.63 -14.84 -78.86
CA LEU H 195 -17.15 -14.77 -77.49
C LEU H 195 -16.15 -14.53 -76.36
N GLY H 196 -16.70 -14.27 -75.18
CA GLY H 196 -15.92 -14.02 -73.98
C GLY H 196 -16.44 -12.86 -73.13
N CYS H 197 -15.50 -12.09 -72.60
CA CYS H 197 -15.76 -10.90 -71.79
C CYS H 197 -16.11 -9.83 -72.83
N PRO H 198 -15.84 -8.53 -72.55
CA PRO H 198 -16.20 -7.61 -73.63
C PRO H 198 -15.52 -8.16 -74.88
N GLU H 199 -16.25 -8.27 -75.99
CA GLU H 199 -15.66 -8.85 -77.19
C GLU H 199 -14.13 -8.79 -77.16
N ALA H 200 -13.58 -9.91 -76.71
CA ALA H 200 -12.16 -10.19 -76.54
C ALA H 200 -11.15 -9.30 -77.21
N LEU H 201 -11.23 -8.00 -77.00
CA LEU H 201 -10.24 -7.10 -77.57
C LEU H 201 -10.35 -7.08 -79.10
N THR H 202 -10.20 -5.90 -79.70
CA THR H 202 -10.27 -5.80 -81.14
C THR H 202 -9.11 -4.93 -81.65
N GLY H 203 -8.87 -3.83 -80.93
CA GLY H 203 -7.81 -2.92 -81.29
C GLY H 203 -6.45 -3.44 -80.90
N SER H 204 -5.41 -2.61 -81.06
CA SER H 204 -4.04 -2.99 -80.71
C SER H 204 -3.92 -3.15 -79.21
N TYR H 205 -4.28 -2.10 -78.49
CA TYR H 205 -4.21 -2.16 -77.05
C TYR H 205 -4.79 -0.93 -76.42
N LYS H 206 -4.24 -0.63 -75.26
CA LYS H 206 -4.62 0.54 -74.49
C LYS H 206 -3.24 1.06 -74.12
N SER H 207 -2.27 0.14 -74.06
CA SER H 207 -0.94 0.52 -73.66
C SER H 207 0.17 -0.51 -73.75
N MET H 208 1.14 -0.32 -72.88
CA MET H 208 2.33 -1.13 -72.73
C MET H 208 3.16 -0.47 -71.58
N PHE H 209 2.48 -0.22 -70.46
CA PHE H 209 3.07 0.39 -69.25
C PHE H 209 2.15 0.03 -68.07
N GLN H 210 2.69 -0.73 -67.13
CA GLN H 210 1.90 -1.20 -65.98
C GLN H 210 2.26 -0.55 -64.66
N LYS H 211 1.23 -0.36 -63.82
CA LYS H 211 1.35 0.24 -62.49
C LYS H 211 1.30 -0.83 -61.38
N LEU H 212 2.44 -1.22 -60.83
CA LEU H 212 2.49 -2.23 -59.78
C LEU H 212 1.26 -2.20 -58.90
N PRO H 213 0.81 -0.99 -58.56
CA PRO H 213 -0.38 -0.82 -57.72
C PRO H 213 -1.63 -1.51 -58.26
N ASP H 214 -1.55 -1.97 -59.49
CA ASP H 214 -2.71 -2.59 -60.11
C ASP H 214 -2.52 -4.08 -60.30
N ILE H 215 -1.32 -4.50 -60.72
CA ILE H 215 -1.05 -5.92 -60.87
C ILE H 215 -1.46 -6.51 -59.54
N ARG H 216 -1.03 -5.87 -58.47
CA ARG H 216 -1.41 -6.29 -57.13
C ARG H 216 -2.94 -6.46 -57.18
N GLU H 217 -3.68 -5.36 -57.29
CA GLU H 217 -5.13 -5.42 -57.30
C GLU H 217 -5.63 -6.64 -58.03
N VAL H 218 -5.06 -6.91 -59.19
CA VAL H 218 -5.49 -8.07 -59.96
C VAL H 218 -5.32 -9.38 -59.17
N LEU H 219 -4.08 -9.82 -59.08
CA LEU H 219 -3.72 -11.05 -58.39
C LEU H 219 -4.58 -11.29 -57.18
N THR H 220 -4.99 -10.22 -56.53
CA THR H 220 -5.82 -10.32 -55.34
C THR H 220 -7.24 -10.75 -55.71
N CYS H 221 -7.82 -10.06 -56.68
CA CYS H 221 -9.16 -10.35 -57.14
C CYS H 221 -9.16 -11.80 -57.58
N LYS H 222 -8.20 -12.13 -58.42
CA LYS H 222 -8.02 -13.48 -58.90
C LYS H 222 -8.43 -14.44 -57.80
N ILE H 223 -7.65 -14.40 -56.72
CA ILE H 223 -7.84 -15.26 -55.59
C ILE H 223 -9.17 -15.08 -54.87
N GLU H 224 -9.53 -13.84 -54.59
CA GLU H 224 -10.79 -13.52 -53.90
C GLU H 224 -12.01 -14.06 -54.65
N GLU H 225 -12.09 -13.72 -55.93
CA GLU H 225 -13.18 -14.15 -56.78
C GLU H 225 -13.32 -15.65 -56.66
N LEU H 226 -12.39 -16.37 -57.26
CA LEU H 226 -12.42 -17.81 -57.21
C LEU H 226 -12.82 -18.25 -55.82
N GLY H 227 -12.06 -17.78 -54.85
CA GLY H 227 -12.35 -18.12 -53.48
C GLY H 227 -13.82 -17.90 -53.24
N SER H 228 -14.21 -16.64 -53.26
CA SER H 228 -15.59 -16.27 -53.05
C SER H 228 -16.54 -17.34 -53.54
N GLU H 229 -16.27 -17.89 -54.72
CA GLU H 229 -17.15 -18.91 -55.27
C GLU H 229 -16.84 -20.30 -54.75
N LEU H 230 -15.56 -20.60 -54.52
CA LEU H 230 -15.20 -21.91 -54.00
C LEU H 230 -15.87 -22.08 -52.64
N LYS H 231 -15.97 -20.95 -51.93
CA LYS H 231 -16.56 -20.88 -50.60
C LYS H 231 -18.06 -21.12 -50.66
N GLU H 232 -18.68 -20.72 -51.77
CA GLU H 232 -20.12 -20.90 -51.92
C GLU H 232 -20.42 -22.34 -52.30
N HIS H 233 -19.46 -23.00 -52.95
CA HIS H 233 -19.61 -24.38 -53.41
C HIS H 233 -19.47 -25.38 -52.28
N TYR H 234 -18.27 -25.47 -51.74
CA TYR H 234 -18.04 -26.39 -50.64
C TYR H 234 -18.71 -25.87 -49.34
N LYS H 235 -19.39 -24.72 -49.45
CA LYS H 235 -20.10 -24.06 -48.33
C LYS H 235 -19.31 -23.89 -47.03
N ILE H 236 -18.02 -23.57 -47.11
CA ILE H 236 -17.21 -23.37 -45.91
C ILE H 236 -17.73 -22.14 -45.19
N GLU H 237 -17.49 -22.02 -43.89
CA GLU H 237 -18.03 -20.87 -43.17
C GLU H 237 -17.16 -19.62 -43.12
N ALA H 238 -15.85 -19.80 -43.02
CA ALA H 238 -14.96 -18.65 -42.99
C ALA H 238 -13.51 -19.07 -43.09
N PHE H 239 -12.78 -18.33 -43.92
CA PHE H 239 -11.37 -18.60 -44.11
C PHE H 239 -10.70 -18.03 -42.88
N THR H 240 -9.49 -18.50 -42.57
CA THR H 240 -8.74 -18.01 -41.42
C THR H 240 -7.49 -17.26 -41.86
N PRO H 241 -7.11 -16.19 -41.13
CA PRO H 241 -5.90 -15.52 -41.60
C PRO H 241 -4.68 -16.45 -41.58
N LEU H 242 -3.89 -16.39 -42.63
CA LEU H 242 -2.71 -17.25 -42.75
C LEU H 242 -1.71 -16.93 -41.68
N LEU H 243 -1.94 -15.84 -40.96
CA LEU H 243 -1.02 -15.43 -39.91
C LEU H 243 -1.54 -15.69 -38.50
N ALA H 244 -2.87 -15.83 -38.35
CA ALA H 244 -3.45 -16.08 -37.04
C ALA H 244 -3.28 -17.54 -36.63
N PRO H 245 -2.62 -17.78 -35.49
CA PRO H 245 -2.42 -19.16 -35.04
C PRO H 245 -3.68 -19.67 -34.33
N ALA H 246 -3.76 -20.99 -34.18
CA ALA H 246 -4.89 -21.64 -33.51
C ALA H 246 -4.60 -23.13 -33.39
N GLN H 247 -5.22 -23.81 -32.42
CA GLN H 247 -4.98 -25.25 -32.28
C GLN H 247 -5.91 -26.06 -33.18
N GLU H 248 -7.13 -25.57 -33.36
CA GLU H 248 -8.14 -26.24 -34.18
C GLU H 248 -7.79 -26.18 -35.68
N PRO H 249 -8.37 -27.07 -36.51
CA PRO H 249 -8.09 -27.07 -37.96
C PRO H 249 -8.71 -25.87 -38.64
N VAL H 250 -7.97 -25.26 -39.54
CA VAL H 250 -8.46 -24.09 -40.23
C VAL H 250 -8.55 -24.24 -41.74
N THR H 251 -9.32 -23.36 -42.38
CA THR H 251 -9.47 -23.37 -43.82
C THR H 251 -8.95 -22.03 -44.35
N LEU H 252 -7.75 -22.10 -44.89
CA LEU H 252 -7.08 -20.93 -45.43
C LEU H 252 -7.55 -20.71 -46.85
N LEU H 253 -7.13 -19.58 -47.41
CA LEU H 253 -7.46 -19.20 -48.77
C LEU H 253 -6.21 -18.54 -49.28
N GLY H 254 -5.70 -18.98 -50.42
CA GLY H 254 -4.50 -18.33 -50.88
C GLY H 254 -4.04 -18.89 -52.20
N GLN H 255 -2.86 -18.46 -52.63
CA GLN H 255 -2.35 -18.97 -53.87
C GLN H 255 -0.98 -19.55 -53.61
N ILE H 256 -0.73 -20.72 -54.15
CA ILE H 256 0.56 -21.31 -53.94
C ILE H 256 1.60 -20.34 -54.44
N GLY H 257 2.84 -20.79 -54.44
CA GLY H 257 3.94 -19.97 -54.90
C GLY H 257 5.21 -20.58 -54.36
N CYS H 258 6.30 -20.49 -55.09
CA CYS H 258 7.52 -21.08 -54.58
C CYS H 258 8.21 -20.08 -53.67
N ASP H 259 9.16 -20.54 -52.86
CA ASP H 259 9.88 -19.63 -51.97
C ASP H 259 11.26 -19.21 -52.50
N SER H 260 11.58 -19.56 -53.74
CA SER H 260 12.87 -19.21 -54.32
C SER H 260 12.67 -18.94 -55.81
N ASN H 261 13.76 -18.96 -56.59
CA ASN H 261 13.66 -18.73 -58.04
C ASN H 261 13.66 -20.02 -58.86
N GLY H 262 13.74 -21.17 -58.18
CA GLY H 262 13.78 -22.44 -58.88
C GLY H 262 12.48 -23.20 -59.05
N LYS H 263 12.65 -24.50 -59.26
CA LYS H 263 11.55 -25.44 -59.48
C LYS H 263 10.75 -25.76 -58.24
N LEU H 264 9.48 -25.36 -58.24
CA LEU H 264 8.59 -25.63 -57.11
C LEU H 264 8.76 -27.11 -56.72
N ASN H 265 8.62 -27.42 -55.42
CA ASN H 265 8.79 -28.80 -54.92
C ASN H 265 8.08 -29.07 -53.57
N ASN H 266 7.77 -30.35 -53.33
CA ASN H 266 7.08 -30.82 -52.11
C ASN H 266 7.49 -30.14 -50.81
N LYS H 267 8.74 -29.70 -50.76
CA LYS H 267 9.25 -29.04 -49.58
C LYS H 267 8.91 -27.54 -49.57
N SER H 268 9.45 -26.83 -50.55
CA SER H 268 9.33 -25.40 -50.70
C SER H 268 7.98 -24.74 -50.99
N VAL H 269 6.91 -25.51 -51.12
CA VAL H 269 5.63 -24.86 -51.40
C VAL H 269 5.35 -23.81 -50.36
N ILE H 270 4.49 -22.86 -50.72
CA ILE H 270 4.09 -21.76 -49.86
C ILE H 270 2.69 -21.23 -50.27
N LEU H 271 1.93 -20.71 -49.34
CA LEU H 271 0.67 -20.16 -49.74
C LEU H 271 0.72 -18.70 -49.36
N GLU H 272 0.32 -17.83 -50.29
CA GLU H 272 0.28 -16.38 -50.09
C GLU H 272 -1.22 -16.09 -50.05
N GLY H 273 -1.70 -15.68 -48.90
CA GLY H 273 -3.12 -15.42 -48.79
C GLY H 273 -3.53 -14.22 -49.58
N ASP H 274 -4.82 -13.91 -49.51
CA ASP H 274 -5.41 -12.78 -50.19
C ASP H 274 -5.26 -11.54 -49.35
N ARG H 275 -5.54 -10.39 -49.94
CA ARG H 275 -5.43 -9.14 -49.23
C ARG H 275 -6.56 -9.05 -48.20
N GLU H 276 -7.80 -9.15 -48.68
CA GLU H 276 -8.98 -9.04 -47.83
C GLU H 276 -8.99 -9.75 -46.48
N HIS H 277 -8.30 -10.89 -46.36
CA HIS H 277 -8.27 -11.62 -45.11
C HIS H 277 -6.91 -11.65 -44.45
N SER H 278 -5.89 -11.94 -45.24
CA SER H 278 -4.56 -12.08 -44.70
C SER H 278 -3.61 -11.04 -45.22
N SER H 279 -4.19 -9.90 -45.57
CA SER H 279 -3.41 -8.80 -46.09
C SER H 279 -2.06 -9.27 -46.63
N GLY H 280 -2.14 -10.18 -47.61
CA GLY H 280 -0.98 -10.72 -48.28
C GLY H 280 0.12 -11.40 -47.51
N ALA H 281 -0.19 -12.05 -46.41
CA ALA H 281 0.88 -12.70 -45.70
C ALA H 281 1.24 -14.04 -46.34
N GLN H 282 2.52 -14.41 -46.30
CA GLN H 282 2.99 -15.68 -46.85
C GLN H 282 3.40 -16.67 -45.75
N ILE H 283 2.83 -17.87 -45.77
CA ILE H 283 3.17 -18.89 -44.77
C ILE H 283 3.48 -20.17 -45.51
N PRO H 284 4.70 -20.69 -45.36
CA PRO H 284 5.07 -21.93 -46.04
C PRO H 284 4.09 -23.06 -45.75
N VAL H 285 4.11 -24.13 -46.56
CA VAL H 285 3.17 -25.25 -46.35
C VAL H 285 3.82 -26.61 -46.14
N ASP H 286 3.23 -27.36 -45.21
CA ASP H 286 3.67 -28.69 -44.85
C ASP H 286 2.70 -29.71 -45.42
N LEU H 287 3.22 -30.52 -46.32
CA LEU H 287 2.42 -31.52 -47.01
C LEU H 287 2.58 -32.97 -46.52
N SER H 288 3.64 -33.24 -45.77
CA SER H 288 3.88 -34.58 -45.27
C SER H 288 2.55 -35.29 -45.01
N GLU H 289 1.63 -34.57 -44.39
CA GLU H 289 0.33 -35.13 -44.03
C GLU H 289 -0.75 -35.04 -45.08
N LEU H 290 -0.38 -34.88 -46.34
CA LEU H 290 -1.42 -34.80 -47.35
C LEU H 290 -1.31 -35.95 -48.35
N LYS H 291 -2.44 -36.63 -48.54
CA LYS H 291 -2.55 -37.79 -49.43
C LYS H 291 -2.46 -37.46 -50.91
N GLU H 292 -3.54 -36.90 -51.44
CA GLU H 292 -3.63 -36.56 -52.84
C GLU H 292 -3.63 -35.07 -53.07
N TYR H 293 -2.68 -34.64 -53.87
CA TYR H 293 -2.52 -33.24 -54.16
C TYR H 293 -1.92 -32.96 -55.52
N SER H 294 -2.38 -31.87 -56.14
CA SER H 294 -1.86 -31.45 -57.42
C SER H 294 -1.57 -29.98 -57.24
N LEU H 295 -0.31 -29.56 -57.26
CA LEU H 295 -0.03 -28.14 -57.09
C LEU H 295 0.87 -27.50 -58.14
N PHE H 296 0.62 -26.22 -58.38
CA PHE H 296 1.41 -25.46 -59.34
C PHE H 296 1.46 -24.03 -58.86
N PRO H 297 2.60 -23.36 -59.11
CA PRO H 297 2.73 -21.96 -58.67
C PRO H 297 1.52 -21.17 -59.15
N GLY H 298 1.01 -20.27 -58.31
CA GLY H 298 -0.14 -19.48 -58.73
C GLY H 298 -1.49 -20.17 -58.63
N GLN H 299 -1.48 -21.44 -58.31
CA GLN H 299 -2.70 -22.20 -58.17
C GLN H 299 -3.61 -21.67 -57.07
N VAL H 300 -4.73 -21.06 -57.44
CA VAL H 300 -5.62 -20.59 -56.39
C VAL H 300 -6.09 -21.88 -55.75
N VAL H 301 -5.91 -21.97 -54.42
CA VAL H 301 -6.26 -23.16 -53.65
C VAL H 301 -6.93 -22.88 -52.31
N ILE H 302 -7.75 -23.81 -51.84
CA ILE H 302 -8.37 -23.67 -50.54
C ILE H 302 -7.76 -24.82 -49.79
N MET H 303 -7.10 -24.54 -48.68
CA MET H 303 -6.50 -25.61 -47.88
C MET H 303 -7.05 -25.65 -46.46
N GLU H 304 -7.07 -26.85 -45.87
CA GLU H 304 -7.51 -27.06 -44.50
C GLU H 304 -6.40 -27.85 -43.84
N GLY H 305 -5.91 -27.34 -42.72
CA GLY H 305 -4.84 -28.00 -41.99
C GLY H 305 -4.68 -27.36 -40.63
N ILE H 306 -3.54 -27.57 -40.00
CA ILE H 306 -3.34 -26.97 -38.71
C ILE H 306 -2.11 -26.09 -38.65
N ASN H 307 -2.36 -24.84 -38.26
CA ASN H 307 -1.32 -23.87 -38.09
C ASN H 307 -1.55 -23.40 -36.66
N THR H 308 -0.67 -23.83 -35.78
CA THR H 308 -0.79 -23.49 -34.38
C THR H 308 0.08 -22.29 -34.09
N THR H 309 1.31 -22.31 -34.59
CA THR H 309 2.22 -21.21 -34.34
C THR H 309 1.97 -20.09 -35.32
N GLY H 310 1.20 -20.35 -36.36
CA GLY H 310 0.94 -19.32 -37.35
C GLY H 310 2.17 -19.07 -38.21
N ARG H 311 3.13 -19.99 -38.20
CA ARG H 311 4.35 -19.86 -39.00
C ARG H 311 4.59 -21.09 -39.85
N LYS H 312 3.51 -21.84 -40.05
CA LYS H 312 3.50 -23.03 -40.87
C LYS H 312 2.18 -23.74 -40.75
N LEU H 313 1.65 -24.13 -41.91
CA LEU H 313 0.38 -24.81 -41.99
C LEU H 313 0.57 -26.23 -42.45
N VAL H 314 0.10 -27.17 -41.64
CA VAL H 314 0.21 -28.57 -42.01
C VAL H 314 -1.10 -28.92 -42.72
N ALA H 315 -1.04 -29.00 -44.03
CA ALA H 315 -2.23 -29.29 -44.80
C ALA H 315 -2.87 -30.61 -44.40
N THR H 316 -4.20 -30.62 -44.38
CA THR H 316 -4.97 -31.82 -44.05
C THR H 316 -5.86 -32.18 -45.23
N LYS H 317 -6.24 -31.17 -46.01
CA LYS H 317 -7.09 -31.36 -47.18
C LYS H 317 -6.87 -30.23 -48.20
N LEU H 318 -6.88 -30.59 -49.50
CA LEU H 318 -6.71 -29.62 -50.58
C LEU H 318 -7.95 -29.65 -51.45
N TYR H 319 -8.93 -28.83 -51.14
CA TYR H 319 -10.14 -28.83 -51.94
C TYR H 319 -9.82 -29.00 -53.42
N GLU H 320 -10.73 -29.67 -54.12
CA GLU H 320 -10.58 -29.94 -55.53
C GLU H 320 -11.09 -28.75 -56.33
N GLY H 321 -10.32 -28.32 -57.31
CA GLY H 321 -10.75 -27.18 -58.12
C GLY H 321 -12.14 -27.32 -58.72
N VAL H 322 -12.83 -26.21 -58.86
CA VAL H 322 -14.17 -26.21 -59.43
C VAL H 322 -14.21 -25.36 -60.70
N PRO H 323 -14.64 -25.96 -61.83
CA PRO H 323 -14.74 -25.28 -63.11
C PRO H 323 -16.09 -24.59 -63.26
N LEU H 324 -16.27 -23.95 -64.41
CA LEU H 324 -17.50 -23.23 -64.72
C LEU H 324 -18.53 -24.06 -65.47
N PRO H 325 -19.81 -23.70 -65.35
CA PRO H 325 -20.78 -24.51 -66.07
C PRO H 325 -20.42 -24.43 -67.55
N PHE H 326 -20.93 -25.36 -68.34
CA PHE H 326 -20.66 -25.32 -69.77
C PHE H 326 -21.79 -24.51 -70.38
N TYR H 327 -21.62 -24.09 -71.63
CA TYR H 327 -22.60 -23.28 -72.37
C TYR H 327 -24.00 -23.89 -72.52
N GLN H 328 -25.02 -23.08 -72.24
CA GLN H 328 -26.39 -23.54 -72.36
C GLN H 328 -26.90 -23.29 -73.76
N PRO H 329 -27.02 -24.37 -74.54
CA PRO H 329 -27.49 -24.30 -75.93
C PRO H 329 -28.90 -23.75 -76.06
N THR H 330 -29.05 -22.75 -76.91
CA THR H 330 -30.37 -22.18 -77.18
C THR H 330 -31.01 -23.20 -78.12
N GLU H 331 -32.29 -23.05 -78.44
CA GLU H 331 -32.92 -24.02 -79.31
C GLU H 331 -32.40 -23.92 -80.76
N GLU H 332 -31.95 -22.73 -81.12
CA GLU H 332 -31.41 -22.46 -82.46
C GLU H 332 -30.15 -23.30 -82.74
N ASP H 333 -29.29 -23.43 -81.74
CA ASP H 333 -28.04 -24.17 -81.89
C ASP H 333 -28.19 -25.68 -82.12
N ALA H 334 -29.37 -26.22 -81.85
CA ALA H 334 -29.62 -27.64 -82.05
C ALA H 334 -30.16 -27.84 -83.47
N ASP H 335 -30.44 -26.73 -84.14
CA ASP H 335 -30.99 -26.77 -85.49
C ASP H 335 -29.91 -26.69 -86.58
N PHE H 336 -28.65 -26.59 -86.16
CA PHE H 336 -27.53 -26.51 -87.10
C PHE H 336 -27.07 -27.90 -87.55
N GLU H 337 -26.49 -28.00 -88.74
CA GLU H 337 -26.04 -29.30 -89.23
C GLU H 337 -24.55 -29.49 -88.98
N GLN H 338 -24.07 -30.70 -89.26
CA GLN H 338 -22.67 -31.06 -89.06
C GLN H 338 -21.68 -30.14 -89.78
N SER H 339 -20.59 -29.84 -89.08
CA SER H 339 -19.51 -29.00 -89.58
C SER H 339 -18.21 -29.70 -89.28
N MET H 340 -17.15 -29.35 -89.99
CA MET H 340 -15.91 -30.02 -89.72
C MET H 340 -14.86 -28.96 -89.64
N VAL H 341 -14.26 -28.82 -88.46
CA VAL H 341 -13.23 -27.82 -88.27
C VAL H 341 -11.83 -28.40 -88.33
N LEU H 342 -11.01 -27.81 -89.17
CA LEU H 342 -9.64 -28.24 -89.23
C LEU H 342 -9.02 -27.33 -88.19
N VAL H 343 -7.76 -27.58 -87.90
CA VAL H 343 -7.03 -26.79 -86.92
C VAL H 343 -5.55 -27.12 -87.05
N ALA H 344 -4.73 -26.08 -87.15
CA ALA H 344 -3.29 -26.28 -87.24
C ALA H 344 -2.55 -25.04 -86.72
N CYS H 345 -1.34 -25.25 -86.25
CA CYS H 345 -0.55 -24.19 -85.65
C CYS H 345 0.90 -24.27 -86.16
N GLY H 346 1.51 -23.10 -86.39
CA GLY H 346 2.89 -23.05 -86.87
C GLY H 346 3.89 -23.66 -85.88
N PRO H 347 5.22 -23.64 -86.15
CA PRO H 347 5.90 -23.10 -87.33
C PRO H 347 5.32 -23.70 -88.59
N TYR H 348 5.25 -22.92 -89.66
CA TYR H 348 4.73 -23.42 -90.88
C TYR H 348 5.82 -23.60 -91.89
N THR H 349 7.05 -23.84 -91.45
CA THR H 349 8.18 -24.03 -92.37
C THR H 349 9.23 -24.83 -91.66
N THR H 350 10.14 -25.40 -92.42
CA THR H 350 11.20 -26.16 -91.80
C THR H 350 12.23 -25.20 -91.26
N SER H 351 12.81 -25.60 -90.15
CA SER H 351 13.82 -24.81 -89.46
C SER H 351 15.11 -24.64 -90.27
N ASP H 352 15.17 -25.16 -91.49
CA ASP H 352 16.38 -24.97 -92.28
C ASP H 352 16.10 -24.30 -93.62
N SER H 353 14.82 -23.98 -93.84
CA SER H 353 14.37 -23.33 -95.06
C SER H 353 13.26 -22.32 -94.80
N ILE H 354 12.91 -21.55 -95.83
CA ILE H 354 11.87 -20.52 -95.73
C ILE H 354 10.81 -20.86 -96.74
N THR H 355 10.79 -22.12 -97.15
CA THR H 355 9.90 -22.60 -98.15
C THR H 355 8.44 -22.59 -97.80
N TYR H 356 8.14 -22.75 -96.53
CA TYR H 356 6.75 -22.79 -96.11
C TYR H 356 6.04 -23.95 -96.79
N ASP H 357 6.85 -24.91 -97.24
CA ASP H 357 6.36 -26.09 -97.91
C ASP H 357 5.13 -26.58 -97.18
N PRO H 358 5.31 -27.03 -95.94
CA PRO H 358 4.18 -27.54 -95.15
C PRO H 358 2.97 -26.63 -95.24
N LEU H 359 3.24 -25.34 -95.31
CA LEU H 359 2.20 -24.35 -95.42
C LEU H 359 1.33 -24.79 -96.58
N LEU H 360 1.96 -24.86 -97.75
CA LEU H 360 1.30 -25.26 -98.98
C LEU H 360 0.55 -26.57 -98.84
N ASP H 361 1.27 -27.59 -98.38
CA ASP H 361 0.68 -28.92 -98.22
C ASP H 361 -0.63 -28.69 -97.51
N LEU H 362 -0.56 -27.94 -96.42
CA LEU H 362 -1.73 -27.61 -95.64
C LEU H 362 -2.79 -27.17 -96.62
N ILE H 363 -2.58 -26.00 -97.19
CA ILE H 363 -3.48 -25.43 -98.17
C ILE H 363 -4.17 -26.55 -98.94
N ALA H 364 -3.40 -27.21 -99.79
CA ALA H 364 -3.90 -28.30 -100.61
C ALA H 364 -4.90 -29.13 -99.83
N VAL H 365 -4.44 -29.60 -98.68
CA VAL H 365 -5.24 -30.43 -97.81
C VAL H 365 -6.52 -29.69 -97.43
N ILE H 366 -6.39 -28.39 -97.18
CA ILE H 366 -7.55 -27.61 -96.83
C ILE H 366 -8.53 -27.81 -97.97
N ASN H 367 -8.06 -27.56 -99.18
CA ASN H 367 -8.87 -27.70 -100.38
C ASN H 367 -9.53 -29.07 -100.48
N HIS H 368 -8.69 -30.08 -100.70
CA HIS H 368 -9.14 -31.46 -100.84
C HIS H 368 -10.31 -31.78 -99.92
N ASP H 369 -10.10 -31.60 -98.63
CA ASP H 369 -11.13 -31.92 -97.66
C ASP H 369 -12.23 -30.86 -97.48
N ARG H 370 -12.02 -29.69 -98.08
CA ARG H 370 -13.02 -28.61 -97.99
C ARG H 370 -13.67 -28.42 -96.62
N PRO H 371 -12.85 -28.10 -95.58
CA PRO H 371 -13.34 -27.88 -94.21
C PRO H 371 -14.22 -26.64 -94.06
N ASP H 372 -15.10 -26.63 -93.07
CA ASP H 372 -15.98 -25.47 -92.85
C ASP H 372 -15.23 -24.31 -92.21
N VAL H 373 -14.23 -24.65 -91.39
CA VAL H 373 -13.42 -23.68 -90.64
C VAL H 373 -11.98 -24.19 -90.50
N CYS H 374 -11.02 -23.28 -90.70
CA CYS H 374 -9.62 -23.62 -90.56
C CYS H 374 -8.95 -22.64 -89.62
N ILE H 375 -8.91 -22.98 -88.35
CA ILE H 375 -8.31 -22.09 -87.37
C ILE H 375 -6.80 -22.28 -87.38
N LEU H 376 -6.10 -21.25 -87.82
CA LEU H 376 -4.67 -21.36 -87.87
C LEU H 376 -3.85 -20.52 -86.93
N PHE H 377 -3.09 -21.25 -86.11
CA PHE H 377 -2.26 -20.73 -85.05
C PHE H 377 -0.88 -20.26 -85.46
N GLY H 378 -0.52 -19.06 -85.02
CA GLY H 378 0.79 -18.51 -85.32
C GLY H 378 1.75 -19.46 -84.66
N PRO H 379 3.07 -19.31 -84.83
CA PRO H 379 3.85 -18.33 -85.59
C PRO H 379 3.89 -18.53 -87.10
N PHE H 380 3.48 -17.52 -87.84
CA PHE H 380 3.53 -17.64 -89.26
C PHE H 380 4.98 -17.32 -89.55
N LEU H 381 5.46 -16.21 -89.02
CA LEU H 381 6.86 -15.91 -89.19
C LEU H 381 7.50 -16.10 -87.81
N ASP H 382 8.11 -17.27 -87.63
CA ASP H 382 8.74 -17.66 -86.36
C ASP H 382 9.91 -16.82 -85.83
N ALA H 383 9.63 -16.01 -84.82
CA ALA H 383 10.64 -15.14 -84.22
C ALA H 383 11.86 -15.97 -83.91
N LYS H 384 11.68 -17.27 -83.85
CA LYS H 384 12.78 -18.14 -83.53
C LYS H 384 13.42 -18.77 -84.75
N HIS H 385 12.77 -18.69 -85.91
CA HIS H 385 13.39 -19.31 -87.08
C HIS H 385 14.78 -18.73 -87.25
N GLU H 386 15.78 -19.60 -87.31
CA GLU H 386 17.17 -19.17 -87.45
C GLU H 386 17.42 -17.93 -88.31
N GLN H 387 17.03 -18.01 -89.58
CA GLN H 387 17.23 -16.91 -90.49
C GLN H 387 16.57 -15.63 -90.01
N VAL H 388 15.41 -15.74 -89.37
CA VAL H 388 14.73 -14.55 -88.91
C VAL H 388 15.43 -13.85 -87.76
N GLU H 389 16.02 -14.62 -86.84
CA GLU H 389 16.67 -14.02 -85.68
C GLU H 389 18.04 -13.44 -85.99
N ASN H 390 18.63 -13.84 -87.09
CA ASN H 390 19.94 -13.31 -87.45
C ASN H 390 19.75 -12.30 -88.56
N CYS H 391 18.50 -11.89 -88.76
CA CYS H 391 18.09 -10.94 -89.78
C CYS H 391 18.95 -11.02 -91.05
N LEU H 392 18.74 -12.11 -91.79
CA LEU H 392 19.45 -12.37 -93.03
C LEU H 392 18.43 -12.23 -94.15
N LEU H 393 17.16 -12.28 -93.77
CA LEU H 393 16.06 -12.14 -94.72
C LEU H 393 16.34 -10.86 -95.49
N THR H 394 15.90 -10.79 -96.74
CA THR H 394 16.14 -9.59 -97.53
C THR H 394 14.84 -8.82 -97.63
N SER H 395 13.84 -9.32 -96.93
CA SER H 395 12.55 -8.70 -96.95
C SER H 395 12.16 -8.25 -95.58
N PRO H 396 11.26 -7.25 -95.50
CA PRO H 396 10.77 -6.68 -94.25
C PRO H 396 9.81 -7.66 -93.66
N PHE H 397 9.87 -7.80 -92.35
CA PHE H 397 9.00 -8.73 -91.68
C PHE H 397 7.56 -8.47 -92.12
N GLU H 398 7.03 -7.31 -91.77
CA GLU H 398 5.66 -6.95 -92.09
C GLU H 398 5.19 -7.55 -93.41
N ASP H 399 6.06 -7.50 -94.41
CA ASP H 399 5.75 -8.03 -95.72
C ASP H 399 5.66 -9.55 -95.63
N ILE H 400 6.82 -10.17 -95.54
CA ILE H 400 6.91 -11.62 -95.45
C ILE H 400 5.59 -12.14 -94.90
N PHE H 401 5.19 -11.61 -93.76
CA PHE H 401 3.96 -12.04 -93.16
C PHE H 401 2.75 -11.82 -94.03
N LYS H 402 2.63 -10.68 -94.68
CA LYS H 402 1.46 -10.44 -95.53
C LYS H 402 1.48 -11.55 -96.59
N GLN H 403 2.70 -11.83 -97.04
CA GLN H 403 3.00 -12.85 -98.06
C GLN H 403 2.28 -14.13 -97.74
N CYS H 404 2.69 -14.76 -96.66
CA CYS H 404 2.05 -15.96 -96.27
C CYS H 404 0.58 -15.71 -96.14
N LEU H 405 0.20 -14.60 -95.53
CA LEU H 405 -1.23 -14.37 -95.35
C LEU H 405 -1.95 -14.47 -96.67
N ARG H 406 -1.30 -14.02 -97.73
CA ARG H 406 -1.92 -14.12 -99.03
C ARG H 406 -2.00 -15.59 -99.40
N THR H 407 -0.86 -16.12 -99.85
CA THR H 407 -0.76 -17.50 -100.25
C THR H 407 -1.94 -18.31 -99.69
N ILE H 408 -2.15 -18.25 -98.37
CA ILE H 408 -3.24 -19.00 -97.73
C ILE H 408 -4.67 -18.54 -97.97
N ILE H 409 -4.91 -17.21 -97.96
CA ILE H 409 -6.27 -16.71 -98.19
C ILE H 409 -6.64 -17.12 -99.59
N GLU H 410 -5.75 -16.79 -100.51
CA GLU H 410 -5.89 -17.10 -101.92
C GLU H 410 -5.87 -18.61 -102.11
N GLY H 411 -4.71 -19.21 -101.86
CA GLY H 411 -4.57 -20.65 -102.03
C GLY H 411 -5.80 -21.45 -101.69
N THR H 412 -6.74 -20.84 -100.99
CA THR H 412 -7.94 -21.52 -100.58
C THR H 412 -9.20 -20.74 -100.83
N ARG H 413 -9.29 -20.08 -101.96
CA ARG H 413 -10.50 -19.30 -102.24
C ARG H 413 -11.63 -20.20 -102.72
N SER H 414 -11.24 -21.29 -103.38
CA SER H 414 -12.17 -22.28 -103.92
C SER H 414 -12.84 -23.09 -102.80
N SER H 415 -12.01 -23.55 -101.86
CA SER H 415 -12.47 -24.34 -100.72
C SER H 415 -13.79 -23.87 -100.10
N GLY H 416 -13.95 -22.56 -99.90
CA GLY H 416 -15.20 -22.07 -99.31
C GLY H 416 -15.17 -22.17 -97.80
N SER H 417 -13.97 -22.38 -97.27
CA SER H 417 -13.77 -22.51 -95.84
C SER H 417 -13.48 -21.18 -95.15
N HIS H 418 -14.14 -20.93 -94.02
CA HIS H 418 -13.89 -19.72 -93.25
C HIS H 418 -12.48 -19.85 -92.71
N LEU H 419 -11.73 -18.77 -92.70
CA LEU H 419 -10.40 -18.83 -92.15
C LEU H 419 -10.35 -17.96 -90.87
N VAL H 420 -9.89 -18.55 -89.77
CA VAL H 420 -9.77 -17.86 -88.48
C VAL H 420 -8.34 -17.97 -87.98
N PHE H 421 -7.64 -16.85 -88.08
CA PHE H 421 -6.25 -16.77 -87.67
C PHE H 421 -6.01 -16.45 -86.20
N VAL H 422 -5.03 -17.12 -85.63
CA VAL H 422 -4.70 -16.93 -84.24
C VAL H 422 -3.23 -16.57 -84.08
N PRO H 423 -2.95 -15.33 -83.69
CA PRO H 423 -1.63 -14.74 -83.47
C PRO H 423 -0.79 -15.47 -82.46
N SER H 424 0.53 -15.31 -82.53
CA SER H 424 1.40 -15.97 -81.58
C SER H 424 2.48 -15.02 -81.09
N LEU H 425 2.95 -15.21 -79.88
CA LEU H 425 3.98 -14.33 -79.36
C LEU H 425 5.28 -14.56 -80.11
N ARG H 426 5.31 -15.58 -80.95
CA ARG H 426 6.52 -15.85 -81.69
C ARG H 426 6.48 -15.20 -83.07
N ASP H 427 5.34 -14.61 -83.44
CA ASP H 427 5.18 -13.92 -84.72
C ASP H 427 5.99 -12.61 -84.74
N VAL H 428 7.29 -12.71 -84.97
CA VAL H 428 8.19 -11.56 -84.99
C VAL H 428 7.59 -10.18 -85.29
N HIS H 429 6.65 -10.17 -86.22
CA HIS H 429 5.99 -8.96 -86.66
C HIS H 429 4.82 -8.45 -85.81
N HIS H 430 4.33 -9.24 -84.85
CA HIS H 430 3.18 -8.79 -84.07
C HIS H 430 3.57 -8.36 -82.65
N GLU H 431 2.65 -7.64 -82.00
CA GLU H 431 2.78 -7.12 -80.64
C GLU H 431 3.14 -8.18 -79.56
N PRO H 432 4.44 -8.28 -79.20
CA PRO H 432 4.92 -9.25 -78.20
C PRO H 432 4.30 -9.17 -76.78
N VAL H 433 2.98 -9.00 -76.72
CA VAL H 433 2.26 -8.89 -75.46
C VAL H 433 1.02 -9.76 -75.26
N TYR H 434 1.09 -10.77 -74.41
CA TYR H 434 -0.11 -11.57 -74.17
C TYR H 434 -0.92 -10.75 -73.19
N PRO H 435 -2.24 -10.66 -73.37
CA PRO H 435 -2.96 -11.28 -74.47
C PRO H 435 -2.63 -10.39 -75.64
N GLN H 436 -2.63 -10.94 -76.85
CA GLN H 436 -2.35 -10.17 -78.06
C GLN H 436 -3.63 -9.70 -78.74
N PRO H 437 -3.52 -8.73 -79.64
CA PRO H 437 -4.69 -8.24 -80.35
C PRO H 437 -4.76 -9.04 -81.63
N PRO H 438 -5.84 -8.89 -82.39
CA PRO H 438 -5.92 -9.67 -83.64
C PRO H 438 -4.74 -9.33 -84.56
N PHE H 439 -4.69 -9.94 -85.72
CA PHE H 439 -3.65 -9.59 -86.67
C PHE H 439 -4.15 -8.35 -87.45
N SER H 440 -3.28 -7.75 -88.24
CA SER H 440 -3.69 -6.56 -88.97
C SER H 440 -3.49 -6.73 -90.44
N TYR H 441 -4.57 -6.57 -91.21
CA TYR H 441 -4.47 -6.73 -92.66
C TYR H 441 -5.64 -6.03 -93.27
N SER H 442 -5.39 -5.38 -94.41
CA SER H 442 -6.42 -4.68 -95.16
C SER H 442 -6.64 -5.29 -96.56
N ASP H 443 -5.57 -5.79 -97.16
CA ASP H 443 -5.62 -6.42 -98.50
C ASP H 443 -6.67 -7.54 -98.58
N LEU H 444 -7.94 -7.17 -98.60
CA LEU H 444 -9.03 -8.14 -98.64
C LEU H 444 -10.21 -7.70 -99.48
N SER H 445 -10.54 -8.52 -100.48
CA SER H 445 -11.68 -8.24 -101.36
C SER H 445 -12.95 -8.40 -100.53
N ARG H 446 -14.05 -7.86 -101.04
CA ARG H 446 -15.35 -7.97 -100.38
C ARG H 446 -15.56 -9.47 -100.16
N GLU H 447 -15.02 -10.24 -101.11
CA GLU H 447 -15.10 -11.71 -101.14
C GLU H 447 -14.45 -12.34 -99.91
N ASP H 448 -13.14 -12.19 -99.81
CA ASP H 448 -12.37 -12.75 -98.72
C ASP H 448 -12.80 -12.26 -97.36
N LYS H 449 -13.49 -11.12 -97.32
CA LYS H 449 -13.92 -10.55 -96.03
C LYS H 449 -15.04 -11.38 -95.40
N LYS H 450 -15.72 -12.15 -96.22
CA LYS H 450 -16.80 -13.00 -95.72
C LYS H 450 -16.18 -14.35 -95.38
N GLN H 451 -14.95 -14.57 -95.83
CA GLN H 451 -14.25 -15.83 -95.64
C GLN H 451 -13.12 -15.86 -94.58
N VAL H 452 -12.58 -14.71 -94.24
CA VAL H 452 -11.53 -14.68 -93.23
C VAL H 452 -11.97 -13.84 -92.06
N GLN H 453 -11.38 -14.16 -90.92
CA GLN H 453 -11.66 -13.46 -89.69
C GLN H 453 -10.41 -13.46 -88.84
N PHE H 454 -10.20 -12.34 -88.17
CA PHE H 454 -9.06 -12.16 -87.32
C PHE H 454 -9.45 -12.07 -85.87
N VAL H 455 -8.78 -12.86 -85.05
CA VAL H 455 -9.08 -12.87 -83.64
C VAL H 455 -7.84 -12.80 -82.78
N SER H 456 -8.08 -12.35 -81.54
CA SER H 456 -7.04 -12.18 -80.54
C SER H 456 -6.29 -13.48 -80.26
N GLU H 457 -5.70 -13.55 -79.08
CA GLU H 457 -4.97 -14.71 -78.60
C GLU H 457 -4.86 -14.45 -77.14
N PRO H 458 -5.49 -15.27 -76.33
CA PRO H 458 -6.32 -16.41 -76.71
C PRO H 458 -7.73 -15.95 -77.03
N CYS H 459 -8.62 -16.92 -77.23
CA CYS H 459 -10.02 -16.62 -77.48
C CYS H 459 -11.05 -17.71 -77.24
N SER H 460 -12.26 -17.23 -77.07
CA SER H 460 -13.42 -18.05 -76.87
C SER H 460 -14.31 -17.75 -78.08
N LEU H 461 -14.28 -18.65 -79.06
CA LEU H 461 -15.05 -18.52 -80.29
C LEU H 461 -16.18 -19.54 -80.43
N SER H 462 -17.33 -19.10 -80.93
CA SER H 462 -18.48 -20.00 -81.11
C SER H 462 -18.62 -20.49 -82.55
N ILE H 463 -18.32 -21.77 -82.77
CA ILE H 463 -18.44 -22.37 -84.10
C ILE H 463 -19.74 -23.18 -84.07
N ASN H 464 -20.84 -22.54 -84.39
CA ASN H 464 -22.15 -23.17 -84.39
C ASN H 464 -22.57 -23.57 -82.99
N GLY H 465 -22.73 -22.57 -82.13
CA GLY H 465 -23.14 -22.85 -80.77
C GLY H 465 -22.22 -23.90 -80.15
N VAL H 466 -21.01 -24.00 -80.70
CA VAL H 466 -20.01 -24.93 -80.21
C VAL H 466 -18.87 -24.07 -79.70
N ILE H 467 -18.79 -23.90 -78.37
CA ILE H 467 -17.77 -23.06 -77.72
C ILE H 467 -16.35 -23.62 -77.69
N PHE H 468 -15.51 -23.07 -78.55
CA PHE H 468 -14.13 -23.50 -78.65
C PHE H 468 -13.24 -22.60 -77.84
N GLY H 469 -12.14 -23.15 -77.35
CA GLY H 469 -11.20 -22.35 -76.61
C GLY H 469 -10.02 -22.17 -77.52
N LEU H 470 -9.41 -20.99 -77.51
CA LEU H 470 -8.27 -20.76 -78.40
C LEU H 470 -7.09 -20.04 -77.79
N THR H 471 -5.92 -20.68 -77.81
CA THR H 471 -4.74 -20.06 -77.24
C THR H 471 -3.57 -20.53 -78.01
N SER H 472 -2.62 -19.66 -78.27
CA SER H 472 -1.45 -20.04 -79.02
C SER H 472 -0.30 -20.36 -78.11
N THR H 473 -0.38 -19.86 -76.88
CA THR H 473 0.70 -20.06 -75.93
C THR H 473 0.74 -21.42 -75.29
N ASP H 474 1.96 -21.97 -75.25
CA ASP H 474 2.22 -23.31 -74.73
C ASP H 474 1.90 -23.54 -73.25
N LEU H 475 0.73 -23.04 -72.85
CA LEU H 475 0.23 -23.15 -71.49
C LEU H 475 0.52 -24.51 -70.84
N LEU H 476 0.51 -25.55 -71.66
CA LEU H 476 0.77 -26.91 -71.17
C LEU H 476 2.24 -27.28 -70.94
N PHE H 477 3.16 -26.76 -71.73
CA PHE H 477 4.56 -27.11 -71.49
C PHE H 477 5.13 -26.23 -70.37
N HIS H 478 4.30 -25.30 -69.92
CA HIS H 478 4.64 -24.35 -68.84
C HIS H 478 4.18 -24.93 -67.52
N LEU H 479 2.87 -24.91 -67.35
CA LEU H 479 2.22 -25.45 -66.17
C LEU H 479 2.88 -26.75 -65.82
N GLY H 480 3.01 -27.61 -66.82
CA GLY H 480 3.60 -28.92 -66.63
C GLY H 480 5.08 -28.95 -66.26
N ALA H 481 5.80 -27.89 -66.60
CA ALA H 481 7.21 -27.84 -66.25
C ALA H 481 7.32 -27.55 -64.76
N GLU H 482 6.31 -26.88 -64.20
CA GLU H 482 6.31 -26.53 -62.79
C GLU H 482 5.11 -27.03 -61.94
N GLU H 483 4.85 -28.33 -61.98
CA GLU H 483 3.77 -28.91 -61.18
C GLU H 483 4.25 -30.06 -60.28
N ILE H 484 3.64 -30.13 -59.11
CA ILE H 484 3.97 -31.16 -58.13
C ILE H 484 2.76 -32.02 -57.80
N SER H 485 3.02 -33.31 -57.60
CA SER H 485 1.97 -34.28 -57.31
C SER H 485 2.37 -35.32 -56.27
N SER H 486 1.36 -36.00 -55.76
CA SER H 486 1.56 -37.03 -54.77
C SER H 486 1.76 -38.37 -55.48
N SER H 487 1.29 -38.49 -56.71
CA SER H 487 1.42 -39.75 -57.43
C SER H 487 2.20 -39.65 -58.75
N SER H 488 2.90 -40.75 -59.08
CA SER H 488 3.69 -40.86 -60.31
C SER H 488 3.49 -42.25 -60.89
N GLY H 489 2.96 -43.16 -60.07
CA GLY H 489 2.70 -44.54 -60.50
C GLY H 489 1.81 -44.54 -61.73
N THR H 490 0.52 -44.25 -61.54
CA THR H 490 -0.40 -44.19 -62.67
C THR H 490 -1.38 -43.04 -62.50
N SER H 491 -1.07 -41.95 -63.19
CA SER H 491 -1.89 -40.75 -63.20
C SER H 491 -1.55 -40.13 -64.55
N ASP H 492 -2.49 -39.37 -65.12
CA ASP H 492 -2.23 -38.75 -66.42
C ASP H 492 -1.78 -37.29 -66.30
N ARG H 493 -0.47 -37.13 -66.15
CA ARG H 493 0.16 -35.83 -66.04
C ARG H 493 -0.74 -34.81 -66.70
N PHE H 494 -0.74 -34.84 -68.01
CA PHE H 494 -1.53 -33.91 -68.77
C PHE H 494 -2.98 -33.77 -68.30
N SER H 495 -3.75 -34.86 -68.36
CA SER H 495 -5.17 -34.80 -67.96
C SER H 495 -5.35 -34.05 -66.67
N ARG H 496 -4.26 -33.91 -65.93
CA ARG H 496 -4.34 -33.17 -64.69
C ARG H 496 -4.08 -31.69 -65.02
N ILE H 497 -2.92 -31.39 -65.58
CA ILE H 497 -2.59 -30.03 -65.88
C ILE H 497 -3.79 -29.41 -66.52
N LEU H 498 -4.34 -30.07 -67.54
CA LEU H 498 -5.52 -29.55 -68.24
C LEU H 498 -6.74 -29.38 -67.32
N LYS H 499 -6.80 -30.24 -66.32
CA LYS H 499 -7.88 -30.20 -65.34
C LYS H 499 -7.83 -28.87 -64.58
N HIS H 500 -6.64 -28.47 -64.16
CA HIS H 500 -6.53 -27.22 -63.44
C HIS H 500 -7.02 -26.11 -64.34
N ILE H 501 -6.59 -26.16 -65.60
CA ILE H 501 -6.95 -25.15 -66.55
C ILE H 501 -8.44 -24.88 -66.56
N LEU H 502 -9.24 -25.94 -66.59
CA LEU H 502 -10.68 -25.75 -66.59
C LEU H 502 -11.29 -25.24 -65.27
N THR H 503 -10.52 -25.37 -64.19
CA THR H 503 -10.98 -24.95 -62.87
C THR H 503 -10.40 -23.60 -62.44
N GLN H 504 -9.26 -23.22 -63.03
CA GLN H 504 -8.66 -21.95 -62.67
C GLN H 504 -9.38 -20.78 -63.32
N ARG H 505 -10.04 -21.04 -64.43
CA ARG H 505 -10.80 -20.00 -65.14
C ARG H 505 -10.01 -18.93 -65.93
N SER H 506 -8.75 -19.19 -66.26
CA SER H 506 -7.93 -18.22 -66.99
C SER H 506 -7.28 -18.94 -68.13
N TYR H 507 -6.73 -18.21 -69.09
CA TYR H 507 -6.06 -18.88 -70.18
C TYR H 507 -4.57 -19.04 -69.91
N TYR H 508 -4.17 -18.69 -68.70
CA TYR H 508 -2.79 -18.81 -68.30
C TYR H 508 -2.69 -18.49 -66.82
N PRO H 509 -3.23 -19.36 -65.98
CA PRO H 509 -3.18 -19.10 -64.54
C PRO H 509 -1.76 -19.16 -64.00
N LEU H 510 -0.98 -20.16 -64.40
CA LEU H 510 0.37 -20.22 -63.90
C LEU H 510 0.96 -18.82 -63.82
N TYR H 511 1.22 -18.38 -62.61
CA TYR H 511 1.81 -17.07 -62.36
C TYR H 511 2.73 -17.12 -61.16
N PRO H 512 3.96 -16.59 -61.30
CA PRO H 512 4.54 -15.97 -62.49
C PRO H 512 4.77 -16.89 -63.68
N PRO H 513 4.47 -16.39 -64.90
CA PRO H 513 4.55 -16.89 -66.29
C PRO H 513 5.95 -17.18 -66.86
N GLN H 514 6.08 -18.23 -67.68
CA GLN H 514 7.40 -18.66 -68.18
C GLN H 514 8.35 -17.50 -68.38
N GLU H 515 9.62 -17.75 -68.11
CA GLU H 515 10.69 -16.75 -68.23
C GLU H 515 10.63 -15.87 -69.50
N ASP H 516 10.10 -16.41 -70.59
CA ASP H 516 10.00 -15.67 -71.86
C ASP H 516 8.54 -15.63 -72.29
N MET H 517 7.75 -14.78 -71.67
CA MET H 517 6.35 -14.74 -72.01
C MET H 517 5.77 -13.60 -71.26
N ALA H 518 5.97 -12.43 -71.80
CA ALA H 518 5.49 -11.21 -71.18
C ALA H 518 3.99 -11.12 -71.12
N ILE H 519 3.46 -10.64 -70.01
CA ILE H 519 2.03 -10.50 -69.88
C ILE H 519 1.69 -9.21 -69.23
N ASP H 520 0.58 -8.62 -69.65
CA ASP H 520 0.13 -7.38 -69.06
C ASP H 520 -1.15 -7.74 -68.34
N TYR H 521 -1.03 -7.89 -67.04
CA TYR H 521 -2.14 -8.30 -66.25
C TYR H 521 -3.32 -7.38 -66.31
N GLU H 522 -3.09 -6.09 -66.56
CA GLU H 522 -4.22 -5.16 -66.62
C GLU H 522 -5.18 -5.78 -67.63
N SER H 523 -4.67 -5.98 -68.83
CA SER H 523 -5.48 -6.58 -69.87
C SER H 523 -5.89 -8.00 -69.47
N PHE H 524 -4.94 -8.77 -68.99
CA PHE H 524 -5.20 -10.15 -68.60
C PHE H 524 -6.46 -10.32 -67.76
N TYR H 525 -6.83 -9.31 -66.97
CA TYR H 525 -8.01 -9.45 -66.15
C TYR H 525 -9.29 -9.40 -66.94
N VAL H 526 -9.29 -8.67 -68.06
CA VAL H 526 -10.51 -8.57 -68.83
C VAL H 526 -10.61 -9.48 -70.05
N TYR H 527 -9.48 -9.81 -70.65
CA TYR H 527 -9.51 -10.62 -71.87
C TYR H 527 -8.95 -12.06 -71.85
N ALA H 528 -8.56 -12.59 -70.69
CA ALA H 528 -8.02 -13.95 -70.68
C ALA H 528 -8.70 -14.90 -69.70
N GLN H 529 -9.95 -14.62 -69.38
CA GLN H 529 -10.69 -15.46 -68.46
C GLN H 529 -11.57 -16.37 -69.31
N LEU H 530 -11.83 -17.59 -68.84
CA LEU H 530 -12.72 -18.46 -69.60
C LEU H 530 -14.11 -17.98 -69.25
N PRO H 531 -15.01 -18.01 -70.21
CA PRO H 531 -16.41 -17.59 -70.09
C PRO H 531 -17.26 -18.67 -69.49
N VAL H 532 -17.07 -19.87 -70.04
CA VAL H 532 -17.78 -21.05 -69.62
C VAL H 532 -16.84 -22.20 -69.99
N THR H 533 -16.96 -23.31 -69.28
CA THR H 533 -16.10 -24.44 -69.58
C THR H 533 -16.29 -24.74 -71.06
N PRO H 534 -15.23 -24.57 -71.87
CA PRO H 534 -15.23 -24.81 -73.31
C PRO H 534 -15.81 -26.17 -73.71
N ASP H 535 -16.41 -26.23 -74.89
CA ASP H 535 -16.97 -27.49 -75.35
C ASP H 535 -15.81 -28.23 -76.00
N VAL H 536 -14.82 -27.45 -76.45
CA VAL H 536 -13.62 -27.98 -77.08
C VAL H 536 -12.46 -27.07 -76.67
N LEU H 537 -11.29 -27.62 -76.49
CA LEU H 537 -10.17 -26.77 -76.15
C LEU H 537 -8.99 -27.13 -77.04
N ILE H 538 -8.46 -26.12 -77.71
CA ILE H 538 -7.33 -26.33 -78.62
C ILE H 538 -6.08 -25.70 -78.09
N ILE H 539 -5.31 -26.53 -77.43
CA ILE H 539 -4.13 -26.09 -76.76
C ILE H 539 -2.84 -26.59 -77.39
N PRO H 540 -2.45 -25.99 -78.48
CA PRO H 540 -1.23 -26.32 -79.20
C PRO H 540 -0.10 -26.56 -78.19
N SER H 541 1.03 -27.12 -78.61
CA SER H 541 2.13 -27.38 -77.67
C SER H 541 3.27 -28.15 -78.28
N GLU H 542 4.48 -27.98 -77.77
CA GLU H 542 5.59 -28.74 -78.32
C GLU H 542 5.52 -30.15 -77.76
N LEU H 543 4.41 -30.47 -77.12
CA LEU H 543 4.23 -31.80 -76.58
C LEU H 543 3.41 -32.70 -77.49
N ARG H 544 3.88 -33.93 -77.65
CA ARG H 544 3.23 -34.92 -78.49
C ARG H 544 1.71 -34.72 -78.60
N TYR H 545 1.21 -35.01 -79.78
CA TYR H 545 -0.23 -34.91 -80.11
C TYR H 545 -1.07 -35.61 -79.07
N PHE H 546 -2.39 -35.49 -79.17
CA PHE H 546 -3.32 -36.15 -78.25
C PHE H 546 -4.66 -35.45 -78.14
N VAL H 547 -5.64 -36.17 -77.62
CA VAL H 547 -6.95 -35.60 -77.41
C VAL H 547 -7.63 -36.33 -76.27
N LYS H 548 -7.77 -35.67 -75.13
CA LYS H 548 -8.39 -36.29 -73.96
C LYS H 548 -9.67 -35.57 -73.54
N ASP H 549 -10.72 -36.33 -73.22
CA ASP H 549 -11.95 -35.71 -72.75
C ASP H 549 -11.70 -35.47 -71.27
N VAL H 550 -12.03 -34.28 -70.81
CA VAL H 550 -11.79 -33.98 -69.41
C VAL H 550 -12.85 -33.02 -68.91
N LEU H 551 -13.43 -33.37 -67.78
CA LEU H 551 -14.47 -32.55 -67.16
C LEU H 551 -15.49 -32.10 -68.20
N GLY H 552 -15.74 -32.95 -69.18
CA GLY H 552 -16.71 -32.61 -70.20
C GLY H 552 -16.14 -31.75 -71.31
N CYS H 553 -14.82 -31.60 -71.35
CA CYS H 553 -14.21 -30.81 -72.42
C CYS H 553 -13.24 -31.59 -73.27
N VAL H 554 -13.44 -31.50 -74.58
CA VAL H 554 -12.58 -32.17 -75.54
C VAL H 554 -11.34 -31.31 -75.66
N CYS H 555 -10.29 -31.73 -74.97
CA CYS H 555 -9.06 -30.98 -74.99
C CYS H 555 -8.20 -31.51 -76.11
N VAL H 556 -7.85 -30.66 -77.06
CA VAL H 556 -7.05 -31.13 -78.17
C VAL H 556 -5.76 -30.42 -78.44
N ASN H 557 -4.71 -31.21 -78.61
CA ASN H 557 -3.44 -30.64 -78.94
C ASN H 557 -2.98 -31.26 -80.22
N PRO H 558 -3.14 -30.54 -81.32
CA PRO H 558 -2.76 -30.95 -82.66
C PRO H 558 -1.26 -31.02 -82.89
N GLY H 559 -0.46 -30.78 -81.87
CA GLY H 559 0.96 -30.83 -82.09
C GLY H 559 1.30 -29.71 -83.06
N ARG H 560 2.56 -29.60 -83.45
CA ARG H 560 2.98 -28.53 -84.38
C ARG H 560 2.85 -29.02 -85.81
N LEU H 561 2.43 -28.14 -86.72
CA LEU H 561 2.32 -28.60 -88.09
C LEU H 561 3.72 -28.97 -88.48
N THR H 562 4.69 -28.33 -87.86
CA THR H 562 6.07 -28.62 -88.20
C THR H 562 6.90 -28.80 -86.97
N LYS H 563 7.97 -29.57 -87.10
CA LYS H 563 8.84 -29.76 -85.97
C LYS H 563 10.26 -29.88 -86.50
N GLY H 564 11.07 -28.88 -86.18
CA GLY H 564 12.44 -28.89 -86.64
C GLY H 564 12.46 -29.32 -88.08
N GLN H 565 13.42 -30.14 -88.47
CA GLN H 565 13.51 -30.59 -89.83
C GLN H 565 12.47 -31.60 -90.26
N VAL H 566 11.52 -31.97 -89.41
CA VAL H 566 10.56 -32.95 -89.88
C VAL H 566 9.07 -32.68 -89.80
N GLY H 567 8.33 -33.54 -90.47
CA GLY H 567 6.90 -33.41 -90.58
C GLY H 567 6.12 -33.44 -89.30
N GLY H 568 5.19 -32.49 -89.19
CA GLY H 568 4.36 -32.41 -88.01
C GLY H 568 3.00 -33.06 -88.21
N THR H 569 1.98 -32.34 -87.76
CA THR H 569 0.61 -32.81 -87.82
C THR H 569 -0.38 -31.67 -87.60
N PHE H 570 -1.66 -31.95 -87.83
CA PHE H 570 -2.75 -31.00 -87.64
C PHE H 570 -3.88 -31.90 -87.25
N ALA H 571 -5.08 -31.38 -87.16
CA ALA H 571 -6.14 -32.29 -86.77
C ALA H 571 -7.45 -31.72 -87.14
N ARG H 572 -8.45 -32.59 -87.08
CA ARG H 572 -9.76 -32.16 -87.45
C ARG H 572 -10.75 -32.66 -86.48
N LEU H 573 -11.88 -31.99 -86.44
CA LEU H 573 -12.94 -32.36 -85.54
C LEU H 573 -14.21 -32.34 -86.34
N TYR H 574 -15.19 -33.12 -85.89
CA TYR H 574 -16.48 -33.19 -86.55
C TYR H 574 -17.45 -32.86 -85.44
N LEU H 575 -18.37 -31.95 -85.71
CA LEU H 575 -19.29 -31.50 -84.69
C LEU H 575 -20.77 -31.61 -85.08
N ARG H 576 -21.66 -31.50 -84.09
CA ARG H 576 -23.11 -31.54 -84.27
C ARG H 576 -23.72 -31.75 -82.91
N ARG H 577 -24.46 -30.75 -82.43
CA ARG H 577 -25.11 -30.84 -81.13
C ARG H 577 -26.38 -31.68 -81.22
N PRO H 578 -26.35 -32.91 -80.68
CA PRO H 578 -27.49 -33.83 -80.69
C PRO H 578 -28.79 -33.38 -79.98
N ALA H 579 -29.63 -34.37 -79.71
CA ALA H 579 -30.93 -34.18 -79.06
C ALA H 579 -30.94 -33.59 -77.66
N ALA H 580 -31.71 -32.50 -77.52
CA ALA H 580 -31.89 -31.75 -76.29
C ALA H 580 -31.79 -32.51 -74.97
N ASP H 581 -32.81 -33.29 -74.61
CA ASP H 581 -32.80 -34.00 -73.33
C ASP H 581 -32.15 -35.36 -73.12
N GLY H 582 -31.83 -35.59 -71.85
CA GLY H 582 -31.18 -36.80 -71.38
C GLY H 582 -30.25 -36.38 -70.23
N ALA H 583 -29.29 -37.24 -69.91
CA ALA H 583 -28.32 -36.96 -68.86
C ALA H 583 -27.36 -35.84 -69.29
N GLU H 584 -27.93 -34.64 -69.41
CA GLU H 584 -27.22 -33.42 -69.80
C GLU H 584 -26.06 -33.53 -70.78
N ARG H 585 -24.83 -33.55 -70.27
CA ARG H 585 -23.62 -33.61 -71.10
C ARG H 585 -23.61 -34.53 -72.32
N GLN H 586 -23.90 -33.96 -73.50
CA GLN H 586 -23.88 -34.70 -74.75
C GLN H 586 -22.84 -33.95 -75.59
N SER H 587 -21.56 -34.24 -75.36
CA SER H 587 -20.46 -33.57 -76.06
C SER H 587 -20.73 -33.25 -77.53
N PRO H 588 -20.99 -31.98 -77.85
CA PRO H 588 -21.24 -31.66 -79.25
C PRO H 588 -20.10 -32.11 -80.17
N CYS H 589 -18.89 -32.16 -79.63
CA CYS H 589 -17.77 -32.63 -80.43
C CYS H 589 -17.91 -34.14 -80.48
N ILE H 590 -18.21 -34.67 -81.65
CA ILE H 590 -18.40 -36.10 -81.74
C ILE H 590 -17.16 -36.93 -82.06
N ALA H 591 -16.18 -36.35 -82.76
CA ALA H 591 -14.98 -37.10 -83.08
C ALA H 591 -13.84 -36.21 -83.52
N VAL H 592 -12.64 -36.76 -83.50
CA VAL H 592 -11.46 -36.00 -83.90
C VAL H 592 -10.30 -36.87 -84.32
N GLN H 593 -9.41 -36.26 -85.08
CA GLN H 593 -8.29 -36.98 -85.59
C GLN H 593 -7.10 -36.08 -85.79
N VAL H 594 -6.01 -36.56 -85.23
CA VAL H 594 -4.76 -35.89 -85.32
C VAL H 594 -4.09 -36.63 -86.46
N VAL H 595 -3.67 -35.89 -87.48
CA VAL H 595 -3.04 -36.44 -88.67
C VAL H 595 -1.70 -35.82 -89.07
N ARG H 596 -0.76 -36.63 -89.54
CA ARG H 596 0.51 -36.08 -89.98
C ARG H 596 0.18 -35.35 -91.25
N ILE H 597 1.15 -34.62 -91.80
CA ILE H 597 0.91 -33.89 -93.03
C ILE H 597 2.15 -33.91 -93.94
ZN ZN I . -56.46 -48.48 49.23
FE1 SF4 J . 21.48 -43.22 54.35
FE2 SF4 J . 21.80 -43.95 51.67
FE3 SF4 J . 20.83 -45.92 53.48
FE4 SF4 J . 23.93 -45.01 53.55
S1 SF4 J . 22.60 -45.89 52.18
S2 SF4 J . 22.26 -45.12 54.86
S3 SF4 J . 23.20 -43.13 53.04
S4 SF4 J . 20.12 -44.09 52.99
ZN ZN K . 50.31 -14.15 84.93
ZN ZN L . 27.21 -2.59 44.00
ZN ZN M . -41.00 70.26 -37.29
FE1 SF4 N . 24.07 32.73 -59.32
FE2 SF4 N . 25.66 33.84 -57.31
FE3 SF4 N . 24.96 35.53 -59.51
FE4 SF4 N . 27.21 33.10 -59.83
S1 SF4 N . 26.94 34.90 -58.70
S2 SF4 N . 25.31 33.76 -60.71
S3 SF4 N . 26.01 32.08 -58.50
S4 SF4 N . 23.80 34.48 -58.17
ZN ZN O . 31.26 -3.92 -94.12
ZN ZN P . 14.64 -6.69 -49.04
#